data_6EN6
#
_entry.id   6EN6
#
_cell.length_a   74.445
_cell.length_b   103.373
_cell.length_c   115.646
_cell.angle_alpha   84.48
_cell.angle_beta   85.50
_cell.angle_gamma   81.61
#
_symmetry.space_group_name_H-M   'P 1'
#
loop_
_entity.id
_entity.type
_entity.pdbx_description
1 polymer 'Angiotensin-converting enzyme'
2 branched 2-acetamido-2-deoxy-beta-D-glucopyranose-(1-4)-2-acetamido-2-deoxy-beta-D-glucopyranose
3 branched beta-D-mannopyranose-(1-4)-2-acetamido-2-deoxy-beta-D-glucopyranose-(1-4)-[alpha-L-fucopyranose-(1-6)]2-acetamido-2-deoxy-beta-D-glucopyranose
4 branched 2-acetamido-2-deoxy-beta-D-glucopyranose-(1-4)-[alpha-L-fucopyranose-(1-6)]2-acetamido-2-deoxy-beta-D-glucopyranose
5 branched alpha-L-fucopyranose-(1-6)-2-acetamido-2-deoxy-beta-D-glucopyranose
6 branched beta-D-mannopyranose-(1-4)-2-acetamido-2-deoxy-beta-D-glucopyranose-(1-4)-2-acetamido-2-deoxy-beta-D-glucopyranose
7 non-polymer 'ZINC ION'
8 non-polymer '(2~{S})-1-[(2~{S})-2-[[(1~{S})-1-[(2~{S})-1-[(2~{S})-2-azanyl-4-oxidanyl-4-oxidanylidene-butanoyl]pyrrolidin-2-yl]-2-oxidanyl-2-oxidanylidene-ethyl]amino]propanoyl]pyrrolidine-2-carboxylic acid'
9 non-polymer 'CHLORIDE ION'
10 non-polymer 'MAGNESIUM ION'
11 non-polymer DI(HYDROXYETHYL)ETHER
12 non-polymer 1,2-ETHANEDIOL
13 non-polymer 'ACETATE ION'
14 non-polymer 'TRIETHYLENE GLYCOL'
15 non-polymer BICINE
16 non-polymer 'NONAETHYLENE GLYCOL'
17 non-polymer 3,6,9,12,15,18,21,24,27-NONAOXANONACOSANE-1,29-DIOL
18 non-polymer 2-acetamido-2-deoxy-beta-D-glucopyranose
19 water water
#
_entity_poly.entity_id   1
_entity_poly.type   'polypeptide(L)'
_entity_poly.pdbx_seq_one_letter_code
;LDPGLQPGQFSADEAGAQLFAQSYQSSAEQVLFQSVAASWAHDTNITAENARRQEEAALLSQEFAEAWGQKAKELYEPIW
QQFTDPQLRRIIGAVRTLGSANLPLAKRQQYNALLSQMSRIYSTAKVCLPQKTATCWSLDPDLTNILASSRSYAMLLFAW
EGWHNAAGIPLKPLYEDFTALSNEAYKQDGFTDTGAYWRSWYNSPTFEDDLEHLYQQLEPLYLNLHAFVRRALHRRYGDR
YINLRGPIPAHLLGDMWAQSWENIYDMVVPFPDKPNLDVTSTMLQQGWQATHMFRVAEEFFTSLELSPMPPEFWEGSMLE
KPADGREVVCHASAWDFYNRKDFRIKQCTRVTMDQLSTVHHEMGHIQYYLQYKDLPVSLRRGANPGFHEAIGDVLALSVS
TPEHLHKIGLLDRVTNDTESDINYLLKMALEKIAFLPFGYLVDQWRWGVFSGRTPPSRYNFDWWYLRTKYQGICPPVTRN
ETHFDAGAKFHVPNVTPYIRYFVSFVLQFQFHEALCKEAGYEGPLHQCDIYRSTKAGAKLRKVLRAGSSRPWQEVLKDMV
GLDALDAQPLLKYFQLVTQWLQEQNQQNGEVLGWPEYQWHPPLPDNYPEGIDLVTDEAEASKFVEEYDL
;
_entity_poly.pdbx_strand_id   A,B,C,D
#
loop_
_chem_comp.id
_chem_comp.type
_chem_comp.name
_chem_comp.formula
2PE non-polymer 'NONAETHYLENE GLYCOL' 'C18 H38 O10'
ACT non-polymer 'ACETATE ION' 'C2 H3 O2 -1'
BCN non-polymer BICINE 'C6 H13 N O4'
BJ2 non-polymer '(2~{S})-1-[(2~{S})-2-[[(1~{S})-1-[(2~{S})-1-[(2~{S})-2-azanyl-4-oxidanyl-4-oxidanylidene-butanoyl]pyrrolidin-2-yl]-2-oxidanyl-2-oxidanylidene-ethyl]amino]propanoyl]pyrrolidine-2-carboxylic acid' 'C18 H28 N4 O8'
BMA D-saccharide, beta linking beta-D-mannopyranose 'C6 H12 O6'
CL non-polymer 'CHLORIDE ION' 'Cl -1'
EDO non-polymer 1,2-ETHANEDIOL 'C2 H6 O2'
FUC L-saccharide, alpha linking alpha-L-fucopyranose 'C6 H12 O5'
MG non-polymer 'MAGNESIUM ION' 'Mg 2'
NAG D-saccharide, beta linking 2-acetamido-2-deoxy-beta-D-glucopyranose 'C8 H15 N O6'
PEG non-polymer DI(HYDROXYETHYL)ETHER 'C4 H10 O3'
PGE non-polymer 'TRIETHYLENE GLYCOL' 'C6 H14 O4'
XPE non-polymer 3,6,9,12,15,18,21,24,27-NONAOXANONACOSANE-1,29-DIOL 'C20 H42 O11'
ZN non-polymer 'ZINC ION' 'Zn 2'
#
# COMPACT_ATOMS: atom_id res chain seq x y z
N LEU A 1 40.01 -22.29 59.41
CA LEU A 1 39.11 -21.25 59.98
C LEU A 1 39.37 -20.98 61.47
N ASP A 2 39.44 -19.70 61.85
CA ASP A 2 39.55 -19.34 63.25
C ASP A 2 38.41 -20.01 64.02
N PRO A 3 38.70 -20.65 65.15
CA PRO A 3 37.61 -21.30 65.92
C PRO A 3 36.49 -20.34 66.32
N GLY A 4 36.82 -19.09 66.66
CA GLY A 4 35.82 -18.11 67.05
C GLY A 4 34.79 -17.81 65.99
N LEU A 5 35.04 -18.23 64.76
CA LEU A 5 34.12 -18.03 63.65
C LEU A 5 33.33 -19.31 63.34
N GLN A 6 33.54 -20.40 64.16
CA GLN A 6 32.88 -21.67 63.91
C GLN A 6 31.57 -21.75 64.71
N PRO A 7 30.59 -22.47 64.18
CA PRO A 7 29.31 -22.60 64.89
C PRO A 7 29.42 -23.49 66.11
N GLY A 8 28.67 -23.11 67.15
CA GLY A 8 28.49 -23.92 68.33
C GLY A 8 27.36 -24.94 68.21
N GLN A 9 26.64 -25.17 69.32
CA GLN A 9 25.63 -26.22 69.41
C GLN A 9 24.22 -25.61 69.40
N PHE A 10 23.31 -26.18 68.59
CA PHE A 10 21.95 -25.66 68.46
C PHE A 10 20.97 -26.82 68.23
N SER A 11 19.73 -26.66 68.75
CA SER A 11 18.68 -27.68 68.63
C SER A 11 18.03 -27.72 67.25
N ALA A 12 17.59 -28.92 66.83
CA ALA A 12 17.01 -29.15 65.50
C ALA A 12 15.51 -28.87 65.46
N ASP A 13 15.16 -27.61 65.77
CA ASP A 13 13.79 -27.10 65.72
C ASP A 13 13.81 -25.57 65.50
N GLU A 14 12.63 -24.98 65.41
CA GLU A 14 12.56 -23.54 65.09
C GLU A 14 13.21 -22.69 66.19
N ALA A 15 13.09 -23.11 67.45
CA ALA A 15 13.72 -22.37 68.53
C ALA A 15 15.24 -22.35 68.37
N GLY A 16 15.82 -23.49 68.01
CA GLY A 16 17.27 -23.54 67.83
C GLY A 16 17.73 -22.76 66.59
N ALA A 17 16.95 -22.85 65.52
CA ALA A 17 17.25 -22.13 64.27
C ALA A 17 17.31 -20.62 64.48
N GLN A 18 16.42 -20.06 65.33
CA GLN A 18 16.51 -18.61 65.63
C GLN A 18 17.84 -18.27 66.26
N LEU A 19 18.31 -19.08 67.21
CA LEU A 19 19.61 -18.80 67.82
C LEU A 19 20.75 -19.03 66.82
N PHE A 20 20.64 -20.06 65.97
CA PHE A 20 21.65 -20.30 64.91
C PHE A 20 21.78 -19.07 64.02
N ALA A 21 20.66 -18.48 63.62
CA ALA A 21 20.72 -17.33 62.70
C ALA A 21 21.34 -16.12 63.36
N GLN A 22 21.04 -15.91 64.66
CA GLN A 22 21.61 -14.78 65.39
C GLN A 22 23.12 -14.92 65.54
N SER A 23 23.59 -16.13 65.83
CA SER A 23 25.04 -16.36 65.96
C SER A 23 25.73 -16.25 64.61
N TYR A 24 25.11 -16.77 63.56
CA TYR A 24 25.66 -16.60 62.22
C TYR A 24 25.85 -15.12 61.90
N GLN A 25 24.82 -14.31 62.15
CA GLN A 25 24.86 -12.88 61.84
C GLN A 25 26.04 -12.19 62.51
N SER A 26 26.29 -12.53 63.77
CA SER A 26 27.27 -11.80 64.56
C SER A 26 28.71 -12.04 64.09
N SER A 27 28.98 -13.14 63.37
CA SER A 27 30.27 -13.40 62.73
C SER A 27 30.30 -13.11 61.22
N ALA A 28 29.15 -13.21 60.52
CA ALA A 28 29.13 -13.04 59.06
C ALA A 28 29.53 -11.63 58.65
N GLU A 29 29.21 -10.61 59.47
CA GLU A 29 29.54 -9.25 59.08
C GLU A 29 31.06 -9.07 58.97
N GLN A 30 31.82 -9.72 59.85
CA GLN A 30 33.28 -9.60 59.84
C GLN A 30 33.89 -10.25 58.61
N VAL A 31 33.39 -11.43 58.22
CA VAL A 31 33.91 -12.20 57.10
C VAL A 31 33.54 -11.55 55.75
N LEU A 32 32.29 -11.08 55.63
CA LEU A 32 31.89 -10.38 54.41
C LEU A 32 32.66 -9.08 54.25
N PHE A 33 32.81 -8.32 55.33
CA PHE A 33 33.54 -7.06 55.23
C PHE A 33 34.98 -7.28 54.75
N GLN A 34 35.70 -8.26 55.33
CA GLN A 34 37.11 -8.43 54.91
C GLN A 34 37.19 -8.80 53.43
N SER A 35 36.23 -9.55 52.92
CA SER A 35 36.26 -9.90 51.51
C SER A 35 35.96 -8.68 50.62
N VAL A 36 34.96 -7.87 50.99
CA VAL A 36 34.65 -6.67 50.17
C VAL A 36 35.83 -5.70 50.19
N ALA A 37 36.43 -5.52 51.37
CA ALA A 37 37.57 -4.61 51.46
C ALA A 37 38.73 -5.08 50.59
N ALA A 38 39.00 -6.39 50.55
CA ALA A 38 40.08 -6.89 49.69
C ALA A 38 39.74 -6.73 48.21
N SER A 39 38.47 -6.98 47.85
CA SER A 39 38.05 -6.73 46.47
C SER A 39 38.18 -5.25 46.10
N TRP A 40 37.86 -4.34 47.03
CA TRP A 40 37.98 -2.91 46.79
C TRP A 40 39.45 -2.52 46.56
N ALA A 41 40.35 -3.02 47.42
CA ALA A 41 41.77 -2.72 47.30
C ALA A 41 42.33 -3.15 45.94
N HIS A 42 41.88 -4.29 45.43
CA HIS A 42 42.32 -4.76 44.12
C HIS A 42 41.73 -3.94 42.97
N ASP A 43 40.40 -3.75 42.97
CA ASP A 43 39.71 -3.11 41.86
C ASP A 43 40.07 -1.64 41.71
N THR A 44 40.48 -1.00 42.80
CA THR A 44 40.97 0.32 42.70
C THR A 44 42.53 0.39 42.55
N ASN A 45 43.29 -0.71 42.44
CA ASN A 45 44.74 -0.72 42.33
C ASN A 45 45.13 -2.14 41.93
N ILE A 46 45.00 -2.48 40.66
CA ILE A 46 45.28 -3.82 40.22
C ILE A 46 46.76 -4.19 40.23
N THR A 47 47.14 -5.09 41.12
CA THR A 47 48.52 -5.57 41.25
C THR A 47 48.51 -7.05 41.62
N ALA A 48 49.61 -7.74 41.34
CA ALA A 48 49.67 -9.15 41.70
C ALA A 48 49.48 -9.36 43.20
N GLU A 49 50.01 -8.45 44.02
CA GLU A 49 49.90 -8.60 45.47
C GLU A 49 48.47 -8.41 45.94
N ASN A 50 47.76 -7.44 45.36
CA ASN A 50 46.37 -7.22 45.77
C ASN A 50 45.48 -8.37 45.31
N ALA A 51 45.82 -9.00 44.18
CA ALA A 51 45.11 -10.21 43.76
C ALA A 51 45.37 -11.39 44.71
N ARG A 52 46.62 -11.57 45.15
CA ARG A 52 46.89 -12.59 46.16
C ARG A 52 46.08 -12.34 47.43
N ARG A 53 46.04 -11.10 47.92
CA ARG A 53 45.31 -10.84 49.17
C ARG A 53 43.80 -11.06 48.99
N GLN A 54 43.28 -10.73 47.83
CA GLN A 54 41.84 -10.93 47.58
C GLN A 54 41.52 -12.42 47.50
N GLU A 55 42.42 -13.24 46.91
CA GLU A 55 42.16 -14.68 46.83
C GLU A 55 42.23 -15.33 48.20
N GLU A 56 43.13 -14.84 49.04
CA GLU A 56 43.21 -15.27 50.43
C GLU A 56 41.88 -15.01 51.15
N ALA A 57 41.32 -13.80 50.99
CA ALA A 57 40.06 -13.47 51.64
C ALA A 57 38.93 -14.33 51.09
N ALA A 58 38.94 -14.63 49.78
CA ALA A 58 37.93 -15.51 49.21
C ALA A 58 37.99 -16.92 49.79
N LEU A 59 39.20 -17.43 50.02
CA LEU A 59 39.34 -18.77 50.58
C LEU A 59 38.75 -18.83 51.98
N LEU A 60 38.99 -17.80 52.78
CA LEU A 60 38.44 -17.77 54.12
C LEU A 60 36.91 -17.72 54.08
N SER A 61 36.34 -16.92 53.17
CA SER A 61 34.88 -16.89 53.05
C SER A 61 34.31 -18.26 52.74
N GLN A 62 35.02 -19.05 51.92
CA GLN A 62 34.58 -20.40 51.61
C GLN A 62 34.66 -21.32 52.84
N GLU A 63 35.70 -21.17 53.67
CA GLU A 63 35.77 -21.98 54.89
C GLU A 63 34.62 -21.66 55.86
N PHE A 64 34.31 -20.36 56.01
CA PHE A 64 33.17 -19.92 56.83
C PHE A 64 31.87 -20.51 56.30
N ALA A 65 31.66 -20.41 54.98
CA ALA A 65 30.43 -20.86 54.34
C ALA A 65 30.25 -22.36 54.44
N GLU A 66 31.34 -23.13 54.36
CA GLU A 66 31.26 -24.59 54.53
C GLU A 66 30.85 -24.96 55.96
N ALA A 67 31.46 -24.33 56.96
CA ALA A 67 31.20 -24.72 58.34
C ALA A 67 29.74 -24.48 58.75
N TRP A 68 29.25 -23.25 58.52
CA TRP A 68 27.87 -22.94 58.90
C TRP A 68 26.90 -23.61 57.95
N GLY A 69 27.29 -23.74 56.68
CA GLY A 69 26.44 -24.42 55.72
C GLY A 69 26.21 -25.89 56.04
N GLN A 70 27.29 -26.62 56.40
CA GLN A 70 27.14 -28.03 56.73
C GLN A 70 26.28 -28.21 57.97
N LYS A 71 26.44 -27.31 58.94
CA LYS A 71 25.67 -27.39 60.18
C LYS A 71 24.18 -27.12 59.92
N ALA A 72 23.88 -26.13 59.07
CA ALA A 72 22.50 -25.82 58.71
C ALA A 72 21.79 -26.98 58.03
N LYS A 73 22.47 -27.67 57.09
CA LYS A 73 21.83 -28.80 56.43
C LYS A 73 21.64 -29.96 57.40
N GLU A 74 22.67 -30.26 58.17
CA GLU A 74 22.59 -31.33 59.16
C GLU A 74 21.41 -31.13 60.12
N LEU A 75 21.20 -29.90 60.59
CA LEU A 75 20.16 -29.65 61.60
C LEU A 75 18.78 -29.39 61.01
N TYR A 76 18.70 -28.71 59.85
CA TYR A 76 17.42 -28.15 59.40
C TYR A 76 16.98 -28.53 57.97
N GLU A 77 17.77 -29.27 57.20
CA GLU A 77 17.42 -29.46 55.79
C GLU A 77 15.98 -29.92 55.57
N PRO A 78 15.42 -30.86 56.33
CA PRO A 78 14.04 -31.32 56.08
C PRO A 78 12.91 -30.52 56.73
N ILE A 79 13.17 -29.39 57.40
CA ILE A 79 12.13 -28.76 58.23
C ILE A 79 12.09 -27.25 58.04
N TRP A 80 13.16 -26.66 57.50
CA TRP A 80 13.24 -25.20 57.43
C TRP A 80 12.13 -24.61 56.57
N GLN A 81 11.65 -25.35 55.56
CA GLN A 81 10.62 -24.81 54.69
C GLN A 81 9.26 -24.71 55.38
N GLN A 82 9.08 -25.31 56.55
N GLN A 82 9.07 -25.32 56.55
CA GLN A 82 7.83 -25.23 57.30
CA GLN A 82 7.81 -25.19 57.28
C GLN A 82 7.93 -24.34 58.54
C GLN A 82 7.94 -24.35 58.56
N PHE A 83 9.03 -23.61 58.72
CA PHE A 83 9.14 -22.69 59.85
C PHE A 83 8.12 -21.55 59.74
N THR A 84 7.67 -21.03 60.89
CA THR A 84 6.61 -20.00 60.88
C THR A 84 7.11 -18.58 60.60
N ASP A 85 8.40 -18.30 60.80
CA ASP A 85 8.98 -16.99 60.54
C ASP A 85 9.50 -16.95 59.10
N PRO A 86 8.93 -16.12 58.20
CA PRO A 86 9.43 -16.13 56.79
C PRO A 86 10.82 -15.54 56.62
N GLN A 87 11.24 -14.60 57.49
CA GLN A 87 12.63 -14.17 57.47
C GLN A 87 13.55 -15.33 57.80
N LEU A 88 13.19 -16.13 58.81
CA LEU A 88 14.04 -17.25 59.20
C LEU A 88 14.13 -18.28 58.05
N ARG A 89 13.03 -18.54 57.34
CA ARG A 89 13.09 -19.48 56.22
C ARG A 89 14.11 -19.02 55.18
N ARG A 90 14.15 -17.70 54.93
CA ARG A 90 15.06 -17.16 53.93
C ARG A 90 16.52 -17.26 54.38
N ILE A 91 16.80 -16.98 55.66
CA ILE A 91 18.17 -17.04 56.17
C ILE A 91 18.69 -18.48 56.11
N ILE A 92 17.93 -19.43 56.65
CA ILE A 92 18.40 -20.82 56.65
C ILE A 92 18.49 -21.34 55.22
N GLY A 93 17.56 -20.95 54.35
CA GLY A 93 17.60 -21.41 52.97
C GLY A 93 18.83 -20.92 52.22
N ALA A 94 19.27 -19.70 52.51
CA ALA A 94 20.51 -19.18 51.92
C ALA A 94 21.73 -19.92 52.47
N VAL A 95 21.83 -20.07 53.79
CA VAL A 95 23.01 -20.66 54.40
C VAL A 95 23.27 -22.09 53.94
N ARG A 96 22.21 -22.86 53.65
CA ARG A 96 22.42 -24.26 53.27
C ARG A 96 22.86 -24.45 51.81
N THR A 97 22.95 -23.37 51.04
CA THR A 97 23.52 -23.41 49.69
C THR A 97 24.98 -22.96 49.78
N LEU A 98 25.90 -23.89 49.54
CA LEU A 98 27.32 -23.63 49.78
C LEU A 98 28.04 -23.05 48.56
N GLY A 99 27.54 -23.29 47.36
CA GLY A 99 28.22 -22.75 46.17
C GLY A 99 29.65 -23.26 46.05
N SER A 100 30.58 -22.34 45.76
CA SER A 100 31.97 -22.74 45.53
C SER A 100 32.61 -23.34 46.77
N ALA A 101 32.03 -23.12 47.96
CA ALA A 101 32.55 -23.76 49.17
C ALA A 101 32.33 -25.28 49.18
N ASN A 102 31.53 -25.82 48.25
CA ASN A 102 31.42 -27.28 48.08
C ASN A 102 32.66 -27.90 47.47
N LEU A 103 33.52 -27.12 46.83
CA LEU A 103 34.66 -27.73 46.18
C LEU A 103 35.75 -28.10 47.19
N PRO A 104 36.50 -29.17 46.93
CA PRO A 104 37.73 -29.43 47.70
C PRO A 104 38.77 -28.33 47.52
N LEU A 105 39.71 -28.28 48.46
CA LEU A 105 40.62 -27.14 48.59
C LEU A 105 41.29 -26.78 47.26
N ALA A 106 41.82 -27.77 46.54
CA ALA A 106 42.62 -27.49 45.34
C ALA A 106 41.76 -26.87 44.25
N LYS A 107 40.51 -27.31 44.13
CA LYS A 107 39.58 -26.75 43.16
C LYS A 107 39.04 -25.39 43.59
N ARG A 108 38.90 -25.15 44.91
CA ARG A 108 38.63 -23.80 45.41
C ARG A 108 39.71 -22.81 45.00
N GLN A 109 40.97 -23.19 45.21
CA GLN A 109 42.07 -22.31 44.85
C GLN A 109 42.07 -22.03 43.34
N GLN A 110 41.91 -23.09 42.54
CA GLN A 110 41.81 -22.93 41.08
C GLN A 110 40.64 -22.00 40.70
N TYR A 111 39.48 -22.17 41.34
CA TYR A 111 38.31 -21.34 41.05
C TYR A 111 38.58 -19.86 41.34
N ASN A 112 39.12 -19.56 42.52
CA ASN A 112 39.43 -18.17 42.87
C ASN A 112 40.50 -17.56 41.94
N ALA A 113 41.50 -18.35 41.54
CA ALA A 113 42.53 -17.81 40.67
C ALA A 113 41.96 -17.46 39.29
N LEU A 114 41.05 -18.29 38.75
CA LEU A 114 40.39 -17.99 37.48
C LEU A 114 39.62 -16.66 37.56
N LEU A 115 38.87 -16.43 38.64
CA LEU A 115 38.13 -15.17 38.76
C LEU A 115 39.09 -13.97 38.75
N SER A 116 40.18 -14.06 39.49
CA SER A 116 41.17 -12.97 39.53
C SER A 116 41.78 -12.75 38.14
N GLN A 117 42.23 -13.82 37.47
N GLN A 117 42.24 -13.83 37.49
CA GLN A 117 42.92 -13.62 36.20
CA GLN A 117 42.90 -13.71 36.20
C GLN A 117 41.96 -13.20 35.09
C GLN A 117 41.95 -13.20 35.13
N MET A 118 40.72 -13.73 35.08
CA MET A 118 39.74 -13.22 34.11
C MET A 118 39.45 -11.72 34.31
N SER A 119 39.29 -11.28 35.55
CA SER A 119 39.05 -9.85 35.80
C SER A 119 40.24 -9.02 35.31
N ARG A 120 41.45 -9.49 35.58
CA ARG A 120 42.65 -8.77 35.14
C ARG A 120 42.69 -8.63 33.61
N ILE A 121 42.48 -9.73 32.88
CA ILE A 121 42.58 -9.69 31.41
C ILE A 121 41.61 -8.67 30.84
N TYR A 122 40.36 -8.70 31.32
CA TYR A 122 39.36 -7.77 30.78
C TYR A 122 39.71 -6.31 31.06
N SER A 123 40.04 -5.99 32.31
CA SER A 123 40.20 -4.60 32.75
C SER A 123 41.57 -3.98 32.46
N THR A 124 42.55 -4.76 31.99
CA THR A 124 43.84 -4.19 31.56
C THR A 124 44.07 -4.29 30.06
N ALA A 125 43.16 -4.90 29.30
CA ALA A 125 43.39 -5.06 27.87
C ALA A 125 43.45 -3.72 27.16
N LYS A 126 44.27 -3.66 26.11
CA LYS A 126 44.53 -2.43 25.36
C LYS A 126 44.61 -2.73 23.87
N VAL A 127 44.38 -1.68 23.08
CA VAL A 127 44.45 -1.71 21.62
C VAL A 127 45.59 -0.80 21.21
N CYS A 128 46.65 -1.37 20.65
CA CYS A 128 47.82 -0.60 20.28
C CYS A 128 47.84 -0.29 18.78
N LEU A 129 48.44 0.83 18.43
CA LEU A 129 48.41 1.31 17.06
C LEU A 129 49.44 0.58 16.21
N PRO A 130 49.36 0.72 14.88
CA PRO A 130 50.24 0.00 13.93
C PRO A 130 51.73 0.05 14.28
N CYS A 136 48.79 3.26 23.27
CA CYS A 136 47.71 2.29 23.24
C CYS A 136 46.45 2.84 23.89
N TRP A 137 45.31 2.41 23.36
CA TRP A 137 44.01 2.89 23.77
C TRP A 137 43.41 1.92 24.78
N SER A 138 42.88 2.45 25.88
CA SER A 138 42.13 1.64 26.82
C SER A 138 40.64 1.74 26.49
N LEU A 139 39.84 0.84 27.09
CA LEU A 139 38.41 0.82 26.78
C LEU A 139 37.74 2.10 27.26
N ASP A 140 38.08 2.54 28.46
CA ASP A 140 37.50 3.71 29.12
C ASP A 140 38.66 4.62 29.46
N PRO A 141 38.76 5.84 28.89
CA PRO A 141 37.80 6.55 28.05
C PRO A 141 37.94 6.35 26.51
N ASP A 142 39.09 5.84 26.04
CA ASP A 142 39.49 6.00 24.64
C ASP A 142 38.54 5.31 23.67
N LEU A 143 38.43 3.98 23.78
CA LEU A 143 37.60 3.24 22.82
C LEU A 143 36.13 3.58 22.98
N THR A 144 35.66 3.84 24.21
CA THR A 144 34.28 4.26 24.39
C THR A 144 33.98 5.53 23.60
N ASN A 145 34.91 6.51 23.67
CA ASN A 145 34.73 7.80 23.00
C ASN A 145 34.75 7.67 21.48
N ILE A 146 35.65 6.84 20.95
CA ILE A 146 35.68 6.53 19.50
C ILE A 146 34.32 5.97 19.05
N LEU A 147 33.86 4.88 19.71
CA LEU A 147 32.59 4.24 19.28
C LEU A 147 31.42 5.20 19.39
N ALA A 148 31.43 6.13 20.35
CA ALA A 148 30.31 7.04 20.51
C ALA A 148 30.31 8.21 19.53
N SER A 149 31.48 8.66 19.07
CA SER A 149 31.51 9.90 18.31
C SER A 149 32.17 9.82 16.94
N SER A 150 33.01 8.82 16.66
CA SER A 150 33.64 8.78 15.35
C SER A 150 32.62 8.36 14.29
N ARG A 151 32.64 9.05 13.13
CA ARG A 151 31.84 8.65 12.00
C ARG A 151 32.70 8.19 10.81
N SER A 152 33.90 7.70 11.09
CA SER A 152 34.79 7.09 10.10
C SER A 152 34.69 5.56 10.17
N TYR A 153 34.20 4.93 9.10
CA TYR A 153 33.99 3.47 9.11
C TYR A 153 35.27 2.72 9.54
N ALA A 154 36.41 3.09 8.96
CA ALA A 154 37.64 2.33 9.23
C ALA A 154 38.16 2.55 10.65
N MET A 155 38.01 3.76 11.19
CA MET A 155 38.42 3.99 12.57
C MET A 155 37.58 3.18 13.54
N LEU A 156 36.25 3.19 13.32
CA LEU A 156 35.34 2.40 14.15
C LEU A 156 35.69 0.91 14.09
N LEU A 157 36.00 0.41 12.88
CA LEU A 157 36.34 -1.00 12.70
C LEU A 157 37.61 -1.38 13.44
N PHE A 158 38.64 -0.54 13.35
CA PHE A 158 39.87 -0.78 14.09
C PHE A 158 39.62 -0.87 15.61
N ALA A 159 38.80 0.02 16.16
CA ALA A 159 38.51 -0.09 17.59
C ALA A 159 37.70 -1.36 17.93
N TRP A 160 36.64 -1.65 17.17
CA TRP A 160 35.81 -2.84 17.45
C TRP A 160 36.63 -4.14 17.33
N GLU A 161 37.36 -4.28 16.21
CA GLU A 161 38.13 -5.50 16.02
C GLU A 161 39.25 -5.61 17.06
N GLY A 162 39.95 -4.51 17.29
CA GLY A 162 41.05 -4.56 18.24
C GLY A 162 40.59 -5.00 19.63
N TRP A 163 39.45 -4.44 20.09
CA TRP A 163 38.97 -4.76 21.43
C TRP A 163 38.49 -6.22 21.50
N HIS A 164 37.66 -6.66 20.56
CA HIS A 164 37.16 -8.03 20.66
C HIS A 164 38.33 -9.03 20.61
N ASN A 165 39.35 -8.74 19.79
CA ASN A 165 40.52 -9.63 19.76
C ASN A 165 41.35 -9.55 21.04
N ALA A 166 41.58 -8.34 21.58
CA ALA A 166 42.45 -8.22 22.75
C ALA A 166 41.86 -8.86 24.00
N ALA A 167 40.57 -8.65 24.25
CA ALA A 167 39.93 -9.21 25.45
C ALA A 167 39.43 -10.65 25.26
N GLY A 168 38.83 -10.97 24.10
CA GLY A 168 38.12 -12.24 23.95
C GLY A 168 39.03 -13.45 23.81
N ILE A 169 40.03 -13.34 22.94
CA ILE A 169 40.88 -14.51 22.61
C ILE A 169 41.54 -15.11 23.85
N PRO A 170 42.26 -14.36 24.68
CA PRO A 170 42.92 -14.99 25.83
C PRO A 170 41.97 -15.47 26.92
N LEU A 171 40.74 -14.98 26.96
CA LEU A 171 39.82 -15.43 28.00
C LEU A 171 39.28 -16.86 27.77
N LYS A 172 39.25 -17.36 26.53
CA LYS A 172 38.51 -18.58 26.25
C LYS A 172 38.95 -19.78 27.08
N PRO A 173 40.24 -20.15 27.14
CA PRO A 173 40.61 -21.33 27.96
C PRO A 173 40.24 -21.17 29.43
N LEU A 174 40.36 -19.96 29.97
CA LEU A 174 39.97 -19.70 31.36
C LEU A 174 38.45 -19.89 31.56
N TYR A 175 37.64 -19.39 30.63
CA TYR A 175 36.19 -19.49 30.81
C TYR A 175 35.68 -20.95 30.74
N GLU A 176 36.29 -21.80 29.92
CA GLU A 176 35.93 -23.22 29.89
C GLU A 176 36.17 -23.88 31.24
N ASP A 177 37.32 -23.62 31.85
CA ASP A 177 37.59 -24.23 33.15
C ASP A 177 36.64 -23.69 34.23
N PHE A 178 36.37 -22.37 34.22
CA PHE A 178 35.45 -21.79 35.22
C PHE A 178 34.07 -22.44 35.10
N THR A 179 33.56 -22.61 33.89
CA THR A 179 32.23 -23.18 33.72
C THR A 179 32.15 -24.58 34.31
N ALA A 180 33.17 -25.41 34.08
CA ALA A 180 33.12 -26.76 34.64
C ALA A 180 33.13 -26.73 36.17
N LEU A 181 34.00 -25.91 36.76
CA LEU A 181 34.10 -25.91 38.22
C LEU A 181 32.83 -25.33 38.86
N SER A 182 32.24 -24.30 38.25
CA SER A 182 31.01 -23.72 38.76
C SER A 182 29.91 -24.76 38.82
N ASN A 183 29.74 -25.53 37.75
CA ASN A 183 28.70 -26.55 37.69
C ASN A 183 28.94 -27.63 38.74
N GLU A 184 30.18 -28.09 38.88
CA GLU A 184 30.48 -29.10 39.90
C GLU A 184 30.08 -28.61 41.29
N ALA A 185 30.32 -27.32 41.60
CA ALA A 185 29.98 -26.77 42.90
C ALA A 185 28.47 -26.78 43.16
N TYR A 186 27.68 -26.22 42.23
CA TYR A 186 26.26 -26.06 42.50
C TYR A 186 25.46 -27.37 42.36
N LYS A 187 26.01 -28.37 41.66
CA LYS A 187 25.36 -29.68 41.64
C LYS A 187 25.20 -30.26 43.04
N GLN A 188 26.13 -29.96 43.93
CA GLN A 188 26.06 -30.45 45.30
C GLN A 188 25.02 -29.72 46.14
N ASP A 189 24.52 -28.57 45.69
CA ASP A 189 23.42 -27.89 46.36
C ASP A 189 22.07 -28.33 45.79
N GLY A 190 22.09 -29.25 44.83
CA GLY A 190 20.88 -29.79 44.23
C GLY A 190 20.44 -29.18 42.92
N PHE A 191 21.24 -28.31 42.32
CA PHE A 191 20.89 -27.71 41.04
C PHE A 191 21.55 -28.44 39.87
N THR A 192 20.81 -28.57 38.77
CA THR A 192 21.33 -29.32 37.61
C THR A 192 22.54 -28.65 36.95
N ASP A 193 22.58 -27.31 36.95
CA ASP A 193 23.71 -26.54 36.47
C ASP A 193 23.60 -25.13 37.05
N THR A 194 24.67 -24.34 36.88
CA THR A 194 24.74 -23.01 37.49
C THR A 194 23.59 -22.12 37.05
N GLY A 195 23.18 -22.19 35.77
CA GLY A 195 22.07 -21.36 35.29
C GLY A 195 20.75 -21.63 36.00
N ALA A 196 20.51 -22.89 36.38
CA ALA A 196 19.32 -23.22 37.19
C ALA A 196 19.36 -22.54 38.56
N TYR A 197 20.54 -22.44 39.19
CA TYR A 197 20.65 -21.71 40.45
C TYR A 197 20.34 -20.24 40.22
N TRP A 198 20.94 -19.65 39.17
CA TRP A 198 20.69 -18.23 38.89
C TRP A 198 19.20 -17.96 38.66
N ARG A 199 18.51 -18.83 37.90
CA ARG A 199 17.08 -18.60 37.62
C ARG A 199 16.20 -18.82 38.86
N SER A 200 16.64 -19.67 39.79
CA SER A 200 15.85 -19.97 40.99
C SER A 200 15.60 -18.72 41.84
N TRP A 201 16.41 -17.67 41.70
CA TRP A 201 16.20 -16.44 42.45
C TRP A 201 14.85 -15.79 42.17
N TYR A 202 14.24 -16.05 41.02
CA TYR A 202 12.97 -15.42 40.69
C TYR A 202 11.77 -16.23 41.17
N ASN A 203 12.02 -17.42 41.72
CA ASN A 203 11.00 -18.27 42.36
C ASN A 203 9.69 -18.30 41.59
N SER A 204 9.80 -18.74 40.35
CA SER A 204 8.70 -18.77 39.40
C SER A 204 8.90 -19.96 38.44
N PRO A 205 8.05 -20.99 38.48
CA PRO A 205 8.24 -22.13 37.55
C PRO A 205 8.00 -21.79 36.07
N THR A 206 7.41 -20.63 35.74
CA THR A 206 7.16 -20.27 34.35
C THR A 206 8.10 -19.15 33.85
N PHE A 207 9.24 -18.95 34.52
CA PHE A 207 10.12 -17.81 34.26
C PHE A 207 10.48 -17.68 32.79
N GLU A 208 11.01 -18.74 32.18
CA GLU A 208 11.50 -18.62 30.80
C GLU A 208 10.36 -18.43 29.80
N ASP A 209 9.23 -19.13 29.97
CA ASP A 209 8.07 -18.90 29.10
C ASP A 209 7.51 -17.47 29.26
N ASP A 210 7.48 -16.98 30.50
CA ASP A 210 6.97 -15.63 30.74
C ASP A 210 7.82 -14.59 30.03
N LEU A 211 9.16 -14.74 30.07
CA LEU A 211 10.06 -13.82 29.38
C LEU A 211 9.84 -13.86 27.87
N GLU A 212 9.69 -15.06 27.31
CA GLU A 212 9.51 -15.17 25.86
C GLU A 212 8.25 -14.43 25.40
N HIS A 213 7.16 -14.56 26.18
N HIS A 213 7.16 -14.56 26.17
CA HIS A 213 5.91 -13.89 25.85
CA HIS A 213 5.91 -13.89 25.85
C HIS A 213 6.06 -12.37 25.89
C HIS A 213 6.07 -12.36 25.88
N LEU A 214 6.83 -11.87 26.87
CA LEU A 214 7.12 -10.43 26.93
C LEU A 214 7.87 -10.00 25.69
N TYR A 215 8.91 -10.73 25.32
CA TYR A 215 9.67 -10.30 24.14
C TYR A 215 8.81 -10.33 22.87
N GLN A 216 7.86 -11.28 22.73
CA GLN A 216 6.96 -11.29 21.57
C GLN A 216 6.18 -9.98 21.42
N GLN A 217 5.73 -9.39 22.55
CA GLN A 217 5.01 -8.12 22.50
C GLN A 217 5.92 -6.95 22.17
N LEU A 218 7.19 -7.03 22.57
CA LEU A 218 8.11 -5.93 22.38
C LEU A 218 8.79 -5.95 21.02
N GLU A 219 8.88 -7.11 20.36
CA GLU A 219 9.68 -7.23 19.15
C GLU A 219 9.26 -6.29 18.02
N PRO A 220 7.98 -6.07 17.74
CA PRO A 220 7.64 -5.15 16.64
C PRO A 220 8.20 -3.74 16.82
N LEU A 221 8.29 -3.26 18.06
CA LEU A 221 8.87 -1.95 18.31
C LEU A 221 10.35 -1.91 17.96
N TYR A 222 11.10 -2.96 18.32
CA TYR A 222 12.52 -3.01 17.93
C TYR A 222 12.68 -3.11 16.41
N LEU A 223 11.89 -3.95 15.73
CA LEU A 223 12.08 -4.12 14.27
C LEU A 223 11.87 -2.82 13.52
N ASN A 224 10.91 -2.02 13.97
CA ASN A 224 10.65 -0.71 13.35
C ASN A 224 11.75 0.30 13.67
N LEU A 225 12.25 0.32 14.93
CA LEU A 225 13.39 1.20 15.22
C LEU A 225 14.61 0.81 14.40
N HIS A 226 14.86 -0.51 14.29
CA HIS A 226 16.01 -1.03 13.55
C HIS A 226 15.99 -0.57 12.08
N ALA A 227 14.86 -0.71 11.43
CA ALA A 227 14.75 -0.32 10.01
C ALA A 227 14.96 1.18 9.81
N PHE A 228 14.35 2.00 10.68
CA PHE A 228 14.50 3.45 10.60
C PHE A 228 15.97 3.85 10.74
N VAL A 229 16.68 3.27 11.71
CA VAL A 229 18.09 3.59 11.92
C VAL A 229 18.98 3.07 10.78
N ARG A 230 18.70 1.87 10.27
CA ARG A 230 19.47 1.33 9.16
C ARG A 230 19.40 2.26 7.95
N ARG A 231 18.23 2.84 7.69
CA ARG A 231 18.08 3.81 6.60
C ARG A 231 18.99 5.02 6.80
N ALA A 232 19.00 5.58 8.01
CA ALA A 232 19.88 6.73 8.27
C ALA A 232 21.35 6.37 8.06
N LEU A 233 21.77 5.19 8.53
CA LEU A 233 23.14 4.73 8.30
C LEU A 233 23.44 4.56 6.81
N HIS A 234 22.46 4.11 6.03
CA HIS A 234 22.66 3.96 4.59
C HIS A 234 22.94 5.33 3.95
N ARG A 235 22.28 6.37 4.42
N ARG A 235 22.29 6.38 4.44
CA ARG A 235 22.53 7.71 3.88
CA ARG A 235 22.54 7.72 3.90
C ARG A 235 23.93 8.18 4.21
C ARG A 235 23.93 8.21 4.23
N ARG A 236 24.51 7.75 5.34
N ARG A 236 24.52 7.77 5.35
CA ARG A 236 25.86 8.18 5.73
CA ARG A 236 25.86 8.20 5.73
C ARG A 236 26.95 7.35 5.06
C ARG A 236 26.96 7.36 5.10
N TYR A 237 26.80 6.03 5.05
CA TYR A 237 27.89 5.14 4.69
C TYR A 237 27.75 4.54 3.30
N GLY A 238 26.54 4.51 2.75
CA GLY A 238 26.35 4.05 1.39
C GLY A 238 26.13 2.55 1.26
N ASP A 239 25.77 2.17 0.02
CA ASP A 239 25.41 0.79 -0.32
C ASP A 239 26.54 -0.21 -0.14
N ARG A 240 27.80 0.22 -0.20
CA ARG A 240 28.87 -0.74 -0.02
C ARG A 240 28.89 -1.30 1.40
N TYR A 241 28.52 -0.48 2.39
CA TYR A 241 28.65 -0.87 3.78
C TYR A 241 27.33 -1.12 4.50
N ILE A 242 26.20 -0.74 3.90
CA ILE A 242 24.88 -0.94 4.51
C ILE A 242 23.99 -1.67 3.50
N ASN A 243 23.45 -2.83 3.90
CA ASN A 243 22.49 -3.61 3.13
C ASN A 243 21.10 -3.37 3.70
N LEU A 244 20.23 -2.71 2.94
CA LEU A 244 18.89 -2.38 3.41
C LEU A 244 18.01 -3.59 3.67
N ARG A 245 18.42 -4.81 3.30
CA ARG A 245 17.64 -6.00 3.63
C ARG A 245 18.47 -7.03 4.43
N GLY A 246 19.59 -6.59 5.01
CA GLY A 246 20.44 -7.44 5.81
C GLY A 246 20.77 -6.88 7.19
N PRO A 247 21.60 -7.58 7.96
CA PRO A 247 21.93 -7.12 9.32
C PRO A 247 22.84 -5.87 9.29
N ILE A 248 22.73 -5.04 10.33
CA ILE A 248 23.58 -3.86 10.47
C ILE A 248 24.97 -4.28 10.96
N PRO A 249 26.06 -3.77 10.39
CA PRO A 249 27.39 -4.02 10.98
C PRO A 249 27.47 -3.51 12.43
N ALA A 250 28.03 -4.36 13.33
CA ALA A 250 27.88 -4.27 14.77
C ALA A 250 28.68 -3.12 15.42
N HIS A 251 29.50 -2.39 14.65
CA HIS A 251 30.33 -1.30 15.16
C HIS A 251 29.78 0.10 14.84
N LEU A 252 28.61 0.23 14.22
CA LEU A 252 28.14 1.54 13.73
C LEU A 252 27.05 2.19 14.57
N LEU A 253 26.72 1.65 15.75
CA LEU A 253 25.50 2.05 16.46
C LEU A 253 25.80 2.81 17.76
N GLY A 254 27.04 3.22 17.99
CA GLY A 254 27.36 4.16 19.06
C GLY A 254 27.98 3.55 20.31
N ASP A 255 28.20 2.24 20.33
CA ASP A 255 28.44 1.48 21.54
C ASP A 255 29.24 0.22 21.18
N MET A 256 30.23 -0.15 22.02
CA MET A 256 31.07 -1.31 21.68
C MET A 256 30.23 -2.59 21.47
N TRP A 257 29.09 -2.72 22.14
CA TRP A 257 28.23 -3.91 22.08
C TRP A 257 26.94 -3.68 21.29
N ALA A 258 26.83 -2.55 20.60
CA ALA A 258 25.57 -2.15 19.95
C ALA A 258 24.39 -2.24 20.92
N GLN A 259 24.61 -2.04 22.23
CA GLN A 259 23.56 -2.36 23.18
C GLN A 259 22.58 -1.22 23.45
N SER A 260 23.01 0.02 23.24
CA SER A 260 22.08 1.13 23.20
C SER A 260 22.63 2.14 22.20
N TRP A 261 21.73 2.86 21.56
CA TRP A 261 22.06 3.63 20.36
C TRP A 261 21.96 5.13 20.57
N GLU A 262 21.88 5.61 21.81
CA GLU A 262 21.66 7.03 22.03
C GLU A 262 22.82 7.90 21.51
N ASN A 263 24.02 7.35 21.36
CA ASN A 263 25.13 8.16 20.88
C ASN A 263 25.10 8.46 19.38
N ILE A 264 24.22 7.84 18.59
CA ILE A 264 24.02 8.26 17.19
C ILE A 264 22.72 9.06 17.00
N TYR A 265 22.16 9.60 18.10
CA TYR A 265 20.98 10.46 18.00
C TYR A 265 21.17 11.58 16.99
N ASP A 266 22.36 12.17 16.92
CA ASP A 266 22.51 13.33 16.04
C ASP A 266 22.41 12.94 14.57
N MET A 267 22.52 11.64 14.26
N MET A 267 22.55 11.65 14.26
CA MET A 267 22.44 11.13 12.90
CA MET A 267 22.39 11.20 12.89
C MET A 267 21.05 10.67 12.49
C MET A 267 20.93 11.06 12.50
N VAL A 268 20.09 10.57 13.42
CA VAL A 268 18.75 10.09 13.11
C VAL A 268 17.62 11.01 13.60
N VAL A 269 17.93 12.10 14.29
CA VAL A 269 16.91 12.96 14.88
C VAL A 269 15.85 13.32 13.83
N PRO A 270 14.56 13.08 14.10
CA PRO A 270 13.55 13.33 13.07
C PRO A 270 13.37 14.79 12.71
N PHE A 271 13.48 15.73 13.66
CA PHE A 271 13.21 17.15 13.42
C PHE A 271 14.42 17.96 13.89
N PRO A 272 15.44 18.03 13.04
CA PRO A 272 16.70 18.68 13.43
C PRO A 272 16.62 20.17 13.71
N ASP A 273 15.51 20.83 13.40
CA ASP A 273 15.40 22.25 13.68
C ASP A 273 15.06 22.62 15.09
N LYS A 274 14.72 21.65 15.91
CA LYS A 274 14.32 21.94 17.29
C LYS A 274 15.52 21.97 18.26
N PRO A 275 15.27 22.27 19.55
CA PRO A 275 16.38 22.31 20.52
C PRO A 275 17.06 20.95 20.65
N ASN A 276 18.37 20.98 20.84
CA ASN A 276 19.16 19.76 20.97
C ASN A 276 18.90 19.14 22.34
N LEU A 277 18.27 17.97 22.35
CA LEU A 277 17.91 17.30 23.60
C LEU A 277 19.07 16.53 24.21
N ASP A 278 20.21 16.46 23.53
CA ASP A 278 21.45 16.01 24.14
C ASP A 278 22.16 17.21 24.75
N VAL A 279 22.15 17.28 26.08
CA VAL A 279 22.67 18.43 26.83
C VAL A 279 24.16 18.33 27.15
N THR A 280 24.87 17.36 26.54
CA THR A 280 26.29 17.19 26.84
C THR A 280 27.09 18.49 26.58
N SER A 281 26.85 19.15 25.45
CA SER A 281 27.64 20.34 25.14
C SER A 281 27.39 21.47 26.15
N THR A 282 26.16 21.58 26.67
CA THR A 282 25.87 22.55 27.72
C THR A 282 26.54 22.18 29.05
N MET A 283 26.60 20.88 29.39
CA MET A 283 27.31 20.48 30.61
C MET A 283 28.77 20.90 30.53
N LEU A 284 29.42 20.70 29.38
CA LEU A 284 30.83 21.06 29.25
C LEU A 284 30.98 22.58 29.27
N GLN A 285 30.07 23.28 28.59
CA GLN A 285 30.16 24.73 28.51
C GLN A 285 30.04 25.34 29.91
N GLN A 286 29.16 24.79 30.76
CA GLN A 286 28.95 25.26 32.13
C GLN A 286 29.99 24.75 33.13
N GLY A 287 30.90 23.86 32.72
CA GLY A 287 31.95 23.42 33.63
C GLY A 287 31.59 22.34 34.65
N TRP A 288 30.60 21.50 34.35
CA TRP A 288 30.27 20.39 35.23
C TRP A 288 31.46 19.42 35.37
N GLN A 289 31.62 18.87 36.56
CA GLN A 289 32.57 17.81 36.88
C GLN A 289 31.87 16.68 37.64
N ALA A 290 32.60 15.60 37.91
CA ALA A 290 32.04 14.42 38.57
C ALA A 290 31.31 14.77 39.86
N THR A 291 31.91 15.62 40.69
CA THR A 291 31.28 15.95 41.97
C THR A 291 29.92 16.61 41.77
N HIS A 292 29.81 17.52 40.79
CA HIS A 292 28.51 18.16 40.57
C HIS A 292 27.46 17.13 40.20
N MET A 293 27.83 16.16 39.34
CA MET A 293 26.89 15.15 38.87
C MET A 293 26.35 14.31 40.03
N PHE A 294 27.22 13.92 40.96
CA PHE A 294 26.78 13.10 42.08
C PHE A 294 25.92 13.90 43.08
N ARG A 295 26.24 15.19 43.28
CA ARG A 295 25.43 16.01 44.19
C ARG A 295 24.06 16.32 43.59
N VAL A 296 23.99 16.52 42.28
CA VAL A 296 22.71 16.76 41.62
C VAL A 296 21.83 15.52 41.70
N ALA A 297 22.41 14.33 41.51
CA ALA A 297 21.66 13.08 41.70
C ALA A 297 21.17 12.91 43.15
N GLU A 298 22.07 13.11 44.11
CA GLU A 298 21.71 13.05 45.53
C GLU A 298 20.50 13.94 45.83
N GLU A 299 20.47 15.16 45.30
CA GLU A 299 19.40 16.10 45.67
C GLU A 299 18.04 15.66 45.11
N PHE A 300 18.01 14.92 43.98
CA PHE A 300 16.74 14.31 43.57
C PHE A 300 16.23 13.32 44.63
N PHE A 301 17.12 12.46 45.15
CA PHE A 301 16.72 11.51 46.19
C PHE A 301 16.18 12.21 47.44
N THR A 302 16.87 13.28 47.91
CA THR A 302 16.39 13.98 49.11
C THR A 302 15.12 14.79 48.84
N SER A 303 14.86 15.20 47.58
CA SER A 303 13.61 15.87 47.25
C SER A 303 12.41 14.95 47.51
N LEU A 304 12.62 13.65 47.43
CA LEU A 304 11.62 12.64 47.72
C LEU A 304 11.61 12.22 49.19
N GLU A 305 12.45 12.83 50.02
CA GLU A 305 12.62 12.45 51.41
C GLU A 305 13.21 11.04 51.56
N LEU A 306 14.07 10.64 50.63
CA LEU A 306 14.91 9.48 50.85
C LEU A 306 16.23 9.96 51.44
N SER A 307 17.18 9.05 51.69
CA SER A 307 18.35 9.43 52.47
C SER A 307 19.40 10.09 51.60
N PRO A 308 20.12 11.08 52.17
CA PRO A 308 21.35 11.56 51.54
C PRO A 308 22.46 10.52 51.65
N MET A 309 23.49 10.72 50.86
CA MET A 309 24.69 9.88 50.97
C MET A 309 25.45 10.24 52.25
N PRO A 310 25.90 9.26 53.04
CA PRO A 310 26.59 9.58 54.30
C PRO A 310 28.02 10.02 54.08
N PRO A 311 28.64 10.60 55.13
CA PRO A 311 30.05 11.03 55.03
C PRO A 311 31.01 9.95 54.53
N GLU A 312 30.83 8.72 55.02
CA GLU A 312 31.66 7.58 54.60
C GLU A 312 31.60 7.35 53.09
N PHE A 313 30.48 7.65 52.45
CA PHE A 313 30.38 7.58 50.99
C PHE A 313 31.28 8.60 50.31
N TRP A 314 31.23 9.87 50.74
CA TRP A 314 32.03 10.90 50.07
C TRP A 314 33.52 10.72 50.36
N GLU A 315 33.88 10.26 51.55
CA GLU A 315 35.28 10.08 51.90
C GLU A 315 35.91 8.88 51.20
N GLY A 316 35.11 7.82 50.95
CA GLY A 316 35.65 6.58 50.45
C GLY A 316 35.56 6.31 48.96
N SER A 317 34.62 6.93 48.27
CA SER A 317 34.35 6.59 46.87
C SER A 317 35.47 7.07 45.94
N MET A 318 35.52 6.44 44.77
CA MET A 318 36.40 6.80 43.67
C MET A 318 35.48 7.28 42.54
N LEU A 319 35.43 8.59 42.32
CA LEU A 319 34.49 9.17 41.37
C LEU A 319 35.16 9.62 40.06
N GLU A 320 36.49 9.50 39.95
CA GLU A 320 37.22 9.84 38.73
C GLU A 320 38.33 8.81 38.51
N LYS A 321 38.72 8.62 37.25
CA LYS A 321 39.85 7.73 36.94
C LYS A 321 41.14 8.31 37.56
N PRO A 322 41.88 7.54 38.35
CA PRO A 322 43.11 8.06 38.96
C PRO A 322 44.13 8.51 37.92
N ALA A 323 44.79 9.62 38.22
CA ALA A 323 45.74 10.24 37.32
C ALA A 323 47.17 9.79 37.53
N ASP A 324 47.45 8.99 38.57
CA ASP A 324 48.80 8.44 38.76
C ASP A 324 49.07 7.21 37.89
N GLY A 325 48.26 6.99 36.85
CA GLY A 325 48.45 5.86 35.95
C GLY A 325 48.18 4.49 36.53
N ARG A 326 47.77 4.41 37.81
CA ARG A 326 47.33 3.15 38.40
C ARG A 326 46.40 2.42 37.44
N GLU A 327 46.48 1.10 37.43
CA GLU A 327 45.50 0.30 36.72
C GLU A 327 44.32 0.07 37.65
N VAL A 328 43.10 0.27 37.13
CA VAL A 328 41.86 0.08 37.87
C VAL A 328 40.84 -0.63 36.97
N VAL A 329 39.82 -1.20 37.61
CA VAL A 329 38.59 -1.61 36.96
C VAL A 329 37.72 -0.36 36.80
N CYS A 330 37.59 0.15 35.57
CA CYS A 330 36.83 1.38 35.37
C CYS A 330 35.31 1.15 35.32
N HIS A 331 34.85 -0.07 35.03
CA HIS A 331 33.42 -0.32 34.88
C HIS A 331 32.66 0.09 36.14
N ALA A 332 31.64 0.93 35.97
CA ALA A 332 30.94 1.54 37.10
C ALA A 332 30.26 0.53 38.01
N SER A 333 30.42 0.67 39.33
CA SER A 333 29.84 -0.30 40.27
C SER A 333 29.59 0.33 41.64
N ALA A 334 28.58 -0.24 42.32
CA ALA A 334 28.16 0.12 43.67
C ALA A 334 28.49 -1.01 44.66
N TRP A 335 28.83 -0.61 45.89
CA TRP A 335 29.49 -1.48 46.89
C TRP A 335 28.86 -1.34 48.28
N ASP A 336 28.33 -2.44 48.80
CA ASP A 336 27.87 -2.60 50.19
C ASP A 336 28.95 -3.39 50.96
N PHE A 337 29.52 -2.82 52.03
CA PHE A 337 30.59 -3.50 52.77
C PHE A 337 30.07 -4.38 53.89
N TYR A 338 28.76 -4.43 54.05
CA TYR A 338 28.11 -5.26 55.01
C TYR A 338 28.38 -4.94 56.48
N ASN A 339 28.79 -3.73 56.77
CA ASN A 339 28.99 -3.31 58.16
C ASN A 339 28.05 -2.19 58.56
N ARG A 340 27.10 -1.83 57.71
CA ARG A 340 26.09 -0.80 58.01
C ARG A 340 26.64 0.61 58.02
N LYS A 341 27.89 0.81 57.60
CA LYS A 341 28.56 2.10 57.68
C LYS A 341 29.22 2.51 56.37
N ASP A 342 29.96 1.60 55.74
CA ASP A 342 30.70 1.88 54.51
C ASP A 342 29.88 1.46 53.28
N PHE A 343 29.65 2.42 52.38
CA PHE A 343 28.95 2.25 51.10
C PHE A 343 29.65 3.17 50.09
N ARG A 344 29.97 2.67 48.89
CA ARG A 344 30.82 3.42 47.96
C ARG A 344 30.44 3.15 46.50
N ILE A 345 30.72 4.13 45.64
CA ILE A 345 30.69 3.92 44.19
C ILE A 345 32.10 4.08 43.66
N LYS A 346 32.43 3.26 42.65
CA LYS A 346 33.70 3.29 41.92
C LYS A 346 33.36 3.51 40.45
N GLN A 347 33.58 4.72 39.96
CA GLN A 347 33.25 5.07 38.57
C GLN A 347 34.30 6.01 37.96
N CYS A 348 34.72 5.70 36.73
CA CYS A 348 35.63 6.57 35.97
C CYS A 348 34.80 7.60 35.20
N THR A 349 34.13 8.47 35.98
CA THR A 349 33.07 9.30 35.46
C THR A 349 33.59 10.25 34.40
N ARG A 350 32.84 10.36 33.31
CA ARG A 350 33.02 11.35 32.25
C ARG A 350 31.85 12.32 32.23
N VAL A 351 32.08 13.53 31.73
CA VAL A 351 31.07 14.60 31.74
C VAL A 351 30.26 14.49 30.44
N THR A 352 29.22 13.67 30.50
CA THR A 352 28.26 13.53 29.40
C THR A 352 26.85 13.27 29.94
N MET A 353 25.85 13.42 29.07
CA MET A 353 24.47 13.16 29.47
C MET A 353 24.25 11.68 29.82
N ASP A 354 24.77 10.76 29.01
CA ASP A 354 24.49 9.37 29.37
C ASP A 354 25.27 8.92 30.61
N GLN A 355 26.38 9.59 30.94
CA GLN A 355 27.04 9.34 32.21
C GLN A 355 26.25 9.88 33.41
N LEU A 356 25.51 10.99 33.21
CA LEU A 356 24.62 11.44 34.28
C LEU A 356 23.59 10.38 34.60
N SER A 357 23.07 9.70 33.59
CA SER A 357 22.12 8.60 33.83
C SER A 357 22.80 7.44 34.57
N THR A 358 24.02 7.08 34.19
CA THR A 358 24.76 6.03 34.91
C THR A 358 24.98 6.41 36.39
N VAL A 359 25.28 7.69 36.69
CA VAL A 359 25.39 8.12 38.09
C VAL A 359 24.10 7.82 38.85
N HIS A 360 22.94 8.13 38.26
CA HIS A 360 21.65 7.83 38.92
C HIS A 360 21.46 6.32 39.13
N HIS A 361 21.84 5.52 38.13
CA HIS A 361 21.71 4.07 38.21
C HIS A 361 22.48 3.49 39.39
N GLU A 362 23.76 3.85 39.53
CA GLU A 362 24.56 3.39 40.67
C GLU A 362 24.05 3.99 41.99
N MET A 363 23.62 5.25 42.00
CA MET A 363 23.10 5.78 43.28
C MET A 363 21.79 5.11 43.71
N GLY A 364 21.04 4.55 42.76
CA GLY A 364 19.89 3.72 43.13
C GLY A 364 20.28 2.49 43.92
N HIS A 365 21.40 1.85 43.54
CA HIS A 365 21.91 0.73 44.35
C HIS A 365 22.29 1.18 45.74
N ILE A 366 23.02 2.30 45.85
CA ILE A 366 23.42 2.79 47.18
C ILE A 366 22.18 3.03 48.04
N GLN A 367 21.17 3.69 47.49
CA GLN A 367 19.97 3.99 48.28
C GLN A 367 19.33 2.72 48.81
N TYR A 368 19.28 1.65 48.00
CA TYR A 368 18.74 0.38 48.47
C TYR A 368 19.53 -0.11 49.70
N TYR A 369 20.86 -0.08 49.60
CA TYR A 369 21.73 -0.52 50.69
C TYR A 369 21.43 0.27 51.97
N LEU A 370 21.24 1.58 51.83
CA LEU A 370 20.99 2.44 53.01
C LEU A 370 19.67 2.08 53.67
N GLN A 371 18.65 1.74 52.86
CA GLN A 371 17.33 1.50 53.40
C GLN A 371 17.18 0.15 54.08
N TYR A 372 17.93 -0.90 53.67
CA TYR A 372 17.75 -2.21 54.28
C TYR A 372 18.91 -2.65 55.16
N LYS A 373 19.79 -1.71 55.55
CA LYS A 373 21.00 -2.11 56.26
C LYS A 373 20.72 -2.71 57.63
N ASP A 374 19.51 -2.54 58.19
CA ASP A 374 19.24 -3.06 59.52
C ASP A 374 18.64 -4.44 59.51
N LEU A 375 18.40 -5.01 58.34
CA LEU A 375 18.02 -6.41 58.22
C LEU A 375 19.23 -7.34 58.45
N PRO A 376 18.96 -8.61 58.76
CA PRO A 376 20.04 -9.62 58.76
C PRO A 376 20.74 -9.71 57.41
N VAL A 377 22.05 -10.04 57.44
CA VAL A 377 22.89 -9.93 56.23
C VAL A 377 22.29 -10.70 55.07
N SER A 378 21.70 -11.87 55.33
CA SER A 378 21.18 -12.73 54.26
C SER A 378 20.00 -12.11 53.51
N LEU A 379 19.35 -11.10 54.08
CA LEU A 379 18.19 -10.45 53.43
C LEU A 379 18.52 -9.07 52.86
N ARG A 380 19.79 -8.68 52.86
CA ARG A 380 20.24 -7.39 52.32
C ARG A 380 20.46 -7.54 50.81
N ARG A 381 19.35 -7.79 50.11
CA ARG A 381 19.27 -7.96 48.66
C ARG A 381 17.94 -7.35 48.23
N GLY A 382 17.76 -7.19 46.89
CA GLY A 382 16.49 -6.71 46.35
C GLY A 382 15.40 -7.78 46.37
N ALA A 383 14.15 -7.36 46.23
CA ALA A 383 13.05 -8.34 46.25
C ALA A 383 13.27 -9.43 45.20
N ASN A 384 13.72 -9.04 43.97
CA ASN A 384 14.53 -9.87 43.09
C ASN A 384 15.60 -8.99 42.43
N PRO A 385 16.57 -9.56 41.72
CA PRO A 385 17.67 -8.73 41.20
C PRO A 385 17.21 -7.66 40.23
N GLY A 386 16.11 -7.89 39.51
CA GLY A 386 15.58 -6.86 38.62
C GLY A 386 15.11 -5.62 39.36
N PHE A 387 14.57 -5.79 40.58
CA PHE A 387 14.19 -4.61 41.38
C PHE A 387 15.41 -3.72 41.64
N HIS A 388 16.54 -4.33 42.02
CA HIS A 388 17.76 -3.57 42.33
C HIS A 388 18.23 -2.75 41.12
N GLU A 389 18.13 -3.31 39.91
CA GLU A 389 18.53 -2.57 38.71
C GLU A 389 17.57 -1.44 38.33
N ALA A 390 16.31 -1.49 38.76
CA ALA A 390 15.32 -0.54 38.26
C ALA A 390 15.28 0.79 39.05
N ILE A 391 15.76 0.83 40.30
CA ILE A 391 15.52 1.99 41.19
C ILE A 391 16.09 3.27 40.60
N GLY A 392 17.39 3.27 40.27
CA GLY A 392 18.02 4.47 39.76
C GLY A 392 17.51 4.89 38.40
N ASP A 393 17.16 3.90 37.56
CA ASP A 393 16.61 4.19 36.21
C ASP A 393 15.25 4.90 36.28
N VAL A 394 14.41 4.53 37.26
CA VAL A 394 13.12 5.20 37.45
C VAL A 394 13.32 6.69 37.70
N LEU A 395 14.20 7.06 38.64
CA LEU A 395 14.44 8.49 38.85
C LEU A 395 14.99 9.16 37.57
N ALA A 396 15.88 8.45 36.85
CA ALA A 396 16.50 9.02 35.66
C ALA A 396 15.49 9.28 34.54
N LEU A 397 14.38 8.54 34.49
CA LEU A 397 13.32 8.85 33.54
C LEU A 397 12.73 10.25 33.79
N SER A 398 12.51 10.62 35.05
CA SER A 398 12.03 11.99 35.36
C SER A 398 13.11 13.03 35.02
N VAL A 399 14.37 12.74 35.35
CA VAL A 399 15.43 13.73 35.14
C VAL A 399 15.60 14.09 33.67
N SER A 400 15.37 13.17 32.75
CA SER A 400 15.65 13.44 31.35
C SER A 400 14.52 14.19 30.63
N THR A 401 13.38 14.40 31.25
CA THR A 401 12.30 15.14 30.60
C THR A 401 12.79 16.56 30.30
N PRO A 402 12.47 17.10 29.11
CA PRO A 402 12.87 18.48 28.79
C PRO A 402 12.42 19.48 29.86
N GLU A 403 11.27 19.25 30.48
CA GLU A 403 10.82 20.14 31.57
C GLU A 403 11.75 20.05 32.78
N HIS A 404 12.21 18.85 33.19
CA HIS A 404 13.12 18.78 34.32
C HIS A 404 14.48 19.37 33.96
N LEU A 405 14.95 19.10 32.74
CA LEU A 405 16.23 19.65 32.31
C LEU A 405 16.20 21.17 32.36
N HIS A 406 15.08 21.77 31.96
CA HIS A 406 14.96 23.22 32.11
C HIS A 406 15.07 23.67 33.56
N LYS A 407 14.44 22.94 34.49
CA LYS A 407 14.48 23.33 35.89
C LYS A 407 15.90 23.37 36.45
N ILE A 408 16.78 22.48 35.98
CA ILE A 408 18.14 22.40 36.49
C ILE A 408 19.14 23.07 35.53
N GLY A 409 18.64 23.90 34.61
CA GLY A 409 19.49 24.81 33.86
C GLY A 409 20.25 24.23 32.70
N LEU A 410 19.83 23.08 32.19
CA LEU A 410 20.56 22.41 31.11
C LEU A 410 19.87 22.53 29.75
N LEU A 411 18.71 23.19 29.67
CA LEU A 411 17.94 23.32 28.45
C LEU A 411 17.14 24.62 28.54
N ASP A 412 17.51 25.64 27.78
CA ASP A 412 16.82 26.94 27.88
C ASP A 412 15.51 26.96 27.11
N ARG A 413 15.54 26.63 25.82
CA ARG A 413 14.36 26.74 24.98
C ARG A 413 13.37 25.64 25.32
N VAL A 414 12.08 26.01 25.43
CA VAL A 414 11.01 25.13 25.87
C VAL A 414 9.88 25.15 24.85
N THR A 415 9.44 23.98 24.39
CA THR A 415 8.30 23.89 23.48
C THR A 415 7.54 22.59 23.75
N ASN A 416 6.23 22.63 23.55
CA ASN A 416 5.36 21.47 23.74
C ASN A 416 4.50 21.22 22.52
N ASP A 417 5.11 20.76 21.47
CA ASP A 417 4.46 20.52 20.20
C ASP A 417 4.75 19.09 19.76
N THR A 418 4.08 18.70 18.68
CA THR A 418 4.12 17.30 18.25
C THR A 418 5.52 16.89 17.84
N GLU A 419 6.26 17.79 17.17
CA GLU A 419 7.59 17.45 16.69
C GLU A 419 8.58 17.26 17.85
N SER A 420 8.48 18.09 18.89
CA SER A 420 9.37 17.93 20.05
C SER A 420 9.07 16.63 20.81
N ASP A 421 7.79 16.24 20.90
CA ASP A 421 7.45 14.96 21.53
C ASP A 421 8.06 13.79 20.78
N ILE A 422 8.01 13.81 19.44
CA ILE A 422 8.59 12.72 18.65
C ILE A 422 10.11 12.65 18.84
N ASN A 423 10.79 13.80 18.84
CA ASN A 423 12.23 13.85 19.07
C ASN A 423 12.59 13.21 20.41
N TYR A 424 11.89 13.61 21.49
CA TYR A 424 12.21 13.10 22.82
C TYR A 424 12.00 11.59 22.88
N LEU A 425 10.83 11.11 22.41
CA LEU A 425 10.55 9.68 22.47
C LEU A 425 11.45 8.84 21.56
N LEU A 426 11.89 9.40 20.43
CA LEU A 426 12.87 8.67 19.62
C LEU A 426 14.20 8.58 20.34
N LYS A 427 14.64 9.66 20.98
CA LYS A 427 15.89 9.59 21.72
C LYS A 427 15.80 8.56 22.85
N MET A 428 14.67 8.53 23.57
CA MET A 428 14.50 7.57 24.64
C MET A 428 14.40 6.14 24.11
N ALA A 429 13.86 5.96 22.89
CA ALA A 429 13.81 4.63 22.26
C ALA A 429 15.20 4.10 21.92
N LEU A 430 16.12 4.99 21.49
CA LEU A 430 17.49 4.57 21.19
C LEU A 430 18.16 4.02 22.44
N GLU A 431 17.81 4.55 23.62
CA GLU A 431 18.37 4.12 24.90
C GLU A 431 17.71 2.86 25.43
N LYS A 432 16.39 2.75 25.32
CA LYS A 432 15.68 1.70 26.02
C LYS A 432 15.19 0.57 25.12
N ILE A 433 14.62 0.89 23.96
CA ILE A 433 14.04 -0.14 23.11
C ILE A 433 15.16 -0.93 22.40
N ALA A 434 16.21 -0.25 21.95
CA ALA A 434 17.33 -0.91 21.28
C ALA A 434 18.01 -1.91 22.20
N PHE A 435 17.96 -1.69 23.52
CA PHE A 435 18.59 -2.57 24.51
C PHE A 435 17.87 -3.89 24.70
N LEU A 436 16.54 -3.91 24.52
CA LEU A 436 15.74 -5.07 24.86
C LEU A 436 16.26 -6.38 24.29
N PRO A 437 16.56 -6.50 22.98
CA PRO A 437 17.12 -7.76 22.47
C PRO A 437 18.43 -8.18 23.11
N PHE A 438 19.35 -7.26 23.39
CA PHE A 438 20.63 -7.60 24.01
C PHE A 438 20.43 -8.06 25.47
N GLY A 439 19.63 -7.31 26.26
CA GLY A 439 19.34 -7.73 27.62
C GLY A 439 18.73 -9.11 27.72
N TYR A 440 17.94 -9.50 26.69
CA TYR A 440 17.30 -10.81 26.64
C TYR A 440 18.28 -11.91 26.20
N LEU A 441 19.17 -11.64 25.23
CA LEU A 441 19.94 -12.73 24.63
C LEU A 441 21.17 -13.17 25.45
N VAL A 442 21.78 -12.30 26.27
CA VAL A 442 23.09 -12.63 26.87
C VAL A 442 23.00 -13.88 27.74
N ASP A 443 21.99 -13.98 28.60
CA ASP A 443 21.88 -15.18 29.44
C ASP A 443 21.22 -16.36 28.69
N GLN A 444 20.53 -16.13 27.57
N GLN A 444 20.50 -16.13 27.58
CA GLN A 444 20.16 -17.26 26.71
CA GLN A 444 20.16 -17.29 26.73
C GLN A 444 21.41 -17.99 26.24
C GLN A 444 21.44 -18.00 26.31
N TRP A 445 22.43 -17.23 25.88
CA TRP A 445 23.73 -17.79 25.53
C TRP A 445 24.35 -18.50 26.74
N ARG A 446 24.39 -17.82 27.90
CA ARG A 446 25.10 -18.37 29.05
C ARG A 446 24.38 -19.57 29.66
N TRP A 447 23.05 -19.58 29.65
CA TRP A 447 22.31 -20.76 30.11
C TRP A 447 22.62 -21.97 29.26
N GLY A 448 22.79 -21.77 27.95
CA GLY A 448 23.16 -22.88 27.07
C GLY A 448 24.57 -23.40 27.32
N VAL A 449 25.50 -22.51 27.66
CA VAL A 449 26.84 -22.96 28.02
C VAL A 449 26.79 -23.77 29.33
N PHE A 450 26.12 -23.25 30.37
CA PHE A 450 26.06 -23.97 31.65
C PHE A 450 25.36 -25.33 31.51
N SER A 451 24.36 -25.45 30.65
CA SER A 451 23.65 -26.74 30.50
C SER A 451 24.37 -27.74 29.61
N GLY A 452 25.43 -27.33 28.92
CA GLY A 452 26.11 -28.20 27.97
C GLY A 452 25.57 -28.19 26.55
N ARG A 453 24.46 -27.51 26.27
CA ARG A 453 23.95 -27.41 24.92
C ARG A 453 24.93 -26.68 23.99
N THR A 454 25.70 -25.72 24.55
CA THR A 454 26.75 -24.98 23.85
C THR A 454 28.11 -25.36 24.44
N PRO A 455 28.83 -26.33 23.85
CA PRO A 455 30.19 -26.67 24.33
C PRO A 455 31.21 -25.67 23.83
N PRO A 456 32.45 -25.75 24.29
CA PRO A 456 33.48 -24.80 23.81
C PRO A 456 33.58 -24.70 22.30
N SER A 457 33.41 -25.82 21.56
CA SER A 457 33.51 -25.85 20.11
C SER A 457 32.45 -25.01 19.42
N ARG A 458 31.43 -24.51 20.14
CA ARG A 458 30.40 -23.65 19.57
C ARG A 458 30.17 -22.34 20.34
N TYR A 459 31.10 -21.90 21.18
CA TYR A 459 30.91 -20.64 21.93
C TYR A 459 30.58 -19.45 21.02
N ASN A 460 31.39 -19.23 19.95
CA ASN A 460 31.19 -18.06 19.09
C ASN A 460 30.09 -18.28 18.04
N PHE A 461 29.99 -19.50 17.49
CA PHE A 461 28.90 -19.86 16.57
C PHE A 461 27.53 -19.57 17.19
N ASP A 462 27.33 -19.98 18.46
CA ASP A 462 26.04 -19.78 19.13
C ASP A 462 25.83 -18.33 19.59
N TRP A 463 26.91 -17.62 19.97
CA TRP A 463 26.79 -16.18 20.27
C TRP A 463 26.30 -15.41 19.04
N TRP A 464 26.92 -15.65 17.88
CA TRP A 464 26.51 -14.86 16.71
C TRP A 464 25.16 -15.28 16.12
N TYR A 465 24.75 -16.55 16.30
CA TYR A 465 23.38 -16.94 15.98
C TYR A 465 22.37 -16.09 16.74
N LEU A 466 22.58 -15.93 18.04
CA LEU A 466 21.64 -15.18 18.87
C LEU A 466 21.70 -13.68 18.59
N ARG A 467 22.91 -13.14 18.38
CA ARG A 467 23.09 -11.72 18.10
C ARG A 467 22.37 -11.32 16.82
N THR A 468 22.49 -12.15 15.75
CA THR A 468 21.76 -11.91 14.49
C THR A 468 20.25 -12.18 14.65
N LYS A 469 19.89 -13.28 15.30
CA LYS A 469 18.47 -13.59 15.54
C LYS A 469 17.73 -12.43 16.21
N TYR A 470 18.30 -11.90 17.28
CA TYR A 470 17.60 -10.94 18.14
C TYR A 470 17.93 -9.49 17.79
N GLN A 471 19.21 -9.13 17.68
CA GLN A 471 19.58 -7.75 17.38
C GLN A 471 19.61 -7.43 15.87
N GLY A 472 19.70 -8.42 14.98
CA GLY A 472 19.81 -8.03 13.56
C GLY A 472 21.13 -7.33 13.24
N ILE A 473 22.23 -7.79 13.81
CA ILE A 473 23.57 -7.24 13.56
C ILE A 473 24.52 -8.34 13.09
N CYS A 474 25.66 -7.93 12.50
CA CYS A 474 26.66 -8.89 12.03
C CYS A 474 28.06 -8.41 12.37
N PRO A 475 29.01 -9.33 12.57
CA PRO A 475 30.39 -8.88 12.80
C PRO A 475 30.95 -8.28 11.53
N PRO A 476 31.70 -7.17 11.62
CA PRO A 476 32.19 -6.50 10.41
C PRO A 476 33.50 -7.04 9.85
N VAL A 477 34.15 -7.96 10.57
CA VAL A 477 35.21 -8.80 10.03
C VAL A 477 34.85 -10.24 10.38
N THR A 478 35.42 -11.18 9.61
CA THR A 478 35.14 -12.60 9.78
C THR A 478 35.60 -13.09 11.15
N ARG A 479 34.81 -13.96 11.76
CA ARG A 479 35.15 -14.57 13.04
C ARG A 479 35.15 -16.10 12.94
N ASN A 480 35.89 -16.75 13.86
CA ASN A 480 35.91 -18.20 13.96
C ASN A 480 36.01 -18.56 15.45
N GLU A 481 36.12 -19.86 15.77
CA GLU A 481 36.06 -20.31 17.17
C GLU A 481 37.35 -20.05 17.95
N THR A 482 38.41 -19.51 17.33
CA THR A 482 39.50 -18.95 18.11
C THR A 482 39.10 -17.65 18.79
N HIS A 483 38.18 -16.92 18.18
CA HIS A 483 37.59 -15.73 18.79
C HIS A 483 36.56 -16.13 19.85
N PHE A 484 36.42 -15.26 20.90
CA PHE A 484 35.48 -15.50 22.01
C PHE A 484 34.79 -14.16 22.35
N ASP A 485 33.90 -13.72 21.46
CA ASP A 485 33.38 -12.36 21.47
C ASP A 485 32.42 -12.10 22.63
N ALA A 486 31.72 -13.12 23.15
CA ALA A 486 31.01 -12.96 24.42
C ALA A 486 31.95 -12.53 25.56
N GLY A 487 33.20 -12.98 25.53
CA GLY A 487 34.14 -12.63 26.57
C GLY A 487 34.57 -11.19 26.57
N ALA A 488 34.35 -10.49 25.46
CA ALA A 488 34.66 -9.07 25.39
C ALA A 488 33.59 -8.15 26.02
N LYS A 489 32.59 -8.71 26.71
CA LYS A 489 31.56 -7.97 27.46
C LYS A 489 31.75 -8.17 28.97
N PHE A 490 31.85 -7.06 29.71
CA PHE A 490 32.22 -7.09 31.12
C PHE A 490 31.64 -8.26 31.93
N HIS A 491 30.33 -8.46 31.85
CA HIS A 491 29.63 -9.37 32.76
C HIS A 491 30.03 -10.85 32.62
N VAL A 492 30.65 -11.23 31.51
CA VAL A 492 30.97 -12.64 31.25
C VAL A 492 32.21 -13.01 32.06
N PRO A 493 33.39 -12.41 31.83
CA PRO A 493 34.56 -12.74 32.68
C PRO A 493 34.40 -12.31 34.13
N ASN A 494 33.58 -11.29 34.40
CA ASN A 494 33.32 -10.87 35.76
C ASN A 494 32.11 -11.57 36.39
N VAL A 495 31.58 -12.62 35.76
CA VAL A 495 30.57 -13.51 36.32
C VAL A 495 29.43 -12.77 37.02
N THR A 496 28.81 -11.82 36.31
CA THR A 496 27.61 -11.16 36.79
C THR A 496 26.42 -11.55 35.91
N PRO A 497 25.35 -12.13 36.47
CA PRO A 497 24.18 -12.48 35.63
C PRO A 497 23.59 -11.24 34.95
N TYR A 498 22.91 -11.51 33.81
CA TYR A 498 22.42 -10.43 32.93
C TYR A 498 20.89 -10.30 32.77
N ILE A 499 20.10 -11.36 32.98
CA ILE A 499 18.66 -11.26 32.74
C ILE A 499 18.00 -10.22 33.67
N ARG A 500 18.64 -9.89 34.80
CA ARG A 500 18.18 -8.78 35.66
C ARG A 500 17.97 -7.47 34.90
N TYR A 501 18.78 -7.21 33.85
CA TYR A 501 18.64 -5.97 33.08
C TYR A 501 17.42 -5.98 32.13
N PHE A 502 17.10 -7.13 31.53
CA PHE A 502 15.84 -7.23 30.76
C PHE A 502 14.62 -7.06 31.65
N VAL A 503 14.58 -7.76 32.81
CA VAL A 503 13.49 -7.58 33.78
C VAL A 503 13.39 -6.11 34.15
N SER A 504 14.53 -5.46 34.45
CA SER A 504 14.53 -4.05 34.84
C SER A 504 13.94 -3.12 33.77
N PHE A 505 14.29 -3.32 32.49
CA PHE A 505 13.87 -2.37 31.48
C PHE A 505 12.35 -2.43 31.22
N VAL A 506 11.70 -3.55 31.55
CA VAL A 506 10.24 -3.60 31.56
C VAL A 506 9.67 -3.04 32.87
N LEU A 507 10.19 -3.55 33.99
CA LEU A 507 9.70 -3.19 35.33
C LEU A 507 9.79 -1.69 35.60
N GLN A 508 10.84 -1.01 35.11
CA GLN A 508 11.00 0.40 35.47
C GLN A 508 9.85 1.28 34.96
N PHE A 509 9.20 0.90 33.83
CA PHE A 509 8.03 1.63 33.35
C PHE A 509 6.79 1.33 34.20
N GLN A 510 6.67 0.10 34.73
CA GLN A 510 5.62 -0.17 35.72
C GLN A 510 5.78 0.71 36.97
N PHE A 511 7.02 0.83 37.49
CA PHE A 511 7.29 1.70 38.65
C PHE A 511 6.99 3.17 38.36
N HIS A 512 7.43 3.66 37.18
CA HIS A 512 7.21 5.06 36.78
C HIS A 512 5.72 5.39 36.75
N GLU A 513 4.93 4.58 36.08
CA GLU A 513 3.48 4.80 36.05
C GLU A 513 2.88 4.82 37.46
N ALA A 514 3.28 3.89 38.33
CA ALA A 514 2.68 3.86 39.67
C ALA A 514 3.07 5.09 40.49
N LEU A 515 4.35 5.50 40.44
CA LEU A 515 4.79 6.65 41.22
C LEU A 515 4.22 7.94 40.64
N CYS A 516 4.09 8.02 39.31
CA CYS A 516 3.45 9.21 38.72
C CYS A 516 2.00 9.33 39.20
N LYS A 517 1.26 8.22 39.26
CA LYS A 517 -0.09 8.27 39.81
C LYS A 517 -0.09 8.72 41.26
N GLU A 518 0.78 8.16 42.09
CA GLU A 518 0.79 8.50 43.51
C GLU A 518 1.15 9.98 43.72
N ALA A 519 1.92 10.57 42.80
CA ALA A 519 2.30 11.98 42.84
C ALA A 519 1.18 12.92 42.39
N GLY A 520 0.06 12.39 41.93
CA GLY A 520 -1.00 13.26 41.44
C GLY A 520 -0.81 13.80 40.04
N TYR A 521 0.11 13.26 39.24
CA TYR A 521 0.33 13.76 37.89
C TYR A 521 -0.73 13.22 36.95
N GLU A 522 -1.21 14.07 36.03
CA GLU A 522 -2.35 13.70 35.19
C GLU A 522 -2.13 13.91 33.69
N GLY A 523 -0.95 14.35 33.27
CA GLY A 523 -0.64 14.48 31.85
C GLY A 523 -0.13 13.19 31.23
N PRO A 524 0.42 13.28 30.01
CA PRO A 524 0.99 12.08 29.37
C PRO A 524 2.11 11.45 30.19
N LEU A 525 2.16 10.11 30.18
CA LEU A 525 3.11 9.38 31.02
C LEU A 525 4.55 9.79 30.73
N HIS A 526 4.89 10.04 29.45
CA HIS A 526 6.27 10.36 29.12
C HIS A 526 6.67 11.79 29.47
N GLN A 527 5.75 12.59 30.01
CA GLN A 527 6.09 13.93 30.46
C GLN A 527 6.03 14.08 31.98
N CYS A 528 5.81 12.99 32.70
CA CYS A 528 5.81 13.01 34.16
C CYS A 528 7.21 13.28 34.73
N ASP A 529 7.25 14.11 35.79
CA ASP A 529 8.45 14.33 36.60
C ASP A 529 8.04 14.21 38.08
N ILE A 530 8.59 13.21 38.79
CA ILE A 530 8.19 13.00 40.19
C ILE A 530 9.00 13.81 41.19
N TYR A 531 9.90 14.68 40.73
CA TYR A 531 10.71 15.54 41.57
C TYR A 531 9.86 16.22 42.64
N ARG A 532 10.36 16.19 43.88
CA ARG A 532 9.78 16.82 45.07
C ARG A 532 8.44 16.18 45.49
N SER A 533 8.07 14.99 44.98
CA SER A 533 6.86 14.30 45.47
C SER A 533 7.17 13.45 46.69
N THR A 534 6.81 13.95 47.88
CA THR A 534 7.04 13.17 49.10
C THR A 534 6.17 11.92 49.17
N LYS A 535 5.00 11.94 48.52
CA LYS A 535 4.16 10.73 48.50
C LYS A 535 4.77 9.63 47.62
N ALA A 536 5.29 9.97 46.45
CA ALA A 536 5.99 8.94 45.69
C ALA A 536 7.18 8.40 46.47
N GLY A 537 7.92 9.30 47.14
CA GLY A 537 9.05 8.86 47.94
C GLY A 537 8.69 7.78 48.95
N ALA A 538 7.59 7.99 49.69
CA ALA A 538 7.18 7.05 50.74
C ALA A 538 6.78 5.69 50.16
N LYS A 539 6.11 5.70 48.99
CA LYS A 539 5.77 4.44 48.31
C LYS A 539 7.03 3.67 47.91
N LEU A 540 8.03 4.37 47.38
CA LEU A 540 9.29 3.72 47.01
C LEU A 540 10.06 3.25 48.24
N ARG A 541 10.04 4.05 49.31
CA ARG A 541 10.77 3.70 50.54
C ARG A 541 10.29 2.39 51.13
N LYS A 542 8.98 2.12 51.05
CA LYS A 542 8.43 0.86 51.54
C LYS A 542 9.04 -0.35 50.83
N VAL A 543 9.19 -0.29 49.51
CA VAL A 543 9.84 -1.37 48.78
C VAL A 543 11.29 -1.54 49.25
N LEU A 544 12.02 -0.43 49.35
CA LEU A 544 13.45 -0.54 49.59
C LEU A 544 13.75 -1.13 50.97
N ARG A 545 12.96 -0.74 51.99
CA ARG A 545 13.17 -1.24 53.35
C ARG A 545 12.86 -2.74 53.53
N ALA A 546 12.11 -3.35 52.60
CA ALA A 546 11.76 -4.77 52.73
C ALA A 546 12.91 -5.72 52.37
N GLY A 547 13.93 -5.25 51.66
CA GLY A 547 14.97 -6.16 51.19
C GLY A 547 14.35 -7.35 50.48
N SER A 548 14.82 -8.55 50.80
CA SER A 548 14.27 -9.78 50.25
C SER A 548 13.38 -10.51 51.27
N SER A 549 12.80 -9.77 52.22
CA SER A 549 12.01 -10.40 53.28
C SER A 549 10.66 -10.87 52.78
N ARG A 550 10.14 -10.32 51.69
CA ARG A 550 8.81 -10.69 51.22
C ARG A 550 8.91 -11.22 49.78
N PRO A 551 7.99 -12.10 49.37
CA PRO A 551 7.98 -12.55 47.95
C PRO A 551 7.81 -11.36 47.01
N TRP A 552 8.59 -11.34 45.92
CA TRP A 552 8.60 -10.15 45.06
C TRP A 552 7.23 -9.92 44.41
N GLN A 553 6.49 -10.98 44.12
CA GLN A 553 5.17 -10.83 43.51
C GLN A 553 4.22 -10.06 44.43
N GLU A 554 4.35 -10.27 45.74
CA GLU A 554 3.51 -9.56 46.70
C GLU A 554 3.95 -8.10 46.86
N VAL A 555 5.27 -7.83 46.86
CA VAL A 555 5.77 -6.46 46.92
C VAL A 555 5.32 -5.68 45.68
N LEU A 556 5.40 -6.31 44.51
CA LEU A 556 4.96 -5.67 43.27
C LEU A 556 3.46 -5.36 43.30
N LYS A 557 2.65 -6.28 43.85
CA LYS A 557 1.20 -6.05 43.90
C LYS A 557 0.87 -4.84 44.76
N ASP A 558 1.52 -4.73 45.93
CA ASP A 558 1.33 -3.56 46.79
C ASP A 558 1.71 -2.27 46.09
N MET A 559 2.78 -2.31 45.28
CA MET A 559 3.31 -1.07 44.69
C MET A 559 2.52 -0.64 43.46
N VAL A 560 2.24 -1.54 42.50
CA VAL A 560 1.66 -1.13 41.22
C VAL A 560 0.27 -1.71 40.99
N GLY A 561 -0.23 -2.57 41.89
CA GLY A 561 -1.55 -3.14 41.71
C GLY A 561 -1.58 -4.46 40.96
N LEU A 562 -0.43 -5.01 40.60
CA LEU A 562 -0.37 -6.22 39.80
C LEU A 562 0.77 -7.10 40.30
N ASP A 563 0.57 -8.42 40.28
CA ASP A 563 1.57 -9.33 40.86
C ASP A 563 2.49 -9.96 39.80
N ALA A 564 2.63 -9.35 38.61
CA ALA A 564 3.48 -9.91 37.55
C ALA A 564 4.10 -8.80 36.71
N LEU A 565 5.23 -9.13 36.06
CA LEU A 565 5.78 -8.30 34.99
C LEU A 565 4.76 -8.09 33.88
N ASP A 566 4.75 -6.87 33.32
CA ASP A 566 3.72 -6.48 32.35
C ASP A 566 4.29 -5.40 31.43
N ALA A 567 4.21 -5.65 30.13
CA ALA A 567 4.76 -4.73 29.14
C ALA A 567 3.86 -3.53 28.86
N GLN A 568 2.66 -3.47 29.41
CA GLN A 568 1.74 -2.46 28.92
C GLN A 568 2.20 -1.04 29.30
N PRO A 569 2.76 -0.82 30.50
CA PRO A 569 3.23 0.55 30.80
C PRO A 569 4.34 1.02 29.86
N LEU A 570 5.25 0.11 29.47
CA LEU A 570 6.25 0.51 28.48
C LEU A 570 5.59 0.87 27.16
N LEU A 571 4.61 0.06 26.71
CA LEU A 571 4.00 0.34 25.41
C LEU A 571 3.28 1.68 25.43
N LYS A 572 2.61 1.98 26.53
CA LYS A 572 1.89 3.24 26.71
C LYS A 572 2.84 4.43 26.64
N TYR A 573 3.98 4.32 27.32
CA TYR A 573 4.97 5.40 27.31
C TYR A 573 5.40 5.75 25.89
N PHE A 574 5.67 4.74 25.06
CA PHE A 574 6.26 4.99 23.75
C PHE A 574 5.24 5.14 22.62
N GLN A 575 3.93 5.00 22.90
CA GLN A 575 2.91 4.80 21.86
C GLN A 575 3.01 5.80 20.69
N LEU A 576 3.21 7.09 20.98
CA LEU A 576 3.26 8.08 19.91
C LEU A 576 4.39 7.82 18.91
N VAL A 577 5.58 7.46 19.39
CA VAL A 577 6.68 7.21 18.46
C VAL A 577 6.57 5.81 17.83
N THR A 578 5.92 4.84 18.50
CA THR A 578 5.69 3.54 17.88
C THR A 578 4.86 3.71 16.62
N GLN A 579 3.80 4.52 16.71
CA GLN A 579 2.94 4.77 15.55
C GLN A 579 3.68 5.55 14.48
N TRP A 580 4.43 6.58 14.87
CA TRP A 580 5.17 7.40 13.91
C TRP A 580 6.20 6.57 13.14
N LEU A 581 6.97 5.69 13.84
CA LEU A 581 7.98 4.89 13.15
C LEU A 581 7.35 3.91 12.16
N GLN A 582 6.23 3.28 12.55
CA GLN A 582 5.53 2.40 11.62
C GLN A 582 5.14 3.16 10.35
N GLU A 583 4.54 4.34 10.53
CA GLU A 583 4.11 5.13 9.38
C GLU A 583 5.28 5.51 8.49
N GLN A 584 6.39 5.97 9.09
CA GLN A 584 7.54 6.36 8.28
C GLN A 584 8.09 5.18 7.48
N ASN A 585 8.22 4.02 8.11
CA ASN A 585 8.85 2.90 7.42
C ASN A 585 7.99 2.42 6.24
N GLN A 586 6.65 2.41 6.42
CA GLN A 586 5.75 2.06 5.33
C GLN A 586 5.90 3.02 4.15
N GLN A 587 6.01 4.32 4.43
CA GLN A 587 6.19 5.31 3.36
C GLN A 587 7.52 5.15 2.63
N ASN A 588 8.57 4.71 3.31
CA ASN A 588 9.86 4.49 2.65
C ASN A 588 9.99 3.10 2.04
N GLY A 589 8.97 2.28 2.13
CA GLY A 589 9.03 0.95 1.54
C GLY A 589 10.08 0.07 2.17
N GLU A 590 10.30 0.20 3.48
CA GLU A 590 11.33 -0.61 4.14
C GLU A 590 10.89 -2.06 4.21
N VAL A 591 11.88 -2.93 4.26
CA VAL A 591 11.70 -4.31 4.68
C VAL A 591 11.98 -4.39 6.17
N LEU A 592 11.01 -4.85 6.94
CA LEU A 592 11.23 -5.08 8.36
C LEU A 592 11.97 -6.41 8.56
N GLY A 593 13.06 -6.38 9.28
CA GLY A 593 13.87 -7.57 9.47
C GLY A 593 15.07 -7.56 8.54
N TRP A 594 15.71 -8.73 8.47
CA TRP A 594 16.97 -8.88 7.74
C TRP A 594 17.00 -10.22 7.00
N PRO A 595 16.17 -10.36 5.96
CA PRO A 595 16.08 -11.67 5.28
C PRO A 595 17.38 -12.11 4.62
N GLU A 596 18.31 -11.20 4.31
CA GLU A 596 19.63 -11.61 3.82
C GLU A 596 20.58 -11.83 4.99
N TYR A 597 20.33 -12.95 5.71
CA TYR A 597 20.94 -13.25 6.99
C TYR A 597 22.41 -13.64 6.91
N GLN A 598 22.90 -14.03 5.71
CA GLN A 598 24.31 -14.38 5.50
C GLN A 598 25.21 -13.17 5.24
N TRP A 599 24.64 -11.99 5.00
CA TRP A 599 25.39 -10.84 4.48
C TRP A 599 26.34 -10.30 5.53
N HIS A 600 27.55 -9.96 5.09
CA HIS A 600 28.56 -9.24 5.86
C HIS A 600 29.14 -8.13 4.98
N PRO A 601 29.60 -7.03 5.58
CA PRO A 601 30.17 -5.95 4.76
C PRO A 601 31.59 -6.29 4.33
N PRO A 602 32.08 -5.66 3.26
CA PRO A 602 33.47 -5.86 2.84
C PRO A 602 34.43 -5.05 3.72
N LEU A 603 35.72 -5.36 3.56
CA LEU A 603 36.78 -4.62 4.24
C LEU A 603 37.03 -3.29 3.53
N PRO A 604 37.38 -2.25 4.29
CA PRO A 604 37.79 -1.00 3.62
C PRO A 604 39.07 -1.19 2.82
N ASP A 605 39.21 -0.36 1.79
CA ASP A 605 40.36 -0.47 0.90
C ASP A 605 41.65 -0.30 1.69
N ASN A 606 42.59 -1.22 1.50
CA ASN A 606 43.90 -1.11 2.13
C ASN A 606 43.74 -1.02 3.66
N TYR A 607 43.07 -2.02 4.22
CA TYR A 607 42.82 -2.04 5.64
C TYR A 607 43.78 -3.01 6.32
N PRO A 608 44.39 -2.68 7.46
CA PRO A 608 44.30 -1.52 8.38
C PRO A 608 45.22 -0.31 8.12
N GLU A 609 45.79 -0.23 6.93
CA GLU A 609 46.79 0.79 6.61
C GLU A 609 46.13 2.12 6.26
N GLY A 610 45.87 2.92 7.30
CA GLY A 610 45.34 4.26 7.11
C GLY A 610 44.99 4.90 8.44
N LEU B 1 -22.52 -39.13 4.16
CA LEU B 1 -21.92 -40.47 4.35
C LEU B 1 -22.95 -41.54 3.98
N ASP B 2 -22.57 -42.51 3.13
CA ASP B 2 -23.49 -43.59 2.76
C ASP B 2 -24.05 -44.28 4.01
N PRO B 3 -25.30 -44.73 3.95
CA PRO B 3 -25.92 -45.34 5.16
C PRO B 3 -25.14 -46.49 5.75
N GLY B 4 -24.55 -47.37 4.93
CA GLY B 4 -23.80 -48.50 5.44
C GLY B 4 -22.55 -48.12 6.25
N LEU B 5 -22.09 -46.87 6.16
CA LEU B 5 -20.88 -46.41 6.83
C LEU B 5 -21.15 -45.61 8.10
N GLN B 6 -22.42 -45.41 8.46
CA GLN B 6 -22.77 -44.53 9.57
C GLN B 6 -22.78 -45.33 10.87
N PRO B 7 -22.38 -44.74 12.01
CA PRO B 7 -22.43 -45.49 13.28
C PRO B 7 -23.83 -45.66 13.82
N GLY B 8 -24.14 -46.89 14.30
CA GLY B 8 -25.40 -47.22 14.96
C GLY B 8 -25.44 -46.94 16.44
N GLN B 9 -26.18 -47.78 17.18
CA GLN B 9 -26.41 -47.62 18.61
C GLN B 9 -25.67 -48.69 19.41
N PHE B 10 -25.11 -48.30 20.56
CA PHE B 10 -24.35 -49.18 21.45
C PHE B 10 -24.53 -48.70 22.89
N SER B 11 -24.40 -49.62 23.86
CA SER B 11 -24.55 -49.24 25.26
C SER B 11 -23.34 -48.42 25.73
N ALA B 12 -23.59 -47.51 26.68
CA ALA B 12 -22.58 -46.58 27.20
C ALA B 12 -21.80 -47.16 28.39
N ASP B 13 -21.15 -48.30 28.14
CA ASP B 13 -20.30 -48.98 29.10
C ASP B 13 -19.24 -49.77 28.34
N GLU B 14 -18.34 -50.44 29.08
CA GLU B 14 -17.21 -51.12 28.43
C GLU B 14 -17.71 -52.23 27.50
N ALA B 15 -18.76 -52.93 27.89
CA ALA B 15 -19.30 -54.00 27.06
C ALA B 15 -19.82 -53.44 25.73
N GLY B 16 -20.45 -52.28 25.77
CA GLY B 16 -20.91 -51.66 24.52
C GLY B 16 -19.76 -51.19 23.66
N ALA B 17 -18.72 -50.62 24.29
CA ALA B 17 -17.56 -50.14 23.55
C ALA B 17 -16.90 -51.26 22.77
N GLN B 18 -16.88 -52.47 23.31
CA GLN B 18 -16.30 -53.59 22.56
C GLN B 18 -17.05 -53.80 21.25
N LEU B 19 -18.38 -53.69 21.28
CA LEU B 19 -19.18 -53.86 20.06
C LEU B 19 -19.00 -52.68 19.10
N PHE B 20 -18.93 -51.46 19.64
CA PHE B 20 -18.66 -50.25 18.86
C PHE B 20 -17.31 -50.35 18.15
N ALA B 21 -16.27 -50.79 18.86
CA ALA B 21 -14.94 -50.89 18.27
C ALA B 21 -14.94 -51.92 17.16
N GLN B 22 -15.69 -53.01 17.34
CA GLN B 22 -15.81 -54.05 16.32
C GLN B 22 -16.54 -53.54 15.08
N SER B 23 -17.61 -52.76 15.27
CA SER B 23 -18.37 -52.25 14.11
C SER B 23 -17.56 -51.18 13.36
N TYR B 24 -16.87 -50.30 14.10
CA TYR B 24 -15.99 -49.31 13.48
C TYR B 24 -14.98 -49.97 12.57
N GLN B 25 -14.32 -50.97 13.10
CA GLN B 25 -13.28 -51.70 12.38
C GLN B 25 -13.78 -52.16 11.02
N SER B 26 -14.99 -52.69 10.97
CA SER B 26 -15.51 -53.28 9.74
C SER B 26 -15.87 -52.23 8.68
N SER B 27 -16.17 -50.99 9.07
CA SER B 27 -16.44 -49.96 8.07
C SER B 27 -15.19 -49.23 7.66
N ALA B 28 -14.20 -49.15 8.55
CA ALA B 28 -12.99 -48.41 8.25
C ALA B 28 -12.24 -49.02 7.06
N GLU B 29 -12.38 -50.33 6.86
CA GLU B 29 -11.68 -51.01 5.77
C GLU B 29 -12.07 -50.50 4.39
N GLN B 30 -13.37 -50.26 4.16
CA GLN B 30 -13.80 -49.78 2.85
C GLN B 30 -13.38 -48.34 2.63
N VAL B 31 -13.37 -47.54 3.70
CA VAL B 31 -13.01 -46.13 3.58
C VAL B 31 -11.51 -46.00 3.33
N LEU B 32 -10.70 -46.80 4.03
CA LEU B 32 -9.25 -46.81 3.82
C LEU B 32 -8.89 -47.23 2.41
N PHE B 33 -9.50 -48.30 1.91
CA PHE B 33 -9.20 -48.76 0.55
C PHE B 33 -9.49 -47.68 -0.49
N GLN B 34 -10.66 -47.01 -0.42
CA GLN B 34 -10.93 -46.04 -1.48
C GLN B 34 -9.93 -44.87 -1.44
N SER B 35 -9.45 -44.52 -0.26
CA SER B 35 -8.46 -43.46 -0.14
C SER B 35 -7.11 -43.88 -0.70
N VAL B 36 -6.63 -45.07 -0.33
CA VAL B 36 -5.35 -45.56 -0.85
C VAL B 36 -5.42 -45.73 -2.37
N ALA B 37 -6.54 -46.25 -2.90
CA ALA B 37 -6.66 -46.44 -4.34
C ALA B 37 -6.62 -45.13 -5.11
N ALA B 38 -7.25 -44.08 -4.59
CA ALA B 38 -7.22 -42.78 -5.24
C ALA B 38 -5.82 -42.16 -5.19
N SER B 39 -5.11 -42.34 -4.06
CA SER B 39 -3.71 -41.88 -3.93
C SER B 39 -2.79 -42.61 -4.89
N TRP B 40 -2.99 -43.92 -5.08
CA TRP B 40 -2.22 -44.67 -6.06
C TRP B 40 -2.44 -44.11 -7.47
N ALA B 41 -3.69 -43.84 -7.83
CA ALA B 41 -3.99 -43.33 -9.16
C ALA B 41 -3.30 -41.99 -9.44
N HIS B 42 -3.20 -41.13 -8.42
CA HIS B 42 -2.51 -39.84 -8.56
C HIS B 42 -0.99 -40.02 -8.62
N ASP B 43 -0.40 -40.79 -7.68
CA ASP B 43 1.05 -40.85 -7.55
C ASP B 43 1.71 -41.57 -8.74
N THR B 44 0.97 -42.39 -9.43
CA THR B 44 1.44 -43.00 -10.65
C THR B 44 0.95 -42.26 -11.96
N ASN B 45 0.30 -41.10 -11.88
CA ASN B 45 -0.22 -40.38 -13.04
C ASN B 45 -0.67 -39.01 -12.48
N ILE B 46 0.24 -38.07 -12.34
CA ILE B 46 -0.06 -36.79 -11.73
C ILE B 46 -0.79 -35.85 -12.71
N THR B 47 -2.08 -35.61 -12.48
CA THR B 47 -2.92 -34.76 -13.32
C THR B 47 -3.87 -33.99 -12.43
N ALA B 48 -4.40 -32.87 -12.98
CA ALA B 48 -5.35 -32.08 -12.22
C ALA B 48 -6.57 -32.91 -11.85
N GLU B 49 -7.01 -33.79 -12.75
CA GLU B 49 -8.20 -34.59 -12.50
C GLU B 49 -7.96 -35.65 -11.43
N ASN B 50 -6.79 -36.28 -11.43
CA ASN B 50 -6.53 -37.29 -10.41
C ASN B 50 -6.34 -36.62 -9.06
N ALA B 51 -5.79 -35.42 -9.04
CA ALA B 51 -5.72 -34.68 -7.79
C ALA B 51 -7.12 -34.37 -7.27
N ARG B 52 -8.04 -33.95 -8.16
CA ARG B 52 -9.43 -33.74 -7.76
C ARG B 52 -10.04 -35.01 -7.16
N ARG B 53 -9.86 -36.16 -7.81
CA ARG B 53 -10.44 -37.40 -7.30
C ARG B 53 -9.83 -37.80 -5.97
N GLN B 54 -8.54 -37.54 -5.78
CA GLN B 54 -7.92 -37.89 -4.50
C GLN B 54 -8.42 -36.98 -3.39
N GLU B 55 -8.68 -35.70 -3.70
CA GLU B 55 -9.18 -34.77 -2.67
C GLU B 55 -10.61 -35.10 -2.26
N GLU B 56 -11.41 -35.57 -3.21
CA GLU B 56 -12.75 -36.06 -2.93
C GLU B 56 -12.72 -37.27 -1.99
N ALA B 57 -11.74 -38.17 -2.20
CA ALA B 57 -11.61 -39.35 -1.35
C ALA B 57 -11.14 -38.97 0.04
N ALA B 58 -10.25 -37.98 0.15
CA ALA B 58 -9.83 -37.49 1.45
C ALA B 58 -10.99 -36.86 2.21
N LEU B 59 -11.86 -36.12 1.51
CA LEU B 59 -13.01 -35.54 2.18
C LEU B 59 -13.92 -36.61 2.75
N LEU B 60 -14.11 -37.71 2.03
CA LEU B 60 -14.94 -38.78 2.55
C LEU B 60 -14.32 -39.40 3.80
N SER B 61 -12.99 -39.61 3.80
CA SER B 61 -12.31 -40.12 4.99
C SER B 61 -12.50 -39.21 6.18
N GLN B 62 -12.45 -37.89 5.97
CA GLN B 62 -12.67 -36.96 7.06
C GLN B 62 -14.13 -37.03 7.54
N GLU B 63 -15.06 -37.23 6.62
CA GLU B 63 -16.47 -37.35 6.99
C GLU B 63 -16.71 -38.57 7.87
N PHE B 64 -16.14 -39.71 7.47
CA PHE B 64 -16.17 -40.94 8.27
C PHE B 64 -15.56 -40.74 9.66
N ALA B 65 -14.35 -40.13 9.75
CA ALA B 65 -13.66 -39.97 11.03
C ALA B 65 -14.41 -39.05 11.97
N GLU B 66 -15.06 -38.03 11.43
CA GLU B 66 -15.87 -37.12 12.26
C GLU B 66 -17.05 -37.86 12.89
N ALA B 67 -17.76 -38.66 12.09
CA ALA B 67 -18.96 -39.32 12.59
C ALA B 67 -18.60 -40.33 13.69
N TRP B 68 -17.60 -41.16 13.44
CA TRP B 68 -17.24 -42.19 14.44
C TRP B 68 -16.55 -41.58 15.65
N GLY B 69 -15.75 -40.53 15.44
CA GLY B 69 -15.17 -39.84 16.57
C GLY B 69 -16.22 -39.19 17.45
N GLN B 70 -17.23 -38.54 16.83
CA GLN B 70 -18.27 -37.88 17.63
C GLN B 70 -19.08 -38.89 18.44
N LYS B 71 -19.29 -40.07 17.89
CA LYS B 71 -20.05 -41.10 18.58
C LYS B 71 -19.30 -41.62 19.80
N ALA B 72 -17.98 -41.82 19.67
CA ALA B 72 -17.17 -42.28 20.80
C ALA B 72 -17.25 -41.31 21.99
N LYS B 73 -17.24 -40.00 21.70
CA LYS B 73 -17.32 -39.04 22.80
C LYS B 73 -18.72 -38.99 23.39
N GLU B 74 -19.74 -39.07 22.54
CA GLU B 74 -21.11 -39.13 23.04
C GLU B 74 -21.25 -40.25 24.06
N LEU B 75 -20.72 -41.43 23.75
CA LEU B 75 -20.94 -42.62 24.58
C LEU B 75 -19.90 -42.83 25.67
N TYR B 76 -18.61 -42.53 25.41
CA TYR B 76 -17.53 -43.02 26.28
C TYR B 76 -16.53 -41.97 26.78
N GLU B 77 -16.65 -40.71 26.38
CA GLU B 77 -15.60 -39.75 26.73
C GLU B 77 -15.24 -39.76 28.21
N PRO B 78 -16.19 -39.76 29.15
CA PRO B 78 -15.82 -39.72 30.58
C PRO B 78 -15.49 -41.07 31.21
N ILE B 79 -15.35 -42.17 30.46
CA ILE B 79 -15.19 -43.48 31.10
C ILE B 79 -14.13 -44.33 30.41
N TRP B 80 -13.79 -44.01 29.16
CA TRP B 80 -12.96 -44.92 28.37
C TRP B 80 -11.57 -45.07 28.97
N GLN B 81 -11.11 -44.04 29.70
CA GLN B 81 -9.77 -44.06 30.30
C GLN B 81 -9.68 -45.03 31.48
N GLN B 82 -10.81 -45.45 32.08
CA GLN B 82 -10.82 -46.46 33.14
C GLN B 82 -11.26 -47.85 32.66
N PHE B 83 -11.40 -48.08 31.36
CA PHE B 83 -11.78 -49.43 30.90
C PHE B 83 -10.69 -50.42 31.30
N THR B 84 -11.11 -51.67 31.57
CA THR B 84 -10.15 -52.66 32.05
C THR B 84 -9.36 -53.31 30.92
N ASP B 85 -9.83 -53.25 29.68
CA ASP B 85 -9.08 -53.84 28.58
C ASP B 85 -8.16 -52.76 28.02
N PRO B 86 -6.82 -52.89 28.16
CA PRO B 86 -5.95 -51.84 27.63
C PRO B 86 -5.95 -51.79 26.10
N GLN B 87 -6.06 -52.94 25.41
CA GLN B 87 -6.21 -52.96 23.96
C GLN B 87 -7.40 -52.10 23.52
N LEU B 88 -8.55 -52.27 24.18
CA LEU B 88 -9.71 -51.46 23.86
C LEU B 88 -9.41 -49.99 24.07
N ARG B 89 -8.73 -49.65 25.16
CA ARG B 89 -8.43 -48.24 25.42
C ARG B 89 -7.64 -47.65 24.25
N ARG B 90 -6.82 -48.47 23.57
CA ARG B 90 -6.01 -47.97 22.46
C ARG B 90 -6.89 -47.59 21.27
N ILE B 91 -7.84 -48.45 20.92
CA ILE B 91 -8.68 -48.18 19.76
C ILE B 91 -9.57 -46.97 20.01
N ILE B 92 -10.27 -46.94 21.14
CA ILE B 92 -11.12 -45.79 21.44
C ILE B 92 -10.28 -44.52 21.55
N GLY B 93 -9.06 -44.65 22.07
CA GLY B 93 -8.19 -43.49 22.18
C GLY B 93 -7.87 -42.92 20.81
N ALA B 94 -7.72 -43.81 19.82
CA ALA B 94 -7.47 -43.42 18.45
C ALA B 94 -8.70 -42.77 17.82
N VAL B 95 -9.87 -43.40 17.95
CA VAL B 95 -11.08 -42.92 17.27
C VAL B 95 -11.44 -41.53 17.77
N ARG B 96 -11.17 -41.22 19.01
CA ARG B 96 -11.53 -39.88 19.45
C ARG B 96 -10.49 -38.84 19.04
N THR B 97 -9.42 -39.22 18.36
CA THR B 97 -8.45 -38.27 17.82
C THR B 97 -8.82 -38.00 16.36
N LEU B 98 -9.32 -36.80 16.07
CA LEU B 98 -9.91 -36.55 14.76
C LEU B 98 -8.93 -35.97 13.74
N GLY B 99 -7.87 -35.31 14.20
CA GLY B 99 -6.92 -34.75 13.25
C GLY B 99 -7.57 -33.72 12.34
N SER B 100 -7.32 -33.83 11.04
CA SER B 100 -7.86 -32.85 10.10
C SER B 100 -9.38 -32.84 10.06
N ALA B 101 -10.03 -33.92 10.49
CA ALA B 101 -11.48 -33.95 10.55
C ALA B 101 -12.05 -32.98 11.59
N ASN B 102 -11.21 -32.40 12.45
CA ASN B 102 -11.65 -31.31 13.31
C ASN B 102 -11.92 -30.02 12.57
N LEU B 103 -11.35 -29.82 11.39
CA LEU B 103 -11.50 -28.50 10.78
C LEU B 103 -12.89 -28.32 10.19
N PRO B 104 -13.39 -27.09 10.15
CA PRO B 104 -14.62 -26.84 9.39
C PRO B 104 -14.40 -27.16 7.93
N LEU B 105 -15.51 -27.40 7.24
CA LEU B 105 -15.49 -27.96 5.89
C LEU B 105 -14.61 -27.18 4.90
N ALA B 106 -14.74 -25.84 4.85
CA ALA B 106 -13.96 -25.09 3.86
C ALA B 106 -12.46 -25.20 4.13
N LYS B 107 -12.07 -25.28 5.41
CA LYS B 107 -10.67 -25.45 5.78
C LYS B 107 -10.17 -26.88 5.53
N ARG B 108 -11.04 -27.90 5.63
CA ARG B 108 -10.67 -29.25 5.17
C ARG B 108 -10.32 -29.25 3.70
N GLN B 109 -11.14 -28.58 2.88
CA GLN B 109 -10.86 -28.52 1.44
C GLN B 109 -9.56 -27.78 1.15
N GLN B 110 -9.26 -26.71 1.89
N GLN B 110 -9.27 -26.70 1.89
CA GLN B 110 -7.99 -25.99 1.71
CA GLN B 110 -8.01 -25.99 1.74
C GLN B 110 -6.81 -26.89 2.09
C GLN B 110 -6.83 -26.90 2.08
N TYR B 111 -6.93 -27.60 3.21
CA TYR B 111 -5.88 -28.51 3.66
C TYR B 111 -5.55 -29.56 2.62
N ASN B 112 -6.58 -30.25 2.13
CA ASN B 112 -6.38 -31.32 1.15
C ASN B 112 -5.80 -30.78 -0.14
N ALA B 113 -6.24 -29.60 -0.59
CA ALA B 113 -5.70 -29.05 -1.82
C ALA B 113 -4.23 -28.68 -1.65
N LEU B 114 -3.87 -28.18 -0.45
CA LEU B 114 -2.48 -27.86 -0.18
C LEU B 114 -1.61 -29.09 -0.31
N LEU B 115 -2.06 -30.23 0.25
CA LEU B 115 -1.27 -31.45 0.14
C LEU B 115 -1.07 -31.84 -1.33
N SER B 116 -2.12 -31.71 -2.14
N SER B 116 -2.13 -31.73 -2.15
CA SER B 116 -2.01 -32.05 -3.55
CA SER B 116 -2.00 -32.05 -3.57
C SER B 116 -1.04 -31.14 -4.28
C SER B 116 -0.99 -31.14 -4.24
N GLN B 117 -1.07 -29.83 -3.98
CA GLN B 117 -0.23 -28.89 -4.70
C GLN B 117 1.24 -28.99 -4.27
N MET B 118 1.49 -29.23 -2.97
CA MET B 118 2.87 -29.43 -2.52
C MET B 118 3.48 -30.69 -3.15
N SER B 119 2.70 -31.76 -3.25
CA SER B 119 3.20 -32.99 -3.90
C SER B 119 3.50 -32.75 -5.37
N ARG B 120 2.60 -32.06 -6.09
CA ARG B 120 2.83 -31.76 -7.50
C ARG B 120 4.13 -30.98 -7.70
N ILE B 121 4.35 -29.95 -6.88
CA ILE B 121 5.51 -29.09 -7.08
C ILE B 121 6.81 -29.90 -6.92
N TYR B 122 6.89 -30.72 -5.86
CA TYR B 122 8.12 -31.48 -5.61
C TYR B 122 8.40 -32.49 -6.74
N SER B 123 7.38 -33.26 -7.11
CA SER B 123 7.62 -34.39 -8.01
C SER B 123 7.61 -34.00 -9.50
N THR B 124 7.24 -32.76 -9.84
CA THR B 124 7.34 -32.29 -11.23
C THR B 124 8.40 -31.21 -11.46
N ALA B 125 9.12 -30.77 -10.43
CA ALA B 125 10.17 -29.78 -10.64
C ALA B 125 11.31 -30.35 -11.49
N LYS B 126 11.93 -29.46 -12.28
CA LYS B 126 12.98 -29.84 -13.22
C LYS B 126 14.02 -28.72 -13.28
N VAL B 127 15.21 -29.09 -13.75
CA VAL B 127 16.34 -28.17 -13.87
C VAL B 127 16.69 -28.08 -15.37
N CYS B 128 16.47 -26.92 -15.97
CA CYS B 128 16.69 -26.75 -17.41
C CYS B 128 18.02 -26.06 -17.69
N LEU B 129 18.58 -26.36 -18.86
CA LEU B 129 19.89 -25.84 -19.22
C LEU B 129 19.92 -24.44 -19.83
N CYS B 136 15.33 -30.77 -20.20
CA CYS B 136 15.37 -30.51 -18.76
C CYS B 136 15.55 -31.80 -17.96
N TRP B 137 16.26 -31.67 -16.84
CA TRP B 137 16.66 -32.80 -16.01
C TRP B 137 15.71 -33.00 -14.85
N SER B 138 15.33 -34.25 -14.62
N SER B 138 15.35 -34.26 -14.61
CA SER B 138 14.50 -34.59 -13.47
CA SER B 138 14.53 -34.67 -13.49
C SER B 138 15.40 -35.01 -12.31
C SER B 138 15.42 -35.00 -12.30
N LEU B 139 14.83 -34.95 -11.09
CA LEU B 139 15.58 -35.39 -9.93
C LEU B 139 15.98 -36.86 -10.10
N ASP B 140 15.02 -37.68 -10.49
CA ASP B 140 15.22 -39.13 -10.66
C ASP B 140 14.90 -39.51 -12.10
N PRO B 141 15.87 -39.98 -12.91
CA PRO B 141 17.25 -40.39 -12.60
C PRO B 141 18.34 -39.33 -12.76
N ASP B 142 18.06 -38.22 -13.45
CA ASP B 142 19.14 -37.38 -13.96
C ASP B 142 19.95 -36.71 -12.84
N LEU B 143 19.31 -35.92 -11.97
CA LEU B 143 20.10 -35.24 -10.96
C LEU B 143 20.70 -36.24 -9.95
N THR B 144 19.99 -37.32 -9.64
CA THR B 144 20.53 -38.34 -8.74
C THR B 144 21.83 -38.94 -9.28
N ASN B 145 21.91 -39.24 -10.58
CA ASN B 145 23.11 -39.85 -11.16
C ASN B 145 24.29 -38.87 -11.15
N ILE B 146 24.05 -37.59 -11.46
CA ILE B 146 25.08 -36.54 -11.35
C ILE B 146 25.65 -36.47 -9.94
N LEU B 147 24.79 -36.29 -8.91
CA LEU B 147 25.32 -36.17 -7.55
C LEU B 147 26.11 -37.41 -7.13
N ALA B 148 25.72 -38.59 -7.61
CA ALA B 148 26.40 -39.85 -7.26
C ALA B 148 27.74 -40.07 -7.97
N SER B 149 27.88 -39.62 -9.22
N SER B 149 27.89 -39.59 -9.21
CA SER B 149 28.98 -40.06 -10.07
CA SER B 149 28.99 -40.07 -10.05
C SER B 149 29.90 -38.94 -10.52
C SER B 149 29.88 -38.98 -10.67
N SER B 150 29.37 -37.77 -10.88
CA SER B 150 30.22 -36.70 -11.41
C SER B 150 31.25 -36.24 -10.38
N ARG B 151 32.50 -36.01 -10.84
CA ARG B 151 33.53 -35.38 -10.03
C ARG B 151 33.92 -34.00 -10.58
N SER B 152 32.98 -33.34 -11.28
CA SER B 152 33.15 -31.98 -11.76
C SER B 152 32.47 -31.03 -10.77
N TYR B 153 33.27 -30.18 -10.12
CA TYR B 153 32.74 -29.25 -9.15
C TYR B 153 31.62 -28.42 -9.77
N ALA B 154 31.82 -27.92 -10.99
CA ALA B 154 30.85 -27.00 -11.58
C ALA B 154 29.55 -27.72 -11.94
N MET B 155 29.64 -28.95 -12.46
CA MET B 155 28.45 -29.73 -12.80
C MET B 155 27.63 -30.06 -11.56
N LEU B 156 28.30 -30.51 -10.51
CA LEU B 156 27.63 -30.81 -9.25
C LEU B 156 26.91 -29.58 -8.71
N LEU B 157 27.54 -28.40 -8.81
CA LEU B 157 26.97 -27.15 -8.30
C LEU B 157 25.73 -26.74 -9.08
N PHE B 158 25.78 -26.81 -10.42
CA PHE B 158 24.62 -26.53 -11.25
C PHE B 158 23.44 -27.41 -10.85
N ALA B 159 23.70 -28.69 -10.56
CA ALA B 159 22.64 -29.60 -10.18
C ALA B 159 22.07 -29.26 -8.80
N TRP B 160 22.96 -29.04 -7.81
CA TRP B 160 22.51 -28.74 -6.43
C TRP B 160 21.72 -27.44 -6.36
N GLU B 161 22.25 -26.36 -6.96
CA GLU B 161 21.60 -25.05 -6.93
C GLU B 161 20.28 -25.09 -7.70
N GLY B 162 20.31 -25.70 -8.89
CA GLY B 162 19.12 -25.81 -9.71
C GLY B 162 17.97 -26.51 -9.01
N TRP B 163 18.27 -27.64 -8.36
CA TRP B 163 17.22 -28.40 -7.69
C TRP B 163 16.68 -27.62 -6.47
N HIS B 164 17.56 -27.08 -5.65
CA HIS B 164 17.10 -26.38 -4.44
C HIS B 164 16.27 -25.15 -4.78
N ASN B 165 16.63 -24.43 -5.84
CA ASN B 165 15.84 -23.26 -6.23
C ASN B 165 14.49 -23.68 -6.84
N ALA B 166 14.49 -24.69 -7.73
CA ALA B 166 13.28 -25.10 -8.45
C ALA B 166 12.23 -25.69 -7.52
N ALA B 167 12.63 -26.53 -6.55
CA ALA B 167 11.64 -27.15 -5.67
C ALA B 167 11.31 -26.30 -4.42
N GLY B 168 12.33 -25.69 -3.79
CA GLY B 168 12.10 -25.00 -2.51
C GLY B 168 11.34 -23.68 -2.63
N ILE B 169 11.74 -22.81 -3.57
CA ILE B 169 11.17 -21.46 -3.62
C ILE B 169 9.65 -21.46 -3.76
N PRO B 170 9.04 -22.18 -4.72
CA PRO B 170 7.58 -22.15 -4.85
C PRO B 170 6.82 -22.84 -3.72
N LEU B 171 7.46 -23.69 -2.92
CA LEU B 171 6.78 -24.39 -1.85
C LEU B 171 6.51 -23.53 -0.62
N LYS B 172 7.33 -22.48 -0.36
CA LYS B 172 7.31 -21.79 0.92
C LYS B 172 5.95 -21.22 1.30
N PRO B 173 5.24 -20.46 0.44
CA PRO B 173 3.93 -19.93 0.88
C PRO B 173 2.92 -21.02 1.20
N LEU B 174 2.96 -22.15 0.48
CA LEU B 174 2.02 -23.25 0.73
C LEU B 174 2.34 -23.95 2.05
N TYR B 175 3.64 -24.06 2.39
CA TYR B 175 4.05 -24.73 3.62
C TYR B 175 3.68 -23.90 4.88
N GLU B 176 3.68 -22.57 4.77
N GLU B 176 3.70 -22.57 4.75
CA GLU B 176 3.22 -21.75 5.90
CA GLU B 176 3.23 -21.72 5.84
C GLU B 176 1.73 -21.98 6.14
C GLU B 176 1.76 -21.96 6.12
N ASP B 177 0.92 -21.91 5.08
CA ASP B 177 -0.53 -22.19 5.23
C ASP B 177 -0.81 -23.58 5.78
N PHE B 178 -0.06 -24.59 5.32
CA PHE B 178 -0.24 -25.97 5.80
C PHE B 178 0.04 -26.09 7.30
N THR B 179 1.15 -25.50 7.77
CA THR B 179 1.55 -25.60 9.17
C THR B 179 0.49 -25.01 10.09
N ALA B 180 -0.09 -23.88 9.70
CA ALA B 180 -1.11 -23.24 10.53
C ALA B 180 -2.37 -24.09 10.61
N LEU B 181 -2.84 -24.63 9.48
CA LEU B 181 -4.05 -25.46 9.51
C LEU B 181 -3.81 -26.78 10.23
N SER B 182 -2.63 -27.41 10.04
CA SER B 182 -2.35 -28.65 10.77
C SER B 182 -2.43 -28.41 12.29
N ASN B 183 -1.77 -27.35 12.78
CA ASN B 183 -1.81 -27.05 14.20
C ASN B 183 -3.24 -26.79 14.67
N GLU B 184 -4.03 -26.03 13.91
CA GLU B 184 -5.42 -25.78 14.31
C GLU B 184 -6.18 -27.09 14.49
N ALA B 185 -5.94 -28.04 13.59
CA ALA B 185 -6.62 -29.33 13.67
C ALA B 185 -6.24 -30.09 14.96
N TYR B 186 -4.94 -30.25 15.22
CA TYR B 186 -4.53 -31.10 16.32
C TYR B 186 -4.68 -30.44 17.68
N LYS B 187 -4.76 -29.11 17.73
CA LYS B 187 -5.10 -28.43 18.97
C LYS B 187 -6.46 -28.86 19.49
N GLN B 188 -7.40 -29.20 18.61
N GLN B 188 -7.39 -29.17 18.59
CA GLN B 188 -8.73 -29.62 19.03
CA GLN B 188 -8.71 -29.59 19.05
C GLN B 188 -8.79 -31.10 19.40
C GLN B 188 -8.68 -30.95 19.72
N ASP B 189 -7.65 -31.75 19.47
CA ASP B 189 -7.50 -33.04 20.12
C ASP B 189 -6.72 -32.95 21.42
N GLY B 190 -6.31 -31.76 21.82
CA GLY B 190 -5.62 -31.59 23.08
C GLY B 190 -4.11 -31.47 23.00
N PHE B 191 -3.53 -31.46 21.80
CA PHE B 191 -2.09 -31.33 21.63
C PHE B 191 -1.69 -29.87 21.44
N THR B 192 -0.52 -29.50 22.01
CA THR B 192 -0.05 -28.12 21.95
C THR B 192 0.31 -27.70 20.51
N ASP B 193 0.74 -28.65 19.68
CA ASP B 193 1.01 -28.44 18.25
C ASP B 193 1.18 -29.81 17.58
N THR B 194 1.26 -29.80 16.24
CA THR B 194 1.32 -31.07 15.51
C THR B 194 2.51 -31.95 15.92
N GLY B 195 3.68 -31.34 16.22
CA GLY B 195 4.84 -32.15 16.59
C GLY B 195 4.65 -32.93 17.87
N ALA B 196 3.95 -32.35 18.85
CA ALA B 196 3.62 -33.08 20.08
C ALA B 196 2.79 -34.31 19.77
N TYR B 197 1.90 -34.21 18.77
CA TYR B 197 1.15 -35.40 18.36
C TYR B 197 2.05 -36.44 17.70
N TRP B 198 2.94 -36.02 16.79
CA TRP B 198 3.86 -36.99 16.17
C TRP B 198 4.75 -37.68 17.22
N ARG B 199 5.26 -36.94 18.20
CA ARG B 199 6.12 -37.54 19.23
C ARG B 199 5.34 -38.48 20.16
N SER B 200 4.02 -38.28 20.31
CA SER B 200 3.22 -39.14 21.20
C SER B 200 3.18 -40.60 20.77
N TRP B 201 3.48 -40.90 19.50
CA TRP B 201 3.46 -42.27 18.99
C TRP B 201 4.46 -43.20 19.69
N TYR B 202 5.50 -42.66 20.33
CA TYR B 202 6.53 -43.48 20.94
C TYR B 202 6.23 -43.80 22.41
N ASN B 203 5.15 -43.22 22.96
CA ASN B 203 4.66 -43.55 24.30
C ASN B 203 5.80 -43.51 25.33
N SER B 204 6.43 -42.37 25.38
CA SER B 204 7.56 -42.16 26.28
C SER B 204 7.67 -40.71 26.72
N PRO B 205 7.48 -40.41 28.01
CA PRO B 205 7.61 -39.01 28.45
C PRO B 205 9.03 -38.45 28.35
N THR B 206 10.05 -39.29 28.15
CA THR B 206 11.43 -38.82 28.06
C THR B 206 12.03 -38.91 26.64
N PHE B 207 11.19 -38.99 25.60
CA PHE B 207 11.65 -39.27 24.23
C PHE B 207 12.79 -38.34 23.79
N GLU B 208 12.60 -37.01 23.91
CA GLU B 208 13.59 -36.09 23.35
C GLU B 208 14.90 -36.14 24.11
N ASP B 209 14.85 -36.27 25.45
CA ASP B 209 16.07 -36.41 26.25
C ASP B 209 16.79 -37.70 25.94
N ASP B 210 16.03 -38.78 25.74
CA ASP B 210 16.64 -40.07 25.42
C ASP B 210 17.36 -40.02 24.07
N LEU B 211 16.75 -39.35 23.08
CA LEU B 211 17.39 -39.15 21.77
C LEU B 211 18.68 -38.35 21.88
N GLU B 212 18.67 -37.30 22.72
CA GLU B 212 19.86 -36.47 22.88
C GLU B 212 21.01 -37.28 23.50
N HIS B 213 20.71 -38.16 24.46
CA HIS B 213 21.74 -38.99 25.09
C HIS B 213 22.34 -39.99 24.10
N LEU B 214 21.49 -40.62 23.29
CA LEU B 214 21.99 -41.47 22.21
C LEU B 214 22.94 -40.70 21.30
N TYR B 215 22.55 -39.50 20.84
CA TYR B 215 23.39 -38.78 19.89
C TYR B 215 24.74 -38.41 20.51
N GLN B 216 24.77 -38.07 21.81
CA GLN B 216 26.05 -37.76 22.47
C GLN B 216 27.04 -38.93 22.36
N GLN B 217 26.54 -40.17 22.46
CA GLN B 217 27.40 -41.35 22.37
C GLN B 217 27.89 -41.61 20.95
N LEU B 218 27.10 -41.22 19.98
CA LEU B 218 27.43 -41.42 18.59
C LEU B 218 28.25 -40.31 17.88
N GLU B 219 28.19 -39.09 18.35
CA GLU B 219 28.88 -38.00 17.72
C GLU B 219 30.37 -38.19 17.46
N PRO B 220 31.13 -38.72 18.41
CA PRO B 220 32.56 -38.89 18.12
C PRO B 220 32.85 -39.72 16.89
N LEU B 221 32.05 -40.71 16.63
CA LEU B 221 32.22 -41.51 15.42
C LEU B 221 31.97 -40.67 14.17
N TYR B 222 30.91 -39.84 14.18
CA TYR B 222 30.67 -38.95 13.04
C TYR B 222 31.81 -37.95 12.88
N LEU B 223 32.26 -37.34 13.97
CA LEU B 223 33.32 -36.32 13.83
C LEU B 223 34.60 -36.90 13.22
N ASN B 224 34.98 -38.13 13.60
CA ASN B 224 36.20 -38.72 13.00
C ASN B 224 35.99 -39.16 11.54
N LEU B 225 34.82 -39.74 11.21
CA LEU B 225 34.53 -40.07 9.81
C LEU B 225 34.54 -38.82 8.94
N HIS B 226 33.94 -37.74 9.46
CA HIS B 226 33.89 -36.45 8.76
C HIS B 226 35.29 -35.93 8.43
N ALA B 227 36.19 -35.93 9.43
CA ALA B 227 37.54 -35.39 9.20
C ALA B 227 38.31 -36.22 8.18
N PHE B 228 38.14 -37.55 8.22
CA PHE B 228 38.83 -38.43 7.28
C PHE B 228 38.39 -38.16 5.84
N VAL B 229 37.07 -38.09 5.63
CA VAL B 229 36.51 -37.82 4.32
C VAL B 229 36.86 -36.41 3.84
N ARG B 230 36.86 -35.40 4.74
CA ARG B 230 37.25 -34.05 4.32
C ARG B 230 38.68 -34.05 3.78
N ARG B 231 39.58 -34.80 4.43
CA ARG B 231 40.95 -34.92 3.94
C ARG B 231 40.99 -35.54 2.54
N ALA B 232 40.20 -36.60 2.30
CA ALA B 232 40.15 -37.24 0.98
C ALA B 232 39.68 -36.28 -0.10
N LEU B 233 38.62 -35.51 0.18
CA LEU B 233 38.16 -34.51 -0.78
C LEU B 233 39.21 -33.43 -1.03
N HIS B 234 39.97 -33.06 -0.01
CA HIS B 234 41.00 -32.05 -0.20
C HIS B 234 42.05 -32.51 -1.22
N ARG B 235 42.41 -33.80 -1.17
CA ARG B 235 43.41 -34.31 -2.11
C ARG B 235 42.90 -34.33 -3.55
N ARG B 236 41.57 -34.28 -3.77
CA ARG B 236 40.96 -34.21 -5.09
C ARG B 236 40.73 -32.78 -5.57
N TYR B 237 40.01 -32.00 -4.74
CA TYR B 237 39.52 -30.69 -5.15
C TYR B 237 40.46 -29.54 -4.78
N GLY B 238 41.39 -29.72 -3.83
CA GLY B 238 42.38 -28.70 -3.53
C GLY B 238 41.91 -27.67 -2.53
N ASP B 239 42.85 -26.78 -2.13
CA ASP B 239 42.64 -25.74 -1.10
C ASP B 239 41.61 -24.68 -1.49
N ARG B 240 41.32 -24.48 -2.77
CA ARG B 240 40.33 -23.48 -3.16
C ARG B 240 38.90 -23.88 -2.78
N TYR B 241 38.60 -25.17 -2.80
CA TYR B 241 37.24 -25.65 -2.59
C TYR B 241 37.04 -26.45 -1.30
N ILE B 242 38.11 -26.83 -0.60
CA ILE B 242 38.02 -27.60 0.64
C ILE B 242 38.86 -26.88 1.70
N ASN B 243 38.22 -26.50 2.82
CA ASN B 243 38.87 -25.91 3.99
C ASN B 243 39.00 -27.00 5.07
N LEU B 244 40.24 -27.39 5.38
CA LEU B 244 40.50 -28.48 6.34
C LEU B 244 40.10 -28.14 7.77
N ARG B 245 39.74 -26.88 8.08
CA ARG B 245 39.22 -26.51 9.40
C ARG B 245 37.81 -25.92 9.30
N GLY B 246 37.13 -26.10 8.16
CA GLY B 246 35.77 -25.59 7.97
C GLY B 246 34.77 -26.64 7.50
N PRO B 247 33.51 -26.25 7.31
CA PRO B 247 32.48 -27.22 6.87
C PRO B 247 32.71 -27.68 5.42
N ILE B 248 32.24 -28.89 5.11
CA ILE B 248 32.34 -29.43 3.74
C ILE B 248 31.23 -28.83 2.86
N PRO B 249 31.51 -28.40 1.61
CA PRO B 249 30.43 -27.96 0.73
C PRO B 249 29.40 -29.06 0.47
N ALA B 250 28.12 -28.67 0.54
CA ALA B 250 27.03 -29.63 0.72
C ALA B 250 26.75 -30.49 -0.51
N HIS B 251 27.41 -30.25 -1.66
CA HIS B 251 27.15 -30.95 -2.91
C HIS B 251 28.21 -31.98 -3.29
N LEU B 252 29.25 -32.19 -2.49
CA LEU B 252 30.36 -33.05 -2.88
C LEU B 252 30.35 -34.44 -2.22
N LEU B 253 29.27 -34.83 -1.54
CA LEU B 253 29.31 -36.04 -0.71
C LEU B 253 28.50 -37.20 -1.29
N GLY B 254 28.03 -37.09 -2.56
CA GLY B 254 27.48 -38.22 -3.29
C GLY B 254 25.97 -38.29 -3.38
N ASP B 255 25.27 -37.30 -2.82
CA ASP B 255 23.84 -37.35 -2.50
C ASP B 255 23.34 -35.91 -2.46
N MET B 256 22.13 -35.66 -3.00
CA MET B 256 21.61 -34.28 -3.05
C MET B 256 21.51 -33.62 -1.67
N TRP B 257 21.31 -34.41 -0.60
CA TRP B 257 21.12 -33.91 0.76
C TRP B 257 22.34 -34.16 1.64
N ALA B 258 23.45 -34.64 1.05
CA ALA B 258 24.62 -35.08 1.82
C ALA B 258 24.20 -36.08 2.93
N GLN B 259 23.13 -36.86 2.73
CA GLN B 259 22.61 -37.63 3.85
C GLN B 259 23.26 -39.00 3.99
N SER B 260 23.82 -39.53 2.91
CA SER B 260 24.70 -40.69 2.99
C SER B 260 25.78 -40.59 1.90
N TRP B 261 26.95 -41.16 2.22
CA TRP B 261 28.13 -40.88 1.45
C TRP B 261 28.69 -42.10 0.69
N GLU B 262 27.91 -43.18 0.54
CA GLU B 262 28.46 -44.40 -0.06
C GLU B 262 28.87 -44.22 -1.52
N ASN B 263 28.28 -43.25 -2.23
CA ASN B 263 28.60 -43.07 -3.64
C ASN B 263 29.94 -42.38 -3.87
N ILE B 264 30.61 -41.89 -2.82
CA ILE B 264 32.00 -41.42 -2.94
C ILE B 264 32.99 -42.41 -2.32
N TYR B 265 32.56 -43.68 -2.10
CA TYR B 265 33.48 -44.72 -1.58
C TYR B 265 34.80 -44.78 -2.37
N ASP B 266 34.76 -44.61 -3.70
CA ASP B 266 35.98 -44.80 -4.48
C ASP B 266 37.02 -43.70 -4.24
N MET B 267 36.67 -42.56 -3.67
CA MET B 267 37.66 -41.57 -3.29
C MET B 267 38.21 -41.76 -1.87
N VAL B 268 37.60 -42.63 -1.06
CA VAL B 268 37.90 -42.74 0.36
C VAL B 268 38.47 -44.11 0.75
N VAL B 269 38.35 -45.11 -0.10
CA VAL B 269 38.73 -46.49 0.21
C VAL B 269 40.18 -46.60 0.66
N PRO B 270 40.44 -47.14 1.86
CA PRO B 270 41.83 -47.17 2.36
C PRO B 270 42.75 -48.14 1.64
N PHE B 271 42.29 -49.31 1.25
CA PHE B 271 43.16 -50.37 0.70
C PHE B 271 42.61 -50.83 -0.65
N PRO B 272 42.86 -50.05 -1.71
CA PRO B 272 42.29 -50.36 -3.03
C PRO B 272 42.82 -51.61 -3.75
N ASP B 273 43.86 -52.28 -3.30
CA ASP B 273 44.22 -53.54 -4.00
C ASP B 273 43.42 -54.77 -3.48
N LYS B 274 42.49 -54.54 -2.55
CA LYS B 274 41.60 -55.65 -2.14
C LYS B 274 40.36 -55.69 -3.04
N PRO B 275 39.44 -56.65 -2.82
CA PRO B 275 38.26 -56.75 -3.71
C PRO B 275 37.42 -55.47 -3.70
N ASN B 276 36.91 -55.07 -4.88
CA ASN B 276 36.08 -53.89 -5.03
C ASN B 276 34.67 -54.17 -4.51
N LEU B 277 34.32 -53.53 -3.38
CA LEU B 277 33.07 -53.81 -2.69
C LEU B 277 31.87 -53.06 -3.24
N ASP B 278 32.06 -52.17 -4.22
CA ASP B 278 30.93 -51.59 -4.97
C ASP B 278 30.68 -52.50 -6.17
N VAL B 279 29.61 -53.28 -6.10
CA VAL B 279 29.39 -54.28 -7.12
C VAL B 279 28.50 -53.75 -8.25
N THR B 280 28.23 -52.43 -8.28
CA THR B 280 27.38 -51.89 -9.33
C THR B 280 27.89 -52.28 -10.73
N SER B 281 29.19 -52.11 -11.00
CA SER B 281 29.68 -52.36 -12.36
C SER B 281 29.52 -53.83 -12.76
N THR B 282 29.62 -54.75 -11.79
CA THR B 282 29.34 -56.17 -12.05
C THR B 282 27.85 -56.43 -12.31
N MET B 283 26.95 -55.72 -11.61
CA MET B 283 25.53 -55.85 -11.90
C MET B 283 25.24 -55.46 -13.35
N LEU B 284 25.88 -54.40 -13.83
CA LEU B 284 25.64 -53.98 -15.20
C LEU B 284 26.23 -54.96 -16.19
N GLN B 285 27.43 -55.47 -15.89
CA GLN B 285 28.06 -56.42 -16.79
C GLN B 285 27.22 -57.67 -16.97
N GLN B 286 26.60 -58.15 -15.89
CA GLN B 286 25.78 -59.35 -15.92
C GLN B 286 24.36 -59.11 -16.43
N GLY B 287 23.97 -57.87 -16.73
CA GLY B 287 22.63 -57.64 -17.26
C GLY B 287 21.51 -57.62 -16.23
N TRP B 288 21.79 -57.27 -14.97
CA TRP B 288 20.70 -57.17 -13.99
C TRP B 288 19.69 -56.11 -14.42
N GLN B 289 18.40 -56.39 -14.13
CA GLN B 289 17.27 -55.47 -14.36
C GLN B 289 16.42 -55.33 -13.08
N ALA B 290 15.44 -54.42 -13.10
CA ALA B 290 14.60 -54.21 -11.91
C ALA B 290 13.94 -55.50 -11.42
N THR B 291 13.37 -56.32 -12.32
CA THR B 291 12.69 -57.54 -11.87
C THR B 291 13.65 -58.51 -11.18
N HIS B 292 14.88 -58.66 -11.69
CA HIS B 292 15.86 -59.51 -11.00
C HIS B 292 16.12 -59.00 -9.58
N MET B 293 16.26 -57.69 -9.42
CA MET B 293 16.55 -57.14 -8.08
C MET B 293 15.45 -57.51 -7.09
N PHE B 294 14.19 -57.40 -7.51
CA PHE B 294 13.07 -57.73 -6.66
C PHE B 294 12.97 -59.23 -6.39
N ARG B 295 13.28 -60.09 -7.38
CA ARG B 295 13.22 -61.54 -7.16
C ARG B 295 14.31 -62.04 -6.22
N VAL B 296 15.52 -61.47 -6.31
CA VAL B 296 16.61 -61.80 -5.38
C VAL B 296 16.29 -61.37 -3.94
N ALA B 297 15.70 -60.17 -3.76
CA ALA B 297 15.25 -59.76 -2.42
C ALA B 297 14.17 -60.71 -1.89
N GLU B 298 13.17 -61.00 -2.71
CA GLU B 298 12.15 -61.95 -2.29
C GLU B 298 12.76 -63.26 -1.78
N GLU B 299 13.76 -63.79 -2.49
CA GLU B 299 14.29 -65.11 -2.13
C GLU B 299 15.06 -65.09 -0.81
N PHE B 300 15.68 -63.93 -0.43
CA PHE B 300 16.18 -63.82 0.95
C PHE B 300 15.03 -63.97 1.97
N PHE B 301 13.90 -63.28 1.73
CA PHE B 301 12.77 -63.42 2.68
C PHE B 301 12.27 -64.88 2.75
N THR B 302 12.14 -65.57 1.60
CA THR B 302 11.67 -66.96 1.62
C THR B 302 12.72 -67.92 2.19
N SER B 303 14.02 -67.58 2.13
CA SER B 303 15.04 -68.42 2.78
C SER B 303 14.83 -68.48 4.30
N LEU B 304 14.24 -67.43 4.87
CA LEU B 304 13.96 -67.37 6.29
C LEU B 304 12.61 -68.00 6.63
N GLU B 305 11.91 -68.55 5.64
CA GLU B 305 10.54 -69.06 5.80
C GLU B 305 9.56 -67.95 6.16
N LEU B 306 9.82 -66.74 5.65
CA LEU B 306 8.83 -65.67 5.63
C LEU B 306 8.08 -65.76 4.30
N SER B 307 7.13 -64.82 4.05
CA SER B 307 6.21 -65.00 2.92
C SER B 307 6.81 -64.46 1.62
N PRO B 308 6.54 -65.15 0.50
CA PRO B 308 6.81 -64.58 -0.83
C PRO B 308 5.83 -63.45 -1.14
N MET B 309 6.14 -62.68 -2.17
CA MET B 309 5.21 -61.65 -2.63
C MET B 309 4.04 -62.30 -3.36
N PRO B 310 2.80 -61.88 -3.10
CA PRO B 310 1.65 -62.51 -3.74
C PRO B 310 1.48 -62.07 -5.19
N PRO B 311 0.63 -62.78 -5.97
CA PRO B 311 0.43 -62.37 -7.37
C PRO B 311 -0.01 -60.94 -7.53
N GLU B 312 -0.89 -60.48 -6.65
CA GLU B 312 -1.36 -59.10 -6.72
C GLU B 312 -0.23 -58.09 -6.61
N PHE B 313 0.82 -58.41 -5.87
CA PHE B 313 2.00 -57.53 -5.81
C PHE B 313 2.68 -57.44 -7.18
N TRP B 314 2.91 -58.60 -7.86
CA TRP B 314 3.62 -58.57 -9.15
C TRP B 314 2.76 -57.93 -10.25
N GLU B 315 1.45 -58.17 -10.22
CA GLU B 315 0.57 -57.61 -11.25
C GLU B 315 0.35 -56.11 -11.08
N GLY B 316 0.33 -55.62 -9.85
CA GLY B 316 -0.05 -54.24 -9.59
C GLY B 316 1.09 -53.23 -9.39
N SER B 317 2.28 -53.70 -9.05
CA SER B 317 3.36 -52.77 -8.71
C SER B 317 3.87 -52.04 -9.96
N MET B 318 4.52 -50.90 -9.71
CA MET B 318 5.25 -50.11 -10.72
C MET B 318 6.73 -50.19 -10.35
N LEU B 319 7.49 -51.01 -11.08
CA LEU B 319 8.88 -51.26 -10.70
C LEU B 319 9.90 -50.50 -11.56
N GLU B 320 9.46 -49.75 -12.59
CA GLU B 320 10.33 -48.90 -13.39
C GLU B 320 9.62 -47.60 -13.72
N LYS B 321 10.39 -46.55 -13.94
CA LYS B 321 9.84 -45.26 -14.38
C LYS B 321 9.11 -45.45 -15.70
N PRO B 322 7.86 -45.00 -15.84
CA PRO B 322 7.12 -45.19 -17.10
C PRO B 322 7.80 -44.52 -18.29
N ALA B 323 7.76 -45.20 -19.42
CA ALA B 323 8.38 -44.72 -20.65
C ALA B 323 7.46 -43.87 -21.51
N ASP B 324 6.19 -43.74 -21.18
CA ASP B 324 5.28 -42.86 -21.93
C ASP B 324 5.38 -41.38 -21.53
N GLY B 325 6.40 -40.97 -20.78
CA GLY B 325 6.52 -39.58 -20.36
C GLY B 325 5.50 -39.09 -19.34
N ARG B 326 4.59 -39.95 -18.86
CA ARG B 326 3.72 -39.62 -17.74
C ARG B 326 4.54 -38.96 -16.63
N GLU B 327 3.93 -38.03 -15.90
CA GLU B 327 4.53 -37.52 -14.67
C GLU B 327 4.12 -38.42 -13.52
N VAL B 328 5.09 -38.82 -12.67
CA VAL B 328 4.85 -39.69 -11.52
C VAL B 328 5.64 -39.21 -10.30
N VAL B 329 5.23 -39.68 -9.12
CA VAL B 329 6.04 -39.57 -7.90
C VAL B 329 7.09 -40.68 -7.96
N CYS B 330 8.34 -40.34 -8.25
CA CYS B 330 9.35 -41.39 -8.38
C CYS B 330 9.89 -41.91 -7.04
N HIS B 331 9.80 -41.13 -5.96
CA HIS B 331 10.36 -41.51 -4.67
C HIS B 331 9.80 -42.86 -4.22
N ALA B 332 10.69 -43.80 -3.93
CA ALA B 332 10.28 -45.18 -3.64
C ALA B 332 9.34 -45.26 -2.44
N SER B 333 8.27 -46.06 -2.56
CA SER B 333 7.33 -46.22 -1.44
C SER B 333 6.59 -47.56 -1.51
N ALA B 334 6.18 -48.04 -0.33
CA ALA B 334 5.39 -49.27 -0.14
C ALA B 334 3.96 -48.94 0.28
N TRP B 335 3.04 -49.78 -0.15
CA TRP B 335 1.59 -49.51 -0.11
C TRP B 335 0.77 -50.68 0.43
N ASP B 336 0.04 -50.44 1.53
CA ASP B 336 -0.99 -51.33 2.08
C ASP B 336 -2.39 -50.77 1.72
N PHE B 337 -3.19 -51.56 0.99
CA PHE B 337 -4.51 -51.09 0.56
C PHE B 337 -5.62 -51.39 1.57
N TYR B 338 -5.29 -52.06 2.68
CA TYR B 338 -6.20 -52.31 3.80
C TYR B 338 -7.36 -53.20 3.37
N ASN B 339 -7.18 -54.01 2.33
CA ASN B 339 -8.19 -54.99 1.95
C ASN B 339 -7.70 -56.44 2.10
N ARG B 340 -6.55 -56.66 2.75
N ARG B 340 -6.54 -56.65 2.73
CA ARG B 340 -5.96 -57.98 2.96
CA ARG B 340 -5.95 -57.97 2.96
C ARG B 340 -5.47 -58.65 1.68
C ARG B 340 -5.53 -58.67 1.67
N LYS B 341 -5.62 -58.00 0.52
CA LYS B 341 -5.26 -58.62 -0.75
C LYS B 341 -4.23 -57.81 -1.55
N ASP B 342 -4.40 -56.49 -1.68
CA ASP B 342 -3.55 -55.68 -2.54
C ASP B 342 -2.42 -55.04 -1.73
N PHE B 343 -1.19 -55.24 -2.21
CA PHE B 343 0.06 -54.76 -1.61
C PHE B 343 1.03 -54.44 -2.75
N ARG B 344 1.67 -53.26 -2.73
CA ARG B 344 2.44 -52.81 -3.90
C ARG B 344 3.64 -51.95 -3.51
N ILE B 345 4.66 -51.98 -4.38
CA ILE B 345 5.77 -51.02 -4.35
C ILE B 345 5.70 -50.15 -5.61
N LYS B 346 6.03 -48.88 -5.44
CA LYS B 346 6.12 -47.89 -6.53
C LYS B 346 7.53 -47.33 -6.49
N GLN B 347 8.39 -47.76 -7.42
CA GLN B 347 9.80 -47.34 -7.41
C GLN B 347 10.31 -47.17 -8.83
N CYS B 348 11.04 -46.07 -9.08
CA CYS B 348 11.68 -45.84 -10.37
C CYS B 348 13.08 -46.47 -10.36
N THR B 349 13.08 -47.81 -10.28
CA THR B 349 14.29 -48.57 -9.95
C THR B 349 15.40 -48.34 -10.97
N ARG B 350 16.62 -48.11 -10.48
CA ARG B 350 17.85 -48.07 -11.29
C ARG B 350 18.75 -49.23 -10.86
N VAL B 351 19.60 -49.70 -11.77
CA VAL B 351 20.45 -50.86 -11.51
C VAL B 351 21.74 -50.35 -10.86
N THR B 352 21.74 -50.29 -9.54
CA THR B 352 22.93 -49.97 -8.77
C THR B 352 22.90 -50.78 -7.45
N MET B 353 24.06 -50.81 -6.77
CA MET B 353 24.13 -51.47 -5.47
C MET B 353 23.26 -50.73 -4.43
N ASP B 354 23.30 -49.40 -4.38
CA ASP B 354 22.49 -48.78 -3.31
C ASP B 354 20.98 -48.88 -3.59
N GLN B 355 20.57 -49.01 -4.86
CA GLN B 355 19.17 -49.32 -5.17
C GLN B 355 18.79 -50.75 -4.77
N LEU B 356 19.73 -51.70 -4.83
CA LEU B 356 19.43 -53.03 -4.31
C LEU B 356 19.09 -52.98 -2.83
N SER B 357 19.78 -52.13 -2.06
CA SER B 357 19.41 -51.94 -0.66
C SER B 357 18.04 -51.28 -0.52
N THR B 358 17.72 -50.32 -1.39
CA THR B 358 16.42 -49.66 -1.33
C THR B 358 15.28 -50.65 -1.60
N VAL B 359 15.47 -51.57 -2.57
CA VAL B 359 14.49 -52.62 -2.85
C VAL B 359 14.21 -53.43 -1.57
N HIS B 360 15.28 -53.79 -0.82
CA HIS B 360 15.11 -54.56 0.42
C HIS B 360 14.37 -53.75 1.48
N HIS B 361 14.71 -52.47 1.57
CA HIS B 361 14.02 -51.57 2.54
C HIS B 361 12.51 -51.57 2.29
N GLU B 362 12.09 -51.37 1.03
CA GLU B 362 10.67 -51.33 0.69
C GLU B 362 9.99 -52.67 0.87
N MET B 363 10.67 -53.76 0.49
CA MET B 363 10.05 -55.08 0.67
C MET B 363 9.91 -55.43 2.16
N GLY B 364 10.76 -54.87 3.02
CA GLY B 364 10.54 -55.02 4.46
C GLY B 364 9.21 -54.45 4.92
N HIS B 365 8.79 -53.28 4.37
CA HIS B 365 7.47 -52.72 4.69
C HIS B 365 6.37 -53.70 4.23
N ILE B 366 6.51 -54.27 3.02
CA ILE B 366 5.50 -55.21 2.48
C ILE B 366 5.38 -56.43 3.38
N GLN B 367 6.52 -57.02 3.79
CA GLN B 367 6.46 -58.20 4.65
C GLN B 367 5.75 -57.91 5.96
N TYR B 368 5.99 -56.72 6.58
CA TYR B 368 5.24 -56.34 7.78
C TYR B 368 3.73 -56.37 7.50
N TYR B 369 3.29 -55.76 6.39
CA TYR B 369 1.87 -55.74 6.03
C TYR B 369 1.32 -57.15 5.89
N LEU B 370 2.07 -58.03 5.22
CA LEU B 370 1.58 -59.39 4.97
C LEU B 370 1.40 -60.14 6.29
N GLN B 371 2.28 -59.92 7.25
CA GLN B 371 2.25 -60.68 8.50
C GLN B 371 1.16 -60.19 9.45
N TYR B 372 0.75 -58.93 9.39
CA TYR B 372 -0.27 -58.49 10.34
C TYR B 372 -1.63 -58.19 9.68
N LYS B 373 -1.85 -58.65 8.44
CA LYS B 373 -3.04 -58.31 7.67
C LYS B 373 -4.35 -58.83 8.27
N ASP B 374 -4.30 -59.82 9.16
CA ASP B 374 -5.52 -60.35 9.74
C ASP B 374 -5.83 -59.76 11.11
N LEU B 375 -5.04 -58.81 11.58
CA LEU B 375 -5.42 -58.07 12.77
C LEU B 375 -6.49 -57.04 12.44
N PRO B 376 -7.18 -56.55 13.45
CA PRO B 376 -8.05 -55.37 13.26
C PRO B 376 -7.30 -54.20 12.66
N VAL B 377 -8.00 -53.46 11.80
CA VAL B 377 -7.38 -52.42 10.99
C VAL B 377 -6.60 -51.44 11.85
N SER B 378 -7.14 -51.09 13.03
CA SER B 378 -6.48 -50.11 13.88
C SER B 378 -5.12 -50.61 14.39
N LEU B 379 -4.86 -51.90 14.34
CA LEU B 379 -3.59 -52.44 14.83
C LEU B 379 -2.61 -52.84 13.72
N ARG B 380 -2.92 -52.50 12.47
CA ARG B 380 -2.05 -52.82 11.34
C ARG B 380 -1.01 -51.71 11.16
N ARG B 381 -0.10 -51.64 12.15
N ARG B 381 -0.07 -51.67 12.11
CA ARG B 381 0.99 -50.67 12.21
CA ARG B 381 1.02 -50.72 12.12
C ARG B 381 2.20 -51.39 12.81
C ARG B 381 2.21 -51.37 12.82
N GLY B 382 3.38 -50.75 12.70
CA GLY B 382 4.53 -51.23 13.45
C GLY B 382 4.42 -50.91 14.94
N ALA B 383 5.15 -51.66 15.76
CA ALA B 383 5.09 -51.45 17.20
C ALA B 383 5.40 -49.98 17.57
N ASN B 384 6.38 -49.35 16.88
CA ASN B 384 6.41 -47.90 16.67
C ASN B 384 6.91 -47.67 15.24
N PRO B 385 6.87 -46.44 14.69
CA PRO B 385 7.29 -46.27 13.28
C PRO B 385 8.75 -46.66 13.02
N GLY B 386 9.63 -46.57 14.03
CA GLY B 386 11.02 -46.99 13.84
C GLY B 386 11.18 -48.47 13.53
N PHE B 387 10.30 -49.31 14.13
CA PHE B 387 10.28 -50.75 13.81
C PHE B 387 10.02 -51.00 12.32
N HIS B 388 9.01 -50.30 11.75
CA HIS B 388 8.68 -50.48 10.33
C HIS B 388 9.86 -50.14 9.43
N GLU B 389 10.62 -49.10 9.78
CA GLU B 389 11.78 -48.73 8.97
C GLU B 389 12.96 -49.69 9.10
N ALA B 390 13.06 -50.44 10.20
CA ALA B 390 14.25 -51.26 10.42
C ALA B 390 14.21 -52.62 9.71
N ILE B 391 13.04 -53.14 9.34
CA ILE B 391 12.92 -54.55 8.93
C ILE B 391 13.78 -54.84 7.70
N GLY B 392 13.58 -54.09 6.62
CA GLY B 392 14.33 -54.35 5.41
C GLY B 392 15.82 -54.08 5.55
N ASP B 393 16.18 -53.06 6.34
CA ASP B 393 17.59 -52.71 6.51
C ASP B 393 18.36 -53.85 7.20
N VAL B 394 17.72 -54.56 8.16
CA VAL B 394 18.38 -55.67 8.86
C VAL B 394 18.76 -56.79 7.88
N LEU B 395 17.83 -57.19 7.00
CA LEU B 395 18.20 -58.17 5.96
C LEU B 395 19.31 -57.64 5.05
N ALA B 396 19.28 -56.33 4.70
CA ALA B 396 20.28 -55.76 3.82
C ALA B 396 21.68 -55.73 4.45
N LEU B 397 21.76 -55.70 5.78
CA LEU B 397 23.04 -55.84 6.48
C LEU B 397 23.68 -57.19 6.16
N SER B 398 22.90 -58.27 6.11
CA SER B 398 23.45 -59.56 5.72
C SER B 398 23.82 -59.59 4.24
N VAL B 399 22.94 -59.05 3.36
CA VAL B 399 23.17 -59.16 1.93
C VAL B 399 24.46 -58.48 1.52
N SER B 400 24.83 -57.39 2.18
CA SER B 400 26.00 -56.62 1.74
C SER B 400 27.35 -57.17 2.23
N THR B 401 27.38 -58.18 3.09
CA THR B 401 28.66 -58.76 3.51
C THR B 401 29.38 -59.34 2.30
N PRO B 402 30.73 -59.19 2.23
CA PRO B 402 31.47 -59.80 1.11
C PRO B 402 31.17 -61.27 0.91
N GLU B 403 30.93 -62.01 1.99
CA GLU B 403 30.62 -63.43 1.93
C GLU B 403 29.29 -63.68 1.24
N HIS B 404 28.25 -62.87 1.54
CA HIS B 404 26.97 -63.08 0.88
C HIS B 404 27.02 -62.70 -0.59
N LEU B 405 27.74 -61.60 -0.90
CA LEU B 405 27.86 -61.16 -2.28
C LEU B 405 28.51 -62.24 -3.12
N HIS B 406 29.49 -62.96 -2.56
CA HIS B 406 30.10 -64.10 -3.27
C HIS B 406 29.06 -65.17 -3.56
N LYS B 407 28.21 -65.51 -2.59
CA LYS B 407 27.20 -66.56 -2.76
C LYS B 407 26.23 -66.24 -3.89
N ILE B 408 25.92 -64.97 -4.16
CA ILE B 408 24.96 -64.65 -5.21
C ILE B 408 25.66 -64.19 -6.50
N GLY B 409 26.98 -64.43 -6.62
CA GLY B 409 27.68 -64.20 -7.88
C GLY B 409 28.07 -62.77 -8.15
N LEU B 410 28.09 -61.89 -7.13
CA LEU B 410 28.41 -60.49 -7.33
C LEU B 410 29.83 -60.11 -6.85
N LEU B 411 30.60 -61.05 -6.28
CA LEU B 411 31.98 -60.74 -5.83
C LEU B 411 32.79 -62.02 -5.94
N ASP B 412 33.66 -62.09 -6.93
CA ASP B 412 34.37 -63.33 -7.20
C ASP B 412 35.46 -63.58 -6.16
N ARG B 413 36.28 -62.58 -5.87
CA ARG B 413 37.43 -62.72 -4.99
C ARG B 413 37.01 -62.73 -3.51
N VAL B 414 37.63 -63.63 -2.73
CA VAL B 414 37.30 -63.80 -1.31
C VAL B 414 38.56 -63.54 -0.47
N THR B 415 38.45 -62.74 0.58
CA THR B 415 39.56 -62.47 1.44
C THR B 415 39.09 -62.33 2.91
N ASN B 416 39.94 -62.59 3.88
CA ASN B 416 39.62 -62.41 5.28
C ASN B 416 40.90 -61.92 5.98
N ASP B 417 41.14 -60.63 5.97
CA ASP B 417 42.29 -60.02 6.58
C ASP B 417 41.91 -58.68 7.21
N THR B 418 42.79 -58.04 7.96
CA THR B 418 42.40 -56.83 8.69
C THR B 418 42.16 -55.65 7.72
N GLU B 419 42.90 -55.57 6.61
CA GLU B 419 42.69 -54.49 5.62
C GLU B 419 41.32 -54.58 4.96
N SER B 420 40.89 -55.80 4.62
CA SER B 420 39.58 -56.03 4.01
C SER B 420 38.45 -55.70 4.97
N ASP B 421 38.65 -55.97 6.26
CA ASP B 421 37.67 -55.61 7.28
C ASP B 421 37.53 -54.08 7.40
N ILE B 422 38.65 -53.35 7.34
CA ILE B 422 38.59 -51.88 7.42
C ILE B 422 37.88 -51.32 6.19
N ASN B 423 38.14 -51.87 4.98
CA ASN B 423 37.42 -51.42 3.78
C ASN B 423 35.92 -51.55 3.98
N TYR B 424 35.47 -52.73 4.43
CA TYR B 424 34.03 -53.02 4.54
C TYR B 424 33.38 -52.14 5.60
N LEU B 425 33.99 -52.05 6.80
CA LEU B 425 33.42 -51.22 7.85
C LEU B 425 33.45 -49.72 7.49
N LEU B 426 34.44 -49.29 6.69
CA LEU B 426 34.43 -47.91 6.22
C LEU B 426 33.29 -47.68 5.24
N LYS B 427 33.06 -48.61 4.32
CA LYS B 427 31.94 -48.46 3.40
C LYS B 427 30.62 -48.43 4.15
N MET B 428 30.43 -49.30 5.16
CA MET B 428 29.20 -49.31 5.93
C MET B 428 29.04 -48.03 6.76
N ALA B 429 30.16 -47.43 7.21
CA ALA B 429 30.09 -46.17 7.95
C ALA B 429 29.62 -45.02 7.05
N LEU B 430 30.03 -45.02 5.77
CA LEU B 430 29.57 -43.97 4.85
C LEU B 430 28.07 -44.04 4.66
N GLU B 431 27.52 -45.24 4.73
CA GLU B 431 26.08 -45.44 4.55
C GLU B 431 25.28 -45.17 5.81
N LYS B 432 25.78 -45.59 6.98
CA LYS B 432 25.00 -45.60 8.22
C LYS B 432 25.42 -44.52 9.22
N ILE B 433 26.71 -44.33 9.48
N ILE B 433 26.71 -44.32 9.47
CA ILE B 433 27.15 -43.29 10.41
CA ILE B 433 27.15 -43.29 10.42
C ILE B 433 26.92 -41.89 9.84
C ILE B 433 26.94 -41.88 9.85
N ALA B 434 27.22 -41.67 8.56
CA ALA B 434 27.05 -40.34 7.98
C ALA B 434 25.60 -39.85 8.06
N PHE B 435 24.64 -40.79 8.04
CA PHE B 435 23.22 -40.44 8.08
C PHE B 435 22.79 -39.96 9.46
N LEU B 436 23.45 -40.42 10.53
CA LEU B 436 22.95 -40.14 11.88
C LEU B 436 22.63 -38.67 12.15
N PRO B 437 23.53 -37.70 11.91
CA PRO B 437 23.16 -36.30 12.12
C PRO B 437 21.99 -35.84 11.28
N PHE B 438 21.89 -36.24 10.00
CA PHE B 438 20.75 -35.81 9.19
C PHE B 438 19.43 -36.40 9.72
N GLY B 439 19.43 -37.70 10.06
CA GLY B 439 18.24 -38.34 10.60
C GLY B 439 17.74 -37.67 11.89
N TYR B 440 18.65 -37.08 12.68
CA TYR B 440 18.30 -36.42 13.94
C TYR B 440 17.79 -34.99 13.70
N LEU B 441 18.39 -34.26 12.73
CA LEU B 441 18.17 -32.81 12.66
C LEU B 441 16.87 -32.42 11.94
N VAL B 442 16.39 -33.21 11.02
CA VAL B 442 15.19 -32.83 10.26
C VAL B 442 13.94 -32.51 11.13
N ASP B 443 13.64 -33.38 12.05
CA ASP B 443 12.48 -33.16 12.89
C ASP B 443 12.82 -32.11 14.01
N GLN B 444 14.10 -31.90 14.33
N GLN B 444 14.10 -31.93 14.38
CA GLN B 444 14.42 -30.83 15.24
CA GLN B 444 14.42 -30.79 15.24
C GLN B 444 13.95 -29.50 14.53
C GLN B 444 13.99 -29.48 14.57
N TRP B 445 14.28 -29.33 13.27
CA TRP B 445 13.81 -28.17 12.51
C TRP B 445 12.29 -28.10 12.48
N ARG B 446 11.64 -29.21 12.15
CA ARG B 446 10.20 -29.23 11.94
C ARG B 446 9.41 -29.06 13.25
N TRP B 447 9.92 -29.63 14.35
CA TRP B 447 9.28 -29.42 15.65
C TRP B 447 9.32 -27.94 16.05
N GLY B 448 10.41 -27.24 15.74
CA GLY B 448 10.47 -25.81 16.01
C GLY B 448 9.54 -24.99 15.14
N VAL B 449 9.32 -25.41 13.89
CA VAL B 449 8.33 -24.76 13.03
C VAL B 449 6.92 -24.95 13.61
N PHE B 450 6.57 -26.19 14.01
CA PHE B 450 5.23 -26.46 14.55
C PHE B 450 5.00 -25.69 15.85
N SER B 451 6.02 -25.54 16.69
CA SER B 451 5.84 -24.86 17.98
C SER B 451 5.89 -23.32 17.89
N GLY B 452 6.21 -22.75 16.72
CA GLY B 452 6.35 -21.30 16.57
C GLY B 452 7.72 -20.74 16.92
N ARG B 453 8.62 -21.58 17.44
CA ARG B 453 9.99 -21.14 17.70
C ARG B 453 10.71 -20.69 16.42
N THR B 454 10.41 -21.33 15.30
CA THR B 454 10.93 -20.97 13.98
C THR B 454 9.76 -20.45 13.15
N PRO B 455 9.50 -19.14 13.10
CA PRO B 455 8.49 -18.59 12.18
C PRO B 455 9.00 -18.56 10.75
N PRO B 456 8.13 -18.27 9.79
CA PRO B 456 8.56 -18.15 8.37
C PRO B 456 9.77 -17.25 8.13
N SER B 457 9.90 -16.15 8.89
CA SER B 457 11.03 -15.23 8.74
C SER B 457 12.39 -15.88 9.04
N ARG B 458 12.42 -17.10 9.60
CA ARG B 458 13.66 -17.82 9.90
C ARG B 458 13.69 -19.28 9.38
N TYR B 459 12.82 -19.67 8.44
CA TYR B 459 12.85 -21.05 7.95
C TYR B 459 14.26 -21.48 7.49
N ASN B 460 14.91 -20.68 6.62
CA ASN B 460 16.21 -21.08 6.04
C ASN B 460 17.39 -20.82 6.98
N PHE B 461 17.33 -19.72 7.73
CA PHE B 461 18.33 -19.42 8.77
C PHE B 461 18.44 -20.58 9.77
N ASP B 462 17.30 -21.10 10.25
CA ASP B 462 17.33 -22.15 11.26
C ASP B 462 17.66 -23.51 10.63
N TRP B 463 17.26 -23.71 9.37
CA TRP B 463 17.66 -24.92 8.63
C TRP B 463 19.18 -25.01 8.50
N TRP B 464 19.81 -23.95 8.00
CA TRP B 464 21.28 -23.99 7.86
C TRP B 464 22.02 -23.89 9.20
N TYR B 465 21.44 -23.28 10.26
CA TYR B 465 22.05 -23.43 11.59
C TYR B 465 22.14 -24.92 11.98
N LEU B 466 21.06 -25.68 11.81
CA LEU B 466 21.08 -27.09 12.21
C LEU B 466 21.95 -27.92 11.28
N ARG B 467 21.92 -27.64 9.97
CA ARG B 467 22.75 -28.43 9.04
C ARG B 467 24.23 -28.27 9.37
N THR B 468 24.69 -27.05 9.68
CA THR B 468 26.09 -26.86 10.05
C THR B 468 26.43 -27.43 11.43
N LYS B 469 25.58 -27.16 12.44
CA LYS B 469 25.82 -27.67 13.81
C LYS B 469 26.04 -29.18 13.85
N TYR B 470 25.18 -29.92 13.17
CA TYR B 470 25.22 -31.37 13.24
C TYR B 470 26.02 -32.03 12.11
N GLN B 471 25.76 -31.70 10.83
CA GLN B 471 26.47 -32.35 9.71
C GLN B 471 27.83 -31.70 9.36
N GLY B 472 28.09 -30.46 9.76
CA GLY B 472 29.37 -29.86 9.39
C GLY B 472 29.49 -29.59 7.90
N ILE B 473 28.40 -29.13 7.28
CA ILE B 473 28.36 -28.75 5.89
C ILE B 473 27.88 -27.31 5.76
N CYS B 474 28.10 -26.73 4.57
CA CYS B 474 27.74 -25.36 4.21
C CYS B 474 27.18 -25.32 2.80
N PRO B 475 26.27 -24.40 2.52
CA PRO B 475 25.76 -24.26 1.13
C PRO B 475 26.85 -23.73 0.20
N PRO B 476 26.96 -24.26 -1.02
CA PRO B 476 28.04 -23.84 -1.94
C PRO B 476 27.71 -22.60 -2.77
N VAL B 477 26.49 -22.07 -2.67
CA VAL B 477 26.14 -20.73 -3.14
C VAL B 477 25.43 -20.01 -1.99
N THR B 478 25.42 -18.68 -2.06
CA THR B 478 24.75 -17.88 -1.03
C THR B 478 23.25 -18.12 -1.03
N ARG B 479 22.65 -18.16 0.18
CA ARG B 479 21.21 -18.35 0.36
C ARG B 479 20.63 -17.22 1.21
N ASN B 480 19.33 -16.97 1.05
CA ASN B 480 18.60 -16.02 1.88
C ASN B 480 17.18 -16.54 2.12
N GLU B 481 16.30 -15.74 2.79
CA GLU B 481 15.00 -16.28 3.20
C GLU B 481 14.01 -16.39 2.06
N THR B 482 14.35 -15.95 0.86
CA THR B 482 13.55 -16.32 -0.30
C THR B 482 13.72 -17.80 -0.64
N HIS B 483 14.88 -18.37 -0.34
CA HIS B 483 15.07 -19.81 -0.51
C HIS B 483 14.40 -20.56 0.64
N PHE B 484 13.98 -21.80 0.35
CA PHE B 484 13.31 -22.67 1.33
C PHE B 484 13.90 -24.07 1.14
N ASP B 485 15.15 -24.25 1.58
CA ASP B 485 15.92 -25.45 1.27
C ASP B 485 15.40 -26.72 1.99
N ALA B 486 14.74 -26.60 3.16
CA ALA B 486 14.05 -27.75 3.74
C ALA B 486 12.97 -28.32 2.80
N GLY B 487 12.31 -27.45 2.02
CA GLY B 487 11.28 -27.91 1.13
C GLY B 487 11.79 -28.74 -0.06
N ALA B 488 13.09 -28.68 -0.35
CA ALA B 488 13.68 -29.48 -1.43
C ALA B 488 14.01 -30.92 -1.00
N LYS B 489 13.59 -31.35 0.20
CA LYS B 489 13.71 -32.73 0.67
C LYS B 489 12.30 -33.35 0.73
N PHE B 490 12.12 -34.48 0.04
CA PHE B 490 10.79 -35.12 -0.17
C PHE B 490 9.83 -35.05 1.03
N HIS B 491 10.25 -35.55 2.18
CA HIS B 491 9.36 -35.74 3.31
C HIS B 491 8.72 -34.45 3.84
N VAL B 492 9.27 -33.27 3.52
CA VAL B 492 8.75 -32.00 4.06
C VAL B 492 7.47 -31.64 3.28
N PRO B 493 7.49 -31.43 1.96
CA PRO B 493 6.22 -31.15 1.27
C PRO B 493 5.27 -32.35 1.26
N ASN B 494 5.79 -33.58 1.37
CA ASN B 494 4.92 -34.75 1.39
C ASN B 494 4.51 -35.19 2.81
N VAL B 495 4.78 -34.37 3.83
CA VAL B 495 4.33 -34.46 5.23
C VAL B 495 4.48 -35.86 5.84
N THR B 496 5.69 -36.42 5.77
CA THR B 496 6.07 -37.68 6.40
C THR B 496 7.06 -37.41 7.52
N PRO B 497 6.79 -37.83 8.76
CA PRO B 497 7.76 -37.61 9.86
C PRO B 497 9.11 -38.27 9.63
N TYR B 498 10.17 -37.72 10.26
CA TYR B 498 11.53 -38.17 9.95
C TYR B 498 12.27 -38.86 11.11
N ILE B 499 11.95 -38.60 12.40
CA ILE B 499 12.76 -39.15 13.50
C ILE B 499 12.75 -40.69 13.51
N ARG B 500 11.74 -41.29 12.87
CA ARG B 500 11.69 -42.74 12.65
C ARG B 500 12.97 -43.32 12.02
N TYR B 501 13.64 -42.58 11.13
CA TYR B 501 14.85 -43.08 10.49
C TYR B 501 16.05 -43.01 11.45
N PHE B 502 16.11 -41.99 12.31
CA PHE B 502 17.14 -41.98 13.35
C PHE B 502 16.97 -43.16 14.31
N VAL B 503 15.73 -43.39 14.78
CA VAL B 503 15.45 -44.55 15.64
C VAL B 503 15.89 -45.84 14.94
N SER B 504 15.50 -45.98 13.68
CA SER B 504 15.76 -47.19 12.92
C SER B 504 17.27 -47.47 12.79
N PHE B 505 18.08 -46.42 12.56
CA PHE B 505 19.49 -46.69 12.30
C PHE B 505 20.22 -47.16 13.56
N VAL B 506 19.68 -46.90 14.74
CA VAL B 506 20.18 -47.52 15.97
C VAL B 506 19.57 -48.91 16.18
N LEU B 507 18.24 -48.98 16.03
CA LEU B 507 17.48 -50.21 16.32
C LEU B 507 17.89 -51.37 15.43
N GLN B 508 18.20 -51.11 14.16
CA GLN B 508 18.51 -52.22 13.25
C GLN B 508 19.76 -52.99 13.69
N PHE B 509 20.71 -52.34 14.39
CA PHE B 509 21.86 -53.08 14.91
C PHE B 509 21.48 -53.93 16.13
N GLN B 510 20.51 -53.48 16.94
CA GLN B 510 19.97 -54.32 18.00
C GLN B 510 19.30 -55.56 17.42
N PHE B 511 18.51 -55.40 16.36
CA PHE B 511 17.87 -56.54 15.71
C PHE B 511 18.92 -57.50 15.12
N HIS B 512 19.90 -56.96 14.40
CA HIS B 512 20.95 -57.78 13.77
C HIS B 512 21.67 -58.65 14.81
N GLU B 513 22.08 -58.04 15.92
CA GLU B 513 22.76 -58.78 16.97
C GLU B 513 21.90 -59.94 17.49
N ALA B 514 20.61 -59.68 17.74
CA ALA B 514 19.73 -60.73 18.28
C ALA B 514 19.48 -61.86 17.27
N LEU B 515 19.25 -61.53 16.00
CA LEU B 515 19.00 -62.58 15.03
C LEU B 515 20.25 -63.40 14.73
N CYS B 516 21.43 -62.75 14.71
CA CYS B 516 22.66 -63.50 14.52
C CYS B 516 22.88 -64.50 15.65
N LYS B 517 22.62 -64.10 16.91
CA LYS B 517 22.73 -65.04 18.03
C LYS B 517 21.76 -66.21 17.87
N GLU B 518 20.50 -65.92 17.54
CA GLU B 518 19.50 -66.97 17.41
C GLU B 518 19.85 -67.92 16.27
N ALA B 519 20.53 -67.42 15.22
CA ALA B 519 20.96 -68.26 14.11
C ALA B 519 22.12 -69.18 14.48
N GLY B 520 22.69 -69.02 15.66
CA GLY B 520 23.84 -69.80 16.05
C GLY B 520 25.17 -69.29 15.53
N TYR B 521 25.24 -68.04 15.06
CA TYR B 521 26.49 -67.50 14.53
C TYR B 521 27.42 -67.05 15.65
N GLU B 522 28.72 -67.30 15.48
CA GLU B 522 29.67 -67.03 16.56
C GLU B 522 30.90 -66.23 16.14
N GLY B 523 30.99 -65.75 14.90
CA GLY B 523 32.08 -64.86 14.53
C GLY B 523 31.82 -63.39 14.82
N PRO B 524 32.67 -62.52 14.26
CA PRO B 524 32.46 -61.07 14.44
C PRO B 524 31.13 -60.64 13.85
N LEU B 525 30.47 -59.73 14.57
CA LEU B 525 29.12 -59.32 14.23
C LEU B 525 29.02 -58.79 12.80
N HIS B 526 30.04 -58.06 12.33
CA HIS B 526 29.95 -57.48 11.00
C HIS B 526 30.19 -58.47 9.87
N GLN B 527 30.48 -59.74 10.19
CA GLN B 527 30.56 -60.79 9.17
C GLN B 527 29.40 -61.78 9.26
N CYS B 528 28.44 -61.55 10.14
CA CYS B 528 27.25 -62.41 10.21
C CYS B 528 26.39 -62.31 8.95
N ASP B 529 25.86 -63.46 8.51
CA ASP B 529 24.88 -63.54 7.42
C ASP B 529 23.78 -64.49 7.87
N ILE B 530 22.54 -63.99 8.00
CA ILE B 530 21.45 -64.83 8.51
C ILE B 530 20.73 -65.60 7.40
N TYR B 531 21.18 -65.48 6.13
CA TYR B 531 20.58 -66.20 5.02
C TYR B 531 20.35 -67.66 5.37
N ARG B 532 19.16 -68.15 5.03
CA ARG B 532 18.72 -69.53 5.22
C ARG B 532 18.55 -69.95 6.69
N SER B 533 18.53 -69.03 7.66
CA SER B 533 18.27 -69.38 9.06
C SER B 533 16.79 -69.34 9.37
N THR B 534 16.16 -70.52 9.43
CA THR B 534 14.75 -70.58 9.77
C THR B 534 14.50 -70.19 11.23
N LYS B 535 15.49 -70.35 12.12
CA LYS B 535 15.34 -69.92 13.52
C LYS B 535 15.34 -68.39 13.64
N ALA B 536 16.20 -67.73 12.88
CA ALA B 536 16.15 -66.26 12.84
C ALA B 536 14.82 -65.81 12.27
N GLY B 537 14.38 -66.46 11.19
CA GLY B 537 13.10 -66.12 10.58
C GLY B 537 11.96 -66.15 11.57
N ALA B 538 11.92 -67.21 12.39
CA ALA B 538 10.82 -67.37 13.34
C ALA B 538 10.85 -66.29 14.42
N LYS B 539 12.04 -65.88 14.85
CA LYS B 539 12.15 -64.77 15.81
C LYS B 539 11.65 -63.46 15.21
N LEU B 540 12.02 -63.17 13.96
CA LEU B 540 11.54 -61.94 13.32
C LEU B 540 10.04 -61.99 13.09
N ARG B 541 9.52 -63.16 12.69
N ARG B 541 9.51 -63.15 12.66
CA ARG B 541 8.11 -63.30 12.39
CA ARG B 541 8.08 -63.26 12.39
C ARG B 541 7.22 -62.95 13.58
C ARG B 541 7.26 -62.85 13.60
N LYS B 542 7.69 -63.26 14.80
CA LYS B 542 6.94 -62.94 16.01
C LYS B 542 6.77 -61.43 16.19
N VAL B 543 7.82 -60.65 15.91
CA VAL B 543 7.69 -59.20 15.93
C VAL B 543 6.66 -58.74 14.91
N LEU B 544 6.76 -59.23 13.66
CA LEU B 544 5.94 -58.69 12.57
C LEU B 544 4.46 -58.98 12.79
N ARG B 545 4.13 -60.18 13.27
CA ARG B 545 2.74 -60.55 13.51
C ARG B 545 2.08 -59.78 14.64
N ALA B 546 2.84 -59.10 15.50
CA ALA B 546 2.27 -58.36 16.62
C ALA B 546 1.65 -57.04 16.22
N GLY B 547 2.04 -56.46 15.09
CA GLY B 547 1.53 -55.14 14.74
C GLY B 547 1.73 -54.16 15.88
N SER B 548 0.70 -53.36 16.15
CA SER B 548 0.71 -52.40 17.24
C SER B 548 -0.17 -52.86 18.41
N SER B 549 -0.36 -54.17 18.54
CA SER B 549 -1.26 -54.71 19.56
C SER B 549 -0.68 -54.62 20.96
N ARG B 550 0.65 -54.50 21.09
CA ARG B 550 1.36 -54.45 22.37
C ARG B 550 2.34 -53.28 22.41
N PRO B 551 2.62 -52.76 23.60
CA PRO B 551 3.63 -51.67 23.71
C PRO B 551 4.97 -52.11 23.16
N TRP B 552 5.61 -51.21 22.40
CA TRP B 552 6.84 -51.55 21.70
C TRP B 552 7.95 -51.95 22.66
N GLN B 553 7.99 -51.34 23.87
CA GLN B 553 9.01 -51.67 24.86
C GLN B 553 8.97 -53.14 25.25
N GLU B 554 7.78 -53.73 25.31
CA GLU B 554 7.60 -55.14 25.63
C GLU B 554 7.96 -56.04 24.46
N VAL B 555 7.59 -55.64 23.23
CA VAL B 555 7.94 -56.42 22.04
C VAL B 555 9.46 -56.49 21.88
N LEU B 556 10.14 -55.35 22.09
CA LEU B 556 11.60 -55.31 21.99
C LEU B 556 12.27 -56.23 23.02
N LYS B 557 11.77 -56.23 24.26
CA LYS B 557 12.37 -57.08 25.30
C LYS B 557 12.28 -58.56 24.95
N ASP B 558 11.13 -59.02 24.45
CA ASP B 558 11.02 -60.39 24.01
C ASP B 558 12.04 -60.69 22.93
N MET B 559 12.30 -59.72 22.04
CA MET B 559 13.15 -59.99 20.88
C MET B 559 14.62 -59.94 21.23
N VAL B 560 15.06 -58.90 21.93
CA VAL B 560 16.48 -58.67 22.13
C VAL B 560 16.89 -58.73 23.59
N GLY B 561 15.97 -58.86 24.53
CA GLY B 561 16.34 -58.93 25.93
C GLY B 561 16.40 -57.61 26.68
N LEU B 562 16.07 -56.49 26.03
CA LEU B 562 16.17 -55.15 26.64
C LEU B 562 14.94 -54.36 26.21
N ASP B 563 14.45 -53.46 27.08
CA ASP B 563 13.22 -52.72 26.82
C ASP B 563 13.47 -51.27 26.37
N ALA B 564 14.67 -50.97 25.84
CA ALA B 564 14.98 -49.61 25.43
C ALA B 564 15.89 -49.62 24.20
N LEU B 565 15.81 -48.54 23.43
CA LEU B 565 16.84 -48.25 22.45
C LEU B 565 18.20 -48.18 23.12
N ASP B 566 19.22 -48.72 22.45
CA ASP B 566 20.56 -48.89 23.00
C ASP B 566 21.59 -48.79 21.88
N ALA B 567 22.59 -47.91 22.02
CA ALA B 567 23.60 -47.75 20.99
C ALA B 567 24.71 -48.81 21.02
N GLN B 568 24.77 -49.66 22.04
CA GLN B 568 25.93 -50.53 22.19
C GLN B 568 26.08 -51.52 21.03
N PRO B 569 25.02 -52.12 20.48
CA PRO B 569 25.26 -53.00 19.33
C PRO B 569 25.84 -52.29 18.11
N LEU B 570 25.44 -51.04 17.83
CA LEU B 570 26.04 -50.31 16.74
C LEU B 570 27.53 -50.05 17.02
N LEU B 571 27.86 -49.66 18.25
CA LEU B 571 29.27 -49.41 18.58
C LEU B 571 30.10 -50.69 18.45
N LYS B 572 29.56 -51.81 18.91
CA LYS B 572 30.26 -53.09 18.79
C LYS B 572 30.49 -53.47 17.33
N TYR B 573 29.46 -53.31 16.49
CA TYR B 573 29.57 -53.62 15.06
C TYR B 573 30.75 -52.87 14.41
N PHE B 574 30.92 -51.57 14.74
CA PHE B 574 31.88 -50.68 14.09
C PHE B 574 33.24 -50.56 14.81
N GLN B 575 33.42 -51.23 15.94
CA GLN B 575 34.56 -50.98 16.83
C GLN B 575 35.91 -50.89 16.09
N LEU B 576 36.19 -51.83 15.18
CA LEU B 576 37.50 -51.84 14.51
C LEU B 576 37.75 -50.58 13.68
N VAL B 577 36.76 -50.12 12.93
CA VAL B 577 36.99 -48.92 12.13
C VAL B 577 36.88 -47.63 12.99
N THR B 578 36.14 -47.64 14.11
CA THR B 578 36.14 -46.49 14.99
C THR B 578 37.54 -46.21 15.53
N GLN B 579 38.24 -47.26 15.98
CA GLN B 579 39.59 -47.09 16.48
C GLN B 579 40.55 -46.71 15.36
N TRP B 580 40.43 -47.32 14.20
CA TRP B 580 41.34 -47.03 13.08
C TRP B 580 41.25 -45.57 12.63
N LEU B 581 40.02 -45.04 12.51
CA LEU B 581 39.85 -43.66 12.04
C LEU B 581 40.43 -42.67 13.06
N GLN B 582 40.21 -42.96 14.35
CA GLN B 582 40.77 -42.13 15.41
C GLN B 582 42.29 -42.09 15.29
N GLU B 583 42.93 -43.25 15.11
CA GLU B 583 44.40 -43.30 14.96
C GLU B 583 44.87 -42.56 13.72
N GLN B 584 44.21 -42.79 12.57
CA GLN B 584 44.62 -42.14 11.34
C GLN B 584 44.50 -40.61 11.43
N ASN B 585 43.40 -40.09 12.01
CA ASN B 585 43.26 -38.64 12.07
C ASN B 585 44.34 -38.02 12.95
N GLN B 586 44.70 -38.69 14.06
CA GLN B 586 45.79 -38.20 14.92
C GLN B 586 47.13 -38.17 14.17
N GLN B 587 47.44 -39.25 13.46
CA GLN B 587 48.66 -39.31 12.67
C GLN B 587 48.70 -38.26 11.57
N ASN B 588 47.56 -37.91 11.02
CA ASN B 588 47.54 -36.91 9.96
C ASN B 588 47.42 -35.50 10.49
N GLY B 589 47.34 -35.34 11.81
CA GLY B 589 47.19 -34.02 12.43
C GLY B 589 45.90 -33.28 12.13
N GLU B 590 44.78 -34.01 11.99
CA GLU B 590 43.51 -33.35 11.68
C GLU B 590 42.99 -32.57 12.87
N VAL B 591 42.24 -31.51 12.58
CA VAL B 591 41.37 -30.92 13.61
C VAL B 591 39.98 -31.53 13.46
N LEU B 592 39.45 -32.07 14.54
CA LEU B 592 38.09 -32.59 14.56
C LEU B 592 37.11 -31.43 14.71
N GLY B 593 36.09 -31.41 13.87
CA GLY B 593 35.15 -30.32 13.85
C GLY B 593 35.45 -29.32 12.75
N TRP B 594 34.80 -28.16 12.86
CA TRP B 594 34.81 -27.12 11.84
C TRP B 594 34.83 -25.74 12.51
N PRO B 595 35.95 -25.38 13.16
CA PRO B 595 36.00 -24.11 13.90
C PRO B 595 35.88 -22.87 13.02
N GLU B 596 36.18 -22.96 11.72
CA GLU B 596 35.91 -21.86 10.79
C GLU B 596 34.49 -21.99 10.25
N TYR B 597 33.51 -21.76 11.16
CA TYR B 597 32.11 -22.01 10.90
C TYR B 597 31.51 -21.03 9.90
N GLN B 598 32.19 -19.91 9.60
CA GLN B 598 31.69 -18.92 8.63
C GLN B 598 32.08 -19.24 7.19
N TRP B 599 32.96 -20.20 6.97
CA TRP B 599 33.55 -20.39 5.65
C TRP B 599 32.55 -20.97 4.65
N HIS B 600 32.57 -20.41 3.44
CA HIS B 600 31.88 -20.92 2.27
C HIS B 600 32.88 -20.91 1.11
N PRO B 601 32.74 -21.83 0.16
CA PRO B 601 33.67 -21.88 -0.98
C PRO B 601 33.36 -20.81 -2.02
N PRO B 602 34.33 -20.42 -2.85
CA PRO B 602 34.04 -19.47 -3.94
C PRO B 602 33.34 -20.14 -5.12
N LEU B 603 32.84 -19.30 -6.04
CA LEU B 603 32.22 -19.80 -7.25
C LEU B 603 33.29 -20.22 -8.25
N PRO B 604 33.02 -21.23 -9.07
CA PRO B 604 33.95 -21.56 -10.15
C PRO B 604 34.06 -20.44 -11.17
N ASP B 605 35.20 -20.44 -11.88
CA ASP B 605 35.46 -19.44 -12.91
C ASP B 605 34.41 -19.53 -14.00
N ASN B 606 33.82 -18.39 -14.33
CA ASN B 606 32.83 -18.33 -15.40
C ASN B 606 31.63 -19.22 -15.07
N TYR B 607 31.09 -19.05 -13.86
CA TYR B 607 29.92 -19.85 -13.49
C TYR B 607 28.69 -18.95 -13.57
N PRO B 608 27.56 -19.41 -14.11
CA PRO B 608 27.22 -20.76 -14.55
C PRO B 608 27.65 -21.15 -15.96
N GLU B 609 28.45 -20.33 -16.60
CA GLU B 609 28.86 -20.64 -17.95
C GLU B 609 30.06 -21.60 -17.89
N GLY B 610 30.59 -21.97 -19.05
CA GLY B 610 31.80 -22.75 -19.05
C GLY B 610 31.66 -24.22 -18.71
N ILE B 611 30.43 -24.74 -18.65
CA ILE B 611 30.21 -26.16 -18.45
C ILE B 611 29.80 -26.80 -19.77
N LEU C 1 -6.29 -19.78 -5.16
CA LEU C 1 -7.15 -18.62 -4.82
C LEU C 1 -7.05 -18.36 -3.31
N ASP C 2 -6.82 -17.12 -2.93
CA ASP C 2 -6.74 -16.75 -1.53
C ASP C 2 -8.04 -17.14 -0.82
N PRO C 3 -7.97 -17.61 0.44
CA PRO C 3 -9.22 -18.01 1.14
C PRO C 3 -10.28 -16.91 1.17
N GLY C 4 -9.88 -15.64 1.32
CA GLY C 4 -10.87 -14.59 1.37
C GLY C 4 -11.71 -14.47 0.11
N LEU C 5 -11.25 -15.04 -1.00
CA LEU C 5 -11.94 -14.96 -2.29
C LEU C 5 -12.71 -16.22 -2.63
N GLN C 6 -12.68 -17.23 -1.76
CA GLN C 6 -13.31 -18.53 -1.97
C GLN C 6 -14.75 -18.49 -1.50
N PRO C 7 -15.66 -19.18 -2.17
CA PRO C 7 -17.05 -19.21 -1.71
C PRO C 7 -17.22 -20.15 -0.53
N GLY C 8 -17.99 -19.70 0.47
CA GLY C 8 -18.36 -20.52 1.61
C GLY C 8 -19.59 -21.37 1.36
N GLN C 9 -20.39 -21.57 2.42
CA GLN C 9 -21.53 -22.46 2.40
C GLN C 9 -22.84 -21.67 2.31
N PHE C 10 -23.76 -22.15 1.47
CA PHE C 10 -25.05 -21.49 1.28
C PHE C 10 -26.12 -22.55 1.03
N SER C 11 -27.34 -22.24 1.47
CA SER C 11 -28.45 -23.17 1.30
C SER C 11 -28.93 -23.21 -0.14
N ALA C 12 -29.37 -24.41 -0.53
CA ALA C 12 -29.80 -24.69 -1.91
C ALA C 12 -31.29 -24.35 -2.09
N ASP C 13 -31.60 -23.08 -1.87
CA ASP C 13 -32.94 -22.57 -2.09
C ASP C 13 -32.83 -21.11 -2.52
N GLU C 14 -33.97 -20.50 -2.88
CA GLU C 14 -33.91 -19.14 -3.42
C GLU C 14 -33.37 -18.16 -2.39
N ALA C 15 -33.68 -18.35 -1.10
CA ALA C 15 -33.17 -17.41 -0.08
C ALA C 15 -31.64 -17.51 0.05
N GLY C 16 -31.08 -18.72 0.06
CA GLY C 16 -29.63 -18.85 0.10
C GLY C 16 -28.93 -18.33 -1.14
N ALA C 17 -29.55 -18.50 -2.31
CA ALA C 17 -28.99 -17.93 -3.53
C ALA C 17 -28.86 -16.42 -3.45
N GLN C 18 -29.81 -15.72 -2.78
CA GLN C 18 -29.65 -14.27 -2.61
C GLN C 18 -28.38 -13.95 -1.84
N LEU C 19 -28.10 -14.71 -0.76
CA LEU C 19 -26.88 -14.49 0.01
C LEU C 19 -25.64 -14.90 -0.79
N PHE C 20 -25.76 -15.97 -1.60
CA PHE C 20 -24.67 -16.37 -2.50
C PHE C 20 -24.29 -15.24 -3.47
N ALA C 21 -25.30 -14.58 -4.05
CA ALA C 21 -25.04 -13.49 -4.98
C ALA C 21 -24.41 -12.30 -4.28
N GLN C 22 -24.87 -11.98 -3.05
CA GLN C 22 -24.26 -10.89 -2.29
C GLN C 22 -22.80 -11.19 -1.95
N SER C 23 -22.49 -12.43 -1.57
CA SER C 23 -21.10 -12.76 -1.25
C SER C 23 -20.21 -12.71 -2.49
N TYR C 24 -20.73 -13.18 -3.63
CA TYR C 24 -20.00 -13.06 -4.90
C TYR C 24 -19.66 -11.60 -5.21
N GLN C 25 -20.64 -10.69 -5.11
CA GLN C 25 -20.41 -9.27 -5.38
C GLN C 25 -19.28 -8.71 -4.51
N SER C 26 -19.23 -9.13 -3.25
CA SER C 26 -18.29 -8.55 -2.28
C SER C 26 -16.84 -8.90 -2.60
N SER C 27 -16.59 -9.99 -3.35
CA SER C 27 -15.25 -10.33 -3.83
C SER C 27 -15.01 -10.00 -5.30
N ALA C 28 -16.06 -9.92 -6.13
CA ALA C 28 -15.88 -9.78 -7.58
C ALA C 28 -15.23 -8.45 -7.99
N GLU C 29 -15.53 -7.37 -7.27
CA GLU C 29 -15.09 -6.04 -7.70
C GLU C 29 -13.57 -5.94 -7.66
N GLN C 30 -12.93 -6.52 -6.66
CA GLN C 30 -11.47 -6.45 -6.60
C GLN C 30 -10.83 -7.31 -7.69
N VAL C 31 -11.44 -8.46 -8.02
CA VAL C 31 -10.85 -9.34 -9.02
C VAL C 31 -11.00 -8.72 -10.41
N LEU C 32 -12.19 -8.18 -10.70
CA LEU C 32 -12.40 -7.52 -11.99
C LEU C 32 -11.51 -6.28 -12.10
N PHE C 33 -11.41 -5.49 -11.02
CA PHE C 33 -10.60 -4.27 -11.06
C PHE C 33 -9.13 -4.58 -11.40
N GLN C 34 -8.52 -5.56 -10.73
CA GLN C 34 -7.10 -5.82 -11.00
C GLN C 34 -6.89 -6.22 -12.45
N SER C 35 -7.87 -6.88 -13.05
CA SER C 35 -7.78 -7.27 -14.47
C SER C 35 -7.90 -6.07 -15.40
N VAL C 36 -8.90 -5.19 -15.17
CA VAL C 36 -9.02 -3.98 -16.02
C VAL C 36 -7.79 -3.09 -15.88
N ALA C 37 -7.26 -2.93 -14.65
CA ALA C 37 -6.07 -2.09 -14.44
C ALA C 37 -4.87 -2.62 -15.21
N ALA C 38 -4.68 -3.95 -15.23
CA ALA C 38 -3.56 -4.54 -15.95
C ALA C 38 -3.70 -4.39 -17.47
N SER C 39 -4.92 -4.57 -17.98
CA SER C 39 -5.18 -4.32 -19.41
C SER C 39 -4.93 -2.87 -19.78
N TRP C 40 -5.32 -1.94 -18.90
CA TRP C 40 -5.07 -0.51 -19.15
C TRP C 40 -3.58 -0.23 -19.25
N ALA C 41 -2.81 -0.75 -18.29
CA ALA C 41 -1.36 -0.54 -18.32
C ALA C 41 -0.70 -1.09 -19.59
N HIS C 42 -1.22 -2.22 -20.11
CA HIS C 42 -0.72 -2.76 -21.39
C HIS C 42 -1.12 -1.89 -22.59
N ASP C 43 -2.42 -1.54 -22.67
CA ASP C 43 -2.96 -0.87 -23.87
C ASP C 43 -2.44 0.54 -24.03
N THR C 44 -2.05 1.17 -22.94
CA THR C 44 -1.42 2.47 -23.03
C THR C 44 0.14 2.46 -23.04
N ASN C 45 0.82 1.29 -23.08
CA ASN C 45 2.27 1.16 -23.03
C ASN C 45 2.52 -0.31 -23.36
N ILE C 46 2.51 -0.67 -24.62
CA ILE C 46 2.68 -2.07 -25.01
C ILE C 46 4.14 -2.56 -24.86
N THR C 47 4.42 -3.46 -23.91
CA THR C 47 5.72 -4.04 -23.65
C THR C 47 5.58 -5.49 -23.30
N ALA C 48 6.63 -6.27 -23.47
CA ALA C 48 6.56 -7.68 -23.10
C ALA C 48 6.20 -7.83 -21.62
N GLU C 49 6.76 -6.95 -20.78
CA GLU C 49 6.52 -7.03 -19.35
C GLU C 49 5.06 -6.71 -19.00
N ASN C 50 4.47 -5.73 -19.69
CA ASN C 50 3.07 -5.43 -19.39
C ASN C 50 2.13 -6.52 -19.89
N ALA C 51 2.50 -7.19 -20.97
CA ALA C 51 1.72 -8.34 -21.44
C ALA C 51 1.76 -9.47 -20.42
N ARG C 52 2.94 -9.71 -19.86
CA ARG C 52 3.10 -10.73 -18.83
C ARG C 52 2.21 -10.47 -17.64
N ARG C 53 2.19 -9.21 -17.17
CA ARG C 53 1.37 -8.88 -16.01
C ARG C 53 -0.13 -9.02 -16.30
N GLN C 54 -0.55 -8.68 -17.53
CA GLN C 54 -1.96 -8.78 -17.88
C GLN C 54 -2.39 -10.24 -17.96
N GLU C 55 -1.51 -11.10 -18.45
CA GLU C 55 -1.84 -12.53 -18.52
C GLU C 55 -1.93 -13.14 -17.12
N GLU C 56 -1.05 -12.73 -16.21
N GLU C 56 -1.07 -12.71 -16.19
CA GLU C 56 -1.12 -13.12 -14.79
CA GLU C 56 -1.17 -13.20 -14.81
C GLU C 56 -2.47 -12.74 -14.18
C GLU C 56 -2.48 -12.74 -14.16
N ALA C 57 -2.92 -11.51 -14.45
CA ALA C 57 -4.21 -11.05 -13.92
C ALA C 57 -5.38 -11.84 -14.53
N ALA C 58 -5.29 -12.12 -15.83
CA ALA C 58 -6.32 -12.94 -16.48
C ALA C 58 -6.40 -14.34 -15.87
N LEU C 59 -5.27 -14.93 -15.51
CA LEU C 59 -5.28 -16.26 -14.89
C LEU C 59 -6.00 -16.24 -13.55
N LEU C 60 -5.78 -15.19 -12.76
CA LEU C 60 -6.45 -15.08 -11.46
C LEU C 60 -7.96 -14.94 -11.65
N SER C 61 -8.39 -14.14 -12.63
CA SER C 61 -9.83 -14.04 -12.92
C SER C 61 -10.43 -15.39 -13.30
N GLN C 62 -9.70 -16.20 -14.06
CA GLN C 62 -10.25 -17.50 -14.43
C GLN C 62 -10.34 -18.43 -13.20
N GLU C 63 -9.37 -18.36 -12.30
CA GLU C 63 -9.45 -19.17 -11.10
C GLU C 63 -10.66 -18.77 -10.25
N PHE C 64 -10.89 -17.45 -10.10
CA PHE C 64 -12.07 -16.95 -9.38
C PHE C 64 -13.36 -17.45 -10.06
N ALA C 65 -13.45 -17.29 -11.38
CA ALA C 65 -14.67 -17.66 -12.08
C ALA C 65 -14.94 -19.15 -11.97
N GLU C 66 -13.88 -19.95 -11.92
CA GLU C 66 -14.04 -21.41 -11.78
C GLU C 66 -14.65 -21.78 -10.43
N ALA C 67 -14.13 -21.19 -9.36
CA ALA C 67 -14.58 -21.54 -8.01
C ALA C 67 -16.06 -21.19 -7.82
N TRP C 68 -16.45 -19.95 -8.16
CA TRP C 68 -17.82 -19.53 -7.94
C TRP C 68 -18.78 -20.13 -8.96
N GLY C 69 -18.31 -20.31 -10.19
CA GLY C 69 -19.16 -20.92 -11.20
C GLY C 69 -19.52 -22.36 -10.87
N GLN C 70 -18.52 -23.15 -10.43
CA GLN C 70 -18.81 -24.54 -10.07
C GLN C 70 -19.71 -24.61 -8.84
N LYS C 71 -19.54 -23.68 -7.90
CA LYS C 71 -20.41 -23.70 -6.73
C LYS C 71 -21.85 -23.37 -7.10
N ALA C 72 -22.05 -22.43 -8.02
CA ALA C 72 -23.40 -22.09 -8.46
C ALA C 72 -24.14 -23.31 -9.01
N LYS C 73 -23.47 -24.12 -9.84
CA LYS C 73 -24.12 -25.31 -10.41
C LYS C 73 -24.34 -26.37 -9.35
N GLU C 74 -23.35 -26.58 -8.48
CA GLU C 74 -23.49 -27.53 -7.39
C GLU C 74 -24.72 -27.24 -6.55
N LEU C 75 -24.98 -25.95 -6.26
CA LEU C 75 -26.10 -25.59 -5.38
C LEU C 75 -27.41 -25.36 -6.11
N TYR C 76 -27.41 -24.77 -7.31
CA TYR C 76 -28.65 -24.25 -7.90
C TYR C 76 -28.96 -24.72 -9.32
N GLU C 77 -28.13 -25.57 -9.91
CA GLU C 77 -28.34 -25.97 -11.31
C GLU C 77 -29.76 -26.46 -11.61
N PRO C 78 -30.38 -27.32 -10.80
CA PRO C 78 -31.72 -27.80 -11.13
C PRO C 78 -32.87 -26.89 -10.72
N ILE C 79 -32.64 -25.66 -10.22
CA ILE C 79 -33.73 -24.87 -9.68
C ILE C 79 -33.70 -23.37 -10.01
N TRP C 80 -32.54 -22.84 -10.36
CA TRP C 80 -32.43 -21.38 -10.47
C TRP C 80 -33.30 -20.81 -11.57
N GLN C 81 -33.60 -21.61 -12.60
CA GLN C 81 -34.40 -21.10 -13.70
C GLN C 81 -35.84 -20.86 -13.30
N GLN C 82 -36.27 -21.37 -12.14
N GLN C 82 -36.28 -21.40 -12.15
CA GLN C 82 -37.64 -21.18 -11.65
CA GLN C 82 -37.62 -21.19 -11.63
C GLN C 82 -37.75 -20.14 -10.54
C GLN C 82 -37.62 -20.41 -10.32
N PHE C 83 -36.64 -19.50 -10.16
CA PHE C 83 -36.68 -18.51 -9.07
C PHE C 83 -37.63 -17.36 -9.42
N THR C 84 -38.27 -16.79 -8.38
CA THR C 84 -39.26 -15.73 -8.59
C THR C 84 -38.65 -14.36 -8.73
N ASP C 85 -37.38 -14.19 -8.36
CA ASP C 85 -36.73 -12.90 -8.52
C ASP C 85 -36.05 -12.88 -9.87
N PRO C 86 -36.49 -12.05 -10.82
CA PRO C 86 -35.85 -12.07 -12.16
C PRO C 86 -34.42 -11.54 -12.18
N GLN C 87 -34.06 -10.56 -11.33
CA GLN C 87 -32.67 -10.10 -11.30
C GLN C 87 -31.76 -11.16 -10.72
N LEU C 88 -32.23 -11.87 -9.70
CA LEU C 88 -31.44 -12.98 -9.17
C LEU C 88 -31.19 -14.04 -10.22
N ARG C 89 -32.20 -14.36 -11.04
CA ARG C 89 -32.01 -15.36 -12.09
C ARG C 89 -30.90 -14.94 -13.06
N ARG C 90 -30.84 -13.64 -13.37
CA ARG C 90 -29.84 -13.16 -14.33
C ARG C 90 -28.43 -13.26 -13.74
N ILE C 91 -28.27 -12.94 -12.44
CA ILE C 91 -26.98 -13.05 -11.77
C ILE C 91 -26.52 -14.51 -11.75
N ILE C 92 -27.40 -15.41 -11.31
CA ILE C 92 -27.03 -16.82 -11.22
C ILE C 92 -26.72 -17.38 -12.61
N GLY C 93 -27.49 -16.97 -13.63
CA GLY C 93 -27.20 -17.42 -14.97
C GLY C 93 -25.84 -16.98 -15.48
N ALA C 94 -25.41 -15.77 -15.13
CA ALA C 94 -24.07 -15.30 -15.53
C ALA C 94 -22.97 -16.07 -14.80
N VAL C 95 -23.11 -16.22 -13.47
CA VAL C 95 -22.06 -16.85 -12.69
C VAL C 95 -21.83 -18.30 -13.11
N ARG C 96 -22.87 -19.00 -13.56
CA ARG C 96 -22.69 -20.41 -13.92
C ARG C 96 -22.08 -20.62 -15.31
N THR C 97 -21.84 -19.56 -16.09
CA THR C 97 -21.16 -19.63 -17.39
C THR C 97 -19.67 -19.33 -17.18
N LEU C 98 -18.81 -20.32 -17.36
CA LEU C 98 -17.40 -20.20 -17.00
C LEU C 98 -16.50 -19.71 -18.13
N GLY C 99 -16.91 -19.92 -19.39
CA GLY C 99 -16.08 -19.48 -20.51
C GLY C 99 -14.71 -20.14 -20.51
N SER C 100 -13.67 -19.32 -20.70
CA SER C 100 -12.29 -19.82 -20.82
C SER C 100 -11.81 -20.49 -19.53
N ALA C 101 -12.46 -20.22 -18.41
CA ALA C 101 -12.14 -20.92 -17.17
C ALA C 101 -12.51 -22.40 -17.21
N ASN C 102 -13.28 -22.86 -18.20
CA ASN C 102 -13.47 -24.29 -18.43
C ASN C 102 -12.21 -24.98 -18.89
N LEU C 103 -11.19 -24.24 -19.45
CA LEU C 103 -10.03 -24.91 -20.01
C LEU C 103 -9.07 -25.38 -18.91
N PRO C 104 -8.38 -26.49 -19.10
CA PRO C 104 -7.31 -26.85 -18.16
C PRO C 104 -6.20 -25.81 -18.18
N LEU C 105 -5.41 -25.82 -17.10
CA LEU C 105 -4.43 -24.75 -16.84
C LEU C 105 -3.56 -24.43 -18.07
N ALA C 106 -2.99 -25.45 -18.72
CA ALA C 106 -2.06 -25.17 -19.80
C ALA C 106 -2.75 -24.47 -20.96
N LYS C 107 -3.99 -24.85 -21.25
CA LYS C 107 -4.76 -24.21 -22.33
C LYS C 107 -5.28 -22.83 -21.95
N ARG C 108 -5.52 -22.56 -20.67
CA ARG C 108 -5.80 -21.17 -20.25
C ARG C 108 -4.60 -20.26 -20.54
N GLN C 109 -3.40 -20.71 -20.18
CA GLN C 109 -2.20 -19.92 -20.44
C GLN C 109 -2.00 -19.69 -21.93
N GLN C 110 -2.28 -20.70 -22.76
CA GLN C 110 -2.14 -20.57 -24.20
C GLN C 110 -3.15 -19.57 -24.79
N TYR C 111 -4.39 -19.65 -24.37
CA TYR C 111 -5.43 -18.74 -24.77
C TYR C 111 -5.08 -17.30 -24.37
N ASN C 112 -4.71 -17.07 -23.13
CA ASN C 112 -4.36 -15.72 -22.71
C ASN C 112 -3.19 -15.16 -23.53
N ALA C 113 -2.16 -15.95 -23.79
CA ALA C 113 -1.05 -15.45 -24.57
C ALA C 113 -1.46 -15.12 -26.01
N LEU C 114 -2.37 -15.91 -26.59
CA LEU C 114 -2.85 -15.61 -27.94
C LEU C 114 -3.53 -14.25 -28.01
N LEU C 115 -4.37 -13.92 -27.00
CA LEU C 115 -5.00 -12.60 -26.99
C LEU C 115 -3.96 -11.48 -26.93
N SER C 116 -2.91 -11.65 -26.12
CA SER C 116 -1.83 -10.65 -26.06
C SER C 116 -1.13 -10.50 -27.40
N GLN C 117 -0.79 -11.63 -28.05
CA GLN C 117 0.03 -11.54 -29.24
C GLN C 117 -0.75 -11.03 -30.45
N MET C 118 -2.01 -11.43 -30.58
CA MET C 118 -2.85 -10.87 -31.65
C MET C 118 -3.02 -9.36 -31.48
N SER C 119 -3.19 -8.91 -30.24
CA SER C 119 -3.35 -7.47 -29.99
C SER C 119 -2.09 -6.69 -30.36
N ARG C 120 -0.93 -7.19 -29.96
CA ARG C 120 0.33 -6.55 -30.29
C ARG C 120 0.53 -6.42 -31.81
N ILE C 121 0.26 -7.52 -32.55
CA ILE C 121 0.50 -7.53 -33.99
C ILE C 121 -0.35 -6.49 -34.70
N TYR C 122 -1.64 -6.42 -34.35
CA TYR C 122 -2.54 -5.46 -35.00
C TYR C 122 -2.12 -4.04 -34.71
N SER C 123 -1.85 -3.73 -33.44
CA SER C 123 -1.68 -2.32 -33.06
C SER C 123 -0.25 -1.79 -33.26
N THR C 124 0.73 -2.63 -33.62
CA THR C 124 2.08 -2.16 -33.94
C THR C 124 2.47 -2.34 -35.40
N ALA C 125 1.60 -2.90 -36.24
CA ALA C 125 1.89 -3.10 -37.65
C ALA C 125 2.06 -1.76 -38.37
N LYS C 126 2.94 -1.77 -39.37
CA LYS C 126 3.33 -0.56 -40.09
C LYS C 126 3.53 -0.85 -41.57
N VAL C 127 3.42 0.23 -42.37
CA VAL C 127 3.62 0.17 -43.82
C VAL C 127 4.86 1.01 -44.13
N CYS C 128 5.94 0.36 -44.57
CA CYS C 128 7.21 1.02 -44.85
C CYS C 128 7.34 1.25 -46.36
N LEU C 129 8.05 2.30 -46.73
CA LEU C 129 8.23 2.64 -48.14
C LEU C 129 9.37 1.84 -48.77
N PRO C 130 9.55 1.94 -50.10
CA PRO C 130 10.60 1.16 -50.74
C PRO C 130 11.90 1.94 -50.95
N THR C 135 10.86 6.20 -44.08
CA THR C 135 10.33 5.72 -42.80
C THR C 135 9.08 4.86 -43.02
N CYS C 136 8.18 4.78 -42.02
CA CYS C 136 7.03 3.90 -42.07
C CYS C 136 5.78 4.61 -41.57
N TRP C 137 4.64 4.23 -42.17
CA TRP C 137 3.34 4.81 -41.85
C TRP C 137 2.62 3.93 -40.84
N SER C 138 1.96 4.56 -39.88
CA SER C 138 1.09 3.85 -38.95
C SER C 138 -0.37 4.01 -39.38
N LEU C 139 -1.22 3.10 -38.93
CA LEU C 139 -2.62 3.19 -39.31
C LEU C 139 -3.19 4.53 -38.86
N ASP C 140 -2.94 4.91 -37.61
CA ASP C 140 -3.46 6.15 -37.01
C ASP C 140 -2.29 7.00 -36.55
N PRO C 141 -2.04 8.17 -37.15
CA PRO C 141 -2.82 8.91 -38.14
C PRO C 141 -2.54 8.71 -39.65
N ASP C 142 -1.41 8.11 -40.02
CA ASP C 142 -0.89 8.25 -41.38
C ASP C 142 -1.85 7.62 -42.42
N LEU C 143 -2.11 6.33 -42.31
CA LEU C 143 -2.93 5.65 -43.30
C LEU C 143 -4.38 6.13 -43.25
N THR C 144 -4.91 6.42 -42.05
CA THR C 144 -6.26 6.96 -41.95
C THR C 144 -6.39 8.26 -42.74
N ASN C 145 -5.38 9.13 -42.64
CA ASN C 145 -5.45 10.41 -43.33
C ASN C 145 -5.34 10.22 -44.85
N ILE C 146 -4.45 9.32 -45.31
CA ILE C 146 -4.36 9.00 -46.74
C ILE C 146 -5.71 8.51 -47.28
N LEU C 147 -6.29 7.49 -46.64
CA LEU C 147 -7.57 6.97 -47.13
C LEU C 147 -8.67 8.02 -47.14
N ALA C 148 -8.64 9.00 -46.20
CA ALA C 148 -9.69 10.00 -46.10
C ALA C 148 -9.57 11.16 -47.09
N SER C 149 -8.34 11.53 -47.50
N SER C 149 -8.34 11.52 -47.50
CA SER C 149 -8.12 12.75 -48.27
CA SER C 149 -8.10 12.76 -48.24
C SER C 149 -7.42 12.57 -49.61
C SER C 149 -7.43 12.56 -49.60
N SER C 150 -6.60 11.53 -49.78
CA SER C 150 -5.90 11.36 -51.05
C SER C 150 -6.89 11.00 -52.16
N ARG C 151 -6.69 11.59 -53.37
CA ARG C 151 -7.43 11.20 -54.55
C ARG C 151 -6.48 10.67 -55.63
N SER C 152 -5.34 10.13 -55.22
CA SER C 152 -4.40 9.49 -56.12
C SER C 152 -4.64 7.99 -56.08
N TYR C 153 -5.07 7.41 -57.22
CA TYR C 153 -5.42 6.00 -57.24
C TYR C 153 -4.27 5.16 -56.72
N ALA C 154 -3.03 5.44 -57.18
CA ALA C 154 -1.89 4.62 -56.82
C ALA C 154 -1.50 4.79 -55.36
N MET C 155 -1.61 6.02 -54.86
CA MET C 155 -1.31 6.29 -53.45
C MET C 155 -2.26 5.54 -52.51
N LEU C 156 -3.55 5.61 -52.83
CA LEU C 156 -4.57 4.86 -52.08
C LEU C 156 -4.30 3.36 -52.17
N LEU C 157 -3.93 2.86 -53.35
CA LEU C 157 -3.68 1.43 -53.50
C LEU C 157 -2.50 0.96 -52.64
N PHE C 158 -1.39 1.72 -52.67
CA PHE C 158 -0.23 1.38 -51.84
C PHE C 158 -0.59 1.28 -50.35
N ALA C 159 -1.39 2.23 -49.86
CA ALA C 159 -1.81 2.25 -48.46
C ALA C 159 -2.73 1.07 -48.12
N TRP C 160 -3.72 0.81 -48.97
CA TRP C 160 -4.65 -0.30 -48.77
C TRP C 160 -3.92 -1.65 -48.80
N GLU C 161 -3.11 -1.87 -49.85
CA GLU C 161 -2.40 -3.15 -49.97
C GLU C 161 -1.40 -3.32 -48.84
N GLY C 162 -0.63 -2.27 -48.55
CA GLY C 162 0.38 -2.34 -47.49
C GLY C 162 -0.19 -2.73 -46.14
N TRP C 163 -1.33 -2.14 -45.77
CA TRP C 163 -1.95 -2.39 -44.47
C TRP C 163 -2.51 -3.81 -44.38
N HIS C 164 -3.29 -4.21 -45.40
CA HIS C 164 -3.90 -5.54 -45.34
C HIS C 164 -2.82 -6.63 -45.27
N ASN C 165 -1.70 -6.44 -45.98
CA ASN C 165 -0.61 -7.42 -45.93
C ASN C 165 0.10 -7.41 -44.58
N ALA C 166 0.38 -6.21 -44.04
CA ALA C 166 1.14 -6.09 -42.79
C ALA C 166 0.38 -6.63 -41.60
N ALA C 167 -0.92 -6.34 -41.50
CA ALA C 167 -1.67 -6.76 -40.34
C ALA C 167 -2.22 -8.18 -40.49
N GLY C 168 -2.71 -8.51 -41.69
CA GLY C 168 -3.44 -9.76 -41.86
C GLY C 168 -2.57 -11.00 -41.86
N ILE C 169 -1.51 -10.99 -42.64
CA ILE C 169 -0.75 -12.23 -42.87
C ILE C 169 -0.26 -12.86 -41.57
N PRO C 170 0.44 -12.13 -40.69
CA PRO C 170 0.99 -12.80 -39.49
C PRO C 170 -0.07 -13.25 -38.48
N LEU C 171 -1.29 -12.74 -38.57
CA LEU C 171 -2.35 -13.14 -37.65
C LEU C 171 -2.95 -14.51 -37.93
N LYS C 172 -2.87 -15.00 -39.18
CA LYS C 172 -3.64 -16.19 -39.55
C LYS C 172 -3.37 -17.38 -38.65
N PRO C 173 -2.12 -17.80 -38.40
CA PRO C 173 -1.89 -18.99 -37.55
C PRO C 173 -2.43 -18.84 -36.13
N LEU C 174 -2.28 -17.65 -35.53
CA LEU C 174 -2.80 -17.42 -34.18
C LEU C 174 -4.32 -17.52 -34.15
N TYR C 175 -5.00 -16.98 -35.18
CA TYR C 175 -6.46 -16.90 -35.18
C TYR C 175 -7.09 -18.30 -35.28
N GLU C 176 -6.47 -19.20 -36.06
N GLU C 176 -6.48 -19.21 -36.05
CA GLU C 176 -6.92 -20.60 -36.10
CA GLU C 176 -6.96 -20.59 -36.08
C GLU C 176 -6.86 -21.23 -34.71
C GLU C 176 -6.88 -21.23 -34.69
N ASP C 177 -5.73 -21.07 -34.00
CA ASP C 177 -5.58 -21.62 -32.64
C ASP C 177 -6.57 -21.00 -31.64
N PHE C 178 -6.76 -19.68 -31.69
CA PHE C 178 -7.74 -19.06 -30.80
C PHE C 178 -9.15 -19.60 -31.05
N THR C 179 -9.51 -19.79 -32.33
CA THR C 179 -10.86 -20.29 -32.63
C THR C 179 -11.09 -21.67 -32.00
N ALA C 180 -10.09 -22.54 -32.05
CA ALA C 180 -10.25 -23.89 -31.52
C ALA C 180 -10.39 -23.87 -29.98
N LEU C 181 -9.57 -23.08 -29.29
CA LEU C 181 -9.65 -23.02 -27.83
C LEU C 181 -10.96 -22.39 -27.38
N SER C 182 -11.38 -21.35 -28.09
CA SER C 182 -12.63 -20.67 -27.71
C SER C 182 -13.81 -21.64 -27.77
N ASN C 183 -13.92 -22.38 -28.89
CA ASN C 183 -15.01 -23.36 -29.03
C ASN C 183 -14.94 -24.42 -27.93
N GLU C 184 -13.74 -24.92 -27.63
CA GLU C 184 -13.61 -25.93 -26.59
C GLU C 184 -14.10 -25.39 -25.24
N ALA C 185 -13.79 -24.13 -24.92
CA ALA C 185 -14.23 -23.57 -23.65
C ALA C 185 -15.76 -23.52 -23.57
N TYR C 186 -16.42 -22.95 -24.60
CA TYR C 186 -17.86 -22.70 -24.50
C TYR C 186 -18.69 -23.96 -24.74
N LYS C 187 -18.12 -24.99 -25.37
CA LYS C 187 -18.85 -26.25 -25.45
C LYS C 187 -19.19 -26.76 -24.06
N GLN C 188 -18.28 -26.56 -23.10
CA GLN C 188 -18.51 -27.01 -21.73
C GLN C 188 -19.62 -26.22 -21.03
N ASP C 189 -20.03 -25.06 -21.56
CA ASP C 189 -21.15 -24.30 -21.02
C ASP C 189 -22.47 -24.67 -21.70
N GLY C 190 -22.47 -25.64 -22.61
CA GLY C 190 -23.66 -26.07 -23.30
C GLY C 190 -23.88 -25.50 -24.68
N PHE C 191 -22.94 -24.71 -25.21
CA PHE C 191 -23.10 -24.06 -26.52
C PHE C 191 -22.43 -24.85 -27.64
N THR C 192 -23.09 -24.90 -28.79
CA THR C 192 -22.55 -25.70 -29.90
C THR C 192 -21.22 -25.13 -30.40
N ASP C 193 -21.06 -23.80 -30.35
CA ASP C 193 -19.83 -23.12 -30.70
C ASP C 193 -19.89 -21.71 -30.11
N THR C 194 -18.76 -21.00 -30.17
CA THR C 194 -18.68 -19.67 -29.57
C THR C 194 -19.74 -18.73 -30.13
N GLY C 195 -20.01 -18.80 -31.43
CA GLY C 195 -20.99 -17.87 -32.02
C GLY C 195 -22.40 -18.05 -31.48
N ALA C 196 -22.76 -19.30 -31.12
CA ALA C 196 -24.04 -19.52 -30.46
C ALA C 196 -24.09 -18.85 -29.09
N TYR C 197 -22.96 -18.82 -28.37
CA TYR C 197 -22.91 -18.08 -27.11
C TYR C 197 -23.09 -16.58 -27.37
N TRP C 198 -22.32 -16.02 -28.32
CA TRP C 198 -22.45 -14.59 -28.60
C TRP C 198 -23.90 -14.21 -28.95
N ARG C 199 -24.56 -15.03 -29.77
CA ARG C 199 -25.92 -14.72 -30.18
C ARG C 199 -26.93 -14.81 -29.02
N SER C 200 -26.62 -15.60 -27.97
CA SER C 200 -27.56 -15.84 -26.87
C SER C 200 -27.83 -14.58 -26.04
N TRP C 201 -26.93 -13.60 -26.13
CA TRP C 201 -27.15 -12.35 -25.42
C TRP C 201 -28.42 -11.64 -25.85
N TYR C 202 -28.95 -11.90 -27.06
CA TYR C 202 -30.14 -11.20 -27.55
C TYR C 202 -31.45 -11.93 -27.20
N ASN C 203 -31.39 -13.09 -26.56
N ASN C 203 -31.37 -13.11 -26.62
CA ASN C 203 -32.56 -13.79 -26.03
CA ASN C 203 -32.51 -13.83 -26.07
C ASN C 203 -33.75 -13.74 -27.00
C ASN C 203 -33.72 -13.76 -27.00
N SER C 204 -33.49 -14.22 -28.22
CA SER C 204 -34.52 -14.25 -29.23
C SER C 204 -34.32 -15.49 -30.11
N PRO C 205 -35.25 -16.44 -30.08
CA PRO C 205 -35.09 -17.63 -30.92
C PRO C 205 -35.10 -17.33 -32.40
N THR C 206 -35.57 -16.16 -32.81
CA THR C 206 -35.63 -15.81 -34.22
C THR C 206 -34.56 -14.79 -34.64
N PHE C 207 -33.47 -14.67 -33.87
CA PHE C 207 -32.51 -13.58 -34.06
C PHE C 207 -32.02 -13.48 -35.50
N GLU C 208 -31.45 -14.56 -36.05
CA GLU C 208 -30.87 -14.47 -37.38
C GLU C 208 -31.95 -14.21 -38.43
N ASP C 209 -33.14 -14.81 -38.27
CA ASP C 209 -34.23 -14.48 -39.20
C ASP C 209 -34.66 -13.02 -39.09
N ASP C 210 -34.70 -12.50 -37.86
CA ASP C 210 -35.11 -11.11 -37.64
C ASP C 210 -34.17 -10.13 -38.33
N LEU C 211 -32.86 -10.39 -38.24
CA LEU C 211 -31.87 -9.55 -38.89
C LEU C 211 -32.04 -9.58 -40.41
N GLU C 212 -32.29 -10.76 -41.00
N GLU C 212 -32.27 -10.77 -40.97
CA GLU C 212 -32.36 -10.80 -42.46
CA GLU C 212 -32.33 -10.92 -42.42
C GLU C 212 -33.57 -10.06 -43.00
C GLU C 212 -33.55 -10.21 -43.00
N HIS C 213 -34.69 -10.08 -42.26
N HIS C 213 -34.63 -10.14 -42.22
CA HIS C 213 -35.87 -9.33 -42.70
CA HIS C 213 -35.81 -9.38 -42.64
C HIS C 213 -35.64 -7.83 -42.62
C HIS C 213 -35.54 -7.89 -42.64
N LEU C 214 -34.93 -7.39 -41.57
CA LEU C 214 -34.54 -5.98 -41.51
C LEU C 214 -33.67 -5.59 -42.69
N TYR C 215 -32.63 -6.40 -43.00
CA TYR C 215 -31.73 -6.03 -44.08
C TYR C 215 -32.46 -5.97 -45.41
N GLN C 216 -33.44 -6.88 -45.61
CA GLN C 216 -34.23 -6.84 -46.84
C GLN C 216 -34.94 -5.52 -47.03
N GLN C 217 -35.41 -4.91 -45.93
CA GLN C 217 -36.05 -3.60 -46.04
C GLN C 217 -35.08 -2.47 -46.35
N LEU C 218 -33.82 -2.60 -45.89
CA LEU C 218 -32.80 -1.56 -46.03
C LEU C 218 -32.01 -1.61 -47.33
N GLU C 219 -31.94 -2.78 -47.97
CA GLU C 219 -31.04 -2.97 -49.10
C GLU C 219 -31.32 -2.00 -50.26
N PRO C 220 -32.57 -1.69 -50.62
CA PRO C 220 -32.77 -0.75 -51.75
C PRO C 220 -32.14 0.61 -51.52
N LEU C 221 -32.16 1.08 -50.27
CA LEU C 221 -31.50 2.35 -49.96
C LEU C 221 -29.99 2.26 -50.22
N TYR C 222 -29.36 1.17 -49.77
CA TYR C 222 -27.94 0.97 -50.05
C TYR C 222 -27.67 0.86 -51.54
N LEU C 223 -28.49 0.10 -52.30
CA LEU C 223 -28.21 -0.05 -53.72
C LEU C 223 -28.27 1.28 -54.48
N ASN C 224 -29.18 2.16 -54.09
CA ASN C 224 -29.26 3.47 -54.77
C ASN C 224 -28.11 4.40 -54.39
N LEU C 225 -27.72 4.42 -53.11
CA LEU C 225 -26.53 5.19 -52.70
C LEU C 225 -25.29 4.70 -53.42
N HIS C 226 -25.13 3.37 -53.49
CA HIS C 226 -23.99 2.75 -54.17
C HIS C 226 -23.90 3.17 -55.63
N ALA C 227 -25.01 3.09 -56.37
CA ALA C 227 -24.95 3.43 -57.80
C ALA C 227 -24.59 4.89 -58.02
N PHE C 228 -25.14 5.77 -57.19
CA PHE C 228 -24.89 7.20 -57.25
C PHE C 228 -23.42 7.53 -57.01
N VAL C 229 -22.85 6.96 -55.95
CA VAL C 229 -21.45 7.19 -55.63
C VAL C 229 -20.56 6.62 -56.73
N ARG C 230 -20.91 5.42 -57.24
CA ARG C 230 -20.11 4.78 -58.29
C ARG C 230 -20.02 5.68 -59.54
N ARG C 231 -21.12 6.35 -59.89
CA ARG C 231 -21.10 7.24 -61.06
C ARG C 231 -20.07 8.36 -60.88
N ALA C 232 -20.09 9.04 -59.74
CA ALA C 232 -19.12 10.12 -59.51
C ALA C 232 -17.69 9.61 -59.61
N LEU C 233 -17.41 8.41 -59.04
CA LEU C 233 -16.07 7.83 -59.14
C LEU C 233 -15.69 7.54 -60.59
N HIS C 234 -16.66 7.14 -61.42
CA HIS C 234 -16.39 6.90 -62.84
C HIS C 234 -15.89 8.17 -63.52
N ARG C 235 -16.51 9.27 -63.20
CA ARG C 235 -16.09 10.54 -63.73
C ARG C 235 -14.67 10.91 -63.28
N ARG C 236 -14.35 10.59 -62.05
CA ARG C 236 -13.07 11.03 -61.49
C ARG C 236 -11.93 10.14 -61.95
N TYR C 237 -12.12 8.82 -61.92
CA TYR C 237 -11.01 7.90 -62.16
C TYR C 237 -11.01 7.28 -63.55
N GLY C 238 -12.15 7.32 -64.24
CA GLY C 238 -12.27 6.85 -65.60
C GLY C 238 -12.71 5.38 -65.73
N ASP C 239 -13.09 5.04 -66.97
CA ASP C 239 -13.68 3.75 -67.29
C ASP C 239 -12.69 2.61 -67.07
N ARG C 240 -11.39 2.89 -67.05
CA ARG C 240 -10.40 1.84 -66.84
C ARG C 240 -10.48 1.28 -65.43
N TYR C 241 -10.85 2.12 -64.45
CA TYR C 241 -10.80 1.77 -63.04
C TYR C 241 -12.18 1.66 -62.39
N ILE C 242 -13.24 2.09 -63.07
CA ILE C 242 -14.60 1.97 -62.55
C ILE C 242 -15.47 1.28 -63.59
N ASN C 243 -16.13 0.19 -63.18
CA ASN C 243 -17.10 -0.54 -63.97
C ASN C 243 -18.49 -0.17 -63.47
N LEU C 244 -19.25 0.51 -64.32
CA LEU C 244 -20.60 0.95 -63.99
C LEU C 244 -21.58 -0.19 -63.74
N ARG C 245 -21.23 -1.45 -64.04
CA ARG C 245 -22.09 -2.59 -63.74
C ARG C 245 -21.40 -3.63 -62.86
N GLY C 246 -20.32 -3.23 -62.18
CA GLY C 246 -19.58 -4.12 -61.31
C GLY C 246 -19.31 -3.54 -59.92
N PRO C 247 -18.59 -4.28 -59.06
CA PRO C 247 -18.29 -3.78 -57.72
C PRO C 247 -17.31 -2.61 -57.73
N ILE C 248 -17.41 -1.76 -56.71
CA ILE C 248 -16.50 -0.60 -56.54
C ILE C 248 -15.16 -1.07 -55.97
N PRO C 249 -14.02 -0.59 -56.50
CA PRO C 249 -12.73 -0.93 -55.87
C PRO C 249 -12.67 -0.45 -54.41
N ALA C 250 -12.19 -1.36 -53.52
CA ALA C 250 -12.42 -1.22 -52.08
C ALA C 250 -11.64 -0.09 -51.42
N HIS C 251 -10.74 0.59 -52.14
CA HIS C 251 -9.86 1.62 -51.56
C HIS C 251 -10.29 3.05 -51.89
N LEU C 252 -11.41 3.26 -52.57
CA LEU C 252 -11.79 4.57 -53.10
C LEU C 252 -12.91 5.26 -52.33
N LEU C 253 -13.35 4.73 -51.19
CA LEU C 253 -14.56 5.19 -50.52
C LEU C 253 -14.32 5.93 -49.20
N GLY C 254 -13.08 6.34 -48.92
CA GLY C 254 -12.77 7.25 -47.83
C GLY C 254 -12.26 6.61 -46.55
N ASP C 255 -12.11 5.29 -46.53
CA ASP C 255 -12.02 4.52 -45.29
C ASP C 255 -11.30 3.22 -45.62
N MET C 256 -10.39 2.77 -44.73
CA MET C 256 -9.61 1.56 -44.99
C MET C 256 -10.50 0.35 -45.23
N TRP C 257 -11.67 0.29 -44.60
CA TRP C 257 -12.57 -0.85 -44.71
C TRP C 257 -13.80 -0.54 -45.58
N ALA C 258 -13.81 0.61 -46.26
CA ALA C 258 -14.98 1.08 -46.99
C ALA C 258 -16.24 1.08 -46.12
N GLN C 259 -16.10 1.26 -44.79
CA GLN C 259 -17.26 0.97 -43.93
C GLN C 259 -18.19 2.17 -43.75
N SER C 260 -17.68 3.38 -43.91
CA SER C 260 -18.53 4.54 -44.07
C SER C 260 -17.82 5.50 -45.01
N TRP C 261 -18.62 6.30 -45.71
CA TRP C 261 -18.20 7.04 -46.89
C TRP C 261 -18.22 8.57 -46.72
N GLU C 262 -18.34 9.07 -45.50
CA GLU C 262 -18.46 10.52 -45.29
C GLU C 262 -17.22 11.30 -45.72
N ASN C 263 -16.03 10.69 -45.79
CA ASN C 263 -14.85 11.42 -46.17
C ASN C 263 -14.73 11.66 -47.68
N ILE C 264 -15.62 11.10 -48.51
CA ILE C 264 -15.68 11.48 -49.92
C ILE C 264 -16.92 12.33 -50.22
N TYR C 265 -17.56 12.91 -49.20
CA TYR C 265 -18.64 13.87 -49.41
C TYR C 265 -18.28 14.96 -50.43
N ASP C 266 -17.04 15.50 -50.37
CA ASP C 266 -16.73 16.63 -51.24
C ASP C 266 -16.62 16.23 -52.72
N MET C 267 -16.57 14.93 -53.06
CA MET C 267 -16.59 14.46 -54.44
C MET C 267 -18.00 14.23 -54.98
N VAL C 268 -19.00 14.02 -54.12
CA VAL C 268 -20.33 13.62 -54.58
C VAL C 268 -21.40 14.63 -54.21
N VAL C 269 -21.06 15.67 -53.45
CA VAL C 269 -22.04 16.68 -53.00
C VAL C 269 -22.73 17.28 -54.23
N PRO C 270 -24.07 17.27 -54.30
CA PRO C 270 -24.75 17.78 -55.51
C PRO C 270 -24.70 19.29 -55.67
N PHE C 271 -24.78 20.06 -54.58
CA PHE C 271 -24.93 21.51 -54.65
C PHE C 271 -23.82 22.16 -53.84
N PRO C 272 -22.60 22.15 -54.37
CA PRO C 272 -21.44 22.61 -53.60
C PRO C 272 -21.46 24.10 -53.28
N ASP C 273 -22.37 24.87 -53.86
CA ASP C 273 -22.47 26.29 -53.56
C ASP C 273 -23.17 26.60 -52.25
N LYS C 274 -23.76 25.60 -51.58
CA LYS C 274 -24.44 25.83 -50.29
C LYS C 274 -23.39 25.74 -49.18
N PRO C 275 -23.78 25.93 -47.92
CA PRO C 275 -22.77 25.88 -46.85
C PRO C 275 -22.04 24.56 -46.83
N ASN C 276 -20.73 24.63 -46.59
CA ASN C 276 -19.88 23.44 -46.51
C ASN C 276 -20.16 22.71 -45.20
N LEU C 277 -20.75 21.51 -45.29
CA LEU C 277 -21.16 20.78 -44.10
C LEU C 277 -20.01 19.98 -43.47
N ASP C 278 -18.81 19.98 -44.04
CA ASP C 278 -17.63 19.50 -43.31
C ASP C 278 -16.98 20.69 -42.59
N VAL C 279 -17.17 20.76 -41.26
CA VAL C 279 -16.73 21.91 -40.45
C VAL C 279 -15.31 21.73 -39.92
N THR C 280 -14.58 20.72 -40.42
CA THR C 280 -13.23 20.48 -39.92
C THR C 280 -12.37 21.74 -40.02
N SER C 281 -12.44 22.45 -41.15
CA SER C 281 -11.55 23.59 -41.35
C SER C 281 -11.87 24.70 -40.36
N THR C 282 -13.14 24.89 -40.03
CA THR C 282 -13.51 25.87 -39.00
C THR C 282 -13.02 25.45 -37.61
N MET C 283 -13.11 24.15 -37.28
CA MET C 283 -12.55 23.70 -36.00
C MET C 283 -11.06 24.04 -35.92
N LEU C 284 -10.32 23.85 -37.01
CA LEU C 284 -8.88 24.13 -36.98
C LEU C 284 -8.61 25.63 -36.85
N GLN C 285 -9.39 26.43 -37.57
CA GLN C 285 -9.25 27.88 -37.54
C GLN C 285 -9.49 28.46 -36.14
N GLN C 286 -10.48 27.93 -35.42
CA GLN C 286 -10.84 28.39 -34.08
C GLN C 286 -9.97 27.81 -32.98
N GLY C 287 -9.04 26.92 -33.28
CA GLY C 287 -8.15 26.39 -32.26
C GLY C 287 -8.69 25.28 -31.39
N TRP C 288 -9.62 24.46 -31.89
CA TRP C 288 -10.06 23.30 -31.09
C TRP C 288 -8.90 22.33 -30.88
N GLN C 289 -8.85 21.75 -29.69
CA GLN C 289 -7.94 20.67 -29.32
C GLN C 289 -8.78 19.54 -28.75
N ALA C 290 -8.13 18.41 -28.48
CA ALA C 290 -8.86 17.23 -28.01
C ALA C 290 -9.72 17.53 -26.79
N THR C 291 -9.15 18.22 -25.78
CA THR C 291 -9.92 18.45 -24.55
C THR C 291 -11.18 19.27 -24.81
N HIS C 292 -11.11 20.27 -25.69
CA HIS C 292 -12.30 21.05 -26.03
C HIS C 292 -13.38 20.15 -26.61
N MET C 293 -12.98 19.18 -27.45
CA MET C 293 -13.96 18.26 -28.05
C MET C 293 -14.67 17.44 -26.99
N PHE C 294 -13.94 16.93 -25.99
CA PHE C 294 -14.58 16.16 -24.94
C PHE C 294 -15.45 17.06 -24.04
N ARG C 295 -15.03 18.33 -23.80
CA ARG C 295 -15.85 19.23 -22.97
C ARG C 295 -17.15 19.62 -23.66
N VAL C 296 -17.11 19.84 -24.98
CA VAL C 296 -18.33 20.16 -25.70
C VAL C 296 -19.28 18.96 -25.68
N ALA C 297 -18.74 17.74 -25.82
CA ALA C 297 -19.56 16.54 -25.70
C ALA C 297 -20.19 16.43 -24.31
N GLU C 298 -19.37 16.62 -23.27
CA GLU C 298 -19.87 16.56 -21.90
C GLU C 298 -21.08 17.48 -21.70
N GLU C 299 -20.99 18.70 -22.25
CA GLU C 299 -22.03 19.70 -21.98
C GLU C 299 -23.35 19.32 -22.64
N PHE C 300 -23.34 18.57 -23.73
CA PHE C 300 -24.60 18.07 -24.26
C PHE C 300 -25.26 17.14 -23.25
N PHE C 301 -24.47 16.26 -22.62
CA PHE C 301 -25.00 15.33 -21.63
C PHE C 301 -25.61 16.08 -20.45
N THR C 302 -24.92 17.11 -19.93
CA THR C 302 -25.50 17.83 -18.79
C THR C 302 -26.70 18.69 -19.20
N SER C 303 -26.76 19.13 -20.46
CA SER C 303 -27.94 19.87 -20.89
C SER C 303 -29.20 19.03 -20.77
N LEU C 304 -29.06 17.71 -20.86
CA LEU C 304 -30.16 16.76 -20.67
C LEU C 304 -30.34 16.36 -19.22
N GLU C 305 -29.57 16.94 -18.30
CA GLU C 305 -29.57 16.57 -16.89
C GLU C 305 -29.08 15.15 -16.66
N LEU C 306 -28.13 14.70 -17.50
CA LEU C 306 -27.35 13.50 -17.22
C LEU C 306 -26.05 13.92 -16.53
N SER C 307 -25.18 12.94 -16.24
CA SER C 307 -24.07 13.24 -15.32
C SER C 307 -22.87 13.85 -16.05
N PRO C 308 -22.15 14.79 -15.43
CA PRO C 308 -20.84 15.19 -15.97
C PRO C 308 -19.82 14.08 -15.77
N MET C 309 -18.67 14.23 -16.44
CA MET C 309 -17.53 13.30 -16.24
C MET C 309 -16.84 13.58 -14.91
N PRO C 310 -16.55 12.56 -14.09
CA PRO C 310 -15.94 12.83 -12.77
C PRO C 310 -14.45 13.16 -12.87
N PRO C 311 -13.85 13.74 -11.82
CA PRO C 311 -12.41 14.08 -11.91
C PRO C 311 -11.52 12.91 -12.28
N GLU C 312 -11.83 11.71 -11.76
CA GLU C 312 -11.04 10.53 -12.07
C GLU C 312 -10.97 10.27 -13.58
N PHE C 313 -12.03 10.61 -14.32
CA PHE C 313 -12.02 10.51 -15.79
C PHE C 313 -11.00 11.44 -16.43
N TRP C 314 -11.02 12.73 -16.04
CA TRP C 314 -10.10 13.73 -16.60
C TRP C 314 -8.67 13.46 -16.18
N GLU C 315 -8.45 12.98 -14.95
CA GLU C 315 -7.07 12.75 -14.52
C GLU C 315 -6.48 11.47 -15.09
N GLY C 316 -7.31 10.45 -15.33
CA GLY C 316 -6.84 9.14 -15.74
C GLY C 316 -6.87 8.83 -17.23
N SER C 317 -7.67 9.54 -18.01
CA SER C 317 -7.87 9.20 -19.43
C SER C 317 -6.65 9.58 -20.28
N MET C 318 -6.54 8.91 -21.44
CA MET C 318 -5.51 9.21 -22.45
C MET C 318 -6.26 9.75 -23.66
N LEU C 319 -6.22 11.06 -23.85
CA LEU C 319 -7.03 11.75 -24.86
C LEU C 319 -6.24 12.17 -26.09
N GLU C 320 -4.92 11.93 -26.13
CA GLU C 320 -4.07 12.18 -27.29
C GLU C 320 -3.04 11.07 -27.42
N LYS C 321 -2.57 10.83 -28.64
CA LYS C 321 -1.45 9.91 -28.85
C LYS C 321 -0.19 10.40 -28.13
N PRO C 322 0.45 9.58 -27.31
CA PRO C 322 1.67 10.03 -26.62
C PRO C 322 2.78 10.39 -27.61
N ALA C 323 3.48 11.47 -27.33
CA ALA C 323 4.56 11.97 -28.18
C ALA C 323 5.92 11.45 -27.74
N ASP C 324 6.00 10.71 -26.65
CA ASP C 324 7.24 10.07 -26.23
C ASP C 324 7.52 8.78 -27.01
N GLY C 325 6.83 8.59 -28.14
CA GLY C 325 7.01 7.42 -28.97
C GLY C 325 6.55 6.09 -28.40
N ARG C 326 5.99 6.08 -27.17
CA ARG C 326 5.41 4.85 -26.62
C ARG C 326 4.54 4.17 -27.67
N GLU C 327 4.53 2.83 -27.69
CA GLU C 327 3.56 2.11 -28.51
C GLU C 327 2.27 1.95 -27.72
N VAL C 328 1.12 2.28 -28.34
CA VAL C 328 -0.20 2.17 -27.71
C VAL C 328 -1.19 1.57 -28.70
N VAL C 329 -2.29 1.07 -28.16
CA VAL C 329 -3.48 0.74 -28.94
C VAL C 329 -4.21 2.06 -29.16
N CYS C 330 -4.15 2.61 -30.38
CA CYS C 330 -4.82 3.88 -30.67
C CYS C 330 -6.32 3.74 -30.94
N HIS C 331 -6.80 2.56 -31.32
CA HIS C 331 -8.23 2.44 -31.60
C HIS C 331 -9.06 2.88 -30.37
N ALA C 332 -9.97 3.84 -30.56
CA ALA C 332 -10.66 4.48 -29.43
C ALA C 332 -11.53 3.50 -28.62
N SER C 333 -11.47 3.58 -27.29
CA SER C 333 -12.26 2.70 -26.42
C SER C 333 -12.60 3.34 -25.07
N ALA C 334 -13.71 2.85 -24.47
CA ALA C 334 -14.23 3.24 -23.17
C ALA C 334 -14.06 2.12 -22.13
N TRP C 335 -13.86 2.53 -20.86
CA TRP C 335 -13.35 1.64 -19.80
C TRP C 335 -14.12 1.81 -18.49
N ASP C 336 -14.75 0.73 -18.02
CA ASP C 336 -15.37 0.61 -16.69
C ASP C 336 -14.43 -0.23 -15.81
N PHE C 337 -13.95 0.31 -14.68
CA PHE C 337 -12.99 -0.45 -13.86
C PHE C 337 -13.66 -1.30 -12.79
N TYR C 338 -15.00 -1.23 -12.71
CA TYR C 338 -15.84 -2.03 -11.82
C TYR C 338 -15.60 -1.73 -10.34
N ASN C 339 -15.09 -0.53 -10.01
CA ASN C 339 -14.95 -0.11 -8.62
C ASN C 339 -15.83 1.09 -8.29
N ARG C 340 -16.70 1.48 -9.22
N ARG C 340 -16.73 1.48 -9.20
CA ARG C 340 -17.68 2.56 -9.10
CA ARG C 340 -17.69 2.57 -9.03
C ARG C 340 -17.03 3.93 -8.96
C ARG C 340 -17.05 3.96 -9.02
N LYS C 341 -15.74 4.06 -9.29
CA LYS C 341 -15.01 5.34 -9.22
C LYS C 341 -14.20 5.69 -10.48
N ASP C 342 -13.47 4.72 -11.04
CA ASP C 342 -12.62 4.97 -12.20
C ASP C 342 -13.36 4.60 -13.49
N PHE C 343 -13.42 5.57 -14.41
CA PHE C 343 -14.05 5.46 -15.72
C PHE C 343 -13.18 6.26 -16.68
N ARG C 344 -12.79 5.69 -17.84
CA ARG C 344 -11.77 6.34 -18.68
C ARG C 344 -11.99 6.08 -20.17
N ILE C 345 -11.50 7.02 -20.99
CA ILE C 345 -11.41 6.85 -22.44
C ILE C 345 -9.95 6.87 -22.87
N LYS C 346 -9.63 6.00 -23.85
CA LYS C 346 -8.31 5.91 -24.48
C LYS C 346 -8.50 6.12 -25.98
N GLN C 347 -8.12 7.31 -26.48
CA GLN C 347 -8.32 7.67 -27.89
C GLN C 347 -7.18 8.54 -28.36
N CYS C 348 -6.65 8.24 -29.56
CA CYS C 348 -5.61 9.05 -30.19
C CYS C 348 -6.27 10.16 -31.01
N THR C 349 -6.93 11.09 -30.27
CA THR C 349 -7.84 12.06 -30.86
C THR C 349 -7.16 12.99 -31.85
N ARG C 350 -7.83 13.18 -33.00
CA ARG C 350 -7.48 14.17 -34.03
C ARG C 350 -8.61 15.17 -34.19
N VAL C 351 -8.27 16.38 -34.64
CA VAL C 351 -9.24 17.49 -34.71
C VAL C 351 -9.92 17.44 -36.07
N THR C 352 -11.03 16.69 -36.15
CA THR C 352 -11.85 16.62 -37.35
C THR C 352 -13.30 16.44 -36.95
N MET C 353 -14.21 16.68 -37.90
CA MET C 353 -15.64 16.52 -37.60
C MET C 353 -16.01 15.06 -37.27
N ASP C 354 -15.52 14.10 -38.05
CA ASP C 354 -15.93 12.74 -37.71
C ASP C 354 -15.26 12.29 -36.41
N GLN C 355 -14.11 12.84 -36.05
CA GLN C 355 -13.56 12.55 -34.71
C GLN C 355 -14.42 13.12 -33.58
N LEU C 356 -15.13 14.25 -33.79
CA LEU C 356 -16.07 14.76 -32.80
C LEU C 356 -17.22 13.80 -32.57
N SER C 357 -17.68 13.16 -33.66
CA SER C 357 -18.70 12.13 -33.49
C SER C 357 -18.14 10.92 -32.73
N THR C 358 -16.88 10.53 -32.99
CA THR C 358 -16.29 9.41 -32.24
C THR C 358 -16.23 9.74 -30.74
N VAL C 359 -15.87 10.99 -30.39
CA VAL C 359 -15.88 11.40 -28.99
C VAL C 359 -17.26 11.20 -28.37
N HIS C 360 -18.32 11.60 -29.07
CA HIS C 360 -19.68 11.39 -28.54
C HIS C 360 -20.00 9.91 -28.39
N HIS C 361 -19.57 9.08 -29.36
CA HIS C 361 -19.80 7.64 -29.28
C HIS C 361 -19.21 7.04 -28.00
N GLU C 362 -17.95 7.37 -27.70
CA GLU C 362 -17.27 6.82 -26.53
C GLU C 362 -17.84 7.36 -25.23
N MET C 363 -18.17 8.65 -25.21
CA MET C 363 -18.76 9.20 -23.99
C MET C 363 -20.14 8.62 -23.73
N GLY C 364 -20.83 8.10 -24.75
CA GLY C 364 -22.07 7.38 -24.50
C GLY C 364 -21.87 6.12 -23.66
N HIS C 365 -20.79 5.38 -23.95
CA HIS C 365 -20.47 4.21 -23.13
C HIS C 365 -20.21 4.63 -21.67
N ILE C 366 -19.43 5.71 -21.47
CA ILE C 366 -19.12 6.18 -20.10
C ILE C 366 -20.39 6.56 -19.36
N GLN C 367 -21.27 7.33 -20.00
CA GLN C 367 -22.52 7.69 -19.35
C GLN C 367 -23.32 6.44 -18.93
N TYR C 368 -23.32 5.38 -19.77
CA TYR C 368 -23.97 4.14 -19.34
C TYR C 368 -23.33 3.64 -18.04
N TYR C 369 -22.00 3.56 -18.01
CA TYR C 369 -21.31 3.07 -16.82
C TYR C 369 -21.70 3.89 -15.58
N LEU C 370 -21.80 5.22 -15.72
CA LEU C 370 -22.05 6.06 -14.55
C LEU C 370 -23.44 5.83 -13.97
N GLN C 371 -24.43 5.61 -14.84
CA GLN C 371 -25.84 5.48 -14.45
C GLN C 371 -26.16 4.12 -13.80
N TYR C 372 -25.44 3.05 -14.13
CA TYR C 372 -25.73 1.74 -13.57
C TYR C 372 -24.67 1.22 -12.61
N LYS C 373 -23.79 2.10 -12.11
CA LYS C 373 -22.64 1.67 -11.31
C LYS C 373 -23.03 1.06 -9.96
N ASP C 374 -24.24 1.30 -9.46
CA ASP C 374 -24.64 0.72 -8.18
C ASP C 374 -25.43 -0.57 -8.33
N LEU C 375 -25.59 -1.09 -9.55
CA LEU C 375 -26.14 -2.43 -9.68
C LEU C 375 -25.07 -3.48 -9.32
N PRO C 376 -25.49 -4.70 -8.97
CA PRO C 376 -24.52 -5.80 -8.85
C PRO C 376 -23.73 -5.93 -10.15
N VAL C 377 -22.46 -6.33 -10.03
CA VAL C 377 -21.56 -6.29 -11.19
C VAL C 377 -22.13 -7.07 -12.36
N SER C 378 -22.84 -8.17 -12.11
CA SER C 378 -23.31 -8.99 -13.22
C SER C 378 -24.30 -8.27 -14.10
N LEU C 379 -24.92 -7.18 -13.62
CA LEU C 379 -25.94 -6.47 -14.39
C LEU C 379 -25.41 -5.16 -14.95
N ARG C 380 -24.10 -4.90 -14.80
CA ARG C 380 -23.50 -3.66 -15.31
C ARG C 380 -23.14 -3.87 -16.78
N ARG C 381 -24.19 -3.96 -17.61
CA ARG C 381 -24.14 -4.09 -19.06
C ARG C 381 -25.37 -3.44 -19.67
N GLY C 382 -25.37 -3.30 -20.98
CA GLY C 382 -26.52 -2.74 -21.66
C GLY C 382 -27.66 -3.74 -21.72
N ALA C 383 -28.87 -3.22 -21.96
CA ALA C 383 -30.03 -4.13 -22.03
C ALA C 383 -29.80 -5.24 -23.06
N ASN C 384 -29.22 -4.90 -24.24
CA ASN C 384 -28.41 -5.82 -25.05
C ASN C 384 -27.21 -5.04 -25.62
N PRO C 385 -26.24 -5.70 -26.26
CA PRO C 385 -25.04 -4.92 -26.66
C PRO C 385 -25.35 -3.82 -27.67
N GLY C 386 -26.41 -3.94 -28.44
CA GLY C 386 -26.77 -2.85 -29.36
C GLY C 386 -27.18 -1.57 -28.63
N PHE C 387 -27.83 -1.70 -27.47
CA PHE C 387 -28.20 -0.53 -26.66
C PHE C 387 -26.96 0.28 -26.30
N HIS C 388 -25.92 -0.41 -25.84
CA HIS C 388 -24.70 0.29 -25.43
C HIS C 388 -24.07 1.07 -26.59
N GLU C 389 -24.13 0.52 -27.82
CA GLU C 389 -23.54 1.21 -28.98
C GLU C 389 -24.37 2.42 -29.42
N ALA C 390 -25.67 2.47 -29.09
CA ALA C 390 -26.55 3.48 -29.63
C ALA C 390 -26.55 4.79 -28.85
N ILE C 391 -26.10 4.80 -27.59
CA ILE C 391 -26.34 5.97 -26.72
C ILE C 391 -25.67 7.24 -27.28
N GLY C 392 -24.35 7.18 -27.47
CA GLY C 392 -23.64 8.37 -27.95
C GLY C 392 -24.05 8.77 -29.35
N ASP C 393 -24.36 7.79 -30.22
CA ASP C 393 -24.73 8.12 -31.60
C ASP C 393 -26.04 8.94 -31.67
N VAL C 394 -27.00 8.64 -30.79
N VAL C 394 -26.99 8.69 -30.76
CA VAL C 394 -28.26 9.41 -30.80
CA VAL C 394 -28.26 9.42 -30.85
C VAL C 394 -27.98 10.88 -30.53
C VAL C 394 -28.10 10.88 -30.41
N LEU C 395 -27.19 11.17 -29.49
CA LEU C 395 -26.84 12.57 -29.22
C LEU C 395 -26.14 13.18 -30.44
N ALA C 396 -25.28 12.40 -31.10
CA ALA C 396 -24.55 12.92 -32.25
C ALA C 396 -25.47 13.24 -33.43
N LEU C 397 -26.61 12.55 -33.55
CA LEU C 397 -27.57 12.89 -34.60
C LEU C 397 -28.07 14.34 -34.43
N SER C 398 -28.29 14.75 -33.18
CA SER C 398 -28.65 16.14 -32.90
C SER C 398 -27.49 17.12 -33.12
N VAL C 399 -26.27 16.73 -32.73
CA VAL C 399 -25.14 17.65 -32.86
C VAL C 399 -24.87 17.98 -34.32
N SER C 400 -25.12 17.03 -35.23
N SER C 400 -25.13 17.03 -35.22
CA SER C 400 -24.71 17.21 -36.62
CA SER C 400 -24.72 17.18 -36.61
C SER C 400 -25.66 18.09 -37.44
C SER C 400 -25.67 18.06 -37.44
N THR C 401 -26.87 18.33 -36.96
CA THR C 401 -27.82 19.15 -37.74
C THR C 401 -27.24 20.55 -37.98
N PRO C 402 -27.49 21.15 -39.17
CA PRO C 402 -26.97 22.52 -39.41
C PRO C 402 -27.37 23.53 -38.33
N GLU C 403 -28.55 23.39 -37.75
CA GLU C 403 -28.96 24.31 -36.70
C GLU C 403 -28.13 24.17 -35.43
N HIS C 404 -27.84 22.93 -34.98
CA HIS C 404 -27.05 22.81 -33.76
C HIS C 404 -25.63 23.28 -34.00
N LEU C 405 -25.08 22.97 -35.18
CA LEU C 405 -23.75 23.45 -35.52
C LEU C 405 -23.71 24.97 -35.49
N HIS C 406 -24.78 25.63 -35.95
CA HIS C 406 -24.85 27.09 -35.85
C HIS C 406 -24.84 27.54 -34.41
N LYS C 407 -25.59 26.88 -33.54
CA LYS C 407 -25.65 27.27 -32.13
C LYS C 407 -24.30 27.16 -31.45
N ILE C 408 -23.43 26.24 -31.84
CA ILE C 408 -22.15 26.10 -31.19
C ILE C 408 -21.04 26.75 -32.00
N GLY C 409 -21.39 27.58 -32.98
CA GLY C 409 -20.40 28.40 -33.66
C GLY C 409 -19.59 27.72 -34.75
N LEU C 410 -20.05 26.60 -35.28
CA LEU C 410 -19.31 25.85 -36.30
C LEU C 410 -19.88 26.01 -37.71
N LEU C 411 -20.98 26.73 -37.87
CA LEU C 411 -21.56 26.94 -39.21
C LEU C 411 -22.23 28.32 -39.22
N ASP C 412 -21.56 29.30 -39.81
CA ASP C 412 -22.03 30.69 -39.75
C ASP C 412 -23.21 30.91 -40.70
N ARG C 413 -23.07 30.45 -41.93
CA ARG C 413 -24.09 30.64 -42.96
C ARG C 413 -25.30 29.76 -42.70
N VAL C 414 -26.50 30.34 -42.82
CA VAL C 414 -27.75 29.65 -42.51
C VAL C 414 -28.61 29.60 -43.77
N THR C 415 -29.11 28.41 -44.10
CA THR C 415 -29.99 28.20 -45.23
C THR C 415 -30.98 27.11 -44.89
N ASN C 416 -32.21 27.24 -45.36
CA ASN C 416 -33.24 26.22 -45.19
C ASN C 416 -34.01 26.00 -46.51
N ASP C 417 -33.38 25.41 -47.50
CA ASP C 417 -33.98 25.19 -48.81
C ASP C 417 -33.78 23.74 -49.22
N THR C 418 -34.42 23.35 -50.33
CA THR C 418 -34.45 21.96 -50.71
C THR C 418 -33.06 21.44 -51.02
N GLU C 419 -32.22 22.25 -51.64
CA GLU C 419 -30.87 21.80 -51.97
C GLU C 419 -30.06 21.54 -50.70
N SER C 420 -30.25 22.38 -49.68
CA SER C 420 -29.56 22.19 -48.42
C SER C 420 -30.02 20.92 -47.71
N ASP C 421 -31.30 20.57 -47.81
CA ASP C 421 -31.79 19.33 -47.22
C ASP C 421 -31.15 18.11 -47.87
N ILE C 422 -31.08 18.09 -49.20
CA ILE C 422 -30.50 16.96 -49.91
C ILE C 422 -29.01 16.83 -49.58
N ASN C 423 -28.30 17.96 -49.54
CA ASN C 423 -26.89 17.93 -49.17
C ASN C 423 -26.71 17.25 -47.81
N TYR C 424 -27.52 17.66 -46.83
CA TYR C 424 -27.35 17.17 -45.46
C TYR C 424 -27.67 15.68 -45.36
N LEU C 425 -28.83 15.27 -45.87
CA LEU C 425 -29.22 13.86 -45.80
C LEU C 425 -28.31 12.98 -46.63
N LEU C 426 -27.73 13.49 -47.73
CA LEU C 426 -26.73 12.69 -48.42
C LEU C 426 -25.51 12.47 -47.53
N LYS C 427 -25.10 13.50 -46.78
CA LYS C 427 -23.95 13.36 -45.90
C LYS C 427 -24.22 12.33 -44.80
N MET C 428 -25.41 12.36 -44.22
CA MET C 428 -25.75 11.38 -43.18
C MET C 428 -25.91 9.98 -43.77
N ALA C 429 -26.37 9.88 -45.02
CA ALA C 429 -26.47 8.56 -45.65
C ALA C 429 -25.09 7.95 -45.90
N LEU C 430 -24.10 8.79 -46.20
CA LEU C 430 -22.74 8.28 -46.39
C LEU C 430 -22.18 7.70 -45.09
N GLU C 431 -22.59 8.25 -43.95
CA GLU C 431 -22.14 7.83 -42.63
C GLU C 431 -22.93 6.62 -42.11
N LYS C 432 -24.23 6.56 -42.37
CA LYS C 432 -25.10 5.59 -41.71
C LYS C 432 -25.60 4.47 -42.61
N ILE C 433 -26.11 4.77 -43.81
CA ILE C 433 -26.61 3.71 -44.70
C ILE C 433 -25.45 2.92 -45.33
N ALA C 434 -24.33 3.58 -45.69
CA ALA C 434 -23.20 2.82 -46.24
C ALA C 434 -22.68 1.77 -45.25
N PHE C 435 -22.83 2.01 -43.94
CA PHE C 435 -22.32 1.10 -42.92
C PHE C 435 -23.13 -0.19 -42.80
N LEU C 436 -24.45 -0.12 -43.08
CA LEU C 436 -25.36 -1.25 -42.83
C LEU C 436 -24.87 -2.58 -43.39
N PRO C 437 -24.49 -2.71 -44.66
CA PRO C 437 -23.98 -4.02 -45.13
C PRO C 437 -22.74 -4.52 -44.40
N PHE C 438 -21.80 -3.64 -44.07
CA PHE C 438 -20.59 -4.04 -43.34
C PHE C 438 -20.93 -4.49 -41.93
N GLY C 439 -21.74 -3.71 -41.19
CA GLY C 439 -22.12 -4.17 -39.85
C GLY C 439 -22.81 -5.53 -39.86
N TYR C 440 -23.53 -5.83 -40.94
CA TYR C 440 -24.23 -7.11 -41.01
C TYR C 440 -23.29 -8.27 -41.36
N LEU C 441 -22.32 -8.07 -42.26
CA LEU C 441 -21.55 -9.20 -42.79
C LEU C 441 -20.43 -9.71 -41.86
N VAL C 442 -19.84 -8.85 -41.03
CA VAL C 442 -18.62 -9.24 -40.30
C VAL C 442 -18.87 -10.47 -39.42
N ASP C 443 -19.96 -10.49 -38.65
CA ASP C 443 -20.19 -11.68 -37.79
C ASP C 443 -20.81 -12.83 -38.58
N GLN C 444 -21.41 -12.59 -39.77
CA GLN C 444 -21.73 -13.73 -40.61
C GLN C 444 -20.46 -14.52 -40.96
N TRP C 445 -19.38 -13.82 -41.32
CA TRP C 445 -18.10 -14.48 -41.50
C TRP C 445 -17.68 -15.24 -40.24
N ARG C 446 -17.68 -14.57 -39.09
CA ARG C 446 -17.13 -15.17 -37.87
C ARG C 446 -18.02 -16.27 -37.32
N TRP C 447 -19.35 -16.16 -37.48
CA TRP C 447 -20.22 -17.28 -37.12
C TRP C 447 -19.88 -18.52 -37.97
N GLY C 448 -19.54 -18.30 -39.24
CA GLY C 448 -19.15 -19.41 -40.12
C GLY C 448 -17.82 -20.05 -39.73
N VAL C 449 -16.86 -19.24 -39.30
CA VAL C 449 -15.61 -19.79 -38.80
C VAL C 449 -15.84 -20.58 -37.51
N PHE C 450 -16.61 -20.04 -36.57
CA PHE C 450 -16.82 -20.74 -35.30
C PHE C 450 -17.55 -22.08 -35.48
N SER C 451 -18.49 -22.15 -36.43
CA SER C 451 -19.27 -23.39 -36.62
C SER C 451 -18.53 -24.45 -37.44
N GLY C 452 -17.38 -24.11 -38.02
CA GLY C 452 -16.69 -24.99 -38.91
C GLY C 452 -17.10 -24.95 -40.38
N ARG C 453 -18.16 -24.21 -40.75
CA ARG C 453 -18.49 -24.09 -42.17
C ARG C 453 -17.36 -23.48 -42.99
N THR C 454 -16.58 -22.57 -42.38
CA THR C 454 -15.44 -21.91 -43.02
C THR C 454 -14.16 -22.35 -42.33
N PRO C 455 -13.46 -23.35 -42.87
CA PRO C 455 -12.14 -23.72 -42.30
C PRO C 455 -11.05 -22.75 -42.73
N PRO C 456 -9.86 -22.87 -42.14
CA PRO C 456 -8.74 -21.99 -42.53
C PRO C 456 -8.45 -21.93 -44.04
N SER C 457 -8.62 -23.04 -44.77
CA SER C 457 -8.36 -23.03 -46.20
C SER C 457 -9.30 -22.14 -47.00
N ARG C 458 -10.35 -21.58 -46.37
CA ARG C 458 -11.31 -20.70 -47.04
C ARG C 458 -11.56 -19.39 -46.28
N TYR C 459 -10.66 -18.97 -45.38
CA TYR C 459 -10.80 -17.69 -44.66
C TYR C 459 -11.01 -16.50 -45.61
N ASN C 460 -10.16 -16.36 -46.63
CA ASN C 460 -10.22 -15.17 -47.51
C ASN C 460 -11.27 -15.34 -48.61
N PHE C 461 -11.40 -16.54 -49.17
CA PHE C 461 -12.44 -16.84 -50.13
C PHE C 461 -13.83 -16.46 -49.57
N ASP C 462 -14.13 -16.88 -48.33
CA ASP C 462 -15.45 -16.64 -47.78
C ASP C 462 -15.62 -15.19 -47.31
N TRP C 463 -14.54 -14.53 -46.87
CA TRP C 463 -14.60 -13.10 -46.57
C TRP C 463 -14.97 -12.27 -47.80
N TRP C 464 -14.26 -12.47 -48.91
CA TRP C 464 -14.53 -11.64 -50.09
C TRP C 464 -15.85 -12.04 -50.78
N TYR C 465 -16.31 -13.28 -50.59
CA TYR C 465 -17.68 -13.63 -50.98
C TYR C 465 -18.68 -12.71 -50.26
N LEU C 466 -18.52 -12.55 -48.94
CA LEU C 466 -19.45 -11.73 -48.16
C LEU C 466 -19.28 -10.23 -48.44
N ARG C 467 -18.04 -9.78 -48.64
CA ARG C 467 -17.83 -8.37 -48.93
C ARG C 467 -18.46 -7.98 -50.27
N THR C 468 -18.30 -8.83 -51.30
CA THR C 468 -18.94 -8.57 -52.58
C THR C 468 -20.48 -8.77 -52.50
N LYS C 469 -20.94 -9.77 -51.79
CA LYS C 469 -22.37 -10.03 -51.70
C LYS C 469 -23.17 -8.86 -51.12
N TYR C 470 -22.67 -8.28 -50.05
CA TYR C 470 -23.34 -7.24 -49.28
C TYR C 470 -22.90 -5.82 -49.62
N GLN C 471 -21.59 -5.54 -49.63
CA GLN C 471 -21.14 -4.18 -49.89
C GLN C 471 -20.99 -3.87 -51.39
N GLY C 472 -20.88 -4.86 -52.26
CA GLY C 472 -20.65 -4.52 -53.66
C GLY C 472 -19.29 -3.89 -53.92
N ILE C 473 -18.24 -4.42 -53.29
CA ILE C 473 -16.87 -3.94 -53.47
C ILE C 473 -15.98 -5.12 -53.87
N CYS C 474 -14.80 -4.81 -54.43
CA CYS C 474 -13.82 -5.80 -54.84
C CYS C 474 -12.42 -5.36 -54.44
N PRO C 475 -11.51 -6.29 -54.16
CA PRO C 475 -10.14 -5.90 -53.82
C PRO C 475 -9.43 -5.33 -55.03
N PRO C 476 -8.64 -4.27 -54.86
CA PRO C 476 -8.03 -3.58 -56.02
C PRO C 476 -6.71 -4.19 -56.51
N VAL C 477 -6.19 -5.20 -55.80
CA VAL C 477 -5.17 -6.12 -56.29
C VAL C 477 -5.62 -7.55 -55.97
N THR C 478 -5.04 -8.51 -56.70
CA THR C 478 -5.44 -9.90 -56.55
C THR C 478 -5.08 -10.42 -55.14
N ARG C 479 -5.98 -11.20 -54.55
CA ARG C 479 -5.76 -11.81 -53.25
C ARG C 479 -5.88 -13.34 -53.32
N ASN C 480 -5.24 -14.02 -52.36
CA ASN C 480 -5.32 -15.48 -52.25
C ASN C 480 -5.28 -15.89 -50.78
N GLU C 481 -5.26 -17.20 -50.51
CA GLU C 481 -5.41 -17.69 -49.14
C GLU C 481 -4.15 -17.56 -48.30
N THR C 482 -3.05 -17.04 -48.85
CA THR C 482 -1.96 -16.58 -48.01
C THR C 482 -2.36 -15.31 -47.25
N HIS C 483 -3.22 -14.49 -47.86
CA HIS C 483 -3.79 -13.30 -47.23
C HIS C 483 -4.90 -13.65 -46.23
N PHE C 484 -5.04 -12.77 -45.19
CA PHE C 484 -6.05 -12.94 -44.13
C PHE C 484 -6.68 -11.56 -43.90
N ASP C 485 -7.48 -11.12 -44.87
CA ASP C 485 -7.92 -9.72 -44.89
C ASP C 485 -8.94 -9.41 -43.78
N ALA C 486 -9.73 -10.40 -43.33
CA ALA C 486 -10.53 -10.16 -42.13
C ALA C 486 -9.66 -9.78 -40.92
N GLY C 487 -8.43 -10.33 -40.85
CA GLY C 487 -7.55 -10.05 -39.72
C GLY C 487 -7.04 -8.62 -39.65
N ALA C 488 -7.09 -7.87 -40.77
CA ALA C 488 -6.73 -6.46 -40.82
C ALA C 488 -7.87 -5.48 -40.33
N LYS C 489 -8.94 -5.97 -39.71
CA LYS C 489 -9.97 -5.14 -39.07
C LYS C 489 -9.92 -5.35 -37.56
N PHE C 490 -9.81 -4.25 -36.79
CA PHE C 490 -9.59 -4.27 -35.33
C PHE C 490 -10.32 -5.38 -34.58
N HIS C 491 -11.64 -5.46 -34.72
CA HIS C 491 -12.42 -6.32 -33.84
C HIS C 491 -12.09 -7.82 -33.99
N VAL C 492 -11.47 -8.26 -35.08
CA VAL C 492 -11.23 -9.70 -35.30
C VAL C 492 -10.08 -10.17 -34.41
N PRO C 493 -8.86 -9.64 -34.53
CA PRO C 493 -7.80 -10.02 -33.57
C PRO C 493 -8.03 -9.55 -32.12
N ASN C 494 -8.83 -8.51 -31.89
CA ASN C 494 -9.14 -8.06 -30.55
C ASN C 494 -10.45 -8.68 -30.02
N VAL C 495 -10.96 -9.71 -30.70
CA VAL C 495 -12.06 -10.55 -30.22
C VAL C 495 -13.22 -9.75 -29.63
N THR C 496 -13.74 -8.78 -30.38
CA THR C 496 -14.94 -8.03 -30.02
C THR C 496 -16.07 -8.32 -31.00
N PRO C 497 -17.24 -8.77 -30.56
CA PRO C 497 -18.35 -9.04 -31.49
C PRO C 497 -18.80 -7.77 -32.24
N TYR C 498 -19.41 -7.97 -33.44
CA TYR C 498 -19.74 -6.89 -34.37
C TYR C 498 -21.23 -6.70 -34.64
N ILE C 499 -22.08 -7.74 -34.46
CA ILE C 499 -23.48 -7.56 -34.86
C ILE C 499 -24.14 -6.43 -34.05
N ARG C 500 -23.61 -6.12 -32.86
CA ARG C 500 -24.07 -4.98 -32.04
C ARG C 500 -24.11 -3.68 -32.84
N TYR C 501 -23.18 -3.48 -33.79
CA TYR C 501 -23.16 -2.24 -34.56
C TYR C 501 -24.29 -2.20 -35.60
N PHE C 502 -24.65 -3.33 -36.22
CA PHE C 502 -25.83 -3.35 -37.10
C PHE C 502 -27.09 -3.02 -36.32
N VAL C 503 -27.29 -3.68 -35.16
CA VAL C 503 -28.45 -3.42 -34.31
C VAL C 503 -28.54 -1.94 -33.94
N SER C 504 -27.40 -1.36 -33.48
CA SER C 504 -27.36 0.04 -33.11
C SER C 504 -27.73 0.98 -34.26
N PHE C 505 -27.30 0.69 -35.49
CA PHE C 505 -27.54 1.66 -36.55
C PHE C 505 -29.03 1.72 -36.93
N VAL C 506 -29.80 0.65 -36.65
CA VAL C 506 -31.26 0.67 -36.77
C VAL C 506 -31.90 1.31 -35.52
N LEU C 507 -31.51 0.81 -34.34
CA LEU C 507 -32.09 1.20 -33.06
C LEU C 507 -31.95 2.70 -32.79
N GLN C 508 -30.81 3.28 -33.17
CA GLN C 508 -30.59 4.68 -32.80
C GLN C 508 -31.64 5.58 -33.46
N PHE C 509 -32.16 5.21 -34.62
CA PHE C 509 -33.25 6.02 -35.21
C PHE C 509 -34.58 5.80 -34.50
N GLN C 510 -34.82 4.61 -33.94
CA GLN C 510 -35.96 4.42 -33.04
C GLN C 510 -35.85 5.31 -31.80
N PHE C 511 -34.66 5.35 -31.19
CA PHE C 511 -34.45 6.22 -30.04
C PHE C 511 -34.65 7.69 -30.42
N HIS C 512 -34.07 8.10 -31.55
CA HIS C 512 -34.13 9.51 -31.96
C HIS C 512 -35.58 9.96 -32.14
N GLU C 513 -36.38 9.17 -32.85
CA GLU C 513 -37.79 9.52 -33.03
C GLU C 513 -38.49 9.69 -31.67
N ALA C 514 -38.28 8.76 -30.74
CA ALA C 514 -38.99 8.82 -29.45
C ALA C 514 -38.59 10.02 -28.61
N LEU C 515 -37.28 10.33 -28.56
CA LEU C 515 -36.84 11.46 -27.74
C LEU C 515 -37.29 12.78 -28.33
N CYS C 516 -37.29 12.90 -29.65
CA CYS C 516 -37.76 14.10 -30.32
C CYS C 516 -39.25 14.35 -30.03
N LYS C 517 -40.06 13.30 -30.07
CA LYS C 517 -41.46 13.47 -29.68
C LYS C 517 -41.56 13.86 -28.21
N GLU C 518 -40.78 13.19 -27.34
CA GLU C 518 -40.85 13.49 -25.91
C GLU C 518 -40.41 14.93 -25.63
N ALA C 519 -39.51 15.46 -26.45
CA ALA C 519 -39.08 16.86 -26.32
C ALA C 519 -40.12 17.86 -26.87
N GLY C 520 -41.21 17.37 -27.48
CA GLY C 520 -42.19 18.26 -28.07
C GLY C 520 -41.85 18.77 -29.44
N TYR C 521 -40.89 18.16 -30.13
CA TYR C 521 -40.52 18.63 -31.46
C TYR C 521 -41.52 18.14 -32.48
N GLU C 522 -41.86 19.01 -33.45
CA GLU C 522 -42.92 18.74 -34.42
C GLU C 522 -42.52 19.01 -35.87
N GLY C 523 -41.27 19.39 -36.15
CA GLY C 523 -40.80 19.54 -37.51
C GLY C 523 -40.32 18.25 -38.13
N PRO C 524 -39.65 18.32 -39.28
CA PRO C 524 -39.11 17.10 -39.90
C PRO C 524 -38.12 16.38 -38.99
N LEU C 525 -38.18 15.05 -39.00
CA LEU C 525 -37.38 14.25 -38.08
C LEU C 525 -35.89 14.55 -38.23
N HIS C 526 -35.42 14.75 -39.47
CA HIS C 526 -34.01 14.98 -39.67
C HIS C 526 -33.55 16.39 -39.27
N GLN C 527 -34.47 17.26 -38.83
CA GLN C 527 -34.12 18.58 -38.32
C GLN C 527 -34.31 18.70 -36.81
N CYS C 528 -34.66 17.61 -36.13
CA CYS C 528 -34.79 17.62 -34.68
C CYS C 528 -33.45 17.81 -33.98
N ASP C 529 -33.45 18.59 -32.90
CA ASP C 529 -32.31 18.74 -31.99
C ASP C 529 -32.81 18.64 -30.56
N ILE C 530 -32.39 17.60 -29.83
CA ILE C 530 -32.93 17.41 -28.46
C ILE C 530 -32.14 18.16 -27.39
N TYR C 531 -31.17 18.98 -27.78
CA TYR C 531 -30.38 19.76 -26.82
C TYR C 531 -31.27 20.48 -25.80
N ARG C 532 -30.89 20.37 -24.52
CA ARG C 532 -31.51 21.04 -23.38
C ARG C 532 -32.92 20.57 -23.07
N SER C 533 -33.36 19.44 -23.63
CA SER C 533 -34.67 18.88 -23.30
C SER C 533 -34.54 18.00 -22.07
N THR C 534 -34.94 18.53 -20.90
CA THR C 534 -34.89 17.75 -19.66
C THR C 534 -35.86 16.56 -19.70
N LYS C 535 -36.93 16.64 -20.50
CA LYS C 535 -37.87 15.53 -20.63
C LYS C 535 -37.27 14.37 -21.44
N ALA C 536 -36.60 14.70 -22.55
CA ALA C 536 -35.92 13.65 -23.30
C ALA C 536 -34.84 13.01 -22.44
N GLY C 537 -34.07 13.83 -21.72
CA GLY C 537 -33.05 13.27 -20.84
C GLY C 537 -33.59 12.24 -19.88
N ALA C 538 -34.73 12.54 -19.23
CA ALA C 538 -35.27 11.65 -18.21
C ALA C 538 -35.72 10.32 -18.81
N LYS C 539 -36.28 10.37 -20.03
CA LYS C 539 -36.65 9.15 -20.73
C LYS C 539 -35.43 8.28 -21.02
N LEU C 540 -34.33 8.90 -21.47
CA LEU C 540 -33.09 8.18 -21.73
C LEU C 540 -32.45 7.67 -20.43
N ARG C 541 -32.48 8.48 -19.36
CA ARG C 541 -31.91 8.05 -18.11
C ARG C 541 -32.57 6.79 -17.59
N LYS C 542 -33.86 6.61 -17.89
CA LYS C 542 -34.52 5.42 -17.39
C LYS C 542 -33.93 4.17 -18.04
N VAL C 543 -33.60 4.23 -19.34
CA VAL C 543 -32.95 3.12 -20.03
C VAL C 543 -31.58 2.83 -19.39
N LEU C 544 -30.77 3.87 -19.22
CA LEU C 544 -29.39 3.69 -18.77
C LEU C 544 -29.30 3.06 -17.38
N ARG C 545 -30.15 3.52 -16.45
CA ARG C 545 -30.14 3.02 -15.08
C ARG C 545 -30.60 1.58 -14.96
N ALA C 546 -31.25 1.01 -15.99
CA ALA C 546 -31.72 -0.37 -15.91
C ALA C 546 -30.62 -1.40 -16.11
N GLY C 547 -29.51 -1.03 -16.75
CA GLY C 547 -28.47 -2.00 -17.07
C GLY C 547 -29.08 -3.20 -17.80
N SER C 548 -28.66 -4.41 -17.40
CA SER C 548 -29.23 -5.64 -17.96
C SER C 548 -30.16 -6.32 -16.95
N SER C 549 -30.75 -5.53 -16.06
CA SER C 549 -31.62 -6.09 -15.02
C SER C 549 -32.97 -6.53 -15.58
N ARG C 550 -33.40 -6.02 -16.72
CA ARG C 550 -34.70 -6.32 -17.31
C ARG C 550 -34.55 -6.80 -18.76
N PRO C 551 -35.52 -7.56 -19.27
CA PRO C 551 -35.48 -7.96 -20.69
C PRO C 551 -35.48 -6.76 -21.64
N TRP C 552 -34.63 -6.82 -22.70
CA TRP C 552 -34.46 -5.63 -23.52
C TRP C 552 -35.75 -5.26 -24.24
N GLN C 553 -36.59 -6.26 -24.57
CA GLN C 553 -37.84 -5.99 -25.28
C GLN C 553 -38.77 -5.12 -24.44
N GLU C 554 -38.79 -5.31 -23.13
CA GLU C 554 -39.61 -4.50 -22.25
C GLU C 554 -39.03 -3.10 -22.03
N VAL C 555 -37.70 -2.99 -21.88
CA VAL C 555 -37.09 -1.67 -21.75
C VAL C 555 -37.36 -0.85 -23.02
N LEU C 556 -37.25 -1.49 -24.17
CA LEU C 556 -37.55 -0.80 -25.42
C LEU C 556 -39.01 -0.37 -25.50
N LYS C 557 -39.94 -1.25 -25.12
CA LYS C 557 -41.35 -0.93 -25.19
C LYS C 557 -41.67 0.30 -24.34
N ASP C 558 -41.15 0.33 -23.10
CA ASP C 558 -41.30 1.49 -22.23
C ASP C 558 -40.79 2.76 -22.91
N MET C 559 -39.71 2.62 -23.69
CA MET C 559 -39.06 3.80 -24.26
C MET C 559 -39.77 4.29 -25.51
N VAL C 560 -40.04 3.42 -26.47
CA VAL C 560 -40.48 3.85 -27.80
C VAL C 560 -41.88 3.34 -28.16
N GLY C 561 -42.49 2.52 -27.32
CA GLY C 561 -43.84 2.06 -27.59
C GLY C 561 -43.95 0.76 -28.35
N LEU C 562 -42.82 0.12 -28.66
CA LEU C 562 -42.74 -1.07 -29.48
C LEU C 562 -41.72 -2.02 -28.87
N ASP C 563 -41.97 -3.33 -28.95
CA ASP C 563 -41.11 -4.28 -28.27
C ASP C 563 -40.13 -4.98 -29.20
N ALA C 564 -39.84 -4.39 -30.38
CA ALA C 564 -38.94 -5.04 -31.33
C ALA C 564 -38.14 -4.00 -32.12
N LEU C 565 -36.99 -4.44 -32.65
CA LEU C 565 -36.26 -3.65 -33.65
C LEU C 565 -37.18 -3.33 -34.82
N ASP C 566 -37.06 -2.14 -35.40
CA ASP C 566 -37.97 -1.70 -36.45
C ASP C 566 -37.29 -0.69 -37.37
N ALA C 567 -37.31 -0.95 -38.68
CA ALA C 567 -36.64 -0.05 -39.63
C ALA C 567 -37.44 1.20 -40.00
N GLN C 568 -38.67 1.34 -39.55
CA GLN C 568 -39.48 2.44 -40.05
C GLN C 568 -38.93 3.81 -39.63
N PRO C 569 -38.42 3.98 -38.40
CA PRO C 569 -37.85 5.31 -38.06
C PRO C 569 -36.66 5.71 -38.92
N LEU C 570 -35.78 4.76 -39.28
CA LEU C 570 -34.67 5.09 -40.16
C LEU C 570 -35.19 5.50 -41.54
N LEU C 571 -36.18 4.78 -42.07
CA LEU C 571 -36.69 5.08 -43.42
C LEU C 571 -37.35 6.46 -43.44
N LYS C 572 -38.11 6.78 -42.39
CA LYS C 572 -38.75 8.10 -42.28
C LYS C 572 -37.72 9.21 -42.27
N TYR C 573 -36.65 9.03 -41.49
CA TYR C 573 -35.59 10.04 -41.41
C TYR C 573 -35.03 10.37 -42.79
N PHE C 574 -34.79 9.35 -43.64
CA PHE C 574 -34.07 9.54 -44.90
C PHE C 574 -34.95 9.74 -46.13
N GLN C 575 -36.28 9.73 -45.95
CA GLN C 575 -37.24 9.66 -47.05
C GLN C 575 -36.94 10.58 -48.25
N LEU C 576 -36.62 11.85 -47.98
CA LEU C 576 -36.40 12.81 -49.08
C LEU C 576 -35.21 12.43 -49.95
N VAL C 577 -34.10 11.99 -49.34
CA VAL C 577 -32.93 11.66 -50.15
C VAL C 577 -33.08 10.26 -50.76
N THR C 578 -33.83 9.39 -50.11
CA THR C 578 -34.18 8.10 -50.74
C THR C 578 -34.90 8.34 -52.07
N GLN C 579 -35.88 9.24 -52.06
CA GLN C 579 -36.63 9.52 -53.29
C GLN C 579 -35.74 10.21 -54.32
N TRP C 580 -34.97 11.21 -53.87
CA TRP C 580 -34.08 11.94 -54.76
C TRP C 580 -33.06 11.02 -55.42
N LEU C 581 -32.46 10.09 -54.64
CA LEU C 581 -31.44 9.23 -55.23
C LEU C 581 -32.04 8.28 -56.27
N GLN C 582 -33.24 7.75 -56.01
CA GLN C 582 -33.93 6.95 -57.01
C GLN C 582 -34.10 7.73 -58.31
N GLU C 583 -34.53 8.98 -58.22
CA GLU C 583 -34.75 9.81 -59.41
C GLU C 583 -33.45 10.04 -60.17
N GLN C 584 -32.36 10.38 -59.48
CA GLN C 584 -31.12 10.66 -60.21
C GLN C 584 -30.65 9.43 -60.98
N ASN C 585 -30.71 8.26 -60.33
CA ASN C 585 -30.19 7.05 -60.94
C ASN C 585 -31.03 6.63 -62.14
N GLN C 586 -32.37 6.77 -62.06
CA GLN C 586 -33.23 6.48 -63.20
C GLN C 586 -32.93 7.44 -64.35
N GLN C 587 -32.81 8.73 -64.05
CA GLN C 587 -32.51 9.69 -65.11
C GLN C 587 -31.16 9.42 -65.75
N ASN C 588 -30.19 8.93 -64.97
CA ASN C 588 -28.88 8.60 -65.53
C ASN C 588 -28.83 7.18 -66.10
N GLY C 589 -29.92 6.42 -66.02
CA GLY C 589 -29.90 5.08 -66.57
C GLY C 589 -28.97 4.10 -65.90
N GLU C 590 -28.83 4.18 -64.57
CA GLU C 590 -27.95 3.27 -63.83
C GLU C 590 -28.54 1.86 -63.75
N VAL C 591 -27.64 0.88 -63.66
CA VAL C 591 -27.98 -0.47 -63.21
C VAL C 591 -27.83 -0.49 -61.69
N LEU C 592 -28.88 -0.89 -60.99
CA LEU C 592 -28.78 -1.07 -59.55
C LEU C 592 -28.17 -2.45 -59.27
N GLY C 593 -27.13 -2.48 -58.44
CA GLY C 593 -26.40 -3.70 -58.13
C GLY C 593 -25.13 -3.81 -58.95
N TRP C 594 -24.52 -5.01 -58.91
CA TRP C 594 -23.22 -5.25 -59.55
C TRP C 594 -23.23 -6.64 -60.24
N PRO C 595 -24.03 -6.79 -61.31
CA PRO C 595 -24.18 -8.10 -61.96
C PRO C 595 -22.92 -8.63 -62.60
N GLU C 596 -21.93 -7.79 -62.90
CA GLU C 596 -20.64 -8.30 -63.34
C GLU C 596 -19.78 -8.60 -62.10
N TYR C 597 -20.17 -9.67 -61.41
CA TYR C 597 -19.62 -9.98 -60.09
C TYR C 597 -18.15 -10.44 -60.12
N GLN C 598 -17.64 -10.83 -61.29
CA GLN C 598 -16.24 -11.26 -61.45
C GLN C 598 -15.25 -10.11 -61.60
N TRP C 599 -15.72 -8.88 -61.83
CA TRP C 599 -14.83 -7.82 -62.27
C TRP C 599 -13.90 -7.31 -61.17
N HIS C 600 -12.64 -7.09 -61.53
CA HIS C 600 -11.69 -6.38 -60.72
C HIS C 600 -10.95 -5.38 -61.60
N PRO C 601 -10.48 -4.27 -61.03
CA PRO C 601 -9.75 -3.27 -61.83
C PRO C 601 -8.33 -3.71 -62.13
N PRO C 602 -7.71 -3.15 -63.16
CA PRO C 602 -6.29 -3.42 -63.44
C PRO C 602 -5.35 -2.61 -62.54
N LEU C 603 -4.03 -2.99 -62.58
CA LEU C 603 -3.00 -2.24 -61.88
C LEU C 603 -2.68 -0.94 -62.62
N PRO C 604 -2.30 0.11 -61.89
CA PRO C 604 -1.81 1.31 -62.57
C PRO C 604 -0.51 1.02 -63.32
N ASP C 605 -0.21 1.90 -64.28
CA ASP C 605 0.77 1.63 -65.34
C ASP C 605 2.09 1.09 -64.80
N ASN C 606 2.75 1.81 -63.90
CA ASN C 606 4.02 1.34 -63.34
C ASN C 606 3.89 1.23 -61.82
N TYR C 607 3.12 0.24 -61.37
CA TYR C 607 2.90 0.05 -59.95
C TYR C 607 3.75 -1.11 -59.44
N PRO C 608 4.43 -0.96 -58.30
CA PRO C 608 4.40 0.17 -57.34
C PRO C 608 5.41 1.32 -57.55
N GLU C 609 6.06 1.39 -58.70
CA GLU C 609 7.11 2.37 -58.92
C GLU C 609 6.49 3.72 -59.32
N GLY C 610 6.04 4.47 -58.31
CA GLY C 610 5.52 5.81 -58.52
C GLY C 610 4.87 6.40 -57.28
N LEU D 1 -52.99 50.98 -7.85
CA LEU D 1 -52.33 49.66 -7.79
C LEU D 1 -53.34 48.60 -8.25
N ASP D 2 -52.92 47.69 -9.12
CA ASP D 2 -53.81 46.64 -9.58
C ASP D 2 -54.43 45.91 -8.38
N PRO D 3 -55.70 45.49 -8.47
CA PRO D 3 -56.32 44.81 -7.31
C PRO D 3 -55.56 43.60 -6.81
N GLY D 4 -55.08 42.72 -7.70
CA GLY D 4 -54.37 41.54 -7.25
C GLY D 4 -53.11 41.82 -6.46
N LEU D 5 -52.60 43.05 -6.52
CA LEU D 5 -51.36 43.45 -5.86
C LEU D 5 -51.56 44.23 -4.56
N GLN D 6 -52.79 44.46 -4.14
CA GLN D 6 -53.09 45.27 -2.97
C GLN D 6 -53.07 44.43 -1.70
N PRO D 7 -52.63 44.97 -0.58
CA PRO D 7 -52.68 44.21 0.68
C PRO D 7 -54.11 44.08 1.19
N GLY D 8 -54.47 42.86 1.59
CA GLY D 8 -55.76 42.57 2.20
C GLY D 8 -55.79 42.71 3.71
N GLN D 9 -56.61 41.85 4.32
CA GLN D 9 -56.89 41.84 5.76
C GLN D 9 -56.08 40.76 6.46
N PHE D 10 -55.48 41.11 7.60
CA PHE D 10 -54.71 40.17 8.40
C PHE D 10 -54.89 40.48 9.88
N SER D 11 -54.81 39.45 10.72
CA SER D 11 -54.96 39.71 12.15
C SER D 11 -53.72 40.41 12.70
N ALA D 12 -53.95 41.24 13.72
CA ALA D 12 -52.89 42.07 14.31
C ALA D 12 -52.13 41.29 15.39
N ASP D 13 -51.55 40.16 14.98
CA ASP D 13 -50.73 39.35 15.88
C ASP D 13 -49.69 38.60 15.04
N GLU D 14 -48.82 37.84 15.72
CA GLU D 14 -47.71 37.16 15.04
C GLU D 14 -48.21 36.15 14.03
N ALA D 15 -49.30 35.45 14.34
CA ALA D 15 -49.84 34.49 13.39
C ALA D 15 -50.32 35.20 12.13
N GLY D 16 -50.94 36.38 12.29
CA GLY D 16 -51.36 37.14 11.13
C GLY D 16 -50.19 37.72 10.33
N ALA D 17 -49.17 38.23 11.03
CA ALA D 17 -47.97 38.76 10.36
C ALA D 17 -47.30 37.68 9.49
N GLN D 18 -47.28 36.44 9.97
CA GLN D 18 -46.76 35.36 9.13
C GLN D 18 -47.55 35.24 7.82
N LEU D 19 -48.89 35.37 7.89
CA LEU D 19 -49.71 35.30 6.68
C LEU D 19 -49.49 36.53 5.81
N PHE D 20 -49.33 37.69 6.44
CA PHE D 20 -49.05 38.93 5.72
C PHE D 20 -47.76 38.81 4.89
N ALA D 21 -46.71 38.23 5.48
CA ALA D 21 -45.43 38.08 4.79
C ALA D 21 -45.55 37.13 3.61
N GLN D 22 -46.33 36.05 3.73
CA GLN D 22 -46.51 35.12 2.61
C GLN D 22 -47.22 35.80 1.45
N SER D 23 -48.25 36.58 1.76
CA SER D 23 -49.00 37.32 0.76
C SER D 23 -48.14 38.40 0.10
N TYR D 24 -47.34 39.12 0.89
CA TYR D 24 -46.40 40.11 0.35
C TYR D 24 -45.44 39.51 -0.67
N GLN D 25 -44.78 38.40 -0.31
CA GLN D 25 -43.81 37.79 -1.23
C GLN D 25 -44.44 37.47 -2.57
N SER D 26 -45.69 37.01 -2.57
CA SER D 26 -46.28 36.58 -3.80
C SER D 26 -46.53 37.73 -4.78
N SER D 27 -46.77 38.94 -4.28
CA SER D 27 -46.93 40.07 -5.19
C SER D 27 -45.61 40.82 -5.40
N ALA D 28 -44.71 40.78 -4.42
CA ALA D 28 -43.45 41.51 -4.55
C ALA D 28 -42.60 40.92 -5.69
N GLU D 29 -42.70 39.61 -5.93
CA GLU D 29 -41.90 38.99 -6.97
C GLU D 29 -42.29 39.55 -8.33
N GLN D 30 -43.60 39.78 -8.54
CA GLN D 30 -44.07 40.30 -9.83
C GLN D 30 -43.65 41.74 -10.05
N VAL D 31 -43.68 42.53 -8.98
CA VAL D 31 -43.35 43.95 -9.05
C VAL D 31 -41.84 44.15 -9.24
N LEU D 32 -41.04 43.39 -8.50
CA LEU D 32 -39.59 43.42 -8.68
C LEU D 32 -39.21 42.97 -10.09
N PHE D 33 -39.84 41.90 -10.59
CA PHE D 33 -39.50 41.43 -11.93
C PHE D 33 -39.75 42.49 -13.00
N GLN D 34 -40.92 43.17 -12.95
CA GLN D 34 -41.17 44.16 -13.99
C GLN D 34 -40.17 45.32 -13.92
N SER D 35 -39.72 45.65 -12.71
CA SER D 35 -38.73 46.71 -12.54
C SER D 35 -37.34 46.29 -13.05
N VAL D 36 -36.88 45.09 -12.67
CA VAL D 36 -35.59 44.61 -13.16
C VAL D 36 -35.60 44.45 -14.68
N ALA D 37 -36.70 43.96 -15.25
CA ALA D 37 -36.79 43.76 -16.70
C ALA D 37 -36.69 45.09 -17.45
N ALA D 38 -37.32 46.13 -16.91
CA ALA D 38 -37.30 47.45 -17.55
C ALA D 38 -35.92 48.09 -17.48
N SER D 39 -35.24 47.90 -16.34
CA SER D 39 -33.85 48.34 -16.18
C SER D 39 -32.91 47.63 -17.16
N TRP D 40 -33.15 46.33 -17.39
CA TRP D 40 -32.34 45.55 -18.34
C TRP D 40 -32.49 46.09 -19.75
N ALA D 41 -33.73 46.29 -20.19
CA ALA D 41 -34.02 46.82 -21.51
C ALA D 41 -33.35 48.16 -21.73
N HIS D 42 -33.32 49.02 -20.71
CA HIS D 42 -32.60 50.30 -20.85
C HIS D 42 -31.08 50.11 -20.92
N ASP D 43 -30.50 49.39 -19.95
CA ASP D 43 -29.03 49.31 -19.83
C ASP D 43 -28.40 48.55 -20.98
N THR D 44 -29.16 47.70 -21.63
CA THR D 44 -28.68 47.08 -22.84
C THR D 44 -29.10 47.82 -24.18
N ASN D 45 -29.75 48.99 -24.14
CA ASN D 45 -30.19 49.72 -25.33
C ASN D 45 -30.62 51.07 -24.78
N ILE D 46 -29.70 51.98 -24.58
CA ILE D 46 -30.02 53.22 -24.02
C ILE D 46 -30.76 54.15 -24.98
N THR D 47 -32.04 54.41 -24.74
CA THR D 47 -32.87 55.32 -25.53
C THR D 47 -33.79 56.08 -24.59
N ALA D 48 -34.27 57.24 -25.07
CA ALA D 48 -35.22 58.02 -24.28
C ALA D 48 -36.49 57.21 -24.01
N GLU D 49 -36.91 56.40 -24.99
CA GLU D 49 -38.12 55.60 -24.79
C GLU D 49 -37.92 54.53 -23.73
N ASN D 50 -36.76 53.87 -23.72
CA ASN D 50 -36.54 52.85 -22.69
C ASN D 50 -36.37 53.50 -21.32
N ALA D 51 -35.84 54.72 -21.24
CA ALA D 51 -35.79 55.40 -19.94
C ALA D 51 -37.20 55.75 -19.43
N ARG D 52 -38.08 56.20 -20.33
CA ARG D 52 -39.46 56.46 -19.94
C ARG D 52 -40.12 55.21 -19.35
N ARG D 53 -39.93 54.06 -20.00
CA ARG D 53 -40.52 52.80 -19.52
C ARG D 53 -39.94 52.39 -18.17
N GLN D 54 -38.65 52.65 -17.95
CA GLN D 54 -38.01 52.32 -16.68
C GLN D 54 -38.52 53.23 -15.54
N GLU D 55 -38.74 54.51 -15.83
CA GLU D 55 -39.25 55.42 -14.81
C GLU D 55 -40.70 55.09 -14.46
N GLU D 56 -41.48 54.62 -15.44
CA GLU D 56 -42.84 54.17 -15.17
C GLU D 56 -42.86 52.91 -14.31
N ALA D 57 -41.96 51.96 -14.59
CA ALA D 57 -41.84 50.77 -13.74
C ALA D 57 -41.38 51.12 -12.33
N ALA D 58 -40.46 52.07 -12.21
CA ALA D 58 -40.01 52.52 -10.90
C ALA D 58 -41.14 53.17 -10.10
N LEU D 59 -42.03 53.93 -10.77
CA LEU D 59 -43.14 54.54 -10.06
C LEU D 59 -44.08 53.48 -9.50
N LEU D 60 -44.32 52.40 -10.27
CA LEU D 60 -45.17 51.33 -9.78
C LEU D 60 -44.56 50.66 -8.57
N SER D 61 -43.23 50.44 -8.61
CA SER D 61 -42.57 49.84 -7.45
C SER D 61 -42.75 50.69 -6.20
N GLN D 62 -42.65 52.02 -6.34
CA GLN D 62 -42.87 52.93 -5.20
C GLN D 62 -44.32 52.89 -4.70
N GLU D 63 -45.29 52.80 -5.61
CA GLU D 63 -46.69 52.67 -5.21
C GLU D 63 -46.92 51.37 -4.43
N PHE D 64 -46.32 50.27 -4.89
CA PHE D 64 -46.39 49.00 -4.17
C PHE D 64 -45.78 49.13 -2.77
N ALA D 65 -44.58 49.68 -2.67
CA ALA D 65 -43.90 49.73 -1.38
C ALA D 65 -44.65 50.59 -0.37
N GLU D 66 -45.29 51.66 -0.83
CA GLU D 66 -46.08 52.49 0.08
C GLU D 66 -47.29 51.71 0.60
N ALA D 67 -48.01 51.02 -0.28
CA ALA D 67 -49.22 50.31 0.17
C ALA D 67 -48.88 49.23 1.21
N TRP D 68 -47.88 48.38 0.94
CA TRP D 68 -47.55 47.32 1.89
C TRP D 68 -46.85 47.86 3.15
N GLY D 69 -46.02 48.90 3.02
CA GLY D 69 -45.39 49.49 4.19
C GLY D 69 -46.37 50.13 5.18
N GLN D 70 -47.36 50.86 4.65
CA GLN D 70 -48.39 51.44 5.51
C GLN D 70 -49.28 50.36 6.14
N LYS D 71 -49.55 49.25 5.41
CA LYS D 71 -50.31 48.16 6.05
C LYS D 71 -49.51 47.49 7.15
N ALA D 72 -48.21 47.29 6.95
CA ALA D 72 -47.37 46.73 8.02
C ALA D 72 -47.44 47.61 9.27
N LYS D 73 -47.43 48.93 9.10
CA LYS D 73 -47.46 49.81 10.27
C LYS D 73 -48.84 49.81 10.94
N GLU D 74 -49.91 49.88 10.14
CA GLU D 74 -51.27 49.85 10.69
C GLU D 74 -51.45 48.65 11.63
N LEU D 75 -50.99 47.47 11.23
CA LEU D 75 -51.26 46.22 11.93
C LEU D 75 -50.23 45.87 13.01
N TYR D 76 -48.95 46.18 12.79
CA TYR D 76 -47.88 45.57 13.59
C TYR D 76 -46.90 46.55 14.23
N GLU D 77 -47.04 47.87 14.03
CA GLU D 77 -46.01 48.78 14.50
C GLU D 77 -45.66 48.60 15.97
N PRO D 78 -46.62 48.46 16.89
CA PRO D 78 -46.26 48.34 18.31
C PRO D 78 -45.89 46.95 18.80
N ILE D 79 -45.76 45.93 17.93
CA ILE D 79 -45.58 44.56 18.41
C ILE D 79 -44.52 43.78 17.63
N TRP D 80 -44.14 44.25 16.44
CA TRP D 80 -43.29 43.40 15.59
C TRP D 80 -41.91 43.14 16.19
N GLN D 81 -41.39 44.10 16.96
CA GLN D 81 -40.07 43.93 17.54
C GLN D 81 -40.04 42.89 18.64
N GLN D 82 -41.20 42.46 19.14
CA GLN D 82 -41.26 41.41 20.16
C GLN D 82 -41.78 40.10 19.60
N PHE D 83 -42.00 39.99 18.29
CA PHE D 83 -42.26 38.69 17.69
C PHE D 83 -41.13 37.71 18.04
N THR D 84 -41.47 36.44 18.15
CA THR D 84 -40.52 35.41 18.52
C THR D 84 -39.80 34.76 17.34
N ASP D 85 -40.30 34.90 16.12
CA ASP D 85 -39.60 34.39 14.95
C ASP D 85 -38.63 35.48 14.48
N PRO D 86 -37.31 35.27 14.58
CA PRO D 86 -36.38 36.36 14.21
C PRO D 86 -36.33 36.63 12.72
N GLN D 87 -36.57 35.63 11.88
N GLN D 87 -36.57 35.63 11.88
CA GLN D 87 -36.66 35.88 10.44
CA GLN D 87 -36.66 35.86 10.44
C GLN D 87 -37.89 36.71 10.10
C GLN D 87 -37.90 36.68 10.08
N LEU D 88 -39.01 36.48 10.81
CA LEU D 88 -40.17 37.33 10.62
C LEU D 88 -39.90 38.76 11.07
N ARG D 89 -39.18 38.95 12.17
CA ARG D 89 -38.82 40.32 12.54
C ARG D 89 -38.02 40.97 11.43
N ARG D 90 -37.14 40.21 10.77
CA ARG D 90 -36.32 40.80 9.71
C ARG D 90 -37.17 41.20 8.51
N ILE D 91 -38.17 40.37 8.17
CA ILE D 91 -39.03 40.67 7.03
C ILE D 91 -39.87 41.92 7.30
N ILE D 92 -40.53 41.99 8.46
CA ILE D 92 -41.37 43.16 8.75
C ILE D 92 -40.53 44.43 8.81
N GLY D 93 -39.32 44.33 9.37
CA GLY D 93 -38.47 45.51 9.43
C GLY D 93 -38.12 46.06 8.05
N ALA D 94 -37.91 45.17 7.08
CA ALA D 94 -37.65 45.59 5.70
C ALA D 94 -38.87 46.22 5.04
N VAL D 95 -40.04 45.58 5.19
CA VAL D 95 -41.25 46.09 4.55
C VAL D 95 -41.60 47.49 5.07
N ARG D 96 -41.29 47.79 6.32
CA ARG D 96 -41.66 49.08 6.87
C ARG D 96 -40.68 50.21 6.54
N THR D 97 -39.60 49.92 5.83
CA THR D 97 -38.64 50.92 5.37
C THR D 97 -39.03 51.34 3.95
N LEU D 98 -39.45 52.59 3.78
CA LEU D 98 -40.04 53.03 2.50
C LEU D 98 -39.06 53.70 1.54
N GLY D 99 -37.98 54.34 2.02
CA GLY D 99 -37.05 54.98 1.10
C GLY D 99 -37.73 56.04 0.24
N SER D 100 -37.48 55.99 -1.07
CA SER D 100 -38.01 57.02 -1.96
C SER D 100 -39.54 56.98 -2.03
N ALA D 101 -40.17 55.85 -1.64
CA ALA D 101 -41.62 55.80 -1.60
C ALA D 101 -42.22 56.73 -0.54
N ASN D 102 -41.39 57.27 0.36
CA ASN D 102 -41.82 58.34 1.27
C ASN D 102 -42.07 59.67 0.58
N LEU D 103 -41.52 59.90 -0.61
CA LEU D 103 -41.71 61.18 -1.29
C LEU D 103 -43.10 61.25 -1.92
N PRO D 104 -43.71 62.44 -2.02
CA PRO D 104 -44.92 62.59 -2.84
C PRO D 104 -44.68 62.36 -4.34
N LEU D 105 -45.78 62.10 -5.07
CA LEU D 105 -45.68 61.68 -6.46
C LEU D 105 -44.76 62.59 -7.27
N ALA D 106 -44.90 63.91 -7.13
CA ALA D 106 -44.15 64.82 -7.99
C ALA D 106 -42.64 64.71 -7.70
N LYS D 107 -42.27 64.53 -6.43
CA LYS D 107 -40.86 64.34 -6.08
C LYS D 107 -40.36 62.93 -6.44
N ARG D 108 -41.21 61.90 -6.40
CA ARG D 108 -40.81 60.58 -6.96
C ARG D 108 -40.42 60.73 -8.42
N GLN D 109 -41.25 61.45 -9.18
CA GLN D 109 -40.99 61.65 -10.61
C GLN D 109 -39.68 62.42 -10.82
N GLN D 110 -39.38 63.41 -9.97
N GLN D 110 -39.42 63.45 -10.01
CA GLN D 110 -38.12 64.15 -10.10
CA GLN D 110 -38.13 64.14 -10.08
C GLN D 110 -36.92 63.26 -9.77
C GLN D 110 -36.99 63.15 -9.85
N TYR D 111 -37.05 62.44 -8.71
CA TYR D 111 -35.98 61.55 -8.28
C TYR D 111 -35.67 60.49 -9.35
N ASN D 112 -36.69 59.83 -9.87
CA ASN D 112 -36.49 58.77 -10.86
C ASN D 112 -35.85 59.33 -12.13
N ALA D 113 -36.28 60.51 -12.57
CA ALA D 113 -35.68 61.12 -13.75
C ALA D 113 -34.22 61.50 -13.53
N LEU D 114 -33.87 61.97 -12.33
CA LEU D 114 -32.47 62.30 -12.05
C LEU D 114 -31.57 61.06 -12.20
N LEU D 115 -32.02 59.90 -11.67
CA LEU D 115 -31.26 58.65 -11.85
C LEU D 115 -31.11 58.28 -13.32
N SER D 116 -32.19 58.44 -14.14
CA SER D 116 -32.04 58.12 -15.56
C SER D 116 -31.02 59.03 -16.22
N GLN D 117 -31.03 60.30 -15.89
CA GLN D 117 -30.21 61.25 -16.63
C GLN D 117 -28.74 61.20 -16.20
N MET D 118 -28.45 60.92 -14.92
CA MET D 118 -27.07 60.70 -14.46
C MET D 118 -26.50 59.44 -15.09
N SER D 119 -27.29 58.37 -15.17
CA SER D 119 -26.81 57.15 -15.81
C SER D 119 -26.51 57.38 -17.30
N ARG D 120 -27.39 58.08 -18.02
CA ARG D 120 -27.12 58.41 -19.42
C ARG D 120 -25.83 59.22 -19.59
N ILE D 121 -25.64 60.25 -18.77
CA ILE D 121 -24.47 61.11 -18.96
C ILE D 121 -23.19 60.30 -18.81
N TYR D 122 -23.12 59.43 -17.78
CA TYR D 122 -21.89 58.69 -17.52
C TYR D 122 -21.60 57.69 -18.62
N SER D 123 -22.61 56.95 -19.07
CA SER D 123 -22.33 55.83 -19.94
C SER D 123 -22.29 56.18 -21.42
N THR D 124 -22.63 57.41 -21.80
CA THR D 124 -22.48 57.86 -23.19
C THR D 124 -21.39 58.92 -23.37
N ALA D 125 -20.70 59.32 -22.30
CA ALA D 125 -19.60 60.30 -22.44
C ALA D 125 -18.42 59.73 -23.24
N LYS D 126 -17.76 60.62 -24.00
CA LYS D 126 -16.68 60.28 -24.92
C LYS D 126 -15.61 61.38 -24.94
N VAL D 127 -14.40 61.00 -25.39
CA VAL D 127 -13.24 61.89 -25.50
C VAL D 127 -12.83 61.95 -26.97
N CYS D 128 -13.00 63.11 -27.59
CA CYS D 128 -12.71 63.25 -29.02
C CYS D 128 -11.33 63.85 -29.24
N LEU D 129 -10.68 63.41 -30.31
CA LEU D 129 -9.35 63.86 -30.69
C LEU D 129 -9.41 65.16 -31.49
N PRO D 130 -8.30 65.89 -31.56
CA PRO D 130 -8.32 67.16 -32.31
C PRO D 130 -8.25 67.00 -33.81
N GLN D 131 -7.81 65.84 -34.32
CA GLN D 131 -7.72 65.64 -35.76
C GLN D 131 -9.10 65.85 -36.40
N CYS D 136 -13.74 59.43 -31.85
CA CYS D 136 -13.83 59.68 -30.41
C CYS D 136 -13.65 58.37 -29.64
N TRP D 137 -13.04 58.49 -28.47
CA TRP D 137 -12.70 57.33 -27.65
C TRP D 137 -13.81 57.07 -26.63
N SER D 138 -14.23 55.80 -26.53
CA SER D 138 -15.18 55.40 -25.48
C SER D 138 -14.42 55.01 -24.21
N LEU D 139 -15.13 54.98 -23.07
CA LEU D 139 -14.45 54.54 -21.85
C LEU D 139 -14.03 53.07 -21.99
N ASP D 140 -14.94 52.23 -22.47
CA ASP D 140 -14.73 50.79 -22.63
C ASP D 140 -15.08 50.46 -24.09
N PRO D 141 -14.13 50.01 -24.92
CA PRO D 141 -12.78 49.59 -24.57
C PRO D 141 -11.65 50.68 -24.58
N ASP D 142 -11.87 51.82 -25.26
CA ASP D 142 -10.74 52.65 -25.71
C ASP D 142 -9.94 53.24 -24.56
N LEU D 143 -10.58 54.06 -23.69
CA LEU D 143 -9.81 54.71 -22.62
C LEU D 143 -9.27 53.68 -21.62
N THR D 144 -10.02 52.59 -21.38
CA THR D 144 -9.52 51.54 -20.49
C THR D 144 -8.24 50.93 -21.05
N ASN D 145 -8.20 50.67 -22.36
CA ASN D 145 -7.01 50.06 -22.95
C ASN D 145 -5.82 51.04 -22.94
N ILE D 146 -6.06 52.32 -23.24
CA ILE D 146 -5.01 53.34 -23.16
C ILE D 146 -4.40 53.40 -21.75
N LEU D 147 -5.23 53.62 -20.71
CA LEU D 147 -4.71 53.78 -19.35
C LEU D 147 -3.94 52.54 -18.87
N ALA D 148 -4.33 51.35 -19.36
CA ALA D 148 -3.68 50.08 -19.02
C ALA D 148 -2.36 49.83 -19.80
N SER D 149 -2.26 50.28 -21.07
N SER D 149 -2.26 50.26 -21.06
CA SER D 149 -1.20 49.79 -21.96
CA SER D 149 -1.16 49.81 -21.92
C SER D 149 -0.30 50.85 -22.58
C SER D 149 -0.21 50.89 -22.38
N SER D 150 -0.65 52.14 -22.54
CA SER D 150 0.24 53.18 -23.01
C SER D 150 1.31 53.50 -21.96
N ARG D 151 2.55 53.71 -22.42
CA ARG D 151 3.64 54.27 -21.60
C ARG D 151 4.11 55.62 -22.15
N SER D 152 3.20 56.37 -22.76
CA SER D 152 3.45 57.73 -23.21
C SER D 152 2.77 58.74 -22.27
N TYR D 153 3.57 59.59 -21.59
CA TYR D 153 3.03 60.56 -20.65
C TYR D 153 1.91 61.40 -21.28
N ALA D 154 2.15 61.91 -22.50
CA ALA D 154 1.18 62.80 -23.12
C ALA D 154 -0.11 62.09 -23.55
N MET D 155 -0.04 60.85 -24.09
CA MET D 155 -1.28 60.13 -24.45
C MET D 155 -2.13 59.88 -23.21
N LEU D 156 -1.48 59.43 -22.13
CA LEU D 156 -2.17 59.12 -20.88
C LEU D 156 -2.85 60.34 -20.30
N LEU D 157 -2.18 61.51 -20.40
CA LEU D 157 -2.72 62.75 -19.89
C LEU D 157 -3.97 63.20 -20.65
N PHE D 158 -3.91 63.15 -21.99
CA PHE D 158 -5.05 63.52 -22.81
C PHE D 158 -6.26 62.65 -22.48
N ALA D 159 -6.05 61.35 -22.24
CA ALA D 159 -7.13 60.44 -21.87
C ALA D 159 -7.70 60.78 -20.49
N TRP D 160 -6.82 61.01 -19.49
CA TRP D 160 -7.26 61.31 -18.12
C TRP D 160 -8.03 62.65 -18.05
N GLU D 161 -7.47 63.71 -18.61
CA GLU D 161 -8.13 65.03 -18.60
C GLU D 161 -9.43 64.99 -19.40
N GLY D 162 -9.39 64.39 -20.60
CA GLY D 162 -10.59 64.32 -21.43
C GLY D 162 -11.76 63.62 -20.73
N TRP D 163 -11.48 62.50 -20.05
CA TRP D 163 -12.56 61.76 -19.41
C TRP D 163 -13.11 62.52 -18.20
N HIS D 164 -12.25 63.05 -17.34
CA HIS D 164 -12.74 63.73 -16.14
C HIS D 164 -13.57 64.95 -16.52
N ASN D 165 -13.17 65.68 -17.57
CA ASN D 165 -13.98 66.83 -17.99
C ASN D 165 -15.32 66.41 -18.62
N ALA D 166 -15.30 65.40 -19.51
CA ALA D 166 -16.48 65.01 -20.27
C ALA D 166 -17.56 64.40 -19.37
N ALA D 167 -17.17 63.54 -18.43
CA ALA D 167 -18.14 62.88 -17.57
C ALA D 167 -18.51 63.70 -16.33
N GLY D 168 -17.53 64.35 -15.69
CA GLY D 168 -17.78 64.99 -14.41
C GLY D 168 -18.57 66.29 -14.48
N ILE D 169 -18.17 67.22 -15.38
CA ILE D 169 -18.77 68.57 -15.37
C ILE D 169 -20.29 68.54 -15.50
N PRO D 170 -20.89 67.88 -16.50
CA PRO D 170 -22.37 67.94 -16.66
C PRO D 170 -23.16 67.28 -15.55
N LEU D 171 -22.54 66.40 -14.74
CA LEU D 171 -23.27 65.73 -13.66
C LEU D 171 -23.49 66.63 -12.44
N LYS D 172 -22.66 67.61 -12.23
CA LYS D 172 -22.72 68.34 -10.97
C LYS D 172 -24.09 68.91 -10.53
N PRO D 173 -24.77 69.68 -11.40
CA PRO D 173 -26.07 70.18 -10.93
C PRO D 173 -27.07 69.08 -10.59
N LEU D 174 -27.06 67.98 -11.34
N LEU D 174 -27.06 67.97 -11.35
CA LEU D 174 -27.99 66.87 -11.09
CA LEU D 174 -27.99 66.88 -11.10
C LEU D 174 -27.66 66.18 -9.77
C LEU D 174 -27.66 66.15 -9.78
N TYR D 175 -26.36 66.01 -9.47
CA TYR D 175 -25.96 65.32 -8.24
C TYR D 175 -26.40 66.12 -7.01
N GLU D 176 -26.26 67.44 -7.07
CA GLU D 176 -26.72 68.28 -5.95
C GLU D 176 -28.19 68.04 -5.66
N ASP D 177 -29.03 68.07 -6.71
CA ASP D 177 -30.48 67.87 -6.58
C ASP D 177 -30.82 66.48 -6.09
N PHE D 178 -30.12 65.46 -6.60
CA PHE D 178 -30.31 64.09 -6.14
C PHE D 178 -30.02 63.97 -4.63
N THR D 179 -28.94 64.60 -4.15
CA THR D 179 -28.54 64.47 -2.76
C THR D 179 -29.64 64.97 -1.83
N ALA D 180 -30.23 66.11 -2.18
CA ALA D 180 -31.27 66.68 -1.33
C ALA D 180 -32.53 65.80 -1.29
N LEU D 181 -32.97 65.24 -2.43
CA LEU D 181 -34.19 64.41 -2.44
C LEU D 181 -33.98 63.09 -1.71
N SER D 182 -32.78 62.50 -1.85
CA SER D 182 -32.46 61.25 -1.14
C SER D 182 -32.55 61.46 0.36
N ASN D 183 -31.92 62.54 0.87
CA ASN D 183 -31.99 62.84 2.30
C ASN D 183 -33.42 63.08 2.76
N GLU D 184 -34.22 63.80 1.97
CA GLU D 184 -35.63 64.03 2.33
C GLU D 184 -36.38 62.71 2.47
N ALA D 185 -36.12 61.75 1.57
CA ALA D 185 -36.81 60.47 1.61
C ALA D 185 -36.48 59.69 2.88
N TYR D 186 -35.17 59.54 3.20
CA TYR D 186 -34.76 58.66 4.29
C TYR D 186 -34.94 59.30 5.67
N LYS D 187 -35.07 60.62 5.74
CA LYS D 187 -35.44 61.25 6.99
C LYS D 187 -36.80 60.74 7.47
N GLN D 188 -37.70 60.40 6.56
CA GLN D 188 -39.01 59.90 6.98
C GLN D 188 -39.01 58.44 7.40
N ASP D 189 -37.92 57.70 7.17
CA ASP D 189 -37.69 56.41 7.81
C ASP D 189 -36.93 56.55 9.14
N GLY D 190 -36.58 57.77 9.56
CA GLY D 190 -35.91 58.01 10.82
C GLY D 190 -34.40 58.23 10.80
N PHE D 191 -33.75 58.29 9.63
CA PHE D 191 -32.30 58.46 9.57
C PHE D 191 -31.95 59.93 9.34
N THR D 192 -30.87 60.40 9.99
CA THR D 192 -30.51 61.82 9.88
C THR D 192 -30.10 62.22 8.45
N ASP D 193 -29.50 61.30 7.70
CA ASP D 193 -29.16 61.52 6.30
C ASP D 193 -28.96 60.15 5.64
N THR D 194 -28.84 60.17 4.30
CA THR D 194 -28.79 58.93 3.51
C THR D 194 -27.60 58.06 3.95
N GLY D 195 -26.46 58.66 4.28
CA GLY D 195 -25.29 57.90 4.69
C GLY D 195 -25.50 57.09 5.96
N ALA D 196 -26.27 57.63 6.91
CA ALA D 196 -26.63 56.85 8.09
C ALA D 196 -27.46 55.62 7.72
N TYR D 197 -28.35 55.75 6.75
CA TYR D 197 -29.10 54.58 6.30
C TYR D 197 -28.16 53.54 5.67
N TRP D 198 -27.24 53.97 4.78
CA TRP D 198 -26.32 53.00 4.15
C TRP D 198 -25.48 52.26 5.20
N ARG D 199 -24.97 52.98 6.19
CA ARG D 199 -24.16 52.36 7.22
C ARG D 199 -24.96 51.40 8.10
N SER D 200 -26.28 51.58 8.21
CA SER D 200 -27.08 50.75 9.11
C SER D 200 -27.11 49.29 8.68
N TRP D 201 -26.80 48.99 7.42
CA TRP D 201 -26.77 47.61 6.96
C TRP D 201 -25.76 46.75 7.72
N TYR D 202 -24.76 47.36 8.38
CA TYR D 202 -23.70 46.59 9.04
C TYR D 202 -24.03 46.31 10.50
N ASN D 203 -25.21 46.71 10.96
CA ASN D 203 -25.67 46.46 12.33
C ASN D 203 -24.52 46.46 13.33
N SER D 204 -23.79 47.57 13.39
CA SER D 204 -22.67 47.71 14.30
C SER D 204 -22.58 49.16 14.77
N PRO D 205 -22.72 49.45 16.07
CA PRO D 205 -22.61 50.86 16.52
C PRO D 205 -21.20 51.45 16.39
N THR D 206 -20.14 50.66 16.26
CA THR D 206 -18.79 51.19 16.18
C THR D 206 -18.19 51.06 14.76
N PHE D 207 -19.05 51.02 13.73
CA PHE D 207 -18.59 50.71 12.35
C PHE D 207 -17.43 51.61 11.92
N GLU D 208 -17.60 52.93 12.03
CA GLU D 208 -16.58 53.86 11.50
C GLU D 208 -15.28 53.76 12.27
N ASP D 209 -15.34 53.60 13.59
CA ASP D 209 -14.17 53.37 14.40
C ASP D 209 -13.50 52.04 14.05
N ASP D 210 -14.29 51.00 13.79
CA ASP D 210 -13.73 49.72 13.44
C ASP D 210 -12.98 49.78 12.11
N LEU D 211 -13.53 50.51 11.12
CA LEU D 211 -12.86 50.67 9.82
C LEU D 211 -11.55 51.44 9.97
N GLU D 212 -11.55 52.51 10.78
N GLU D 212 -11.58 52.54 10.74
CA GLU D 212 -10.33 53.27 10.95
CA GLU D 212 -10.39 53.37 10.92
C GLU D 212 -9.23 52.41 11.58
C GLU D 212 -9.28 52.57 11.57
N HIS D 213 -9.57 51.62 12.60
N HIS D 213 -9.62 51.70 12.52
CA HIS D 213 -8.58 50.76 13.22
CA HIS D 213 -8.61 50.86 13.16
C HIS D 213 -8.01 49.78 12.21
C HIS D 213 -8.01 49.86 12.17
N LEU D 214 -8.85 49.28 11.29
CA LEU D 214 -8.36 48.38 10.26
C LEU D 214 -7.38 49.11 9.34
N TYR D 215 -7.77 50.29 8.83
CA TYR D 215 -6.88 50.98 7.89
C TYR D 215 -5.53 51.32 8.53
N GLN D 216 -5.53 51.67 9.83
CA GLN D 216 -4.27 51.93 10.54
C GLN D 216 -3.32 50.73 10.49
N GLN D 217 -3.85 49.51 10.52
CA GLN D 217 -2.99 48.33 10.42
C GLN D 217 -2.48 48.10 9.00
N LEU D 218 -3.26 48.51 8.00
CA LEU D 218 -2.95 48.27 6.59
C LEU D 218 -2.08 49.34 5.95
N GLU D 219 -2.06 50.56 6.50
CA GLU D 219 -1.40 51.69 5.84
C GLU D 219 0.09 51.48 5.60
N PRO D 220 0.85 50.88 6.51
CA PRO D 220 2.29 50.68 6.23
C PRO D 220 2.54 49.84 4.99
N LEU D 221 1.70 48.85 4.69
CA LEU D 221 1.87 48.06 3.47
C LEU D 221 1.67 48.92 2.23
N TYR D 222 0.63 49.77 2.23
CA TYR D 222 0.42 50.69 1.10
C TYR D 222 1.58 51.68 0.95
N LEU D 223 2.05 52.29 2.05
CA LEU D 223 3.11 53.31 1.93
C LEU D 223 4.37 52.73 1.29
N ASN D 224 4.72 51.47 1.63
CA ASN D 224 5.90 50.84 1.02
C ASN D 224 5.66 50.45 -0.44
N LEU D 225 4.48 49.96 -0.79
CA LEU D 225 4.23 49.69 -2.21
C LEU D 225 4.29 50.98 -3.03
N HIS D 226 3.72 52.07 -2.49
CA HIS D 226 3.70 53.38 -3.14
C HIS D 226 5.11 53.91 -3.40
N ALA D 227 5.99 53.87 -2.39
CA ALA D 227 7.35 54.39 -2.58
C ALA D 227 8.13 53.56 -3.61
N PHE D 228 7.95 52.25 -3.61
CA PHE D 228 8.61 51.38 -4.60
C PHE D 228 8.18 51.70 -6.04
N VAL D 229 6.87 51.80 -6.27
CA VAL D 229 6.34 52.15 -7.60
C VAL D 229 6.77 53.56 -8.02
N ARG D 230 6.76 54.53 -7.09
CA ARG D 230 7.18 55.90 -7.40
C ARG D 230 8.64 55.96 -7.89
N ARG D 231 9.52 55.16 -7.29
CA ARG D 231 10.91 55.09 -7.73
C ARG D 231 11.01 54.62 -9.18
N ALA D 232 10.24 53.58 -9.53
CA ALA D 232 10.25 53.07 -10.90
C ALA D 232 9.78 54.13 -11.89
N LEU D 233 8.71 54.86 -11.54
CA LEU D 233 8.18 55.91 -12.39
C LEU D 233 9.20 57.03 -12.58
N HIS D 234 9.96 57.31 -11.53
CA HIS D 234 11.00 58.34 -11.61
C HIS D 234 12.05 57.97 -12.64
N ARG D 235 12.53 56.72 -12.58
CA ARG D 235 13.54 56.28 -13.52
C ARG D 235 13.04 56.37 -14.96
N ARG D 236 11.73 56.25 -15.18
CA ARG D 236 11.12 56.22 -16.50
C ARG D 236 10.81 57.60 -17.05
N TYR D 237 10.15 58.45 -16.25
CA TYR D 237 9.61 59.72 -16.72
C TYR D 237 10.45 60.93 -16.30
N GLY D 238 11.33 60.77 -15.33
CA GLY D 238 12.28 61.80 -14.96
C GLY D 238 11.82 62.72 -13.85
N ASP D 239 12.78 63.50 -13.34
CA ASP D 239 12.56 64.38 -12.20
C ASP D 239 11.59 65.51 -12.47
N ARG D 240 11.40 65.92 -13.73
CA ARG D 240 10.47 67.00 -13.97
C ARG D 240 9.01 66.57 -13.71
N TYR D 241 8.69 65.29 -13.92
CA TYR D 241 7.31 64.81 -13.82
C TYR D 241 7.05 63.92 -12.59
N ILE D 242 8.08 63.53 -11.85
CA ILE D 242 7.93 62.67 -10.67
C ILE D 242 8.73 63.30 -9.51
N ASN D 243 8.05 63.58 -8.40
CA ASN D 243 8.70 64.09 -7.18
C ASN D 243 8.86 62.94 -6.18
N LEU D 244 10.10 62.56 -5.88
CA LEU D 244 10.37 61.45 -4.97
C LEU D 244 9.90 61.71 -3.54
N ARG D 245 9.50 62.94 -3.21
CA ARG D 245 8.93 63.23 -1.89
C ARG D 245 7.52 63.79 -1.96
N GLY D 246 6.84 63.64 -3.11
CA GLY D 246 5.50 64.14 -3.28
C GLY D 246 4.52 63.10 -3.82
N PRO D 247 3.26 63.50 -4.05
CA PRO D 247 2.28 62.56 -4.60
C PRO D 247 2.58 62.19 -6.06
N ILE D 248 2.14 60.99 -6.43
CA ILE D 248 2.27 60.49 -7.81
C ILE D 248 1.17 61.11 -8.70
N PRO D 249 1.52 61.58 -9.91
CA PRO D 249 0.48 62.04 -10.87
C PRO D 249 -0.53 60.93 -11.18
N ALA D 250 -1.82 61.28 -11.17
CA ALA D 250 -2.90 60.31 -11.01
C ALA D 250 -3.19 59.48 -12.27
N HIS D 251 -2.52 59.76 -13.40
CA HIS D 251 -2.77 59.06 -14.67
C HIS D 251 -1.72 58.00 -15.00
N LEU D 252 -0.75 57.74 -14.13
CA LEU D 252 0.39 56.89 -14.46
C LEU D 252 0.34 55.49 -13.82
N LEU D 253 -0.77 55.10 -13.21
CA LEU D 253 -0.79 53.86 -12.42
C LEU D 253 -1.63 52.74 -13.05
N GLY D 254 -2.03 52.87 -14.33
CA GLY D 254 -2.60 51.74 -15.06
C GLY D 254 -4.11 51.71 -15.16
N ASP D 255 -4.79 52.71 -14.59
CA ASP D 255 -6.22 52.69 -14.31
C ASP D 255 -6.70 54.15 -14.24
N MET D 256 -7.90 54.42 -14.78
CA MET D 256 -8.42 55.79 -14.86
C MET D 256 -8.53 56.45 -13.48
N TRP D 257 -8.79 55.66 -12.44
CA TRP D 257 -8.97 56.14 -11.07
C TRP D 257 -7.79 55.78 -10.19
N ALA D 258 -6.74 55.20 -10.79
CA ALA D 258 -5.58 54.76 -10.01
C ALA D 258 -6.00 53.84 -8.87
N GLN D 259 -7.06 53.05 -9.08
CA GLN D 259 -7.63 52.31 -7.97
C GLN D 259 -6.97 50.96 -7.76
N SER D 260 -6.40 50.37 -8.82
CA SER D 260 -5.53 49.21 -8.71
C SER D 260 -4.45 49.29 -9.79
N TRP D 261 -3.29 48.69 -9.51
CA TRP D 261 -2.10 48.96 -10.30
C TRP D 261 -1.58 47.73 -11.06
N GLU D 262 -2.39 46.67 -11.23
CA GLU D 262 -1.89 45.44 -11.84
C GLU D 262 -1.45 45.63 -13.31
N ASN D 263 -2.01 46.63 -14.01
CA ASN D 263 -1.68 46.85 -15.41
C ASN D 263 -0.33 47.53 -15.62
N ILE D 264 0.36 48.01 -14.57
CA ILE D 264 1.77 48.46 -14.75
C ILE D 264 2.76 47.43 -14.20
N TYR D 265 2.31 46.19 -13.96
CA TYR D 265 3.24 45.13 -13.53
C TYR D 265 4.47 45.03 -14.45
N ASP D 266 4.28 45.13 -15.78
CA ASP D 266 5.45 44.89 -16.67
C ASP D 266 6.47 46.02 -16.60
N MET D 267 6.14 47.11 -15.92
CA MET D 267 7.03 48.21 -15.65
C MET D 267 7.80 48.08 -14.33
N VAL D 268 7.39 47.16 -13.43
CA VAL D 268 7.95 47.12 -12.08
C VAL D 268 8.43 45.72 -11.67
N VAL D 269 8.36 44.71 -12.55
CA VAL D 269 8.66 43.31 -12.22
C VAL D 269 9.96 43.17 -11.42
N PRO D 270 9.94 42.55 -10.24
CA PRO D 270 11.21 42.46 -9.48
C PRO D 270 12.27 41.58 -10.13
N PHE D 271 11.89 40.44 -10.72
CA PHE D 271 12.82 39.43 -11.26
C PHE D 271 12.40 39.05 -12.68
N PRO D 272 12.79 39.85 -13.66
CA PRO D 272 12.32 39.63 -15.05
C PRO D 272 12.75 38.30 -15.71
N ASP D 273 13.68 37.52 -15.12
CA ASP D 273 14.09 36.24 -15.69
C ASP D 273 13.10 35.10 -15.49
N LYS D 274 12.12 35.30 -14.62
CA LYS D 274 11.19 34.25 -14.26
C LYS D 274 9.97 34.21 -15.17
N PRO D 275 9.06 33.26 -14.97
CA PRO D 275 7.91 33.17 -15.87
C PRO D 275 7.10 34.45 -15.85
N ASN D 276 6.59 34.85 -17.02
CA ASN D 276 5.70 36.01 -17.15
C ASN D 276 4.34 35.67 -16.58
N LEU D 277 3.96 36.35 -15.49
CA LEU D 277 2.72 36.03 -14.78
C LEU D 277 1.48 36.70 -15.35
N ASP D 278 1.60 37.57 -16.33
CA ASP D 278 0.45 38.03 -17.11
C ASP D 278 0.24 37.11 -18.29
N VAL D 279 -0.82 36.30 -18.24
CA VAL D 279 -1.05 35.28 -19.26
C VAL D 279 -1.92 35.80 -20.41
N THR D 280 -2.16 37.12 -20.50
CA THR D 280 -3.04 37.64 -21.56
C THR D 280 -2.59 37.16 -22.96
N SER D 281 -1.29 37.26 -23.25
CA SER D 281 -0.84 36.93 -24.61
C SER D 281 -1.08 35.46 -24.94
N THR D 282 -0.99 34.57 -23.93
CA THR D 282 -1.31 33.18 -24.14
C THR D 282 -2.81 32.97 -24.40
N MET D 283 -3.69 33.71 -23.68
CA MET D 283 -5.12 33.61 -23.95
C MET D 283 -5.42 33.97 -25.40
N LEU D 284 -4.78 35.02 -25.91
CA LEU D 284 -5.00 35.45 -27.28
C LEU D 284 -4.44 34.43 -28.28
N GLN D 285 -3.23 33.91 -28.02
CA GLN D 285 -2.63 32.92 -28.91
C GLN D 285 -3.49 31.66 -29.01
N GLN D 286 -4.07 31.24 -27.89
CA GLN D 286 -4.91 30.05 -27.87
C GLN D 286 -6.32 30.29 -28.39
N GLY D 287 -6.67 31.54 -28.69
CA GLY D 287 -7.99 31.81 -29.25
C GLY D 287 -9.13 31.86 -28.25
N TRP D 288 -8.86 32.21 -26.99
CA TRP D 288 -9.94 32.38 -26.02
C TRP D 288 -10.89 33.50 -26.46
N GLN D 289 -12.19 33.32 -26.20
CA GLN D 289 -13.20 34.35 -26.38
C GLN D 289 -14.00 34.47 -25.09
N ALA D 290 -14.88 35.49 -25.05
CA ALA D 290 -15.66 35.74 -23.83
C ALA D 290 -16.36 34.48 -23.32
N THR D 291 -16.99 33.72 -24.21
CA THR D 291 -17.76 32.57 -23.76
C THR D 291 -16.87 31.54 -23.07
N HIS D 292 -15.64 31.33 -23.56
CA HIS D 292 -14.73 30.39 -22.89
C HIS D 292 -14.41 30.87 -21.46
N MET D 293 -14.21 32.18 -21.30
CA MET D 293 -13.88 32.73 -19.99
C MET D 293 -14.99 32.45 -18.98
N PHE D 294 -16.27 32.62 -19.39
CA PHE D 294 -17.41 32.32 -18.53
C PHE D 294 -17.54 30.81 -18.27
N ARG D 295 -17.22 29.96 -19.27
CA ARG D 295 -17.32 28.52 -19.04
C ARG D 295 -16.24 28.03 -18.07
N VAL D 296 -15.02 28.57 -18.15
CA VAL D 296 -13.95 28.18 -17.24
C VAL D 296 -14.26 28.59 -15.81
N ALA D 297 -14.83 29.80 -15.63
CA ALA D 297 -15.29 30.22 -14.31
C ALA D 297 -16.35 29.27 -13.78
N GLU D 298 -17.34 28.96 -14.61
CA GLU D 298 -18.40 28.03 -14.22
C GLU D 298 -17.83 26.72 -13.70
N GLU D 299 -16.83 26.16 -14.40
CA GLU D 299 -16.33 24.83 -14.04
C GLU D 299 -15.58 24.83 -12.72
N PHE D 300 -14.93 25.95 -12.33
CA PHE D 300 -14.42 26.04 -10.96
C PHE D 300 -15.56 25.93 -9.93
N PHE D 301 -16.68 26.65 -10.15
CA PHE D 301 -17.80 26.54 -9.22
C PHE D 301 -18.32 25.10 -9.12
N THR D 302 -18.47 24.41 -10.25
CA THR D 302 -18.96 23.03 -10.18
C THR D 302 -17.93 22.06 -9.61
N SER D 303 -16.63 22.39 -9.68
CA SER D 303 -15.61 21.55 -9.05
C SER D 303 -15.81 21.48 -7.55
N LEU D 304 -16.37 22.55 -6.96
CA LEU D 304 -16.72 22.63 -5.56
C LEU D 304 -18.10 22.05 -5.23
N GLU D 305 -18.79 21.48 -6.19
CA GLU D 305 -20.17 21.01 -6.01
C GLU D 305 -21.15 22.16 -5.71
N LEU D 306 -20.86 23.35 -6.23
CA LEU D 306 -21.82 24.44 -6.30
C LEU D 306 -22.56 24.35 -7.64
N SER D 307 -23.47 25.30 -7.90
CA SER D 307 -24.37 25.12 -9.03
C SER D 307 -23.77 25.62 -10.35
N PRO D 308 -24.08 24.94 -11.45
CA PRO D 308 -23.81 25.51 -12.78
C PRO D 308 -24.77 26.67 -13.10
N MET D 309 -24.40 27.45 -14.12
CA MET D 309 -25.28 28.51 -14.60
C MET D 309 -26.45 27.87 -15.36
N PRO D 310 -27.68 28.30 -15.13
CA PRO D 310 -28.85 27.65 -15.79
C PRO D 310 -28.98 28.09 -17.25
N PRO D 311 -29.81 27.38 -18.04
CA PRO D 311 -30.01 27.76 -19.45
C PRO D 311 -30.45 29.20 -19.66
N GLU D 312 -31.35 29.69 -18.79
CA GLU D 312 -31.80 31.09 -18.88
C GLU D 312 -30.63 32.08 -18.76
N PHE D 313 -29.59 31.74 -18.01
CA PHE D 313 -28.39 32.61 -17.96
C PHE D 313 -27.70 32.68 -19.33
N TRP D 314 -27.45 31.51 -19.96
CA TRP D 314 -26.71 31.53 -21.22
C TRP D 314 -27.54 32.16 -22.34
N GLU D 315 -28.86 31.94 -22.32
CA GLU D 315 -29.75 32.47 -23.36
C GLU D 315 -29.97 33.98 -23.20
N GLY D 316 -29.97 34.51 -21.97
CA GLY D 316 -30.34 35.89 -21.74
C GLY D 316 -29.23 36.93 -21.55
N SER D 317 -28.04 36.48 -21.16
CA SER D 317 -26.97 37.42 -20.77
C SER D 317 -26.37 38.14 -21.98
N MET D 318 -25.71 39.26 -21.70
CA MET D 318 -24.96 40.03 -22.72
C MET D 318 -23.49 39.96 -22.34
N LEU D 319 -22.72 39.12 -23.03
CA LEU D 319 -21.34 38.84 -22.65
C LEU D 319 -20.30 39.54 -23.52
N GLU D 320 -20.71 40.28 -24.56
CA GLU D 320 -19.85 41.09 -25.41
C GLU D 320 -20.53 42.42 -25.76
N LYS D 321 -19.72 43.46 -25.99
CA LYS D 321 -20.25 44.75 -26.41
C LYS D 321 -20.98 44.62 -27.75
N PRO D 322 -22.20 45.14 -27.88
CA PRO D 322 -22.92 45.01 -29.16
C PRO D 322 -22.19 45.69 -30.32
N ALA D 323 -22.14 45.01 -31.45
CA ALA D 323 -21.45 45.52 -32.62
C ALA D 323 -22.35 46.37 -33.50
N ASP D 324 -23.63 46.51 -33.18
CA ASP D 324 -24.47 47.44 -33.91
C ASP D 324 -24.26 48.87 -33.45
N GLY D 325 -23.25 49.10 -32.60
CA GLY D 325 -22.90 50.42 -32.12
C GLY D 325 -23.93 51.12 -31.27
N ARG D 326 -25.11 50.51 -31.04
CA ARG D 326 -26.08 51.06 -30.09
C ARG D 326 -25.42 51.30 -28.74
N GLU D 327 -25.95 52.27 -27.98
CA GLU D 327 -25.39 52.66 -26.70
C GLU D 327 -25.84 51.71 -25.59
N VAL D 328 -24.90 51.27 -24.75
CA VAL D 328 -25.17 50.40 -23.61
C VAL D 328 -24.40 50.88 -22.39
N VAL D 329 -24.82 50.42 -21.21
CA VAL D 329 -23.99 50.52 -20.00
C VAL D 329 -22.98 49.37 -20.03
N CYS D 330 -21.71 49.67 -20.32
CA CYS D 330 -20.70 48.61 -20.42
C CYS D 330 -20.17 48.14 -19.06
N HIS D 331 -20.28 48.95 -17.98
CA HIS D 331 -19.75 48.55 -16.68
C HIS D 331 -20.34 47.21 -16.25
N ALA D 332 -19.46 46.26 -15.91
CA ALA D 332 -19.90 44.86 -15.67
C ALA D 332 -20.85 44.77 -14.46
N SER D 333 -21.92 43.97 -14.59
CA SER D 333 -22.90 43.86 -13.51
C SER D 333 -23.66 42.54 -13.59
N ALA D 334 -24.12 42.09 -12.41
CA ALA D 334 -24.89 40.88 -12.17
C ALA D 334 -26.32 41.18 -11.79
N TRP D 335 -27.26 40.32 -12.24
CA TRP D 335 -28.71 40.64 -12.22
C TRP D 335 -29.57 39.48 -11.72
N ASP D 336 -30.31 39.71 -10.61
CA ASP D 336 -31.33 38.79 -10.07
C ASP D 336 -32.71 39.35 -10.44
N PHE D 337 -33.51 38.57 -11.16
CA PHE D 337 -34.81 39.09 -11.60
C PHE D 337 -35.94 38.78 -10.61
N TYR D 338 -35.65 38.10 -9.51
CA TYR D 338 -36.58 37.85 -8.42
C TYR D 338 -37.77 36.97 -8.82
N ASN D 339 -37.62 36.17 -9.87
CA ASN D 339 -38.63 35.17 -10.24
C ASN D 339 -38.09 33.76 -10.09
N ARG D 340 -36.90 33.62 -9.51
CA ARG D 340 -36.21 32.35 -9.27
C ARG D 340 -35.87 31.58 -10.56
N LYS D 341 -35.90 32.23 -11.72
CA LYS D 341 -35.61 31.60 -13.00
C LYS D 341 -34.56 32.36 -13.80
N ASP D 342 -34.72 33.68 -13.89
CA ASP D 342 -33.85 34.51 -14.71
C ASP D 342 -32.72 35.15 -13.88
N PHE D 343 -31.49 34.93 -14.32
CA PHE D 343 -30.27 35.44 -13.70
C PHE D 343 -29.30 35.73 -14.85
N ARG D 344 -28.67 36.91 -14.85
CA ARG D 344 -27.91 37.34 -16.03
C ARG D 344 -26.68 38.16 -15.66
N ILE D 345 -25.66 38.12 -16.54
CA ILE D 345 -24.54 39.07 -16.49
C ILE D 345 -24.57 39.92 -17.77
N LYS D 346 -24.26 41.20 -17.61
CA LYS D 346 -24.11 42.21 -18.68
C LYS D 346 -22.69 42.75 -18.59
N GLN D 347 -21.78 42.32 -19.48
CA GLN D 347 -20.39 42.75 -19.46
C GLN D 347 -19.85 42.89 -20.90
N CYS D 348 -19.14 43.97 -21.17
CA CYS D 348 -18.48 44.19 -22.46
C CYS D 348 -17.08 43.53 -22.40
N THR D 349 -17.10 42.18 -22.34
CA THR D 349 -15.93 41.39 -21.97
C THR D 349 -14.80 41.57 -22.98
N ARG D 350 -13.59 41.77 -22.50
CA ARG D 350 -12.37 41.74 -23.32
C ARG D 350 -11.52 40.56 -22.89
N VAL D 351 -10.71 40.05 -23.83
CA VAL D 351 -9.91 38.85 -23.56
C VAL D 351 -8.58 39.31 -22.95
N THR D 352 -8.57 39.46 -21.61
CA THR D 352 -7.37 39.77 -20.84
C THR D 352 -7.43 39.04 -19.47
N MET D 353 -6.27 38.98 -18.80
CA MET D 353 -6.22 38.32 -17.50
C MET D 353 -7.04 39.06 -16.43
N ASP D 354 -6.94 40.39 -16.36
CA ASP D 354 -7.73 41.02 -15.30
C ASP D 354 -9.24 40.95 -15.59
N GLN D 355 -9.64 40.81 -16.87
CA GLN D 355 -11.04 40.52 -17.18
C GLN D 355 -11.48 39.10 -16.79
N LEU D 356 -10.57 38.12 -16.81
CA LEU D 356 -10.92 36.81 -16.27
C LEU D 356 -11.29 36.92 -14.80
N SER D 357 -10.58 37.76 -14.03
CA SER D 357 -10.95 38.00 -12.64
C SER D 357 -12.31 38.69 -12.50
N THR D 358 -12.58 39.67 -13.34
CA THR D 358 -13.87 40.34 -13.32
C THR D 358 -15.00 39.33 -13.63
N VAL D 359 -14.78 38.41 -14.57
CA VAL D 359 -15.79 37.38 -14.85
C VAL D 359 -16.11 36.57 -13.57
N HIS D 360 -15.08 36.14 -12.83
CA HIS D 360 -15.29 35.40 -11.58
C HIS D 360 -15.98 36.28 -10.54
N HIS D 361 -15.60 37.57 -10.45
CA HIS D 361 -16.26 38.49 -9.54
C HIS D 361 -17.77 38.53 -9.81
N GLU D 362 -18.15 38.73 -11.07
CA GLU D 362 -19.57 38.78 -11.41
C GLU D 362 -20.28 37.43 -11.22
N MET D 363 -19.62 36.30 -11.56
CA MET D 363 -20.27 35.00 -11.36
C MET D 363 -20.45 34.65 -9.86
N GLY D 364 -19.61 35.19 -8.97
CA GLY D 364 -19.86 35.01 -7.54
C GLY D 364 -21.18 35.61 -7.08
N HIS D 365 -21.57 36.75 -7.70
CA HIS D 365 -22.87 37.35 -7.40
C HIS D 365 -23.99 36.41 -7.83
N ILE D 366 -23.86 35.85 -9.05
CA ILE D 366 -24.84 34.93 -9.61
C ILE D 366 -24.99 33.72 -8.71
N GLN D 367 -23.86 33.16 -8.27
CA GLN D 367 -23.92 31.98 -7.40
C GLN D 367 -24.68 32.27 -6.11
N TYR D 368 -24.48 33.45 -5.50
CA TYR D 368 -25.25 33.82 -4.31
C TYR D 368 -26.75 33.83 -4.62
N TYR D 369 -27.15 34.45 -5.72
CA TYR D 369 -28.57 34.46 -6.09
C TYR D 369 -29.15 33.04 -6.21
N LEU D 370 -28.40 32.13 -6.85
CA LEU D 370 -28.91 30.78 -7.09
C LEU D 370 -29.15 30.04 -5.77
N GLN D 371 -28.26 30.25 -4.80
CA GLN D 371 -28.28 29.49 -3.55
C GLN D 371 -29.36 29.98 -2.58
N TYR D 372 -29.77 31.24 -2.65
CA TYR D 372 -30.78 31.75 -1.72
C TYR D 372 -32.12 32.09 -2.38
N LYS D 373 -32.36 31.57 -3.60
CA LYS D 373 -33.54 32.00 -4.38
C LYS D 373 -34.85 31.56 -3.73
N ASP D 374 -34.80 30.56 -2.83
CA ASP D 374 -36.02 30.05 -2.19
C ASP D 374 -36.27 30.65 -0.80
N LEU D 375 -35.44 31.57 -0.34
CA LEU D 375 -35.75 32.33 0.86
C LEU D 375 -36.87 33.34 0.58
N PRO D 376 -37.51 33.84 1.64
CA PRO D 376 -38.41 34.99 1.46
C PRO D 376 -37.68 36.13 0.79
N VAL D 377 -38.42 36.86 -0.05
CA VAL D 377 -37.85 37.87 -0.93
C VAL D 377 -37.01 38.89 -0.17
N SER D 378 -37.44 39.32 1.03
CA SER D 378 -36.72 40.35 1.80
C SER D 378 -35.37 39.89 2.32
N LEU D 379 -35.10 38.58 2.35
CA LEU D 379 -33.85 38.03 2.85
C LEU D 379 -32.93 37.55 1.71
N ARG D 380 -33.27 37.86 0.46
CA ARG D 380 -32.42 37.48 -0.68
C ARG D 380 -31.36 38.57 -0.89
N ARG D 381 -30.47 38.65 0.10
N ARG D 381 -30.45 38.63 0.08
CA ARG D 381 -29.33 39.56 0.12
CA ARG D 381 -29.34 39.58 0.12
C ARG D 381 -28.14 38.82 0.69
C ARG D 381 -28.16 38.90 0.81
N GLY D 382 -26.96 39.50 0.68
CA GLY D 382 -25.80 38.98 1.39
C GLY D 382 -25.89 39.21 2.89
N ALA D 383 -25.14 38.43 3.66
CA ALA D 383 -25.21 38.61 5.10
C ALA D 383 -24.95 40.07 5.49
N ASN D 384 -23.93 40.71 4.86
CA ASN D 384 -23.86 42.15 4.63
C ASN D 384 -23.31 42.40 3.22
N PRO D 385 -23.31 43.62 2.71
CA PRO D 385 -22.93 43.81 1.30
C PRO D 385 -21.48 43.41 0.99
N GLY D 386 -20.58 43.46 1.99
CA GLY D 386 -19.20 43.01 1.79
C GLY D 386 -19.10 41.53 1.49
N PHE D 387 -19.99 40.71 2.08
CA PHE D 387 -20.06 39.28 1.75
C PHE D 387 -20.31 39.07 0.26
N HIS D 388 -21.28 39.80 -0.31
CA HIS D 388 -21.63 39.62 -1.73
C HIS D 388 -20.43 39.89 -2.64
N GLU D 389 -19.65 40.90 -2.27
CA GLU D 389 -18.48 41.27 -3.08
C GLU D 389 -17.31 40.29 -2.97
N ALA D 390 -17.23 39.53 -1.89
CA ALA D 390 -16.08 38.67 -1.65
C ALA D 390 -16.16 37.31 -2.34
N ILE D 391 -17.36 36.85 -2.73
CA ILE D 391 -17.52 35.44 -3.13
C ILE D 391 -16.65 35.09 -4.34
N GLY D 392 -16.81 35.84 -5.43
CA GLY D 392 -16.03 35.56 -6.62
C GLY D 392 -14.56 35.85 -6.50
N ASP D 393 -14.19 36.88 -5.72
CA ASP D 393 -12.80 37.23 -5.49
C ASP D 393 -12.06 36.10 -4.77
N VAL D 394 -12.76 35.40 -3.85
CA VAL D 394 -12.12 34.28 -3.14
C VAL D 394 -11.67 33.20 -4.14
N LEU D 395 -12.56 32.80 -5.07
CA LEU D 395 -12.20 31.78 -6.06
C LEU D 395 -11.07 32.27 -6.96
N ALA D 396 -11.11 33.56 -7.35
CA ALA D 396 -10.12 34.10 -8.25
C ALA D 396 -8.73 34.11 -7.64
N LEU D 397 -8.66 34.20 -6.31
CA LEU D 397 -7.38 34.07 -5.60
C LEU D 397 -6.72 32.71 -5.90
N SER D 398 -7.51 31.60 -5.90
CA SER D 398 -7.01 30.26 -6.27
C SER D 398 -6.67 30.18 -7.76
N VAL D 399 -7.48 30.81 -8.62
CA VAL D 399 -7.25 30.75 -10.06
C VAL D 399 -5.92 31.38 -10.44
N SER D 400 -5.53 32.45 -9.74
N SER D 400 -5.53 32.45 -9.72
CA SER D 400 -4.39 33.24 -10.16
CA SER D 400 -4.38 33.26 -10.09
C SER D 400 -3.04 32.62 -9.78
C SER D 400 -3.06 32.57 -9.82
N THR D 401 -3.03 31.59 -8.93
CA THR D 401 -1.77 30.99 -8.53
C THR D 401 -1.09 30.36 -9.75
N PRO D 402 0.23 30.47 -9.86
CA PRO D 402 0.94 29.80 -10.96
C PRO D 402 0.64 28.31 -11.10
N GLU D 403 0.46 27.61 -9.99
CA GLU D 403 0.12 26.20 -10.06
C GLU D 403 -1.25 25.99 -10.72
N HIS D 404 -2.25 26.82 -10.38
CA HIS D 404 -3.55 26.64 -11.03
C HIS D 404 -3.49 27.03 -12.50
N LEU D 405 -2.78 28.11 -12.82
CA LEU D 405 -2.67 28.53 -14.21
C LEU D 405 -2.01 27.42 -15.06
N HIS D 406 -1.04 26.72 -14.48
CA HIS D 406 -0.45 25.57 -15.18
C HIS D 406 -1.49 24.47 -15.47
N LYS D 407 -2.36 24.14 -14.48
CA LYS D 407 -3.37 23.10 -14.66
C LYS D 407 -4.34 23.40 -15.80
N ILE D 408 -4.63 24.67 -16.04
CA ILE D 408 -5.58 25.03 -17.08
C ILE D 408 -4.88 25.51 -18.35
N GLY D 409 -3.59 25.23 -18.50
CA GLY D 409 -2.87 25.43 -19.75
C GLY D 409 -2.42 26.83 -20.06
N LEU D 410 -2.37 27.72 -19.07
CA LEU D 410 -2.03 29.12 -19.30
C LEU D 410 -0.63 29.50 -18.84
N LEU D 411 0.14 28.58 -18.26
CA LEU D 411 1.50 28.90 -17.82
C LEU D 411 2.33 27.63 -17.89
N ASP D 412 3.21 27.54 -18.89
CA ASP D 412 3.94 26.29 -19.10
C ASP D 412 5.04 26.10 -18.06
N ARG D 413 5.84 27.14 -17.84
CA ARG D 413 6.99 27.02 -16.95
C ARG D 413 6.55 27.03 -15.48
N VAL D 414 7.13 26.13 -14.69
CA VAL D 414 6.82 25.90 -13.29
C VAL D 414 8.07 26.18 -12.47
N THR D 415 7.96 27.01 -11.43
CA THR D 415 9.09 27.32 -10.56
C THR D 415 8.59 27.54 -9.13
N ASN D 416 9.40 27.18 -8.15
CA ASN D 416 9.09 27.37 -6.73
C ASN D 416 10.32 27.84 -6.01
N ASP D 417 10.71 29.06 -6.22
CA ASP D 417 11.90 29.62 -5.60
C ASP D 417 11.54 30.99 -5.05
N THR D 418 12.47 31.57 -4.29
CA THR D 418 12.11 32.80 -3.59
C THR D 418 11.84 33.96 -4.54
N GLU D 419 12.55 34.02 -5.67
CA GLU D 419 12.32 35.10 -6.63
C GLU D 419 10.94 34.99 -7.28
N SER D 420 10.51 33.77 -7.63
CA SER D 420 9.20 33.63 -8.22
C SER D 420 8.09 34.01 -7.21
N ASP D 421 8.29 33.70 -5.94
CA ASP D 421 7.29 34.07 -4.93
C ASP D 421 7.13 35.58 -4.84
N ILE D 422 8.24 36.32 -4.82
CA ILE D 422 8.19 37.77 -4.72
C ILE D 422 7.51 38.39 -5.94
N ASN D 423 7.76 37.85 -7.14
CA ASN D 423 7.08 38.34 -8.35
C ASN D 423 5.57 38.20 -8.19
N TYR D 424 5.12 37.02 -7.74
CA TYR D 424 3.69 36.75 -7.65
C TYR D 424 3.02 37.65 -6.61
N LEU D 425 3.62 37.70 -5.41
CA LEU D 425 3.08 38.55 -4.34
C LEU D 425 3.14 40.03 -4.70
N LEU D 426 4.13 40.47 -5.48
CA LEU D 426 4.13 41.87 -5.91
C LEU D 426 2.99 42.10 -6.90
N LYS D 427 2.75 41.18 -7.84
CA LYS D 427 1.63 41.34 -8.75
C LYS D 427 0.31 41.38 -7.99
N MET D 428 0.14 40.53 -6.97
CA MET D 428 -1.10 40.51 -6.18
C MET D 428 -1.24 41.78 -5.30
N ALA D 429 -0.11 42.34 -4.84
CA ALA D 429 -0.14 43.60 -4.07
C ALA D 429 -0.59 44.80 -4.91
N LEU D 430 -0.16 44.86 -6.19
CA LEU D 430 -0.63 45.88 -7.11
C LEU D 430 -2.15 45.79 -7.32
N GLU D 431 -2.70 44.57 -7.29
CA GLU D 431 -4.15 44.38 -7.46
C GLU D 431 -4.93 44.70 -6.16
N LYS D 432 -4.42 44.30 -5.02
CA LYS D 432 -5.22 44.29 -3.79
C LYS D 432 -4.82 45.34 -2.76
N ILE D 433 -3.52 45.49 -2.50
N ILE D 433 -3.53 45.52 -2.50
CA ILE D 433 -3.04 46.50 -1.54
CA ILE D 433 -3.08 46.50 -1.51
C ILE D 433 -3.32 47.90 -2.07
C ILE D 433 -3.20 47.92 -2.04
N ALA D 434 -3.01 48.13 -3.34
CA ALA D 434 -3.19 49.49 -3.88
C ALA D 434 -4.64 49.94 -3.82
N PHE D 435 -5.59 49.01 -3.86
CA PHE D 435 -7.02 49.35 -3.81
C PHE D 435 -7.48 49.83 -2.42
N LEU D 436 -6.85 49.38 -1.33
CA LEU D 436 -7.34 49.68 0.03
C LEU D 436 -7.61 51.17 0.30
N PRO D 437 -6.68 52.10 0.05
CA PRO D 437 -7.02 53.53 0.29
C PRO D 437 -8.21 54.04 -0.54
N PHE D 438 -8.35 53.63 -1.80
CA PHE D 438 -9.48 54.05 -2.64
C PHE D 438 -10.80 53.46 -2.14
N GLY D 439 -10.81 52.16 -1.82
CA GLY D 439 -12.00 51.51 -1.31
C GLY D 439 -12.53 52.19 -0.05
N TYR D 440 -11.61 52.75 0.75
CA TYR D 440 -11.95 53.41 2.02
C TYR D 440 -12.45 54.83 1.80
N LEU D 441 -11.86 55.57 0.84
CA LEU D 441 -12.06 57.02 0.76
C LEU D 441 -13.35 57.42 0.06
N VAL D 442 -13.86 56.61 -0.87
CA VAL D 442 -14.98 57.05 -1.73
C VAL D 442 -16.20 57.40 -0.88
N ASP D 443 -16.57 56.53 0.06
CA ASP D 443 -17.75 56.82 0.88
C ASP D 443 -17.46 57.78 2.06
N GLN D 444 -16.20 58.02 2.42
CA GLN D 444 -15.94 59.17 3.30
C GLN D 444 -16.35 60.45 2.60
N TRP D 445 -16.07 60.54 1.29
CA TRP D 445 -16.51 61.71 0.52
C TRP D 445 -18.04 61.79 0.50
N ARG D 446 -18.72 60.67 0.16
CA ARG D 446 -20.17 60.74 0.02
C ARG D 446 -20.88 60.94 1.37
N TRP D 447 -20.37 60.32 2.44
CA TRP D 447 -20.96 60.54 3.76
C TRP D 447 -20.87 62.02 4.15
N GLY D 448 -19.77 62.70 3.77
CA GLY D 448 -19.65 64.13 4.03
C GLY D 448 -20.58 65.00 3.21
N VAL D 449 -20.84 64.61 1.95
CA VAL D 449 -21.84 65.31 1.11
C VAL D 449 -23.25 65.10 1.68
N PHE D 450 -23.60 63.85 2.01
CA PHE D 450 -24.92 63.56 2.55
C PHE D 450 -25.16 64.30 3.89
N SER D 451 -24.13 64.47 4.72
CA SER D 451 -24.30 65.12 6.02
C SER D 451 -24.27 66.66 5.93
N GLY D 452 -23.93 67.23 4.78
CA GLY D 452 -23.77 68.67 4.64
C GLY D 452 -22.40 69.24 5.04
N ARG D 453 -21.49 68.42 5.56
CA ARG D 453 -20.14 68.92 5.86
C ARG D 453 -19.41 69.36 4.59
N THR D 454 -19.72 68.72 3.44
CA THR D 454 -19.19 69.08 2.13
C THR D 454 -20.32 69.61 1.24
N PRO D 455 -20.53 70.93 1.20
CA PRO D 455 -21.53 71.51 0.26
C PRO D 455 -21.01 71.55 -1.16
N PRO D 456 -21.89 71.87 -2.13
CA PRO D 456 -21.44 71.99 -3.53
C PRO D 456 -20.21 72.89 -3.75
N SER D 457 -20.06 73.99 -3.01
CA SER D 457 -18.91 74.87 -3.19
C SER D 457 -17.56 74.22 -2.87
N ARG D 458 -17.56 73.02 -2.26
CA ARG D 458 -16.34 72.29 -1.92
C ARG D 458 -16.32 70.84 -2.42
N TYR D 459 -17.19 70.45 -3.36
CA TYR D 459 -17.16 69.07 -3.88
C TYR D 459 -15.75 68.64 -4.34
N ASN D 460 -15.11 69.44 -5.20
CA ASN D 460 -13.81 69.03 -5.77
C ASN D 460 -12.63 69.27 -4.81
N PHE D 461 -12.68 70.37 -4.03
CA PHE D 461 -11.71 70.64 -2.95
C PHE D 461 -11.61 69.48 -1.95
N ASP D 462 -12.75 68.96 -1.49
CA ASP D 462 -12.74 67.88 -0.50
C ASP D 462 -12.42 66.51 -1.12
N TRP D 463 -12.82 66.31 -2.38
CA TRP D 463 -12.46 65.10 -3.11
C TRP D 463 -10.94 64.97 -3.21
N TRP D 464 -10.25 66.02 -3.69
CA TRP D 464 -8.80 65.92 -3.84
C TRP D 464 -8.06 65.97 -2.51
N TYR D 465 -8.65 66.58 -1.46
CA TYR D 465 -8.09 66.44 -0.11
C TYR D 465 -7.99 64.96 0.27
N LEU D 466 -9.09 64.19 0.06
CA LEU D 466 -9.14 62.77 0.45
C LEU D 466 -8.26 61.91 -0.47
N ARG D 467 -8.24 62.21 -1.76
CA ARG D 467 -7.41 61.44 -2.71
C ARG D 467 -5.93 61.55 -2.37
N THR D 468 -5.46 62.74 -2.01
CA THR D 468 -4.07 62.93 -1.58
C THR D 468 -3.84 62.31 -0.19
N LYS D 469 -4.76 62.54 0.77
CA LYS D 469 -4.60 62.00 2.13
C LYS D 469 -4.37 60.49 2.13
N TYR D 470 -5.21 59.75 1.41
CA TYR D 470 -5.17 58.29 1.45
C TYR D 470 -4.32 57.68 0.33
N GLN D 471 -4.54 58.09 -0.94
CA GLN D 471 -3.80 57.43 -2.03
C GLN D 471 -2.46 58.08 -2.34
N GLY D 472 -2.24 59.34 -1.94
CA GLY D 472 -0.95 59.95 -2.27
C GLY D 472 -0.77 60.21 -3.75
N ILE D 473 -1.82 60.68 -4.42
CA ILE D 473 -1.80 61.05 -5.82
C ILE D 473 -2.23 62.51 -5.94
N CYS D 474 -1.95 63.10 -7.11
CA CYS D 474 -2.33 64.48 -7.41
C CYS D 474 -2.85 64.58 -8.84
N PRO D 475 -3.75 65.52 -9.13
CA PRO D 475 -4.23 65.65 -10.51
C PRO D 475 -3.12 66.16 -11.42
N PRO D 476 -2.98 65.63 -12.64
CA PRO D 476 -1.86 66.01 -13.52
C PRO D 476 -2.11 67.26 -14.37
N VAL D 477 -3.31 67.83 -14.33
CA VAL D 477 -3.58 69.18 -14.78
C VAL D 477 -4.33 69.90 -13.65
N THR D 478 -4.28 71.22 -13.67
CA THR D 478 -4.92 72.00 -12.62
C THR D 478 -6.43 71.80 -12.62
N ARG D 479 -7.03 71.65 -11.43
CA ARG D 479 -8.48 71.52 -11.29
C ARG D 479 -9.00 72.64 -10.41
N ASN D 480 -10.30 72.97 -10.58
CA ASN D 480 -10.98 73.98 -9.75
C ASN D 480 -12.44 73.55 -9.55
N GLU D 481 -13.26 74.38 -8.89
CA GLU D 481 -14.61 73.93 -8.52
C GLU D 481 -15.60 73.90 -9.67
N THR D 482 -15.21 74.28 -10.87
CA THR D 482 -16.01 73.96 -12.04
C THR D 482 -15.98 72.47 -12.36
N HIS D 483 -14.88 71.80 -12.01
CA HIS D 483 -14.76 70.35 -12.16
C HIS D 483 -15.50 69.61 -11.05
N PHE D 484 -15.94 68.37 -11.37
CA PHE D 484 -16.66 67.46 -10.45
C PHE D 484 -16.09 66.05 -10.68
N ASP D 485 -14.83 65.84 -10.24
CA ASP D 485 -14.07 64.64 -10.59
C ASP D 485 -14.60 63.37 -9.90
N ALA D 486 -15.27 63.50 -8.74
CA ALA D 486 -15.98 62.37 -8.14
C ALA D 486 -17.06 61.81 -9.06
N GLY D 487 -17.72 62.66 -9.86
CA GLY D 487 -18.74 62.17 -10.79
C GLY D 487 -18.18 61.35 -11.94
N ALA D 488 -16.89 61.42 -12.19
CA ALA D 488 -16.27 60.61 -13.26
C ALA D 488 -15.97 59.15 -12.88
N LYS D 489 -16.44 58.71 -11.70
CA LYS D 489 -16.35 57.34 -11.22
C LYS D 489 -17.78 56.75 -11.17
N PHE D 490 -17.97 55.63 -11.88
CA PHE D 490 -19.29 55.02 -12.10
C PHE D 490 -20.27 55.07 -10.93
N HIS D 491 -19.84 54.56 -9.76
CA HIS D 491 -20.71 54.35 -8.63
C HIS D 491 -21.32 55.65 -8.07
N VAL D 492 -20.78 56.82 -8.38
CA VAL D 492 -21.30 58.09 -7.86
C VAL D 492 -22.57 58.43 -8.64
N PRO D 493 -22.55 58.65 -9.95
CA PRO D 493 -23.82 58.86 -10.66
C PRO D 493 -24.75 57.63 -10.70
N ASN D 494 -24.25 56.39 -10.57
CA ASN D 494 -25.17 55.25 -10.55
C ASN D 494 -25.58 54.85 -9.12
N VAL D 495 -25.31 55.70 -8.12
CA VAL D 495 -25.78 55.60 -6.73
C VAL D 495 -25.64 54.18 -6.18
N THR D 496 -24.43 53.63 -6.27
CA THR D 496 -24.07 52.36 -5.64
C THR D 496 -23.10 52.62 -4.50
N PRO D 497 -23.41 52.18 -3.27
CA PRO D 497 -22.45 52.37 -2.16
C PRO D 497 -21.13 51.65 -2.42
N TYR D 498 -20.05 52.17 -1.79
CA TYR D 498 -18.69 51.73 -2.07
C TYR D 498 -17.99 51.05 -0.91
N ILE D 499 -18.37 51.33 0.35
CA ILE D 499 -17.59 50.78 1.47
C ILE D 499 -17.59 49.25 1.47
N ARG D 500 -18.60 48.62 0.83
CA ARG D 500 -18.62 47.19 0.62
C ARG D 500 -17.31 46.65 0.01
N TYR D 501 -16.67 47.40 -0.91
CA TYR D 501 -15.46 46.89 -1.54
C TYR D 501 -14.25 46.91 -0.58
N PHE D 502 -14.15 47.93 0.29
CA PHE D 502 -13.10 47.90 1.31
C PHE D 502 -13.29 46.72 2.27
N VAL D 503 -14.52 46.55 2.78
CA VAL D 503 -14.84 45.38 3.62
C VAL D 503 -14.47 44.08 2.89
N SER D 504 -14.84 43.98 1.61
CA SER D 504 -14.59 42.77 0.82
C SER D 504 -13.09 42.43 0.72
N PHE D 505 -12.24 43.44 0.51
CA PHE D 505 -10.84 43.16 0.28
C PHE D 505 -10.12 42.68 1.53
N VAL D 506 -10.65 42.99 2.72
CA VAL D 506 -10.16 42.39 3.96
C VAL D 506 -10.78 41.02 4.18
N LEU D 507 -12.10 40.97 4.06
CA LEU D 507 -12.85 39.76 4.35
C LEU D 507 -12.44 38.58 3.46
N GLN D 508 -12.14 38.83 2.18
CA GLN D 508 -11.87 37.71 1.28
C GLN D 508 -10.65 36.90 1.71
N PHE D 509 -9.65 37.52 2.37
CA PHE D 509 -8.51 36.75 2.87
C PHE D 509 -8.87 35.93 4.12
N GLN D 510 -9.79 36.41 4.97
CA GLN D 510 -10.34 35.57 6.04
C GLN D 510 -11.04 34.34 5.46
N PHE D 511 -11.85 34.52 4.40
CA PHE D 511 -12.50 33.38 3.71
C PHE D 511 -11.47 32.42 3.11
N HIS D 512 -10.46 32.97 2.45
CA HIS D 512 -9.43 32.15 1.81
C HIS D 512 -8.73 31.24 2.83
N GLU D 513 -8.29 31.82 3.95
CA GLU D 513 -7.63 31.04 4.99
C GLU D 513 -8.51 29.90 5.51
N ALA D 514 -9.79 30.18 5.74
CA ALA D 514 -10.68 29.17 6.33
C ALA D 514 -10.98 28.03 5.36
N LEU D 515 -11.17 28.35 4.08
CA LEU D 515 -11.47 27.32 3.08
C LEU D 515 -10.24 26.45 2.78
N CYS D 516 -9.06 27.06 2.78
CA CYS D 516 -7.81 26.34 2.60
C CYS D 516 -7.57 25.35 3.75
N LYS D 517 -7.85 25.78 5.00
CA LYS D 517 -7.78 24.87 6.14
C LYS D 517 -8.75 23.72 5.96
N GLU D 518 -10.00 24.03 5.60
CA GLU D 518 -11.01 23.01 5.48
C GLU D 518 -10.68 22.03 4.36
N ALA D 519 -9.98 22.49 3.31
CA ALA D 519 -9.57 21.61 2.22
C ALA D 519 -8.41 20.71 2.61
N GLY D 520 -7.84 20.90 3.80
CA GLY D 520 -6.69 20.11 4.22
C GLY D 520 -5.36 20.59 3.69
N TYR D 521 -5.29 21.82 3.19
CA TYR D 521 -4.04 22.35 2.64
C TYR D 521 -3.14 22.85 3.77
N GLU D 522 -1.83 22.59 3.66
CA GLU D 522 -0.91 22.91 4.74
C GLU D 522 0.34 23.73 4.33
N GLY D 523 0.44 24.16 3.09
CA GLY D 523 1.53 25.01 2.68
C GLY D 523 1.30 26.48 2.94
N PRO D 524 2.16 27.31 2.36
CA PRO D 524 2.00 28.77 2.50
C PRO D 524 0.64 29.23 1.96
N LEU D 525 0.02 30.19 2.67
CA LEU D 525 -1.35 30.61 2.34
C LEU D 525 -1.47 31.08 0.90
N HIS D 526 -0.47 31.78 0.37
CA HIS D 526 -0.55 32.33 -0.97
C HIS D 526 -0.33 31.29 -2.08
N GLN D 527 -0.06 30.02 -1.76
CA GLN D 527 0.04 28.97 -2.77
C GLN D 527 -1.12 27.97 -2.72
N CYS D 528 -2.10 28.21 -1.87
CA CYS D 528 -3.31 27.38 -1.79
C CYS D 528 -4.18 27.46 -3.06
N ASP D 529 -4.71 26.32 -3.48
CA ASP D 529 -5.70 26.25 -4.56
C ASP D 529 -6.81 25.32 -4.09
N ILE D 530 -8.01 25.85 -3.92
CA ILE D 530 -9.12 25.07 -3.39
C ILE D 530 -9.88 24.33 -4.49
N TYR D 531 -9.39 24.40 -5.74
CA TYR D 531 -9.99 23.67 -6.86
C TYR D 531 -10.29 22.22 -6.50
N ARG D 532 -11.50 21.77 -6.82
CA ARG D 532 -11.99 20.40 -6.62
C ARG D 532 -12.13 19.97 -5.16
N SER D 533 -12.07 20.88 -4.18
CA SER D 533 -12.32 20.53 -2.77
C SER D 533 -13.82 20.59 -2.42
N THR D 534 -14.50 19.42 -2.35
CA THR D 534 -15.92 19.41 -2.01
C THR D 534 -16.18 19.83 -0.57
N LYS D 535 -15.20 19.65 0.32
CA LYS D 535 -15.39 20.11 1.69
C LYS D 535 -15.31 21.63 1.78
N ALA D 536 -14.37 22.25 1.04
CA ALA D 536 -14.36 23.71 0.98
C ALA D 536 -15.68 24.22 0.39
N GLY D 537 -16.14 23.55 -0.68
CA GLY D 537 -17.40 23.91 -1.28
C GLY D 537 -18.54 23.90 -0.28
N ALA D 538 -18.56 22.88 0.60
CA ALA D 538 -19.67 22.73 1.54
C ALA D 538 -19.70 23.85 2.56
N LYS D 539 -18.52 24.25 3.03
CA LYS D 539 -18.42 25.37 3.96
C LYS D 539 -18.89 26.66 3.30
N LEU D 540 -18.52 26.88 2.05
CA LEU D 540 -18.96 28.11 1.36
C LEU D 540 -20.47 28.08 1.08
N ARG D 541 -21.01 26.93 0.71
N ARG D 541 -21.01 26.92 0.70
CA ARG D 541 -22.44 26.84 0.41
CA ARG D 541 -22.43 26.81 0.41
C ARG D 541 -23.29 27.21 1.61
C ARG D 541 -23.27 27.21 1.62
N LYS D 542 -22.81 26.88 2.81
CA LYS D 542 -23.53 27.21 4.04
C LYS D 542 -23.73 28.72 4.14
N VAL D 543 -22.70 29.46 3.88
CA VAL D 543 -22.79 30.92 3.90
C VAL D 543 -23.82 31.40 2.88
N LEU D 544 -23.73 30.89 1.65
CA LEU D 544 -24.54 31.42 0.55
C LEU D 544 -26.03 31.16 0.77
N ARG D 545 -26.39 29.97 1.29
CA ARG D 545 -27.80 29.64 1.48
C ARG D 545 -28.45 30.44 2.61
N ALA D 546 -27.68 31.07 3.48
CA ALA D 546 -28.23 31.84 4.59
C ALA D 546 -28.77 33.20 4.18
N GLY D 547 -28.36 33.75 3.04
CA GLY D 547 -28.83 35.09 2.68
C GLY D 547 -28.64 36.07 3.81
N SER D 548 -29.66 36.88 4.07
CA SER D 548 -29.64 37.83 5.19
C SER D 548 -30.61 37.38 6.30
N SER D 549 -30.82 36.08 6.43
CA SER D 549 -31.70 35.52 7.45
C SER D 549 -31.08 35.57 8.85
N ARG D 550 -29.76 35.70 8.98
CA ARG D 550 -29.09 35.67 10.26
C ARG D 550 -28.09 36.81 10.39
N PRO D 551 -27.80 37.26 11.61
CA PRO D 551 -26.79 38.32 11.78
C PRO D 551 -25.44 37.92 11.19
N TRP D 552 -24.81 38.87 10.46
CA TRP D 552 -23.60 38.51 9.73
C TRP D 552 -22.49 38.07 10.67
N GLN D 553 -22.45 38.63 11.87
CA GLN D 553 -21.40 38.26 12.84
C GLN D 553 -21.44 36.79 13.19
N GLU D 554 -22.65 36.20 13.24
CA GLU D 554 -22.85 34.79 13.56
C GLU D 554 -22.53 33.89 12.36
N VAL D 555 -22.89 34.31 11.14
CA VAL D 555 -22.49 33.56 9.96
C VAL D 555 -20.97 33.54 9.82
N LEU D 556 -20.31 34.67 10.06
CA LEU D 556 -18.85 34.70 9.96
C LEU D 556 -18.22 33.76 10.99
N LYS D 557 -18.73 33.75 12.23
CA LYS D 557 -18.18 32.87 13.25
C LYS D 557 -18.30 31.39 12.86
N ASP D 558 -19.46 30.97 12.34
CA ASP D 558 -19.57 29.59 11.88
C ASP D 558 -18.54 29.26 10.80
N MET D 559 -18.21 30.23 9.94
CA MET D 559 -17.33 29.94 8.80
C MET D 559 -15.84 29.96 9.19
N VAL D 560 -15.39 30.99 9.89
CA VAL D 560 -13.94 31.21 10.10
C VAL D 560 -13.52 31.15 11.56
N GLY D 561 -14.44 31.02 12.51
CA GLY D 561 -14.06 30.93 13.90
C GLY D 561 -14.00 32.26 14.63
N LEU D 562 -14.36 33.36 13.99
CA LEU D 562 -14.25 34.69 14.56
C LEU D 562 -15.46 35.50 14.16
N ASP D 563 -15.92 36.39 15.05
CA ASP D 563 -17.17 37.12 14.80
C ASP D 563 -16.94 38.56 14.35
N ALA D 564 -15.76 38.89 13.81
CA ALA D 564 -15.44 40.24 13.41
C ALA D 564 -14.51 40.25 12.20
N LEU D 565 -14.51 41.38 11.48
CA LEU D 565 -13.48 41.66 10.49
C LEU D 565 -12.10 41.66 11.14
N ASP D 566 -11.10 41.11 10.42
CA ASP D 566 -9.73 40.96 10.94
C ASP D 566 -8.70 41.04 9.81
N ALA D 567 -7.69 41.89 9.97
CA ALA D 567 -6.66 42.09 8.96
C ALA D 567 -5.58 41.00 8.96
N GLN D 568 -5.56 40.11 9.93
CA GLN D 568 -4.41 39.23 10.08
C GLN D 568 -4.26 38.25 8.92
N PRO D 569 -5.33 37.62 8.41
CA PRO D 569 -5.15 36.75 7.25
C PRO D 569 -4.57 37.47 6.02
N LEU D 570 -4.95 38.73 5.78
CA LEU D 570 -4.31 39.48 4.69
C LEU D 570 -2.82 39.72 4.98
N LEU D 571 -2.49 40.10 6.20
CA LEU D 571 -1.08 40.34 6.52
C LEU D 571 -0.25 39.05 6.37
N LYS D 572 -0.82 37.91 6.77
CA LYS D 572 -0.13 36.62 6.64
C LYS D 572 0.14 36.27 5.18
N TYR D 573 -0.87 36.43 4.31
CA TYR D 573 -0.73 36.14 2.88
C TYR D 573 0.45 36.91 2.27
N PHE D 574 0.61 38.21 2.61
CA PHE D 574 1.56 39.11 1.96
C PHE D 574 2.93 39.24 2.68
N GLN D 575 3.10 38.55 3.82
CA GLN D 575 4.25 38.78 4.69
C GLN D 575 5.60 38.82 3.94
N LEU D 576 5.84 37.87 3.02
CA LEU D 576 7.14 37.80 2.33
C LEU D 576 7.41 39.05 1.51
N VAL D 577 6.41 39.57 0.78
CA VAL D 577 6.67 40.75 -0.01
C VAL D 577 6.59 42.02 0.87
N THR D 578 5.83 42.00 1.97
CA THR D 578 5.87 43.14 2.89
C THR D 578 7.28 43.37 3.40
N GLN D 579 7.98 42.29 3.79
CA GLN D 579 9.35 42.42 4.27
C GLN D 579 10.31 42.81 3.14
N TRP D 580 10.16 42.19 1.96
CA TRP D 580 11.02 42.51 0.83
C TRP D 580 10.89 43.97 0.42
N LEU D 581 9.65 44.50 0.36
CA LEU D 581 9.51 45.89 -0.04
C LEU D 581 10.14 46.83 0.98
N GLN D 582 10.00 46.53 2.29
CA GLN D 582 10.62 47.39 3.30
C GLN D 582 12.13 47.45 3.12
N GLU D 583 12.76 46.28 2.90
CA GLU D 583 14.20 46.23 2.69
C GLU D 583 14.63 47.00 1.43
N GLN D 584 13.92 46.82 0.31
CA GLN D 584 14.29 47.55 -0.91
C GLN D 584 14.20 49.07 -0.70
N ASN D 585 13.13 49.56 -0.05
CA ASN D 585 12.98 51.00 0.12
C ASN D 585 14.05 51.57 1.07
N GLN D 586 14.42 50.83 2.13
CA GLN D 586 15.47 51.30 3.02
C GLN D 586 16.82 51.40 2.28
N GLN D 587 17.15 50.39 1.47
CA GLN D 587 18.40 50.41 0.73
C GLN D 587 18.46 51.60 -0.23
N ASN D 588 17.34 51.96 -0.83
CA ASN D 588 17.30 53.12 -1.70
C ASN D 588 17.13 54.44 -0.94
N GLY D 589 17.02 54.43 0.38
CA GLY D 589 16.84 55.69 1.11
C GLY D 589 15.55 56.44 0.83
N GLU D 590 14.45 55.74 0.60
CA GLU D 590 13.20 56.42 0.29
C GLU D 590 12.62 57.14 1.51
N VAL D 591 11.84 58.18 1.25
CA VAL D 591 10.90 58.70 2.24
C VAL D 591 9.57 57.99 2.05
N LEU D 592 9.04 57.43 3.11
CA LEU D 592 7.71 56.85 3.05
C LEU D 592 6.70 57.97 3.21
N GLY D 593 5.69 57.99 2.34
CA GLY D 593 4.72 59.09 2.35
C GLY D 593 5.07 60.14 1.31
N TRP D 594 4.36 61.26 1.41
CA TRP D 594 4.44 62.36 0.44
C TRP D 594 4.43 63.70 1.17
N PRO D 595 5.53 64.03 1.88
CA PRO D 595 5.54 65.26 2.69
C PRO D 595 5.47 66.54 1.87
N GLU D 596 5.77 66.52 0.58
CA GLU D 596 5.54 67.70 -0.27
C GLU D 596 4.12 67.65 -0.85
N TYR D 597 3.12 67.90 0.04
CA TYR D 597 1.71 67.67 -0.29
C TYR D 597 1.15 68.65 -1.32
N GLN D 598 1.83 69.78 -1.58
CA GLN D 598 1.40 70.79 -2.54
C GLN D 598 1.81 70.49 -3.97
N TRP D 599 2.72 69.54 -4.16
CA TRP D 599 3.34 69.40 -5.46
C TRP D 599 2.38 68.82 -6.50
N HIS D 600 2.44 69.40 -7.71
CA HIS D 600 1.78 68.97 -8.94
C HIS D 600 2.79 69.01 -10.08
N PRO D 601 2.67 68.13 -11.09
CA PRO D 601 3.61 68.19 -12.22
C PRO D 601 3.25 69.30 -13.18
N PRO D 602 4.21 69.80 -13.97
CA PRO D 602 3.90 70.77 -15.04
C PRO D 602 3.31 70.09 -16.26
N LEU D 603 2.85 70.91 -17.21
CA LEU D 603 2.37 70.36 -18.47
C LEU D 603 3.54 69.91 -19.35
N PRO D 604 3.34 68.87 -20.13
CA PRO D 604 4.38 68.50 -21.12
C PRO D 604 4.56 69.55 -22.20
N ASP D 605 5.75 69.52 -22.81
CA ASP D 605 6.03 70.41 -23.92
C ASP D 605 5.08 70.16 -25.09
N ASN D 606 4.61 71.24 -25.71
CA ASN D 606 3.79 71.14 -26.91
C ASN D 606 2.52 70.33 -26.64
N TYR D 607 1.88 70.61 -25.50
CA TYR D 607 0.63 69.96 -25.11
C TYR D 607 -0.45 71.02 -24.95
N PRO D 608 -1.66 70.83 -25.49
CA PRO D 608 -2.16 69.68 -26.25
C PRO D 608 -1.95 69.75 -27.77
N GLU D 609 -1.21 70.71 -28.30
CA GLU D 609 -1.28 70.86 -29.75
C GLU D 609 -0.50 69.80 -30.50
N GLY D 610 0.43 69.14 -29.84
CA GLY D 610 1.14 68.05 -30.49
C GLY D 610 0.57 66.67 -30.28
N ILE D 611 -0.66 66.54 -29.77
CA ILE D 611 -1.22 65.21 -29.49
C ILE D 611 -1.40 64.40 -30.77
N ASP D 612 -1.57 65.07 -31.92
CA ASP D 612 -1.68 64.35 -33.19
C ASP D 612 -0.40 63.64 -33.59
N LEU D 613 0.76 64.05 -33.04
CA LEU D 613 2.01 63.34 -33.31
C LEU D 613 2.17 62.01 -32.58
N VAL D 614 1.37 61.75 -31.53
CA VAL D 614 1.55 60.55 -30.71
C VAL D 614 0.26 59.75 -30.57
N THR D 615 -0.71 60.03 -31.42
CA THR D 615 -1.94 59.24 -31.50
C THR D 615 -2.21 58.88 -32.96
N ASP D 616 -3.00 57.82 -33.15
CA ASP D 616 -3.40 57.32 -34.48
C ASP D 616 -4.80 57.80 -34.81
N GLU D 617 -4.97 58.35 -36.02
CA GLU D 617 -6.30 58.72 -36.49
C GLU D 617 -7.17 57.48 -36.62
N ALA D 618 -8.47 57.67 -36.33
CA ALA D 618 -9.43 56.58 -36.39
C ALA D 618 -10.70 57.03 -37.10
C1 NAG E . 48.75 -0.20 45.27
C2 NAG E . 49.11 0.91 46.26
C3 NAG E . 50.53 0.73 46.79
C4 NAG E . 50.77 -0.69 47.31
C5 NAG E . 50.30 -1.72 46.28
C6 NAG E . 50.31 -3.13 46.81
C7 NAG E . 48.02 3.09 46.07
C8 NAG E . 47.98 4.41 45.36
N2 NAG E . 48.95 2.22 45.67
O3 NAG E . 50.75 1.66 47.85
O4 NAG E . 52.17 -0.89 47.50
O5 NAG E . 48.94 -1.45 45.88
O6 NAG E . 50.39 -4.06 45.73
O7 NAG E . 47.25 2.83 46.98
H2 NAG E . 48.50 0.84 47.02
H3 NAG E . 51.17 0.91 46.08
H4 NAG E . 50.30 -0.82 48.14
H5 NAG E . 50.87 -1.66 45.49
H61 NAG E . 49.50 -3.29 47.31
H62 NAG E . 51.08 -3.25 47.39
H81 NAG E . 47.29 4.96 45.72
H82 NAG E . 47.81 4.25 44.42
H83 NAG E . 48.84 4.86 45.45
HN2 NAG E . 49.47 2.45 45.02
HO3 NAG E . 51.30 1.35 48.40
HO6 NAG E . 51.15 -4.43 45.73
C1 NAG E . 52.59 -0.91 48.88
C2 NAG E . 54.01 -1.48 48.92
C3 NAG E . 54.56 -1.46 50.34
C4 NAG E . 54.43 -0.08 50.96
C5 NAG E . 52.98 0.42 50.84
C6 NAG E . 52.81 1.84 51.33
C7 NAG E . 54.45 -3.16 47.17
C8 NAG E . 54.42 -4.62 46.82
N2 NAG E . 54.03 -2.84 48.41
O3 NAG E . 55.93 -1.83 50.31
O4 NAG E . 54.80 -0.12 52.33
O5 NAG E . 52.57 0.39 49.47
O6 NAG E . 53.75 2.72 50.73
O7 NAG E . 54.82 -2.31 46.37
H2 NAG E . 54.57 -0.93 48.36
H3 NAG E . 54.06 -2.10 50.89
H4 NAG E . 55.01 0.54 50.48
H5 NAG E . 52.41 -0.18 51.36
H61 NAG E . 52.93 1.85 52.31
H62 NAG E . 51.91 2.14 51.12
H81 NAG E . 54.74 -4.74 45.91
H82 NAG E . 53.50 -4.95 46.89
H83 NAG E . 54.99 -5.11 47.43
HN2 NAG E . 53.76 -3.52 48.95
HO3 NAG E . 56.30 -1.70 51.11
HO4 NAG E . 55.51 0.40 52.47
HO6 NAG E . 53.63 3.54 51.05
C1 NAG F . 1.66 19.40 26.35
C2 NAG F . 1.41 19.51 27.85
C3 NAG F . 0.50 18.40 28.34
C4 NAG F . -0.75 18.27 27.49
C5 NAG F . -0.38 18.19 26.01
C6 NAG F . -1.57 18.12 25.09
C7 NAG F . 3.30 20.53 29.09
C8 NAG F . 4.61 20.28 29.74
N2 NAG F . 2.69 19.46 28.56
O3 NAG F . 0.11 18.66 29.69
O4 NAG F . -1.44 17.07 27.85
O5 NAG F . 0.39 19.33 25.65
O6 NAG F . -1.46 19.01 23.98
O7 NAG F . 2.80 21.65 29.04
H2 NAG F . 0.99 20.37 28.04
H3 NAG F . 0.98 17.54 28.32
H4 NAG F . -1.33 19.04 27.64
H5 NAG F . 0.17 17.38 25.87
H61 NAG F . -2.38 18.35 25.59
H62 NAG F . -1.68 17.21 24.75
H81 NAG F . 4.97 21.11 30.10
H82 NAG F . 5.24 19.91 29.10
H83 NAG F . 4.49 19.64 30.47
HN2 NAG F . 3.11 18.66 28.62
HO3 NAG F . -0.65 18.25 29.86
C1 NAG F . -2.69 17.31 28.52
C2 NAG F . -3.53 16.04 28.32
C3 NAG F . -4.84 16.12 29.10
C4 NAG F . -4.59 16.53 30.54
C5 NAG F . -3.74 17.79 30.59
C6 NAG F . -3.41 18.24 31.99
C7 NAG F . -3.16 14.96 26.14
C8 NAG F . -3.55 14.92 24.69
N2 NAG F . -3.80 15.85 26.90
O3 NAG F . -5.49 14.86 29.07
O4 NAG F . -5.84 16.80 31.19
O5 NAG F . -2.51 17.53 29.90
O6 NAG F . -2.19 17.67 32.46
O7 NAG F . -2.31 14.21 26.60
H2 NAG F . -3.02 15.28 28.65
H3 NAG F . -5.42 16.79 28.68
H4 NAG F . -4.13 15.81 31.01
H5 NAG F . -4.22 18.51 30.13
H61 NAG F . -4.13 17.97 32.59
H62 NAG F . -3.33 19.21 32.01
H81 NAG F . -3.03 14.24 24.23
H82 NAG F . -3.38 15.80 24.29
H83 NAG F . -4.51 14.72 24.62
HN2 NAG F . -4.42 16.39 26.51
HO3 NAG F . -6.20 14.87 29.60
HO6 NAG F . -1.58 17.70 31.80
C1 BMA F . -6.14 15.75 32.14
C2 BMA F . -7.27 16.25 33.07
C3 BMA F . -7.66 15.15 34.04
C4 BMA F . -7.94 13.83 33.31
C5 BMA F . -6.76 13.47 32.39
C6 BMA F . -7.06 12.23 31.58
O2 BMA F . -8.45 16.55 32.31
O3 BMA F . -8.78 15.51 34.83
O4 BMA F . -8.12 12.78 34.25
O5 BMA F . -6.52 14.55 31.48
O6 BMA F . -7.33 11.19 32.49
H2 BMA F . -6.92 17.14 33.62
H3 BMA F . -6.83 14.98 34.75
H4 BMA F . -8.83 13.97 32.68
H5 BMA F . -5.87 13.27 32.99
H61 BMA F . -6.19 12.01 30.95
H62 BMA F . -7.91 12.45 30.92
HO2 BMA F . -9.15 16.69 32.96
HO3 BMA F . -8.86 14.83 35.51
HO4 BMA F . -7.23 12.55 34.56
HO6 BMA F . -8.28 11.16 32.64
C1 FUC F . -0.88 18.45 22.77
C2 FUC F . 0.40 17.62 23.08
C3 FUC F . 1.10 17.25 21.81
C4 FUC F . 0.22 17.59 20.56
C5 FUC F . -1.24 17.14 20.78
C6 FUC F . -2.19 17.62 19.70
O2 FUC F . 0.12 16.43 23.80
O3 FUC F . 2.39 17.92 21.74
O4 FUC F . 0.24 18.98 20.30
O5 FUC F . -1.78 17.61 22.04
H2 FUC F . 1.07 18.23 23.70
H3 FUC F . 1.26 16.15 21.81
H4 FUC F . 0.62 17.04 19.68
H5 FUC F . -1.23 16.04 20.81
H61 FUC F . -3.20 17.28 19.91
H62 FUC F . -1.87 17.23 18.73
H63 FUC F . -2.18 18.71 19.66
HO2 FUC F . -0.62 16.00 23.34
HO3 FUC F . 2.27 18.62 21.09
HO4 FUC F . 0.14 19.12 19.48
C1 NAG G . 40.72 -17.66 12.73
C2 NAG G . 41.63 -18.57 11.89
C3 NAG G . 43.10 -18.25 12.18
C4 NAG G . 43.38 -16.77 11.96
C5 NAG G . 42.36 -15.89 12.70
C6 NAG G . 42.48 -14.44 12.29
C7 NAG G . 41.51 -20.53 13.34
C8 NAG G . 41.23 -22.00 13.43
N2 NAG G . 41.37 -19.97 12.14
O3 NAG G . 43.91 -19.05 11.33
O4 NAG G . 44.66 -16.47 12.49
O5 NAG G . 41.00 -16.29 12.42
O6 NAG G . 41.31 -13.97 11.64
O7 NAG G . 41.85 -19.85 14.33
H2 NAG G . 41.46 -18.38 10.95
H3 NAG G . 43.29 -18.47 13.11
H4 NAG G . 43.35 -16.57 11.00
H5 NAG G . 42.52 -15.97 13.66
H61 NAG G . 43.24 -14.35 11.69
H62 NAG G . 42.64 -13.90 13.08
H81 NAG G . 41.35 -22.30 14.34
H82 NAG G . 41.82 -22.48 12.83
H83 NAG G . 40.30 -22.15 13.16
HN2 NAG G . 41.13 -20.51 11.44
HO3 NAG G . 44.39 -19.61 11.82
C1 NAG G . 45.63 -16.55 11.40
C2 NAG G . 46.74 -15.53 11.62
C3 NAG G . 47.71 -15.58 10.46
C4 NAG G . 48.24 -17.00 10.29
C5 NAG G . 47.11 -18.04 10.24
C6 NAG G . 47.61 -19.46 10.36
C7 NAG G . 46.27 -13.55 12.96
C8 NAG G . 45.69 -12.16 12.98
N2 NAG G . 46.21 -14.18 11.79
O3 NAG G . 48.78 -14.68 10.71
O4 NAG G . 48.96 -17.09 9.05
O5 NAG G . 46.19 -17.86 11.34
O6 NAG G . 47.22 -20.04 11.59
O7 NAG G . 46.75 -14.06 13.96
H2 NAG G . 47.22 -15.78 12.44
H3 NAG G . 47.25 -15.31 9.65
H4 NAG G . 48.84 -17.22 11.02
H5 NAG G . 46.62 -17.94 9.40
H61 NAG G . 48.58 -19.46 10.29
H62 NAG G . 47.25 -20.00 9.63
H81 NAG G . 45.78 -11.78 13.88
H82 NAG G . 44.74 -12.20 12.73
H83 NAG G . 46.17 -11.61 12.34
HN2 NAG G . 45.84 -13.77 11.07
HO3 NAG G . 49.42 -15.10 11.19
HO4 NAG G . 48.40 -17.27 8.40
HO6 NAG G . 47.06 -19.39 12.19
C1 FUC G . 41.48 -14.27 10.23
C2 FUC G . 40.18 -14.95 9.78
C3 FUC G . 39.67 -14.59 8.35
C4 FUC G . 40.22 -13.30 7.76
C5 FUC G . 41.66 -13.13 8.16
C6 FUC G . 42.61 -14.25 7.68
O2 FUC G . 39.15 -14.79 10.77
O3 FUC G . 40.05 -15.62 7.43
O4 FUC G . 40.12 -13.37 6.34
O5 FUC G . 41.72 -13.07 9.57
H2 FUC G . 40.39 -16.02 9.76
H3 FUC G . 38.58 -14.52 8.40
H4 FUC G . 39.63 -12.44 8.16
H5 FUC G . 41.98 -12.15 7.77
H61 FUC G . 43.62 -14.05 8.01
H62 FUC G . 42.59 -14.29 6.58
H63 FUC G . 42.29 -15.21 8.07
HO2 FUC G . 39.61 -14.72 11.62
HO3 FUC G . 40.29 -15.18 6.61
HO4 FUC G . 41.01 -13.12 6.03
C1 NAG H . -3.74 -40.70 -16.39
C2 NAG H . -4.24 -41.86 -17.26
C3 NAG H . -5.20 -41.34 -18.33
C4 NAG H . -6.33 -40.52 -17.73
C5 NAG H . -5.76 -39.43 -16.82
C6 NAG H . -6.84 -38.71 -16.03
C7 NAG H . -2.68 -43.76 -17.49
C8 NAG H . -1.50 -44.29 -18.25
N2 NAG H . -3.11 -42.55 -17.87
O3 NAG H . -5.72 -42.47 -19.04
O4 NAG H . -7.07 -39.86 -18.75
O5 NAG H . -4.87 -40.00 -15.84
O6 NAG H . -6.36 -37.46 -15.52
O7 NAG H . -3.21 -44.40 -16.59
H2 NAG H . -4.72 -42.48 -16.69
H3 NAG H . -4.70 -40.79 -18.96
H4 NAG H . -6.91 -41.10 -17.21
H5 NAG H . -5.28 -38.79 -17.36
H61 NAG H . -7.12 -39.26 -15.30
H62 NAG H . -7.59 -38.54 -16.62
H81 NAG H . -1.27 -45.17 -17.89
H82 NAG H . -0.75 -43.69 -18.12
H83 NAG H . -1.72 -44.36 -19.18
HN2 NAG H . -2.69 -42.15 -18.50
HO3 NAG H . -6.51 -42.32 -19.25
HO6 NAG H . -6.74 -36.83 -15.94
C1 NAG H . -8.42 -40.35 -18.87
C2 NAG H . -9.31 -39.30 -19.56
C3 NAG H . -10.70 -39.86 -19.83
C4 NAG H . -10.61 -41.16 -20.60
C5 NAG H . -9.72 -42.14 -19.84
C6 NAG H . -9.51 -43.44 -20.58
C7 NAG H . -8.87 -36.92 -19.10
C8 NAG H . -9.07 -35.78 -18.14
N2 NAG H . -9.40 -38.09 -18.75
O3 NAG H . -11.45 -38.91 -20.58
O4 NAG H . -11.90 -41.72 -20.79
O5 NAG H . -8.43 -41.56 -19.62
O6 NAG H . -8.78 -43.23 -21.79
O7 NAG H . -8.24 -36.78 -20.14
H2 NAG H . -8.90 -39.07 -20.41
H3 NAG H . -11.15 -40.03 -18.98
H4 NAG H . -10.20 -40.99 -21.47
H5 NAG H . -10.14 -42.34 -18.98
H61 NAG H . -10.37 -43.84 -20.79
H62 NAG H . -9.00 -44.05 -20.02
H81 NAG H . -8.64 -34.98 -18.48
H82 NAG H . -8.67 -36.01 -17.28
H83 NAG H . -10.03 -35.62 -18.03
HN2 NAG H . -9.86 -38.14 -17.96
HO3 NAG H . -12.22 -39.27 -20.83
HO4 NAG H . -12.02 -41.92 -21.64
HO6 NAG H . -8.01 -42.84 -21.62
C1 NAG I . 37.65 -64.42 9.45
C2 NAG I . 36.45 -65.36 9.71
C3 NAG I . 36.01 -65.33 11.18
C4 NAG I . 37.18 -65.42 12.14
C5 NAG I . 38.24 -64.39 11.74
C6 NAG I . 39.49 -64.36 12.59
C7 NAG I . 35.07 -65.53 7.69
C8 NAG I . 33.89 -64.96 6.95
N2 NAG I . 35.34 -64.96 8.87
O3 NAG I . 35.14 -66.42 11.42
O4 NAG I . 36.67 -65.12 13.44
O5 NAG I . 38.66 -64.66 10.39
O6 NAG I . 39.61 -65.41 13.52
O7 NAG I . 35.76 -66.42 7.24
H2 NAG I . 36.71 -66.28 9.48
H3 NAG I . 35.52 -64.50 11.35
H4 NAG I . 37.56 -66.31 12.13
H5 NAG I . 37.82 -63.50 11.76
H61 NAG I . 39.50 -63.51 13.08
H62 NAG I . 40.26 -64.37 11.99
H81 NAG I . 33.78 -65.44 6.11
H82 NAG I . 34.04 -64.01 6.78
H83 NAG I . 33.09 -65.07 7.50
HN2 NAG I . 34.80 -64.29 9.15
HO3 NAG I . 35.57 -67.19 11.30
C1 NAG I . 36.68 -66.28 14.30
C2 NAG I . 36.44 -65.77 15.72
C3 NAG I . 36.39 -66.93 16.71
C4 NAG I . 35.40 -68.00 16.25
C5 NAG I . 35.69 -68.40 14.80
C6 NAG I . 34.68 -69.38 14.24
C7 NAG I . 37.30 -63.50 16.02
C8 NAG I . 38.46 -62.65 16.43
N2 NAG I . 37.48 -64.82 16.09
O3 NAG I . 36.01 -66.44 17.98
O4 NAG I . 35.55 -69.15 17.07
O5 NAG I . 35.68 -67.23 13.96
O6 NAG I . 33.37 -68.85 14.29
O7 NAG I . 36.24 -63.02 15.65
H2 NAG I . 35.57 -65.32 15.73
H3 NAG I . 37.28 -67.33 16.77
H4 NAG I . 34.50 -67.66 16.31
H5 NAG I . 36.58 -68.81 14.76
H61 NAG I . 34.72 -70.20 14.74
H62 NAG I . 34.91 -69.56 13.31
H81 NAG I . 38.22 -61.71 16.34
H82 NAG I . 39.22 -62.85 15.86
H83 NAG I . 38.68 -62.85 17.36
HN2 NAG I . 38.28 -65.15 16.37
HO3 NAG I . 35.17 -66.68 18.16
HO6 NAG I . 33.28 -68.21 13.69
C1 BMA I . 34.49 -69.18 18.05
C2 BMA I . 34.34 -70.65 18.50
C3 BMA I . 33.30 -70.76 19.62
C4 BMA I . 33.58 -69.74 20.75
C5 BMA I . 33.72 -68.31 20.20
C6 BMA I . 34.09 -67.31 21.29
O2 BMA I . 35.58 -71.16 19.00
O3 BMA I . 33.27 -72.07 20.16
O4 BMA I . 32.50 -69.75 21.67
O5 BMA I . 34.75 -68.30 19.17
O6 BMA I . 34.13 -66.01 20.72
H2 BMA I . 34.00 -71.24 17.63
H3 BMA I . 32.31 -70.56 19.23
H4 BMA I . 34.53 -70.01 21.24
H5 BMA I . 32.76 -67.99 19.76
H61 BMA I . 35.06 -67.59 21.71
H62 BMA I . 33.33 -67.38 22.07
HO2 BMA I . 35.35 -71.71 19.76
HO3 BMA I . 32.98 -71.97 21.08
HO4 BMA I . 32.79 -69.56 22.44
HO6 BMA I . 34.47 -66.10 19.82
C1 FUC I . 40.66 -66.37 13.20
C2 FUC I . 42.07 -65.76 13.05
C3 FUC I . 43.15 -66.85 13.05
C4 FUC I . 42.53 -68.27 12.84
C5 FUC I . 41.34 -68.51 13.83
C6 FUC I . 40.18 -69.30 13.24
O2 FUC I . 42.35 -64.85 14.05
O3 FUC I . 44.03 -66.59 11.97
O4 FUC I . 42.09 -68.42 11.52
O5 FUC I . 40.76 -67.29 14.24
H2 FUC I . 42.12 -65.22 12.10
H3 FUC I . 43.69 -66.83 14.00
H4 FUC I . 43.31 -69.03 13.07
H5 FUC I . 41.75 -69.03 14.71
H61 FUC I . 39.38 -69.42 13.98
H62 FUC I . 40.52 -70.29 12.92
H63 FUC I . 39.76 -68.78 12.37
HO2 FUC I . 41.63 -64.48 14.30
HO3 FUC I . 43.74 -67.17 11.25
HO4 FUC I . 42.15 -69.22 11.29
C1 NAG J . 18.20 -13.53 -2.41
C2 NAG J . 18.08 -12.03 -2.68
C3 NAG J . 17.51 -11.80 -4.07
C4 NAG J . 18.45 -12.41 -5.09
C5 NAG J . 18.58 -13.91 -4.82
C6 NAG J . 19.57 -14.54 -5.78
C7 NAG J . 16.00 -11.60 -1.46
C8 NAG J . 15.34 -10.75 -0.41
N2 NAG J . 17.29 -11.34 -1.67
O3 NAG J . 17.32 -10.41 -4.34
O4 NAG J . 17.98 -12.19 -6.41
O5 NAG J . 19.05 -14.16 -3.47
O6 NAG J . 20.45 -15.48 -5.19
O7 NAG J . 15.40 -12.49 -2.04
H2 NAG J . 18.98 -11.64 -2.66
H3 NAG J . 16.64 -12.25 -4.13
H4 NAG J . 19.33 -12.01 -5.00
H5 NAG J . 17.71 -14.33 -4.93
H61 NAG J . 20.10 -13.82 -6.19
H62 NAG J . 19.06 -14.99 -6.48
H81 NAG J . 14.40 -11.01 -0.32
H82 NAG J . 15.39 -9.81 -0.67
H83 NAG J . 15.80 -10.87 0.44
HN2 NAG J . 17.67 -10.66 -1.21
HO3 NAG J . 16.87 -10.32 -5.09
HO4 NAG J . 18.61 -11.80 -6.89
C1 FUC J . 21.82 -15.01 -5.06
C2 FUC J . 22.51 -14.71 -6.49
C3 FUC J . 23.98 -14.23 -6.31
C4 FUC J . 24.25 -14.06 -4.83
C5 FUC J . 23.13 -13.17 -4.24
C6 FUC J . 23.39 -12.72 -2.84
O2 FUC J . 21.82 -13.79 -7.32
O3 FUC J . 24.91 -15.20 -6.81
O4 FUC J . 24.28 -15.35 -4.25
O5 FUC J . 21.87 -13.86 -4.21
H2 FUC J . 22.54 -15.65 -7.04
H3 FUC J . 24.11 -13.26 -6.81
H4 FUC J . 25.21 -13.54 -4.70
H5 FUC J . 23.03 -12.31 -4.91
H61 FUC J . 23.51 -13.57 -2.17
H62 FUC J . 22.56 -12.10 -2.48
H63 FUC J . 24.31 -12.12 -2.80
HO2 FUC J . 21.50 -14.32 -8.07
HO3 FUC J . 25.74 -15.06 -6.32
HO4 FUC J . 24.67 -15.88 -4.76
C1 NAG K . -37.32 24.61 -43.02
C2 NAG K . -37.81 24.67 -41.58
C3 NAG K . -38.83 23.57 -41.30
C4 NAG K . -39.93 23.57 -42.36
C5 NAG K . -39.32 23.58 -43.76
C6 NAG K . -40.35 23.68 -44.86
C7 NAG K . -36.60 25.21 -39.50
C8 NAG K . -35.35 24.96 -38.69
N2 NAG K . -36.67 24.55 -40.66
O3 NAG K . -39.40 23.77 -40.01
O4 NAG K . -40.71 22.39 -42.24
O5 NAG K . -38.43 24.70 -43.90
O6 NAG K . -40.12 22.70 -45.87
O7 NAG K . -37.48 25.96 -39.11
H2 NAG K . -38.23 25.53 -41.43
H3 NAG K . -38.39 22.70 -41.32
H4 NAG K . -40.50 24.36 -42.24
H5 NAG K . -38.81 22.75 -43.87
H61 NAG K . -40.30 24.57 -45.26
H62 NAG K . -41.24 23.55 -44.48
H81 NAG K . -35.38 25.48 -37.87
H82 NAG K . -34.56 25.22 -39.21
H83 NAG K . -35.29 24.01 -38.48
HN2 NAG K . -35.99 24.00 -40.89
HO3 NAG K . -40.05 23.17 -39.88
HO6 NAG K . -40.79 22.71 -46.44
C1 NAG K . -41.95 22.59 -41.57
C2 NAG K . -42.81 21.35 -41.80
C3 NAG K . -44.14 21.49 -41.07
C4 NAG K . -43.95 21.87 -39.62
C5 NAG K . -42.96 23.02 -39.46
C6 NAG K . -42.55 23.27 -38.02
C7 NAG K . -42.60 20.03 -43.87
C8 NAG K . -42.92 19.97 -45.34
N2 NAG K . -43.03 21.13 -43.23
O3 NAG K . -44.83 20.24 -41.16
O4 NAG K . -45.20 22.28 -39.08
O5 NAG K . -41.74 22.77 -40.18
O6 NAG K . -43.46 22.66 -37.12
O7 NAG K . -42.00 19.13 -43.31
H2 NAG K . -42.34 20.59 -41.44
H3 NAG K . -44.68 22.18 -41.52
H4 NAG K . -43.62 21.09 -39.12
H5 NAG K . -43.37 23.84 -39.81
H61 NAG K . -42.52 24.22 -37.85
H62 NAG K . -41.67 22.89 -37.88
H81 NAG K . -42.58 19.14 -45.71
H82 NAG K . -42.51 20.73 -45.79
H83 NAG K . -43.89 20.01 -45.46
HN2 NAG K . -43.47 21.76 -43.70
HO3 NAG K . -45.58 20.29 -40.69
HO6 NAG K . -43.42 23.06 -36.33
C1 BMA K . -45.75 21.31 -38.17
C2 BMA K . -46.97 21.97 -37.51
C3 BMA K . -47.59 20.99 -36.55
C4 BMA K . -47.94 19.66 -37.27
C5 BMA K . -46.65 19.09 -37.94
C6 BMA K . -46.86 17.81 -38.74
O2 BMA K . -47.96 22.30 -38.50
O3 BMA K . -48.74 21.55 -35.89
O4 BMA K . -48.47 18.73 -36.34
O5 BMA K . -46.11 20.10 -38.83
O6 BMA K . -48.19 17.77 -39.21
H2 BMA K . -46.63 22.88 -36.98
H3 BMA K . -46.88 20.75 -35.75
H4 BMA K . -48.66 19.89 -38.07
H5 BMA K . -45.91 18.88 -37.15
H61 BMA K . -46.64 16.95 -38.09
H62 BMA K . -46.13 17.80 -39.56
HO2 BMA K . -48.81 22.04 -38.12
HO3 BMA K . -48.88 21.00 -35.10
HO4 BMA K . -48.81 17.99 -36.89
HO6 BMA K . -48.31 16.94 -39.70
C1 NAG L . -0.59 -14.87 -53.54
C2 NAG L . 0.28 -15.75 -54.44
C3 NAG L . 1.73 -15.35 -54.30
C4 NAG L . 1.89 -13.86 -54.61
C5 NAG L . 0.93 -13.04 -53.74
C6 NAG L . 0.92 -11.57 -54.07
C7 NAG L . 0.27 -17.74 -52.98
C8 NAG L . -0.03 -19.21 -52.92
N2 NAG L . 0.08 -17.16 -54.18
O3 NAG L . 2.51 -16.13 -55.19
O4 NAG L . 3.22 -13.44 -54.30
O5 NAG L . -0.42 -13.51 -53.90
O6 NAG L . 0.95 -11.31 -55.46
O7 NAG L . 0.64 -17.11 -52.01
H2 NAG L . 0.01 -15.57 -55.37
H3 NAG L . 2.03 -15.52 -53.39
H4 NAG L . 1.70 -13.69 -55.54
H5 NAG L . 1.18 -13.16 -52.80
H61 NAG L . 1.71 -11.15 -53.66
H62 NAG L . 0.12 -11.16 -53.69
H81 NAG L . 0.13 -19.54 -52.01
H82 NAG L . 0.54 -19.69 -53.54
H83 NAG L . -0.97 -19.37 -53.16
HN2 NAG L . -0.22 -17.69 -54.86
HO3 NAG L . 3.33 -16.22 -54.87
C1 NAG L . 3.83 -12.67 -55.35
C2 NAG L . 5.26 -12.38 -54.88
C3 NAG L . 6.00 -11.56 -55.94
C4 NAG L . 5.93 -12.24 -57.29
C5 NAG L . 4.49 -12.61 -57.67
C6 NAG L . 4.40 -13.50 -58.89
C7 NAG L . 5.52 -12.28 -52.43
C8 NAG L . 5.90 -13.73 -52.47
N2 NAG L . 5.24 -11.69 -53.60
O3 NAG L . 7.35 -11.43 -55.54
O4 NAG L . 6.44 -11.36 -58.28
O5 NAG L . 3.87 -13.34 -56.59
O6 NAG L . 3.30 -13.16 -59.71
O7 NAG L . 5.47 -11.66 -51.37
H2 NAG L . 5.71 -13.24 -54.78
H3 NAG L . 5.59 -10.68 -55.99
H4 NAG L . 6.47 -13.05 -57.27
H5 NAG L . 3.98 -11.79 -57.82
H61 NAG L . 4.33 -14.43 -58.60
H62 NAG L . 5.22 -13.39 -59.41
H81 NAG L . 6.08 -14.05 -51.57
H82 NAG L . 6.69 -13.85 -53.02
H83 NAG L . 5.16 -14.25 -52.86
HN2 NAG L . 5.00 -10.81 -53.59
HO3 NAG L . 7.87 -11.39 -56.27
HO4 NAG L . 6.45 -11.76 -59.07
HO6 NAG L . 3.22 -13.76 -60.36
C1 FUC L . -0.38 -11.36 -56.06
C2 FUC L . -0.79 -9.97 -56.62
C3 FUC L . 0.22 -9.53 -57.70
C4 FUC L . 0.21 -10.57 -58.81
C5 FUC L . 0.52 -11.96 -58.23
C6 FUC L . 0.34 -13.05 -59.27
O2 FUC L . -1.01 -8.96 -55.62
O3 FUC L . -0.15 -8.28 -58.27
O4 FUC L . -1.07 -10.62 -59.39
O5 FUC L . -0.35 -12.29 -57.09
H2 FUC L . -1.76 -10.11 -57.12
H3 FUC L . 1.22 -9.48 -57.25
H4 FUC L . 0.98 -10.31 -59.56
H5 FUC L . 1.56 -11.93 -57.88
H61 FUC L . 0.56 -14.02 -58.83
H62 FUC L . 1.00 -12.87 -60.11
H63 FUC L . -0.69 -13.05 -59.63
HO2 FUC L . -1.08 -9.43 -54.78
HO3 FUC L . -1.12 -8.20 -58.14
HO4 FUC L . -1.24 -9.88 -59.75
C1 NAG M . -33.75 49.40 -28.70
C2 NAG M . -34.30 48.21 -29.47
C3 NAG M . -35.33 48.68 -30.51
C4 NAG M . -36.43 49.51 -29.84
C5 NAG M . -35.80 50.65 -29.04
C6 NAG M . -36.82 51.44 -28.24
C7 NAG M . -32.90 46.22 -29.79
C8 NAG M . -31.77 45.60 -30.55
N2 NAG M . -33.23 47.46 -30.12
O3 NAG M . -35.90 47.55 -31.16
O4 NAG M . -37.27 50.09 -30.83
O5 NAG M . -34.84 50.15 -28.10
O6 NAG M . -36.25 52.59 -27.60
O7 NAG M . -33.48 45.61 -28.89
H2 NAG M . -34.75 47.62 -28.84
H3 NAG M . -34.88 49.23 -31.16
H4 NAG M . -36.96 48.95 -29.25
H5 NAG M . -35.35 51.26 -29.65
H61 NAG M . -37.20 50.87 -27.56
H62 NAG M . -37.52 51.74 -28.83
H81 NAG M . -31.61 44.70 -30.23
H82 NAG M . -30.97 46.13 -30.42
H83 NAG M . -32.00 45.58 -31.49
HN2 NAG M . -32.79 47.85 -30.75
HO3 NAG M . -36.41 47.80 -31.76
HO6 NAG M . -36.53 53.28 -27.97
C1 NAG M . -38.42 49.35 -31.25
C2 NAG M . -39.40 50.36 -31.82
C3 NAG M . -40.65 49.65 -32.34
C4 NAG M . -40.26 48.56 -33.32
C5 NAG M . -39.23 47.62 -32.72
C6 NAG M . -38.69 46.61 -33.70
C7 NAG M . -39.52 52.68 -31.00
C8 NAG M . -39.95 53.56 -29.88
N2 NAG M . -39.75 51.37 -30.84
O3 NAG M . -41.49 50.59 -32.99
O4 NAG M . -41.43 47.81 -33.69
O5 NAG M . -38.10 48.37 -32.23
O6 NAG M . -38.55 45.33 -33.12
O7 NAG M . -38.98 53.12 -32.02
H2 NAG M . -38.97 50.80 -32.59
H3 NAG M . -41.13 49.25 -31.58
H4 NAG M . -39.89 48.97 -34.13
H5 NAG M . -39.64 47.14 -31.96
H61 NAG M . -37.81 46.91 -34.02
H62 NAG M . -39.30 46.56 -34.46
H81 NAG M . -39.73 54.49 -30.09
H82 NAG M . -39.49 53.30 -29.06
H83 NAG M . -40.91 53.48 -29.75
HN2 NAG M . -40.16 51.10 -30.07
HO3 NAG M . -42.13 50.16 -33.44
HO4 NAG M . -41.57 47.88 -34.56
HO6 NAG M . -38.29 44.75 -33.74
C1 NAG N . 7.33 25.46 -2.36
C2 NAG N . 6.07 24.61 -2.09
C3 NAG N . 5.58 24.78 -0.64
C4 NAG N . 6.73 24.64 0.36
C5 NAG N . 7.90 25.51 -0.06
C6 NAG N . 9.10 25.32 0.84
C7 NAG N . 4.75 24.32 -4.13
C8 NAG N . 3.63 24.85 -4.98
N2 NAG N . 5.02 24.99 -3.02
O3 NAG N . 4.57 23.83 -0.37
O4 NAG N . 6.32 25.13 1.64
O5 NAG N . 8.31 25.17 -1.39
O6 NAG N . 9.38 23.93 1.01
O7 NAG N . 5.38 23.31 -4.46
H2 NAG N . 6.30 23.67 -2.23
H3 NAG N . 5.20 25.67 -0.56
H4 NAG N . 7.00 23.71 0.43
H5 NAG N . 7.63 26.44 -0.03
H61 NAG N . 8.92 25.72 1.72
H62 NAG N . 9.88 25.75 0.44
H81 NAG N . 3.52 24.29 -5.77
H82 NAG N . 3.85 25.76 -5.26
H83 NAG N . 2.81 24.86 -4.46
HN2 NAG N . 4.53 25.73 -2.83
HO3 NAG N . 4.74 23.42 0.40
C1 NAG N . 6.35 24.23 2.77
C2 NAG N . 6.28 25.10 4.03
C3 NAG N . 6.20 24.22 5.29
C4 NAG N . 5.11 23.17 5.16
C5 NAG N . 5.25 22.40 3.86
C6 NAG N . 4.09 21.46 3.63
C7 NAG N . 7.33 27.31 4.28
C8 NAG N . 8.62 28.06 4.35
N2 NAG N . 7.43 25.99 4.11
O3 NAG N . 5.89 25.04 6.43
O4 NAG N . 5.21 22.25 6.24
O5 NAG N . 5.27 23.32 2.76
O6 NAG N . 4.04 21.05 2.28
O7 NAG N . 6.25 27.87 4.35
H2 NAG N . 5.47 25.64 3.98
H3 NAG N . 7.05 23.79 5.43
H4 NAG N . 4.23 23.60 5.19
H5 NAG N . 6.08 21.89 3.87
H61 NAG N . 3.26 21.90 3.87
H62 NAG N . 4.22 20.67 4.19
H81 NAG N . 8.44 29.00 4.47
H82 NAG N . 9.13 27.92 3.53
H83 NAG N . 9.14 27.73 5.11
HN2 NAG N . 8.26 25.61 4.07
HO3 NAG N . 5.42 24.56 7.02
HO6 NAG N . 4.58 21.55 1.79
C1 BMA N . 3.96 22.23 6.97
C2 BMA N . 3.73 20.83 7.60
C3 BMA N . 2.67 20.82 8.67
C4 BMA N . 2.75 22.07 9.52
C5 BMA N . 2.65 23.29 8.65
C6 BMA N . 2.42 24.58 9.45
O2 BMA N . 4.92 20.42 8.23
O3 BMA N . 2.76 19.66 9.51
O4 BMA N . 1.68 22.13 10.42
O5 BMA N . 3.82 23.33 7.88
O6 BMA N . 3.43 24.89 10.39
H2 BMA N . 3.45 20.13 6.80
H3 BMA N . 1.69 20.82 8.17
H4 BMA N . 3.72 22.08 10.05
H5 BMA N . 1.79 23.16 7.99
H61 BMA N . 1.47 24.50 9.98
H62 BMA N . 2.33 25.41 8.75
HO2 BMA N . 4.72 19.83 8.95
HO3 BMA N . 2.38 19.87 10.38
HO4 BMA N . 1.97 22.55 11.24
HO6 BMA N . 3.16 25.67 10.89
C1 FUC N . 10.43 23.74 2.00
C2 FUC N . 10.54 22.23 2.25
C3 FUC N . 10.91 21.52 0.95
C4 FUC N . 12.28 22.08 0.47
C5 FUC N . 12.25 23.61 0.37
C6 FUC N . 13.63 24.20 0.19
O2 FUC N . 9.36 21.70 2.81
O3 FUC N . 11.06 20.12 1.18
O4 FUC N . 13.30 21.72 1.40
O5 FUC N . 11.69 24.23 1.57
H2 FUC N . 11.34 22.06 2.97
H3 FUC N . 10.15 21.72 0.19
H4 FUC N . 12.50 21.67 -0.53
H5 FUC N . 11.60 23.86 -0.48
H61 FUC N . 13.57 25.29 0.14
H62 FUC N . 14.08 23.81 -0.73
H63 FUC N . 14.27 23.93 1.03
HO2 FUC N . 9.29 20.89 2.60
HO3 FUC N . 11.93 20.01 1.61
HO4 FUC N . 14.00 21.33 0.86
C1 NAG O . -11.05 76.27 -14.04
C2 NAG O . -10.88 77.72 -14.40
C3 NAG O . -11.26 77.93 -15.86
C4 NAG O . -10.33 77.07 -16.73
C5 NAG O . -10.46 75.61 -16.34
C6 NAG O . -9.51 74.68 -17.09
C7 NAG O . -12.99 78.51 -13.40
C8 NAG O . -13.60 79.47 -12.42
N2 NAG O . -11.66 78.59 -13.53
O3 NAG O . -11.17 79.31 -16.19
O4 NAG O . -10.64 77.21 -18.12
O5 NAG O . -10.18 75.44 -14.93
O6 NAG O . -8.16 75.12 -17.14
O7 NAG O . -13.67 77.70 -14.04
H2 NAG O . -9.94 77.95 -14.31
H3 NAG O . -12.17 77.63 -16.01
H4 NAG O . -9.41 77.37 -16.59
H5 NAG O . -11.37 75.32 -16.51
H61 NAG O . -9.85 74.59 -18.01
H62 NAG O . -9.54 73.80 -16.66
H81 NAG O . -14.56 79.33 -12.39
H82 NAG O . -13.40 80.38 -12.69
H83 NAG O . -13.22 79.30 -11.53
HN2 NAG O . -11.21 79.19 -13.02
HO3 NAG O . -10.95 79.41 -17.04
HO4 NAG O . -9.97 76.88 -18.60
C1 FUC O . -7.49 74.73 -15.93
C2 FUC O . -6.41 73.64 -16.21
C3 FUC O . -5.43 74.14 -17.26
C4 FUC O . -4.83 75.54 -16.86
C5 FUC O . -5.90 76.48 -16.25
C6 FUC O . -5.27 77.58 -15.37
O2 FUC O . -6.93 72.35 -16.58
O3 FUC O . -4.35 73.15 -17.42
O4 FUC O . -3.76 75.42 -15.94
O5 FUC O . -6.87 75.85 -15.39
H2 FUC O . -5.85 73.50 -15.28
H3 FUC O . -5.96 74.25 -18.21
H4 FUC O . -4.47 76.03 -17.78
H5 FUC O . -6.44 76.94 -17.09
H61 FUC O . -6.05 78.21 -14.95
H62 FUC O . -4.59 78.19 -15.96
H63 FUC O . -4.72 77.11 -14.55
HO2 FUC O . -7.45 72.05 -15.81
HO3 FUC O . -4.52 72.48 -16.74
HO4 FUC O . -3.02 75.90 -16.36
ZN ZN P . 22.99 -1.93 38.30
C01 BJ2 Q . 27.08 0.31 34.71
C02 BJ2 Q . 26.43 -0.96 35.26
C04 BJ2 Q . 26.77 -2.78 36.93
C05 BJ2 Q . 25.44 -2.35 37.64
C08 BJ2 Q . 27.95 -3.24 37.91
C09 BJ2 Q . 28.80 -4.20 37.38
C10 BJ2 Q . 27.97 -5.53 37.53
C11 BJ2 Q . 27.16 -5.31 38.85
C13 BJ2 Q . 27.17 -3.40 40.46
C15 BJ2 Q . 26.58 -4.32 41.62
C17 BJ2 Q . 25.14 -3.68 42.02
C18 BJ2 Q . 24.32 -4.62 42.94
C21 BJ2 Q . 26.02 -1.93 34.13
C24 BJ2 Q . 23.91 -0.64 33.61
C25 BJ2 Q . 22.64 -1.02 32.76
C26 BJ2 Q . 23.15 -2.02 31.69
C27 BJ2 Q . 24.31 -2.58 32.20
C28 BJ2 Q . 25.46 -2.56 31.19
N03 BJ2 Q . 27.39 -1.63 36.22
N12 BJ2 Q . 27.37 -4.00 39.17
N16 BJ2 Q . 27.53 -4.36 42.73
N23 BJ2 Q . 24.77 -1.67 33.42
O06 BJ2 Q . 25.34 -1.27 38.31
O07 BJ2 Q . 24.40 -3.06 37.50
O14 BJ2 Q . 27.40 -2.23 40.62
O19 BJ2 Q . 23.98 -5.74 42.45
O20 BJ2 Q . 24.01 -4.25 44.14
O22 BJ2 Q . 26.70 -2.88 33.80
O29 BJ2 Q . 26.14 -1.49 31.08
O30 BJ2 Q . 25.74 -3.54 30.48
H011 BJ2 Q . 27.64 0.71 35.39
H013 BJ2 Q . 26.38 0.93 34.45
H012 BJ2 Q . 27.62 0.09 33.94
H021 BJ2 Q . 25.64 -0.70 35.76
H041 BJ2 Q . 26.58 -3.50 36.30
H081 BJ2 Q . 28.46 -2.47 38.19
H091 BJ2 Q . 28.99 -4.02 36.45
H092 BJ2 Q . 29.62 -4.27 37.89
H101 BJ2 Q . 27.35 -5.63 36.77
H102 BJ2 Q . 28.55 -6.30 37.59
H112 BJ2 Q . 26.22 -5.49 38.72
H111 BJ2 Q . 27.52 -5.87 39.56
H151 BJ2 Q . 26.44 -5.22 41.27
H172 BJ2 Q . 25.30 -2.84 42.49
H171 BJ2 Q . 24.63 -3.51 41.22
H242 BJ2 Q . 24.29 0.19 33.30
H241 BJ2 Q . 23.66 -0.58 34.56
H251 BJ2 Q . 22.29 -0.22 32.33
H252 BJ2 Q . 21.97 -1.44 33.32
H262 BJ2 Q . 22.49 -2.70 31.52
H261 BJ2 Q . 23.36 -1.55 30.86
H271 BJ2 Q . 24.13 -3.50 32.51
H031 BJ2 Q . 28.10 -1.91 35.78
H162 BJ2 Q . 27.16 -4.00 43.45
H161 BJ2 Q . 27.75 -5.21 42.89
CL CL R . 19.63 -12.00 37.66
MG MG S . 26.01 5.23 25.66
C1 PEG T . 31.56 -5.81 39.96
O1 PEG T . 32.48 -6.83 40.24
C2 PEG T . 30.36 -5.95 40.90
O2 PEG T . 30.26 -4.86 41.76
C3 PEG T . 31.25 -4.80 42.75
C4 PEG T . 30.75 -5.32 44.10
O4 PEG T . 31.41 -6.53 44.35
H11 PEG T . 31.97 -4.94 40.10
H12 PEG T . 31.26 -5.89 39.04
HO1 PEG T . 32.08 -7.57 40.29
H21 PEG T . 30.47 -6.77 41.42
H22 PEG T . 29.54 -6.03 40.36
H31 PEG T . 32.01 -5.35 42.47
H32 PEG T . 31.54 -3.89 42.85
H41 PEG T . 29.80 -5.46 44.07
H42 PEG T . 30.97 -4.68 44.80
HO4 PEG T . 31.58 -6.59 45.18
C1 PEG U . 24.26 -12.10 51.34
O1 PEG U . 23.02 -11.60 50.87
C2 PEG U . 25.22 -12.12 50.17
O2 PEG U . 26.54 -12.17 50.62
C3 PEG U . 27.42 -11.33 49.93
C4 PEG U . 27.69 -11.86 48.53
O4 PEG U . 29.05 -12.17 48.45
H11 PEG U . 24.13 -13.00 51.68
H12 PEG U . 24.59 -11.52 52.04
HO1 PEG U . 22.69 -11.09 51.46
H21 PEG U . 25.10 -11.31 49.64
H22 PEG U . 25.03 -12.89 49.62
H31 PEG U . 28.25 -11.27 50.42
H32 PEG U . 27.03 -10.45 49.87
H41 PEG U . 27.45 -11.18 47.87
H42 PEG U . 27.15 -12.66 48.37
HO4 PEG U . 29.15 -13.01 48.40
C1 EDO V . 23.45 15.41 53.68
O1 EDO V . 23.91 14.53 54.73
C2 EDO V . 24.54 15.68 52.63
O2 EDO V . 24.68 14.64 51.67
H11 EDO V . 22.58 14.96 53.18
H12 EDO V . 23.13 16.36 54.11
HO1 EDO V . 24.42 13.96 54.41
H21 EDO V . 24.31 16.62 52.11
H22 EDO V . 25.50 15.82 53.13
HO2 EDO V . 23.92 14.47 51.33
C1 EDO W . 34.49 -10.75 39.25
O1 EDO W . 34.83 -11.94 39.99
C2 EDO W . 33.53 -9.86 40.01
O2 EDO W . 32.19 -10.36 39.89
H11 EDO W . 34.03 -11.04 38.29
H12 EDO W . 35.40 -10.20 39.02
HO1 EDO W . 35.43 -12.48 39.46
H21 EDO W . 33.82 -9.84 41.07
H22 EDO W . 33.58 -8.84 39.62
HO2 EDO W . 32.11 -10.77 39.18
C ACT X . 17.59 -23.15 30.03
O ACT X . 16.76 -23.53 30.92
OXT ACT X . 17.47 -22.25 29.11
CH3 ACT X . 18.96 -23.88 30.08
H1 ACT X . 19.67 -23.23 30.22
H2 ACT X . 19.13 -24.30 29.22
H3 ACT X . 18.99 -24.54 30.78
C ACT Y . -1.30 -0.08 32.24
O ACT Y . -0.60 -0.38 33.24
OXT ACT Y . -1.21 0.94 31.49
CH3 ACT Y . -2.41 -1.09 31.87
H1 ACT Y . -2.26 -1.42 30.97
H2 ACT Y . -2.36 -1.86 32.45
H3 ACT Y . -3.29 -0.70 31.93
C1 PGE Z . 45.20 -9.01 38.97
O1 PGE Z . 44.09 -9.89 39.10
C2 PGE Z . 46.51 -9.82 38.99
O2 PGE Z . 47.69 -9.02 38.87
C3 PGE Z . 47.58 -7.67 38.39
C4 PGE Z . 48.87 -7.22 37.73
O4 PGE Z . 48.90 -2.97 36.90
C6 PGE Z . 49.21 -4.34 37.12
C5 PGE Z . 48.17 -5.22 36.42
O3 PGE Z . 48.53 -6.60 36.48
H1 PGE Z . 45.24 -8.36 39.69
H12 PGE Z . 45.16 -8.52 38.13
HO1 PGE Z . 43.49 -9.50 39.54
H2 PGE Z . 46.53 -10.33 39.82
H22 PGE Z . 46.47 -10.47 38.27
H3 PGE Z . 46.87 -7.59 37.74
H32 PGE Z . 47.38 -7.07 39.13
H4 PGE Z . 49.33 -6.59 38.31
H42 PGE Z . 49.45 -7.98 37.60
HO4 PGE Z . 48.43 -2.70 37.54
H6 PGE Z . 50.09 -4.57 36.77
H62 PGE Z . 49.20 -4.57 38.07
H5 PGE Z . 48.10 -4.92 35.50
H52 PGE Z . 47.31 -5.08 36.85
N1 BCN AA . 17.83 -23.92 16.73
C1 BCN AA . 17.55 -24.45 18.10
C2 BCN AA . 17.95 -25.92 18.19
O21 BCN AA . 19.14 -26.23 18.49
O22 BCN AA . 17.07 -26.83 17.97
C3 BCN AA . 16.53 -23.80 15.99
C4 BCN AA . 15.98 -25.23 15.72
O4 BCN AA . 14.86 -25.53 16.56
C5 BCN AA . 18.44 -22.57 16.71
C6 BCN AA . 19.58 -22.42 17.77
O6 BCN AA . 19.00 -21.95 18.97
H11 BCN AA . 18.08 -23.94 18.74
H12 BCN AA . 16.61 -24.34 18.30
H31 BCN AA . 16.68 -23.35 15.16
H32 BCN AA . 15.90 -23.31 16.54
H41 BCN AA . 16.67 -25.89 15.88
H42 BCN AA . 15.69 -25.28 14.80
HO4 BCN AA . 14.25 -25.89 16.09
H51 BCN AA . 17.75 -21.92 16.91
H52 BCN AA . 18.81 -22.40 15.84
H61 BCN AA . 19.99 -23.28 17.93
H62 BCN AA . 20.24 -21.79 17.45
HO6 BCN AA . 19.61 -21.72 19.51
ZN ZN BA . 10.75 -46.92 4.97
C01 BJ2 CA . 13.10 -44.52 0.18
C02 BJ2 CA . 12.39 -44.28 1.50
C04 BJ2 CA . 10.08 -43.87 2.34
C05 BJ2 CA . 10.21 -45.18 3.15
C08 BJ2 CA . 8.64 -43.71 1.69
C09 BJ2 CA . 8.30 -42.38 1.38
C10 BJ2 CA . 7.84 -41.78 2.76
C11 BJ2 CA . 7.31 -43.06 3.56
C13 BJ2 CA . 6.80 -45.35 2.59
C15 BJ2 CA . 5.68 -45.60 3.68
C17 BJ2 CA . 6.03 -46.97 4.42
C18 BJ2 CA . 5.25 -47.04 5.76
C21 BJ2 CA . 12.98 -43.11 2.29
C24 BJ2 CA . 14.80 -44.60 3.24
C25 BJ2 CA . 15.73 -44.45 4.48
C26 BJ2 CA . 16.05 -42.91 4.48
C27 BJ2 CA . 14.92 -42.29 3.96
C28 BJ2 CA . 15.30 -41.24 2.92
N03 BJ2 CA . 10.97 -43.92 1.19
N12 BJ2 CA . 7.53 -44.09 2.71
N16 BJ2 CA . 4.35 -45.60 3.05
N23 BJ2 CA . 14.15 -43.39 3.14
O06 BJ2 CA . 10.16 -46.28 2.57
O07 BJ2 CA . 10.31 -45.10 4.39
O14 BJ2 CA . 7.09 -46.18 1.76
O19 BJ2 CA . 5.32 -46.09 6.60
O20 BJ2 CA . 4.54 -48.06 5.97
O22 BJ2 CA . 12.51 -42.03 2.26
O29 BJ2 CA . 15.65 -41.60 1.76
O30 BJ2 CA . 15.30 -40.01 3.24
H011 BJ2 CA . 12.47 -44.90 -0.46
H013 BJ2 CA . 13.84 -45.11 0.31
H012 BJ2 CA . 13.42 -43.67 -0.17
H021 BJ2 CA . 12.42 -45.08 2.04
H041 BJ2 CA . 10.28 -43.11 2.90
H081 BJ2 CA . 8.58 -44.26 0.90
H091 BJ2 CA . 9.08 -41.91 1.04
H092 BJ2 CA . 7.57 -42.37 0.74
H101 BJ2 CA . 8.59 -41.37 3.22
H102 BJ2 CA . 7.12 -41.13 2.63
H112 BJ2 CA . 7.80 -43.17 4.38
H111 BJ2 CA . 6.36 -42.97 3.74
H151 BJ2 CA . 5.71 -44.89 4.32
H172 BJ2 CA . 5.79 -47.72 3.85
H171 BJ2 CA . 6.99 -47.00 4.60
H242 BJ2 CA . 15.32 -44.75 2.44
H241 BJ2 CA . 14.16 -45.31 3.38
H251 BJ2 CA . 16.53 -44.97 4.38
H252 BJ2 CA . 15.25 -44.69 5.30
H262 BJ2 CA . 16.21 -42.60 5.38
H261 BJ2 CA . 16.83 -42.74 3.92
H271 BJ2 CA . 14.38 -41.92 4.67
H031 BJ2 CA . 10.96 -43.14 0.76
H162 BJ2 CA . 3.98 -46.39 3.15
H161 BJ2 CA . 4.43 -45.40 2.19
CL CL DA . 7.98 -40.98 13.38
MG MG EA . 22.97 -43.37 -2.57
C1 PEG FA . -5.10 -47.17 10.50
O1 PEG FA . -4.44 -46.49 9.47
C2 PEG FA . -6.26 -46.28 10.93
O2 PEG FA . -7.45 -46.74 10.38
C3 PEG FA . -8.59 -46.24 11.03
C4 PEG FA . -9.55 -45.64 10.01
O4 PEG FA . -8.98 -44.50 9.42
H11 PEG FA . -5.44 -48.02 10.17
H12 PEG FA . -4.49 -47.31 11.24
HO1 PEG FA . -3.91 -47.03 9.07
H21 PEG FA . -6.32 -46.29 11.90
H22 PEG FA . -6.09 -45.37 10.63
H31 PEG FA . -9.04 -46.96 11.50
H32 PEG FA . -8.33 -45.56 11.67
H41 PEG FA . -9.74 -46.29 9.32
H42 PEG FA . -10.38 -45.39 10.44
HO4 PEG FA . -9.50 -44.19 8.82
C1 PEG GA . 2.99 -44.32 0.32
O1 PEG GA . 3.75 -43.92 1.44
C2 PEG GA . 1.81 -45.19 0.75
O2 PEG GA . 0.85 -44.42 1.44
C3 PEG GA . 0.07 -43.60 0.62
C4 PEG GA . -1.36 -43.50 1.15
O4 PEG GA . -1.57 -42.19 1.61
H11 PEG GA . 2.66 -43.53 -0.15
H12 PEG GA . 3.56 -44.83 -0.29
HO1 PEG GA . 4.16 -43.21 1.26
H21 PEG GA . 1.39 -45.57 -0.05
H22 PEG GA . 2.11 -45.90 1.32
H31 PEG GA . 0.46 -42.71 0.59
H32 PEG GA . 0.05 -43.96 -0.28
H41 PEG GA . -1.99 -43.70 0.44
H42 PEG GA . -1.48 -44.12 1.88
HO4 PEG GA . -1.24 -41.63 1.07
C1 PEG HA . -6.65 -52.05 -6.41
O1 PEG HA . -7.66 -52.99 -6.68
C2 PEG HA . -7.12 -50.62 -6.71
O2 PEG HA . -6.14 -49.87 -7.39
C3 PEG HA . -6.01 -50.18 -8.75
C4 PEG HA . -4.94 -49.33 -9.42
O4 PEG HA . -4.22 -50.11 -10.36
H11 PEG HA . -5.87 -52.25 -6.97
H12 PEG HA . -6.40 -52.11 -5.48
HO1 PEG HA . -7.46 -53.74 -6.34
H21 PEG HA . -7.92 -50.67 -7.26
H22 PEG HA . -7.34 -50.18 -5.87
H31 PEG HA . -5.78 -51.12 -8.85
H32 PEG HA . -6.87 -50.03 -9.20
H41 PEG HA . -4.33 -49.00 -8.74
H42 PEG HA . -5.36 -48.58 -9.88
HO4 PEG HA . -3.81 -49.59 -10.90
C1 PEG IA . -2.22 -35.08 24.87
O1 PEG IA . -2.01 -34.02 25.77
C2 PEG IA . -3.54 -34.88 24.14
O2 PEG IA . -4.12 -36.12 23.82
C3 PEG IA . -5.28 -36.43 24.55
C4 PEG IA . -5.54 -37.93 24.43
O4 PEG IA . -4.33 -38.61 24.65
H11 PEG IA . -2.24 -35.92 25.36
H12 PEG IA . -1.48 -35.10 24.23
HO1 PEG IA . -1.85 -34.33 26.54
H21 PEG IA . -3.38 -34.37 23.33
H22 PEG IA . -4.15 -34.37 24.71
H31 PEG IA . -5.15 -36.19 25.48
H32 PEG IA . -6.03 -35.94 24.17
H41 PEG IA . -6.18 -38.19 25.10
H42 PEG IA . -5.88 -38.14 23.55
HO4 PEG IA . -4.35 -38.98 25.41
C1 EDO JA . 33.65 -45.93 21.22
O1 EDO JA . 32.64 -44.92 21.32
C2 EDO JA . 33.14 -47.04 20.33
O2 EDO JA . 34.17 -47.98 20.02
H11 EDO JA . 34.46 -45.55 20.84
H12 EDO JA . 33.86 -46.26 22.10
HO1 EDO JA . 32.94 -44.20 21.00
H21 EDO JA . 32.42 -47.51 20.80
H22 EDO JA . 32.79 -46.67 19.52
HO2 EDO JA . 34.04 -48.29 19.25
C1 EDO KA . 18.49 -29.95 1.42
O1 EDO KA . 17.16 -30.09 0.94
C2 EDO KA . 18.59 -28.51 1.78
O2 EDO KA . 19.90 -28.03 2.01
H11 EDO KA . 19.21 -30.20 0.65
H12 EDO KA . 18.66 -30.58 2.30
HO1 EDO KA . 16.72 -29.41 1.12
H21 EDO KA . 18.13 -27.91 1.00
H22 EDO KA . 18.00 -28.34 2.70
HO2 EDO KA . 19.87 -27.09 2.24
C1 EDO LA . 22.16 -21.10 20.85
O1 EDO LA . 21.41 -21.80 19.85
C2 EDO LA . 21.26 -20.84 22.03
O2 EDO LA . 21.82 -21.36 23.25
H11 EDO LA . 23.03 -21.69 21.16
H12 EDO LA . 22.53 -20.15 20.44
HO1 EDO LA . 21.15 -22.53 20.17
H21 EDO LA . 21.09 -19.77 22.14
H22 EDO LA . 20.28 -21.31 21.86
HO2 EDO LA . 21.22 -21.18 23.98
C1 EDO MA . 22.17 -34.46 28.91
O1 EDO MA . 23.43 -35.06 29.23
C2 EDO MA . 22.41 -32.98 28.59
O2 EDO MA . 21.18 -32.37 28.17
H11 EDO MA . 21.48 -34.56 29.73
H12 EDO MA . 21.74 -34.96 28.03
HO1 EDO MA . 23.29 -36.00 29.44
H21 EDO MA . 23.15 -32.89 27.81
H22 EDO MA . 22.77 -32.48 29.49
HO2 EDO MA . 21.34 -31.43 27.97
C1 EDO NA . 11.63 -45.45 26.77
O1 EDO NA . 10.24 -45.76 26.99
C2 EDO NA . 12.53 -46.66 27.01
O2 EDO NA . 11.81 -47.81 27.55
H11 EDO NA . 11.76 -45.10 25.75
H12 EDO NA . 11.93 -44.65 27.44
HO1 EDO NA . 10.18 -46.51 27.37
H21 EDO NA . 13.33 -46.39 27.71
H22 EDO NA . 13.00 -46.95 26.07
HO2 EDO NA . 12.43 -48.53 27.67
C1 EDO OA . -7.98 -41.82 -11.83
O1 EDO OA . -7.17 -41.80 -13.01
C2 EDO OA . -8.63 -43.18 -11.69
O2 EDO OA . -9.46 -43.18 -10.53
H11 EDO OA . -8.75 -41.05 -11.90
H12 EDO OA . -7.37 -41.61 -10.95
HO1 EDO OA . -6.75 -40.94 -13.09
H21 EDO OA . -9.23 -43.40 -12.58
H22 EDO OA . -7.86 -43.95 -11.60
HO2 EDO OA . -9.32 -42.49 -10.09
C1 EDO PA . 2.82 -29.72 -13.44
O1 EDO PA . 3.41 -29.13 -12.26
C2 EDO PA . 1.79 -30.78 -13.08
O2 EDO PA . 1.70 -31.79 -14.08
H11 EDO PA . 2.33 -28.94 -14.03
H12 EDO PA . 3.60 -30.17 -14.06
HO1 EDO PA . 4.05 -28.46 -12.53
H21 EDO PA . 0.81 -30.32 -12.95
H22 EDO PA . 2.07 -31.24 -12.13
HO2 EDO PA . 1.05 -32.46 -13.82
C1 EDO QA . 29.07 -65.35 -13.45
O1 EDO QA . 27.88 -65.78 -12.81
C2 EDO QA . 28.71 -64.44 -14.62
O2 EDO QA . 29.88 -63.70 -15.01
H11 EDO QA . 29.70 -64.80 -12.74
H12 EDO QA . 29.64 -66.22 -13.81
HO1 EDO QA . 28.09 -66.36 -12.07
H21 EDO QA . 28.36 -65.04 -15.47
H22 EDO QA . 27.92 -63.75 -14.32
HO2 EDO QA . 30.12 -63.20 -14.37
C ACT RA . 9.85 -29.76 20.92
O ACT RA . 9.36 -30.34 21.95
OXT ACT RA . 10.94 -30.00 20.29
CH3 ACT RA . 9.01 -28.62 20.37
H1 ACT RA . 8.89 -27.94 21.05
H2 ACT RA . 9.47 -28.19 19.62
H3 ACT RA . 8.14 -28.93 20.06
C ACT SA . -6.92 -28.20 -5.76
O ACT SA . -5.97 -29.07 -5.74
OXT ACT SA . -8.17 -28.32 -5.42
CH3 ACT SA . -6.46 -26.83 -6.27
H1 ACT SA . -5.76 -26.48 -5.69
H2 ACT SA . -7.20 -26.20 -6.22
H3 ACT SA . -6.12 -26.88 -7.18
C ACT TA . 25.18 -55.50 23.53
O ACT TA . 23.93 -55.69 23.29
OXT ACT TA . 26.20 -55.79 22.80
CH3 ACT TA . 25.48 -54.83 24.91
H1 ACT TA . 25.11 -55.38 25.62
H2 ACT TA . 25.02 -53.97 24.96
H3 ACT TA . 26.42 -54.70 25.05
C1 PGE UA . 9.68 -36.40 25.40
O1 PGE UA . 9.88 -35.11 24.83
C2 PGE UA . 8.20 -36.81 25.56
O2 PGE UA . 7.55 -37.16 24.36
C3 PGE UA . 6.39 -36.36 24.09
C4 PGE UA . 6.89 -34.96 23.74
O4 PGE UA . 3.77 -31.55 24.77
C6 PGE UA . 4.95 -31.75 23.97
C5 PGE UA . 5.75 -32.96 24.44
O3 PGE UA . 5.83 -34.02 23.47
H1 PGE UA . 10.16 -37.17 24.78
H12 PGE UA . 10.14 -36.45 26.40
HO1 PGE UA . 10.44 -34.61 25.43
H2 PGE UA . 7.67 -35.97 26.04
H22 PGE UA . 8.16 -37.65 26.27
H3 PGE UA . 5.81 -36.76 23.24
H32 PGE UA . 5.73 -36.31 24.97
H4 PGE UA . 7.55 -35.03 22.87
H42 PGE UA . 7.50 -34.59 24.58
HO4 PGE UA . 3.19 -32.31 24.64
H6 PGE UA . 5.60 -30.87 24.01
H62 PGE UA . 4.68 -31.92 22.91
H5 PGE UA . 6.77 -32.61 24.70
H52 PGE UA . 5.30 -33.34 25.38
C1 PGE VA . 48.35 -28.77 0.86
C1 PGE VA . 48.12 -30.72 2.85
O1 PGE VA . 47.60 -27.74 0.23
O1 PGE VA . 48.28 -29.92 1.69
C2 PGE VA . 47.87 -28.94 2.30
C2 PGE VA . 48.02 -29.80 4.05
O2 PGE VA . 47.97 -27.72 3.02
O2 PGE VA . 48.08 -30.55 5.24
C3 PGE VA . 48.53 -27.86 4.31
C3 PGE VA . 47.71 -29.76 6.35
C4 PGE VA . 47.50 -28.45 5.26
C4 PGE VA . 47.65 -30.62 7.60
O4 PGE VA . 44.43 -25.40 6.86
O4 PGE VA . 44.39 -29.23 9.79
C6 PGE VA . 45.32 -26.46 7.16
C6 PGE VA . 45.70 -29.28 10.37
C5 PGE VA . 46.42 -26.50 6.11
C5 PGE VA . 46.55 -30.36 9.70
O3 PGE VA . 47.29 -27.59 6.37
O3 PGE VA . 46.48 -30.24 8.30
H1 PGE VA . 48.24 -29.74 0.35
H1 PGE VA . 47.20 -31.33 2.80
H12 PGE VA . 49.43 -28.52 0.89
H12 PGE VA . 48.97 -31.41 3.00
HO1 PGE VA . 47.33 -27.11 0.89
HO1 PGE VA . 49.09 -30.20 1.24
H2 PGE VA . 48.48 -29.72 2.78
H2 PGE VA . 47.07 -29.25 4.00
H22 PGE VA . 46.83 -29.30 2.28
H22 PGE VA . 48.83 -29.07 4.00
H3 PGE VA . 49.41 -28.52 4.29
H3 PGE VA . 48.42 -28.94 6.51
H32 PGE VA . 48.86 -26.87 4.70
H32 PGE VA . 46.71 -29.32 6.19
H4 PGE VA . 46.55 -28.60 4.71
H4 PGE VA . 47.64 -31.69 7.32
H42 PGE VA . 47.85 -29.44 5.59
H42 PGE VA . 48.56 -30.44 8.20
HO4 PGE VA . 43.75 -25.38 7.55
HO4 PGE VA . 44.44 -29.58 8.89
H6 PGE VA . 45.80 -26.32 8.15
H6 PGE VA . 46.23 -28.32 10.25
H62 PGE VA . 44.82 -27.44 7.17
H62 PGE VA . 45.65 -29.50 11.44
H5 PGE VA . 45.95 -26.59 5.12
H5 PGE VA . 47.59 -30.27 10.06
H52 PGE VA . 46.97 -25.55 6.13
H52 PGE VA . 46.17 -31.35 10.03
O1 2PE WA . 46.21 -37.81 -4.02
C2 2PE WA . 45.21 -38.73 -4.40
C3 2PE WA . 45.86 -40.02 -4.96
O4 2PE WA . 46.51 -40.76 -3.94
C5 2PE WA . 46.53 -42.17 -4.07
C6 2PE WA . 45.34 -42.80 -3.33
O7 2PE WA . 45.74 -43.88 -2.51
C8 2PE WA . 45.69 -43.69 -1.11
C9 2PE WA . 44.41 -44.28 -0.50
O10 2PE WA . 43.96 -43.54 0.62
C11 2PE WA . 42.86 -42.70 0.42
C12 2PE WA . 41.87 -42.82 1.59
O13 2PE WA . 41.60 -41.55 2.14
C14 2PE WA . 42.66 -41.14 2.98
C15 2PE WA . 42.60 -39.66 3.36
O16 2PE WA . 43.84 -39.04 3.00
C17 2PE WA . 44.91 -39.08 3.92
C18 2PE WA . 46.12 -38.26 3.45
O19 2PE WA . 46.80 -38.88 2.38
C20 2PE WA . 47.91 -38.17 1.93
C21 2PE WA . 48.54 -38.86 0.72
O22 2PE WA . 49.42 -39.89 1.11
C23 2PE WA . 49.66 -40.77 0.03
C24 2PE WA . 50.68 -41.86 0.39
O25 2PE WA . 50.19 -42.66 1.43
C26 2PE WA . 49.80 -43.95 1.05
C27 2PE WA . 49.16 -44.64 2.25
O28 2PE WA . 48.00 -45.33 1.87
HO1 2PE WA . 46.98 -38.11 -4.22
H21 2PE WA . 44.67 -38.96 -3.63
H22 2PE WA . 44.66 -38.33 -5.08
H31 2PE WA . 45.17 -40.57 -5.35
H32 2PE WA . 46.51 -39.78 -5.64
H51 2PE WA . 46.48 -42.40 -5.00
H52 2PE WA . 47.36 -42.50 -3.69
H61 2PE WA . 44.91 -42.12 -2.78
H62 2PE WA . 44.71 -43.13 -3.99
H81 2PE WA . 45.73 -42.74 -0.91
H82 2PE WA . 46.46 -44.13 -0.70
H91 2PE WA . 43.71 -44.26 -1.18
H92 2PE WA . 44.57 -45.19 -0.24
H111 2PE WA . 43.16 -41.78 0.35
H112 2PE WA . 42.41 -42.95 -0.40
H121 2PE WA . 41.04 -43.21 1.27
H122 2PE WA . 42.25 -43.38 2.28
H141 2PE WA . 42.64 -41.67 3.79
H142 2PE WA . 43.49 -41.31 2.51
H151 2PE WA . 41.88 -39.23 2.87
H152 2PE WA . 42.46 -39.58 4.31
H171 2PE WA . 44.61 -38.73 4.77
H172 2PE WA . 45.19 -39.99 4.04
H181 2PE WA . 45.81 -37.39 3.16
H182 2PE WA . 46.74 -38.15 4.19
H201 2PE WA . 47.64 -37.27 1.69
H202 2PE WA . 48.57 -38.11 2.65
H211 2PE WA . 47.84 -39.23 0.16
H212 2PE WA . 49.04 -38.20 0.20
H231 2PE WA . 48.84 -41.19 -0.22
H232 2PE WA . 50.00 -40.26 -0.72
H241 2PE WA . 50.84 -42.42 -0.39
H242 2PE WA . 51.52 -41.44 0.66
H261 2PE WA . 49.15 -43.89 0.32
H262 2PE WA . 50.58 -44.45 0.75
H271 2PE WA . 48.94 -43.98 2.93
H272 2PE WA . 49.80 -45.28 2.63
HO2 2PE WA . 48.09 -45.64 1.08
O1 XPE XA . 16.38 -65.43 -9.05
C2 XPE XA . 15.76 -65.79 -7.84
C3 XPE XA . 16.76 -66.15 -6.74
O4 XPE XA . 18.04 -65.59 -6.93
C5 XPE XA . 19.05 -66.06 -6.05
C6 XPE XA . 20.36 -66.35 -6.82
O7 XPE XA . 21.04 -65.19 -7.25
C8 XPE XA . 21.62 -65.12 -8.56
C9 XPE XA . 21.14 -63.83 -9.29
O10 XPE XA . 21.02 -63.99 -10.70
C11 XPE XA . 20.36 -62.96 -11.43
C12 XPE XA . 21.22 -62.63 -12.68
O13 XPE XA . 20.56 -61.80 -13.61
C14 XPE XA . 21.32 -61.53 -14.76
C15 XPE XA . 20.49 -61.11 -15.98
O16 XPE XA . 19.88 -62.22 -16.61
C17 XPE XA . 19.10 -61.96 -17.75
C18 XPE XA . 17.94 -62.96 -17.90
O19 XPE XA . 16.70 -62.37 -17.58
C20 XPE XA . 15.55 -63.20 -17.71
C21 XPE XA . 14.68 -63.32 -16.45
O22 XPE XA . 13.39 -62.74 -16.63
C23 XPE XA . 12.39 -62.98 -15.67
C24 XPE XA . 10.97 -63.19 -16.28
O25 XPE XA . 10.26 -64.28 -15.67
C26 XPE XA . 9.71 -64.08 -14.39
C27 XPE XA . 9.58 -65.35 -13.51
O28 XPE XA . 10.84 -65.71 -12.97
C29 XPE XA . 10.87 -66.22 -11.65
C30 XPE XA . 12.28 -66.08 -11.05
O31 XPE XA . 13.15 -65.79 -12.11
HO1 XPE XA . 15.81 -65.17 -9.60
H21 XPE XA . 15.22 -65.04 -7.54
H22 XPE XA . 15.18 -66.54 -8.00
H31A XPE XA . 16.42 -65.84 -5.88
H32 XPE XA . 16.85 -67.11 -6.70
H51 XPE XA . 19.23 -65.38 -5.38
H52 XPE XA . 18.76 -66.87 -5.62
H61 XPE XA . 20.95 -66.86 -6.24
H62 XPE XA . 20.14 -66.89 -7.59
H81 XPE XA . 22.58 -65.11 -8.50
H82 XPE XA . 21.34 -65.89 -9.07
H91 XPE XA . 20.27 -63.58 -8.94
H92 XPE XA . 21.77 -63.12 -9.11
H111 XPE XA . 19.49 -63.28 -11.72
H112 XPE XA . 20.26 -62.17 -10.88
H121 XPE XA . 22.03 -62.19 -12.39
H122 XPE XA . 21.45 -63.47 -13.12
H141 XPE XA . 21.95 -60.81 -14.56
H142 XPE XA . 21.83 -62.33 -15.00
H151 XPE XA . 19.78 -60.50 -15.68
H152 XPE XA . 21.06 -60.66 -16.62
H171 XPE XA . 19.65 -62.02 -18.54
H172 XPE XA . 18.73 -61.07 -17.69
H181 XPE XA . 18.08 -63.72 -17.32
H182 XPE XA . 17.91 -63.27 -18.82
H201 XPE XA . 15.85 -64.09 -17.97
H202 XPE XA . 15.00 -62.85 -18.43
H211 XPE XA . 15.13 -62.87 -15.70
H212 XPE XA . 14.58 -64.26 -16.22
H231 XPE XA . 12.63 -63.78 -15.17
H232 XPE XA . 12.35 -62.23 -15.06
H241 XPE XA . 10.45 -62.38 -16.15
H242 XPE XA . 11.06 -63.37 -17.23
H261 XPE XA . 8.82 -63.70 -14.49
H262 XPE XA . 10.26 -63.44 -13.91
H271 XPE XA . 8.96 -65.19 -12.79
H272 XPE XA . 9.26 -66.09 -14.06
H291 XPE XA . 10.62 -67.16 -11.66
H292 XPE XA . 10.24 -65.73 -11.11
H301 XPE XA . 12.54 -66.92 -10.63
H302 XPE XA . 12.29 -65.36 -10.40
H31 XPE XA . 12.72 -65.39 -12.74
C1 NAG YA . 5.91 1.45 -19.75
C2 NAG YA . 6.18 2.55 -18.73
C3 NAG YA . 7.50 2.28 -17.98
C4 NAG YA . 7.58 0.86 -17.44
C5 NAG YA . 7.24 -0.15 -18.54
C6 NAG YA . 7.12 -1.57 -18.04
C7 NAG YA . 5.39 4.85 -19.07
C8 NAG YA . 5.60 6.13 -19.82
N2 NAG YA . 6.22 3.85 -19.36
O3 NAG YA . 7.57 3.17 -16.88
O4 NAG YA . 8.90 0.63 -16.96
O5 NAG YA . 5.96 0.18 -19.11
O6 NAG YA . 7.12 -2.50 -19.12
O7 NAG YA . 4.50 4.72 -18.23
H2 NAG YA . 5.46 2.55 -18.07
H3 NAG YA . 8.25 2.46 -18.57
H4 NAG YA . 6.95 0.76 -16.71
H5 NAG YA . 7.91 -0.11 -19.23
H61 NAG YA . 6.29 -1.66 -17.54
H62 NAG YA . 7.87 -1.76 -17.45
H81 NAG YA . 4.95 6.78 -19.53
H82 NAG YA . 5.48 5.96 -20.77
H83 NAG YA . 6.49 6.46 -19.65
HN2 NAG YA . 6.83 4.00 -19.96
HO3 NAG YA . 8.28 3.05 -16.45
HO4 NAG YA . 8.90 -0.03 -16.43
HO6 NAG YA . 7.84 -2.93 -19.12
ZN ZN ZA . -19.01 1.50 -29.04
C01 BJ2 AB . -14.49 3.36 -32.32
C02 BJ2 AB . -15.20 2.18 -31.72
C04 BJ2 AB . -15.10 0.52 -29.93
C05 BJ2 AB . -16.51 0.98 -29.38
C08 BJ2 AB . -14.03 -0.07 -28.87
C09 BJ2 AB . -13.22 -1.07 -29.41
C10 BJ2 AB . -14.13 -2.36 -29.39
C11 BJ2 AB . -14.91 -2.14 -28.01
C13 BJ2 AB . -15.28 -0.19 -26.50
C15 BJ2 AB . -16.04 -1.07 -25.42
C17 BJ2 AB . -17.41 -0.34 -25.06
C18 BJ2 AB . -18.31 -1.31 -24.23
C21 BJ2 AB . -15.54 1.21 -32.89
C24 BJ2 AB . -17.52 2.68 -33.55
C25 BJ2 AB . -18.80 2.37 -34.42
C26 BJ2 AB . -18.25 1.43 -35.53
C27 BJ2 AB . -17.16 0.75 -34.97
C28 BJ2 AB . -15.92 0.67 -35.88
N03 BJ2 AB . -14.35 1.58 -30.65
N12 BJ2 AB . -14.80 -0.82 -27.71
N16 BJ2 AB . -15.17 -1.29 -24.25
N23 BJ2 AB . -16.70 1.59 -33.71
O06 BJ2 AB . -16.82 2.01 -28.66
O07 BJ2 AB . -17.49 0.21 -29.73
O14 BJ2 AB . -15.12 0.98 -26.32
O19 BJ2 AB . -18.62 -2.44 -24.75
O20 BJ2 AB . -18.71 -0.95 -23.07
O22 BJ2 AB . -14.91 0.23 -33.17
O29 BJ2 AB . -15.07 1.61 -35.90
O30 BJ2 AB . -15.72 -0.39 -36.57
H011 BJ2 AB . -13.98 3.81 -31.63
H013 BJ2 AB . -15.14 3.97 -32.70
H012 BJ2 AB . -13.89 3.06 -33.02
H021 BJ2 AB . -16.03 2.49 -31.34
H041 BJ2 AB . -15.27 -0.19 -30.57
H081 BJ2 AB . -13.49 0.65 -28.51
H091 BJ2 AB . -12.97 -0.85 -30.33
H092 BJ2 AB . -12.43 -1.21 -28.86
H101 BJ2 AB . -14.75 -2.35 -30.14
H102 BJ2 AB . -13.60 -3.16 -29.37
H112 BJ2 AB . -15.85 -2.39 -28.12
H111 BJ2 AB . -14.50 -2.68 -27.32
H151 BJ2 AB . -16.24 -1.93 -25.82
H172 BJ2 AB . -17.22 0.45 -24.54
H171 BJ2 AB . -17.87 -0.10 -25.88
H242 BJ2 AB . -17.08 3.48 -33.87
H241 BJ2 AB . -17.76 2.77 -32.62
H251 BJ2 AB . -19.15 3.19 -34.81
H252 BJ2 AB . -19.47 1.91 -33.89
H262 BJ2 AB . -18.93 0.79 -35.80
H261 BJ2 AB . -17.96 1.94 -36.30
H271 BJ2 AB . -17.44 -0.14 -34.69
H031 BJ2 AB . -13.61 1.24 -30.99
H162 BJ2 AB . -15.54 -0.92 -23.54
H161 BJ2 AB . -14.38 -0.92 -24.40
CL CL BB . -22.96 -8.40 -29.94
MG MG CB . -14.41 8.54 -41.33
C1 PEG DB . -11.83 -4.02 -20.98
O1 PEG DB . -10.56 -4.41 -21.41
C2 PEG DB . -12.13 -2.60 -21.42
O2 PEG DB . -12.40 -2.57 -22.80
C3 PEG DB . -11.26 -2.70 -23.59
C4 PEG DB . -11.51 -2.03 -24.94
O4 PEG DB . -12.88 -1.77 -25.05
H11 PEG DB . -12.50 -4.62 -21.35
H12 PEG DB . -11.87 -4.06 -20.01
HO1 PEG DB . -10.62 -5.11 -21.90
H21 PEG DB . -12.90 -2.26 -20.93
H22 PEG DB . -11.36 -2.03 -21.24
H31 PEG DB . -11.07 -3.65 -23.74
H32 PEG DB . -10.51 -2.28 -23.16
H41 PEG DB . -11.23 -2.61 -25.66
H42 PEG DB . -11.01 -1.20 -24.99
HO4 PEG DB . -13.26 -2.41 -25.45
C1 PEG EB . -5.86 26.91 -29.44
O1 PEG EB . -4.68 26.25 -29.86
C2 PEG EB . -6.41 26.40 -28.12
O2 PEG EB . -5.37 25.94 -27.28
C3 PEG EB . -5.69 25.28 -26.09
C4 PEG EB . -6.70 26.08 -25.27
O4 PEG EB . -7.02 25.41 -24.07
H11 PEG EB . -6.54 26.79 -30.12
H12 PEG EB . -5.67 27.85 -29.35
HO1 PEG EB . -4.49 26.50 -30.65
H21 PEG EB . -7.02 25.66 -28.29
H22 PEG EB . -6.89 27.11 -27.66
H31 PEG EB . -6.07 24.41 -26.29
H32 PEG EB . -4.88 25.15 -25.57
H41 PEG EB . -7.51 26.21 -25.79
H42 PEG EB . -6.31 26.96 -25.05
HO4 PEG EB . -7.86 25.50 -23.92
C1 EDO FB . -16.90 -5.39 -25.42
O1 EDO FB . -17.82 -4.73 -24.55
C2 EDO FB . -15.45 -5.02 -25.10
O2 EDO FB . -14.58 -5.80 -25.92
H11 EDO FB . -17.11 -5.11 -26.45
H12 EDO FB . -17.02 -6.47 -25.33
HO1 EDO FB . -17.80 -3.90 -24.69
H21 EDO FB . -15.24 -5.22 -24.04
H22 EDO FB . -15.30 -3.95 -25.28
HO2 EDO FB . -13.65 -5.57 -25.73
C1 EDO GB . -26.62 -23.13 -22.67
O1 EDO GB . -27.01 -22.28 -21.58
C2 EDO GB . -27.57 -22.94 -23.84
O2 EDO GB . -27.33 -23.94 -24.84
H11 EDO GB . -26.64 -24.17 -22.35
H12 EDO GB . -25.60 -22.88 -22.99
HO1 EDO GB . -26.40 -22.41 -20.84
H21 EDO GB . -27.44 -21.95 -24.28
H22 EDO GB . -28.61 -23.01 -23.49
HO2 EDO GB . -26.57 -24.27 -24.72
C1 EDO HB . -32.56 2.31 -63.01
O1 EDO HB . -31.96 3.29 -63.87
C2 EDO HB . -32.86 2.92 -61.64
O2 EDO HB . -33.99 2.27 -61.05
H11 EDO HB . -31.89 1.46 -62.90
H12 EDO HB . -33.49 1.95 -63.45
HO1 EDO HB . -31.78 2.90 -64.74
H21 EDO HB . -31.98 2.80 -60.99
H22 EDO HB . -33.05 3.99 -61.76
HO2 EDO HB . -34.17 2.65 -60.19
C1 EDO IB . -20.30 -20.15 -43.43
O1 EDO IB . -19.76 -20.89 -44.55
C2 EDO IB . -21.79 -19.88 -43.61
O2 EDO IB . -22.42 -19.81 -42.32
H11 EDO IB . -20.14 -20.70 -42.50
H12 EDO IB . -19.77 -19.19 -43.35
HO1 EDO IB . -18.82 -21.05 -44.41
H21 EDO IB . -21.93 -18.94 -44.15
H22 EDO IB . -22.24 -20.68 -44.20
HO2 EDO IB . -23.36 -19.64 -42.44
C ACT JB . -25.21 -19.45 -37.58
O ACT JB . -26.18 -19.76 -36.80
OXT ACT JB . -25.11 -18.49 -38.43
CH3 ACT JB . -23.95 -20.37 -37.46
H1 ACT JB . -23.18 -19.84 -37.20
H2 ACT JB . -24.09 -21.03 -36.76
H3 ACT JB . -23.76 -20.83 -38.30
C ACT KB . -3.00 -7.89 -60.03
O ACT KB . -2.79 -7.56 -58.82
OXT ACT KB . -2.44 -8.78 -60.74
CH3 ACT KB . -4.11 -7.07 -60.78
H1 ACT KB . -3.71 -6.61 -61.54
H2 ACT KB . -4.46 -6.39 -60.19
H3 ACT KB . -4.84 -7.63 -61.08
C ACT LB . 3.11 -14.13 -24.10
O ACT LB . 3.24 -14.88 -23.06
OXT ACT LB . 2.64 -12.93 -24.19
CH3 ACT LB . 3.54 -14.75 -25.47
H1 ACT LB . 2.77 -14.80 -26.07
H2 ACT LB . 3.83 -15.67 -25.33
H3 ACT LB . 4.25 -14.24 -25.89
O1 XPE MB . -13.29 24.89 -20.75
C2 XPE MB . -14.32 24.38 -19.92
C3 XPE MB . -13.71 23.65 -18.72
O4 XPE MB . -12.57 24.32 -18.27
C5 XPE MB . -11.63 23.54 -17.56
C6 XPE MB . -10.23 23.93 -18.02
O7 XPE MB . -10.29 24.15 -19.40
C8 XPE MB . -9.05 24.29 -20.07
C9 XPE MB . -8.89 25.74 -20.54
O10 XPE MB . -9.03 25.90 -21.93
C11 XPE MB . -10.34 26.04 -22.43
C12 XPE MB . -10.61 27.49 -22.82
O13 XPE MB . -10.69 27.63 -24.22
C14 XPE MB . -9.45 27.85 -24.81
C15 XPE MB . -9.60 28.05 -26.32
O16 XPE MB . -10.48 27.15 -26.90
C17 XPE MB . -10.75 27.53 -28.23
C18 XPE MB . -11.72 26.56 -28.94
O19 XPE MB . -12.78 26.18 -28.10
C20 XPE MB . -13.96 25.75 -28.76
C21 XPE MB . -15.17 25.73 -27.81
O22 XPE MB . -16.36 26.01 -28.54
C23 XPE MB . -17.35 26.81 -27.93
C24 XPE MB . -18.75 26.17 -28.06
O25 XPE MB . -19.40 26.16 -26.80
C26 XPE MB . -20.40 25.19 -26.56
C27 XPE MB . -20.57 24.95 -25.05
O28 XPE MB . -19.55 24.09 -24.58
C29 XPE MB . -18.92 24.34 -23.35
C30 XPE MB . -17.43 24.65 -23.59
O31 XPE MB . -16.70 24.12 -22.52
HO1 XPE MB . -12.75 24.26 -20.96
H21 XPE MB . -14.87 25.12 -19.60
H22 XPE MB . -14.86 23.76 -20.43
H31A XPE MB . -14.37 23.60 -18.01
H32 XPE MB . -13.46 22.75 -18.99
H51 XPE MB . -11.71 23.70 -16.62
H52 XPE MB . -11.78 22.59 -17.75
H61 XPE MB . -9.95 24.73 -17.57
H62 XPE MB . -9.61 23.22 -17.83
H81 XPE MB . -8.32 24.06 -19.47
H82 XPE MB . -9.03 23.70 -20.84
H91 XPE MB . -9.57 26.28 -20.10
H92 XPE MB . -8.02 26.06 -20.27
H111 XPE MB . -10.45 25.47 -23.20
H112 XPE MB . -10.97 25.78 -21.74
H121 XPE MB . -11.44 27.77 -22.42
H122 XPE MB . -9.88 28.04 -22.49
H141 XPE MB . -9.06 28.64 -24.42
H142 XPE MB . -8.87 27.09 -24.64
H151 XPE MB . -9.91 28.95 -26.48
H152 XPE MB . -8.72 27.94 -26.72
H171 XPE MB . -9.92 27.55 -28.73
H172 XPE MB . -11.15 28.41 -28.24
H181 XPE MB . -11.23 25.77 -29.20
H182 XPE MB . -12.08 26.99 -29.73
H201 XPE MB . -13.81 24.84 -29.10
H202 XPE MB . -14.14 26.34 -29.50
H211 XPE MB . -15.06 26.40 -27.13
H212 XPE MB . -15.25 24.85 -27.39
H231 XPE MB . -17.15 26.91 -26.99
H232 XPE MB . -17.37 27.67 -28.35
H241 XPE MB . -19.28 26.66 -28.70
H242 XPE MB . -18.65 25.25 -28.38
H261 XPE MB . -20.16 24.37 -26.99
H262 XPE MB . -21.24 25.51 -26.92
H271 XPE MB . -20.50 25.80 -24.58
H272 XPE MB . -21.43 24.56 -24.88
H291 XPE MB . -19.00 23.57 -22.78
H292 XPE MB . -19.35 25.11 -22.92
H301 XPE MB . -17.15 24.24 -24.42
H302 XPE MB . -17.30 25.61 -23.63
H31 XPE MB . -15.88 24.04 -22.75
ZN ZN NB . -19.54 43.08 -7.12
C01 BJ2 OB . -17.03 45.50 -11.89
C02 BJ2 OB . -17.88 45.70 -10.63
C04 BJ2 OB . -20.15 46.21 -9.80
C05 BJ2 OB . -20.03 44.92 -8.93
C08 BJ2 OB . -21.59 46.42 -10.39
C09 BJ2 OB . -21.86 47.78 -10.60
C10 BJ2 OB . -22.34 48.29 -9.19
C11 BJ2 OB . -22.95 46.99 -8.50
C13 BJ2 OB . -23.46 44.73 -9.53
C15 BJ2 OB . -24.62 44.47 -8.47
C17 BJ2 OB . -24.13 43.18 -7.65
C18 BJ2 OB . -25.03 42.95 -6.40
C21 BJ2 OB . -17.27 46.84 -9.82
C24 BJ2 OB . -15.55 45.27 -8.87
C25 BJ2 OB . -14.61 45.39 -7.61
C26 BJ2 OB . -14.25 46.90 -7.66
C27 BJ2 OB . -15.35 47.56 -8.16
C28 BJ2 OB . -14.92 48.67 -9.12
N03 BJ2 OB . -19.30 46.00 -11.00
N12 BJ2 OB . -22.72 45.97 -9.38
N16 BJ2 OB . -25.90 44.29 -9.16
N23 BJ2 OB . -16.15 46.48 -8.98
O06 BJ2 OB . -20.00 43.78 -9.48
O07 BJ2 OB . -19.95 45.07 -7.69
O14 BJ2 OB . -23.19 43.90 -10.40
O19 BJ2 OB . -24.95 43.84 -5.47
O20 BJ2 OB . -25.82 41.97 -6.39
O22 BJ2 OB . -17.62 47.97 -9.85
O29 BJ2 OB . -14.61 48.39 -10.32
O30 BJ2 OB . -14.81 49.86 -8.69
H011 BJ2 OB . -17.58 45.09 -12.58
H013 BJ2 OB . -16.28 44.93 -11.69
H012 BJ2 OB . -16.71 46.37 -12.21
H021 BJ2 OB . -17.86 44.89 -10.10
H041 BJ2 OB . -19.85 46.99 -9.30
H081 BJ2 OB . -21.69 45.94 -11.22
H091 BJ2 OB . -21.05 48.25 -10.87
H092 BJ2 OB . -22.56 47.89 -11.25
H101 BJ2 OB . -21.59 48.63 -8.68
H102 BJ2 OB . -23.02 48.98 -9.29
H112 BJ2 OB . -22.51 46.82 -7.66
H111 BJ2 OB . -23.91 47.11 -8.37
H151 BJ2 OB . -24.68 45.23 -7.86
H172 BJ2 OB . -24.19 42.40 -8.22
H171 BJ2 OB . -23.21 43.31 -7.37
H242 BJ2 OB . -15.02 45.08 -9.67
H241 BJ2 OB . -16.21 44.58 -8.73
H251 BJ2 OB . -13.82 44.84 -7.72
H252 BJ2 OB . -15.09 45.17 -6.81
H262 BJ2 OB . -14.06 47.23 -6.76
H261 BJ2 OB . -13.48 47.05 -8.23
H271 BJ2 OB . -15.90 47.91 -7.45
H031 BJ2 OB . -19.32 46.74 -11.50
H162 BJ2 OB . -26.20 43.46 -9.02
H161 BJ2 OB . -25.78 44.41 -10.04
CL CL PB . -22.22 48.92 1.35
MG MG QB . -7.17 46.68 -14.31
C1 PEG RB . -27.75 46.59 -10.86
O1 PEG RB . -26.45 46.07 -10.83
C2 PEG RB . -28.76 45.49 -11.20
O2 PEG RB . -30.06 45.91 -10.81
C3 PEG RB . -30.45 47.20 -11.21
C4 PEG RB . -31.92 47.24 -11.63
O4 PEG RB . -32.79 47.59 -10.57
H11 PEG RB . -27.81 47.28 -11.53
H12 PEG RB . -27.98 46.96 -9.99
HO1 PEG RB . -25.91 46.65 -11.13
H21 PEG RB . -28.53 44.68 -10.72
H22 PEG RB . -28.76 45.32 -12.15
H31 PEG RB . -29.89 47.48 -11.95
H32 PEG RB . -30.32 47.81 -10.47
H41 PEG RB . -32.17 46.36 -11.96
H42 PEG RB . -32.03 47.88 -12.35
HO4 PEG RB . -33.59 47.69 -10.88
C1 PEG SB . -1.80 21.52 -19.07
O1 PEG SB . -0.63 22.20 -19.45
C2 PEG SB . -1.62 20.97 -17.65
O2 PEG SB . -0.36 20.35 -17.58
C3 PEG SB . -0.35 19.08 -16.98
C4 PEG SB . -0.60 19.22 -15.49
O4 PEG SB . -1.90 18.82 -15.16
H11 PEG SB . -1.96 20.79 -19.69
H12 PEG SB . -2.55 22.13 -19.09
HO1 PEG SB . 0.00 21.64 -19.55
H21 PEG SB . -1.65 21.69 -17.01
H22 PEG SB . -2.31 20.32 -17.46
H31 PEG SB . -1.05 18.53 -17.37
H32 PEG SB . 0.51 18.65 -17.13
H41 PEG SB . 0.04 18.66 -15.00
H42 PEG SB . -0.47 20.15 -15.22
HO4 PEG SB . -1.93 18.52 -14.36
C1 EDO TB . -37.30 38.41 -19.87
O1 EDO TB . -37.53 37.50 -18.78
C2 EDO TB . -37.09 39.83 -19.35
O2 EDO TB . -36.04 40.49 -20.07
H11 EDO TB . -36.41 38.09 -20.42
H12 EDO TB . -38.15 38.38 -20.55
HO1 EDO TB . -37.66 36.60 -19.12
H21 EDO TB . -38.02 40.39 -19.46
H22 EDO TB . -36.84 39.79 -18.29
HO2 EDO TB . -35.93 41.39 -19.72
C1 EDO UB . -33.89 25.49 -22.99
O1 EDO UB . -34.49 24.90 -21.84
C2 EDO UB . -34.87 25.56 -24.16
O2 EDO UB . -34.17 25.99 -25.33
H11 EDO UB . -33.02 24.90 -23.29
H12 EDO UB . -33.54 26.50 -22.75
HO1 EDO UB . -33.85 24.87 -21.12
H21 EDO UB . -35.31 24.58 -24.33
H22 EDO UB . -35.67 26.27 -23.93
HO2 EDO UB . -34.79 26.03 -26.08
C1 EDO VB . -23.13 19.67 -12.70
O1 EDO VB . -22.16 19.41 -11.67
C2 EDO VB . -22.46 20.00 -14.03
O2 EDO VB . -23.33 20.90 -14.74
H11 EDO VB . -23.78 20.50 -12.39
H12 EDO VB . -23.77 18.78 -12.83
HO1 EDO VB . -22.62 19.20 -10.85
H21 EDO VB . -21.49 20.48 -13.84
H22 EDO VB . -22.31 19.10 -14.61
HO2 EDO VB . -22.93 21.14 -15.58
C1 EDO WB . -31.18 20.90 -0.91
O1 EDO WB . -31.06 20.39 0.42
C2 EDO WB . -30.52 19.94 -1.89
O2 EDO WB . -29.09 20.03 -1.77
H11 EDO WB . -32.24 21.02 -1.17
H12 EDO WB . -30.71 21.89 -0.97
HO1 EDO WB . -31.49 21.00 1.05
H21 EDO WB . -30.85 18.93 -1.68
H22 EDO WB . -30.82 20.19 -2.91
HO2 EDO WB . -28.68 19.41 -2.39
C1 EDO XB . -32.69 54.08 12.91
O1 EDO XB . -32.28 55.27 13.59
C2 EDO XB . -34.01 54.31 12.19
O2 EDO XB . -34.65 53.04 11.96
H11 EDO XB . -31.93 53.79 12.19
H12 EDO XB . -32.81 53.26 13.64
HO1 EDO XB . -31.44 55.11 14.05
H21 EDO XB . -34.66 54.94 12.80
H22 EDO XB . -33.83 54.81 11.24
HO2 EDO XB . -35.49 53.17 11.50
C1 EDO YB . -27.99 39.90 -24.86
O1 EDO YB . -27.43 38.89 -25.68
C2 EDO YB . -27.98 41.20 -25.65
O2 EDO YB . -28.62 42.24 -24.93
H11 EDO YB . -27.41 40.01 -23.94
H12 EDO YB . -29.02 39.63 -24.59
HO1 EDO YB . -27.42 38.05 -25.20
H21 EDO YB . -28.48 41.04 -26.61
H22 EDO YB . -26.94 41.48 -25.86
HO2 EDO YB . -28.60 43.05 -25.45
C1 EDO ZB . -27.13 46.03 -3.77
O1 EDO ZB . -26.20 46.66 -4.69
C2 EDO ZB . -27.15 46.70 -2.37
O2 EDO ZB . -27.29 48.14 -2.42
H11 EDO ZB . -28.13 46.06 -4.20
H12 EDO ZB . -26.84 44.97 -3.66
HO1 EDO ZB . -26.23 46.21 -5.54
H21 EDO ZB . -27.99 46.28 -1.80
H22 EDO ZB . -26.23 46.44 -1.84
HO2 EDO ZB . -27.30 48.50 -1.52
C1 EDO AC . -28.65 45.75 2.20
O1 EDO AC . -28.13 45.43 0.89
C2 EDO AC . -30.11 46.18 2.06
O2 EDO AC . -30.92 45.01 1.81
H11 EDO AC . -28.58 44.88 2.84
H12 EDO AC . -28.07 46.55 2.64
HO1 EDO AC . -28.74 45.11 0.41
H21 EDO AC . -30.44 46.68 2.97
H22 EDO AC . -30.21 46.89 1.23
HO2 EDO AC . -31.85 45.27 1.71
C1 EDO BC . -8.95 58.90 15.12
O1 EDO BC . -8.56 58.22 13.91
C2 EDO BC . -10.32 58.39 15.58
O2 EDO BC . -11.31 59.40 15.55
H11 EDO BC . -9.00 59.98 14.93
H12 EDO BC . -8.20 58.73 15.89
HO1 EDO BC . -7.70 58.55 13.62
H21 EDO BC . -10.22 58.00 16.59
H22 EDO BC . -10.63 57.56 14.93
HO2 EDO BC . -12.16 59.03 15.85
C ACT CC . 1.48 68.90 -35.74
O ACT CC . 1.38 68.80 -34.45
OXT ACT CC . 0.77 68.38 -36.66
CH3 ACT CC . 2.62 69.78 -36.27
H1 ACT CC . 3.21 69.23 -36.81
H2 ACT CC . 3.13 70.11 -35.54
H3 ACT CC . 2.29 70.51 -36.80
C ACT DC . -20.32 60.10 9.11
O ACT DC . -20.83 59.66 10.21
OXT ACT DC . -19.24 59.75 8.53
CH3 ACT DC . -21.16 61.23 8.43
H1 ACT DC . -21.25 61.99 9.04
H2 ACT DC . -22.05 60.92 8.24
H3 ACT DC . -20.74 61.54 7.60
C ACT EC . -5.12 34.36 11.30
O ACT EC . -6.39 34.22 11.31
OXT ACT EC . -4.28 34.00 10.41
CH3 ACT EC . -4.54 35.06 12.56
H1 ACT EC . -4.91 35.95 12.63
H2 ACT EC . -3.58 35.16 12.45
H3 ACT EC . -4.73 34.56 13.37
C ACT FC . 2.77 71.72 -33.00
O ACT FC . 2.67 70.42 -32.90
OXT ACT FC . 3.03 72.60 -32.08
CH3 ACT FC . 2.58 72.35 -34.41
H1 ACT FC . 3.38 72.83 -34.66
H2 ACT FC . 1.85 72.99 -34.39
H3 ACT FC . 2.39 71.67 -35.08
C ACT GC . -1.65 73.15 -15.89
O ACT GC . -2.52 72.24 -15.95
OXT ACT GC . -1.62 74.27 -16.49
CH3 ACT GC . -0.46 72.87 -14.95
H1 ACT GC . -0.42 73.57 -14.28
H2 ACT GC . 0.37 72.91 -15.45
H3 ACT GC . -0.53 72.00 -14.52
C1 PGE HC . -9.97 68.10 7.50
O1 PGE HC . -9.77 68.59 8.83
C2 PGE HC . -11.39 67.60 7.38
O2 PGE HC . -11.49 66.76 6.24
C3 PGE HC . -11.55 67.50 5.06
C4 PGE HC . -12.47 66.80 4.08
O4 PGE HC . -16.06 64.01 5.02
C6 PGE HC . -14.86 64.05 4.25
C5 PGE HC . -14.39 65.49 4.08
O3 PGE HC . -13.12 65.70 4.69
H1 PGE HC . -9.82 68.88 6.75
H12 PGE HC . -9.28 67.27 7.27
HO1 PGE HC . -8.83 68.50 9.04
H2 PGE HC . -11.65 67.03 8.30
H22 PGE HC . -12.08 68.45 7.31
H3 PGE HC . -11.93 68.52 5.24
H32 PGE HC . -10.55 67.60 4.61
H4 PGE HC . -13.22 67.52 3.72
H42 PGE HC . -11.89 66.47 3.22
HO4 PGE HC . -16.62 63.30 4.67
H6 PGE HC . -15.02 63.62 3.25
H62 PGE HC . -14.06 63.48 4.73
H5 PGE HC . -15.14 66.16 4.50
H52 PGE HC . -14.31 65.71 2.99
C1 PGE IC . -1.71 73.78 -6.43
O1 PGE IC . -1.12 74.58 -7.48
C2 PGE IC . -0.84 73.70 -5.18
O2 PGE IC . -1.57 73.24 -4.02
C3 PGE IC . -2.87 72.63 -4.14
C4 PGE IC . -3.22 71.81 -2.92
O4 PGE IC . -5.20 68.13 -2.02
C6 PGE IC . -4.01 68.72 -1.43
C5 PGE IC . -3.07 69.44 -2.39
O3 PGE IC . -3.66 70.48 -3.21
H1 PGE IC . -1.89 72.76 -6.77
H12 PGE IC . -2.68 74.20 -6.13
HO1 PGE IC . -1.75 74.60 -8.21
H2 PGE IC . -0.01 73.00 -5.39
H22 PGE IC . -0.39 74.68 -4.99
H3 PGE IC . -3.65 73.41 -4.27
H32 PGE IC . -2.91 71.98 -5.03
H4 PGE IC . -2.33 71.76 -2.27
H42 PGE IC . -4.00 72.35 -2.35
HO4 PGE IC . -5.63 67.60 -1.33
H6 PGE IC . -3.43 67.95 -0.92
H62 PGE IC . -4.29 69.46 -0.66
H5 PGE IC . -2.60 68.67 -3.02
H52 PGE IC . -2.25 69.87 -1.77
C1 PGE JC . -18.03 47.15 -31.14
O1 PGE JC . -18.98 48.16 -30.78
C2 PGE JC . -18.08 46.04 -30.12
O2 PGE JC . -18.14 44.77 -30.74
C3 PGE JC . -18.04 43.71 -29.82
C4 PGE JC . -16.62 43.24 -29.81
O4 PGE JC . -14.23 40.82 -29.70
C6 PGE JC . -14.21 41.94 -28.84
C5 PGE JC . -15.56 42.02 -28.15
O3 PGE JC . -16.15 43.26 -28.48
H1 PGE JC . -17.01 47.55 -31.17
H12 PGE JC . -18.26 46.73 -32.14
HO1 PGE JC . -19.86 47.77 -30.80
H2 PGE JC . -17.19 46.10 -29.47
H22 PGE JC . -18.97 46.19 -29.47
H3 PGE JC . -18.32 44.04 -28.80
H32 PGE JC . -18.71 42.88 -30.09
H4 PGE JC . -16.57 42.21 -30.23
H42 PGE JC . -16.01 43.89 -30.46
HO4 PGE JC . -14.20 40.02 -29.15
H6 PGE JC . -13.42 41.86 -28.07
H62 PGE JC . -14.05 42.88 -29.39
H5 PGE JC . -15.42 41.91 -27.06
H52 PGE JC . -16.19 41.18 -28.49
#